data_5LQY
#
_entry.id   5LQY
#
loop_
_entity.id
_entity.type
_entity.pdbx_description
1 polymer 'ATP synthase subunit f'
2 polymer 'ATP synthase subunit AAP1'
3 polymer 'ATP synthase subunit a'
4 polymer 'ATP synthase subunit b'
5 polymer 'ATP synthase alpha subunit'
6 polymer 'ATP synthase beta subunit'
7 polymer 'ATP synthase gamma subunit'
8 polymer 'ATP synthase delta subunit'
9 polymer 'ATP synthase epsilon subunit'
10 polymer 'ATP synthase inhibitor protein IF1'
11 polymer 'ATP synthase c subunit'
12 polymer 'ATP synthase OSCP subunit'
13 polymer 'ATP synthase subunit b'
14 polymer 'ATP synthase subunit d'
15 polymer 'ATP synthase subunit h'
16 polymer 'ATP synthase subunit a'
17 polymer 'ATP synthase subunit a'
18 non-polymer "ADENOSINE-5'-TRIPHOSPHATE"
19 non-polymer 'MAGNESIUM ION'
20 non-polymer "ADENOSINE-5'-DIPHOSPHATE"
#
loop_
_entity_poly.entity_id
_entity_poly.type
_entity_poly.pdbx_seq_one_letter_code
_entity_poly.pdbx_strand_id
1 'polypeptide(L)'
;(UNK)(UNK)(UNK)(UNK)(UNK)(UNK)(UNK)(UNK)(UNK)(UNK)(UNK)(UNK)(UNK)(UNK)(UNK)(UNK)
(UNK)(UNK)(UNK)(UNK)(UNK)(UNK)(UNK)(UNK)(UNK)(UNK)(UNK)(UNK)(UNK)(UNK)
;
1
2 'polypeptide(L)'
;(UNK)(UNK)(UNK)(UNK)(UNK)(UNK)(UNK)(UNK)(UNK)(UNK)(UNK)(UNK)(UNK)(UNK)(UNK)(UNK)
(UNK)(UNK)(UNK)(UNK)(UNK)(UNK)(UNK)(UNK)(UNK)
;
2
3 'polypeptide(L)'
;(UNK)(UNK)(UNK)(UNK)(UNK)(UNK)(UNK)(UNK)(UNK)(UNK)(UNK)(UNK)(UNK)(UNK)(UNK)(UNK)
(UNK)
;
3
4 'polypeptide(L)'
;(UNK)(UNK)(UNK)(UNK)(UNK)(UNK)(UNK)(UNK)(UNK)(UNK)(UNK)(UNK)(UNK)(UNK)(UNK)(UNK)
(UNK)(UNK)(UNK)(UNK)(UNK)(UNK)(UNK)(UNK)(UNK)(UNK)(UNK)
;
4
5 'polypeptide(L)'
;ATAKAAPTEVSSILESKIRGVSDEANLDETGRVLSVGDGIARVFGLNNCQAEELVEFASGVKGMALNLEPGQVGIVLFGS
DREVKEGEIVKRTGKIVDVPIGPGMLGRVVDALGNPIDGKGPIEATGYAIAQLKAPGILPRRSVFEPMQTGLKAVDALVP
IGRGQRELIIGDRQTGKTAVALDTILNQKRWNDGNDESKKLYCVYVAVGQKRSTVAQLVQTLEQNDAMKYSIVVAATASE
AAPLQYLAPFTACAIAEWFRDNGKHALIVYDDLSKQAVAYRQLSLLLRRPPGREAYPGDVFYLHSRLLERAAKMSDANGG
GSLTALPVIETQGGDVSAYIPTNVISITDGQIFLEAELFYKGIRPAINVGLSVSRVGSAAQVKAMKQVAGSLKLFLAQYR
EVAAFAQFGSDLDASTKQTLSRGERLTQLLKQKQYSPQASEEQVPVIYAGVNGFLDNIPIERIPEFEEQFIAYLKANEGD
ILEAIRTKGELSSELLDKLKSATETFVATF
;
A,B,C
6 'polypeptide(L)'
;ATAGPASGKIRAVIGAVVDVQFEQGELPAILNALTIDQGNNQKLVLEVAQHLGENAVRAIAMDGTEGLVRGQTVVDTGAP
ISVPVGRGTLGRIINVVGEPIDERGPIECKQRNPIHADPPSFVEQSTEAEVLETGIKVVDLLAPYARGGKIGLFGGAGVG
KTVFIQELINNIAKAHGGFSVFTGVGERTREGNDLYREMKETGVINLEGESKVALVFGQMNEPPGARARVALTGLTIAEY
FRDEEGQDVLLFVDNIFRFTQAGSEVSALLGRIPSAVGYQPTLATDMGLLQERITTTRKGSVTSVQAVYVPADDLTDPAP
ATTFAHLDATTVLSRGISELGIYPAVDPLDSKSRLLDVSVVGQEHYDVATGVQQTLQAYKSLQDIIAILGMDELSEQDKL
TVERARKIQRFLSQPFAVAEVFTGIEGKLVRLKDTIASFKAVLEGKYDHLPENAFYMVGGIEDVVAKAEKIAAEAN
;
D,E,F
7 'polypeptide(L)'
;ATLREIETRLKSIKNIEKITNTMKVVASTRMGRAQRAMASSRAFREGDSDFFATAETSTPETAEKTLIIAVSSDKGLCGS
IHSQIAKATRAKLQETPNADVVTIGDKIKAQMLRTHSSNVVLSFNGVGKEAPTFWEASLIADEIRKLGDYDKIEVMYNKF
VSGVAFEPSVFPSFSPISIEESPKLSEFELEEDQAIPTSLSQISLTNAILNAMAEGYASEISARRNAMDNASKNAGEMIN
KYSILYNRTRQAVITNELVDIITGASSLD
;
G
8 'polypeptide(L)'
;AEAVNPDVLKVSLVAPHQAIFTNKEVSQVNLPASSGEMGVLANHVPTVEELAPGVVEVIESSGTASKYFVSGGFASILPG
SKLSISTVEAHPLDAFSSENIKSLLAEAQKNASSADETVAAEAAIEIEVLEALQAAVH
;
H
9 'polypeptide(L)' SSWQKAGISFNKYLAIAARTVQRSLKNDLKVAAEKRYISDAKVQKLEKGNVVSTTDLASNKSA I
10 'polypeptide(L)' GSESGDNVRSSAGAVRDAGGAFGKREQAEEERYFRARAKEQLAALKKHHENEISHHAKEIHHHHHH J
11 'polypeptide(L)' MQLVLAAKYIGAAIATIGLTGAGIGIAIVFAALINGTSRNPSLRNTLFPFAILGFALSEATGLFCLMISFLLLYGV K,L,M,N,O,P,Q,R,S,T
12 'polypeptide(L)'
;ASAAPIKPPVQLFGLDGTYATALFSASAKDSSIEKTFQSVQKLSSTISKDAKVAQVLSNPALSLNSRKEVVSVLSKELKL
EPVVSNLLTVLAENNRLSLFDSIAKQFSVLNDAYNGVVEATVVSAKPLDSKILNRLTKSITNSKYVGPGKTLKIKNEVDP
EILGGLIVEVADKSVDLSLASKVNKLNKVLSETI
;
U
13 'polypeptide(L)'
;STPVDPKTKANALIDSLPGNSFLSKTGILATTAAASVYAISSELYVVNDESILLVTFLGFIALISKTVAPLYGEMAKNRT
DHVVGLLNQARADHVNAVKTRIDQVSNLKDVVSTTKALFEMSKETAALEAEAFELKQKVAVASEAKSVLDSWVRYEAQVR
QHEQEQLASTVISKVQSELQNAKFQDKVLAQAVEEVERLFAKEK
;
V
14 'polypeptide(L)'
;SSVAKSTANKLDWTKIVSKLGLSGQTAAALTSFKKRNDEAKRILFELKQQPSNVDFAFYKSTLKNTAIVDKIQSDVSKFT
PSKANLSKQLNLIESFEAKALENAKETESVVLAELTDLEKTLENIES(UNK)(UNK)(UNK)(UNK)(UNK)(UNK)
(UNK)(UNK)(UNK)(UNK)(UNK)(UNK)(UNK)(UNK)(UNK)(UNK)(UNK)(UNK)(UNK)(UNK)(UNK)(UNK)
(UNK)(UNK)(UNK)(UNK)(UNK)(UNK)
;
W
15 'polypeptide(L)'
;(UNK)(UNK)(UNK)(UNK)(UNK)(UNK)(UNK)(UNK)(UNK)(UNK)(UNK)(UNK)(UNK)(UNK)(UNK)(UNK)
(UNK)(UNK)(UNK)(UNK)(UNK)
;
X
16 'polypeptide(L)'
;SPLDQFIINNLLEINSPFLNLSTLNFSTFSLYTLFVVLVISLTFILSIGGESNNLVKGSNWLIAIEAIFDTILNMVKGQI
GGSVYGRYVPLVYTLFTFILVANLIGMVPYNFALSASLIYIIGISVSLWIGLTILGLFLNKAVFFSLFVPSGTPLPLVPV
LVLIELLSYTARAISLGLRLAANTLSGHLLMSILGNLVKNLMSINYFTFIFGLIPLAGIFAIVILEFAIACIQAYVFAIL
TSSYLKDSIYLH
;
Y
17 'polypeptide(L)'
;(UNK)(UNK)(UNK)(UNK)(UNK)(UNK)(UNK)(UNK)(UNK)(UNK)(UNK)(UNK)(UNK)(UNK)(UNK)(UNK)
(UNK)(UNK)(UNK)(UNK)(UNK)(UNK)(UNK)(UNK)(UNK)(UNK)(UNK)(UNK)(UNK)(UNK)(UNK)(UNK)
(UNK)(UNK)(UNK)(UNK)(UNK)(UNK)(UNK)(UNK)(UNK)(UNK)(UNK)(UNK)
;
Z
#
# COMPACT_ATOMS: atom_id res chain seq x y z
N UNK A 1 -66.97 45.78 39.88
CA UNK A 1 -67.49 47.13 40.05
C UNK A 1 -68.42 47.19 41.26
N UNK A 2 -69.11 46.09 41.53
CA UNK A 2 -70.05 46.02 42.65
C UNK A 2 -69.29 45.86 43.97
N UNK A 3 -68.14 45.19 43.91
CA UNK A 3 -67.32 44.97 45.10
C UNK A 3 -66.56 46.24 45.47
N UNK A 4 -66.21 47.03 44.46
CA UNK A 4 -65.48 48.27 44.68
C UNK A 4 -66.41 49.37 45.20
N UNK A 5 -67.68 49.28 44.81
CA UNK A 5 -68.68 50.26 45.23
C UNK A 5 -69.09 50.02 46.68
N UNK A 6 -69.03 48.76 47.11
CA UNK A 6 -69.39 48.40 48.47
C UNK A 6 -68.30 48.81 49.45
N UNK A 7 -67.06 48.78 49.00
CA UNK A 7 -65.92 49.16 49.83
C UNK A 7 -65.84 50.68 49.97
N UNK A 8 -66.26 51.39 48.93
CA UNK A 8 -66.23 52.84 48.94
C UNK A 8 -67.37 53.40 49.79
N UNK A 9 -68.48 52.66 49.84
CA UNK A 9 -69.63 53.08 50.63
C UNK A 9 -69.39 52.82 52.11
N UNK A 10 -68.56 51.83 52.41
CA UNK A 10 -68.25 51.48 53.80
C UNK A 10 -67.27 52.49 54.39
N UNK A 11 -66.45 53.09 53.54
CA UNK A 11 -65.47 54.09 53.98
C UNK A 11 -66.16 55.40 54.31
N UNK A 12 -67.24 55.71 53.60
CA UNK A 12 -67.99 56.94 53.82
C UNK A 12 -68.84 56.82 55.08
N UNK A 13 -69.30 55.61 55.38
CA UNK A 13 -70.12 55.37 56.56
C UNK A 13 -69.26 55.37 57.82
N UNK A 14 -68.01 54.91 57.68
CA UNK A 14 -67.09 54.86 58.81
C UNK A 14 -66.56 56.26 59.13
N UNK A 15 -66.46 57.10 58.11
CA UNK A 15 -65.97 58.46 58.28
C UNK A 15 -67.05 59.34 58.91
N UNK A 16 -68.31 59.01 58.63
CA UNK A 16 -69.43 59.76 59.16
C UNK A 16 -69.64 59.44 60.64
N UNK A 17 -69.35 58.19 61.02
CA UNK A 17 -69.49 57.75 62.40
C UNK A 17 -68.37 58.31 63.27
N UNK A 18 -67.19 58.48 62.66
CA UNK A 18 -66.04 59.01 63.37
C UNK A 18 -66.17 60.52 63.57
N UNK A 19 -66.83 61.18 62.62
CA UNK A 19 -67.03 62.62 62.69
C UNK A 19 -68.11 62.97 63.69
N UNK A 20 -69.08 62.06 63.86
CA UNK A 20 -70.17 62.27 64.81
C UNK A 20 -69.70 62.06 66.24
N UNK A 21 -68.73 61.16 66.41
CA UNK A 21 -68.17 60.88 67.73
C UNK A 21 -67.23 61.99 68.18
N UNK A 22 -66.58 62.63 67.21
CA UNK A 22 -65.64 63.72 67.50
C UNK A 22 -66.40 65.00 67.82
N UNK A 23 -67.59 65.15 67.22
CA UNK A 23 -68.42 66.32 67.45
C UNK A 23 -69.11 66.25 68.81
N UNK A 24 -69.40 65.03 69.25
CA UNK A 24 -70.06 64.82 70.54
C UNK A 24 -69.07 65.00 71.68
N UNK A 25 -67.80 64.67 71.42
CA UNK A 25 -66.76 64.78 72.43
C UNK A 25 -66.32 66.24 72.57
N UNK A 26 -66.45 67.00 71.50
CA UNK A 26 -66.07 68.41 71.51
C UNK A 26 -67.14 69.26 72.18
N UNK A 27 -68.38 68.78 72.16
CA UNK A 27 -69.49 69.49 72.78
C UNK A 27 -69.48 69.31 74.29
N UNK A 28 -68.91 68.19 74.74
CA UNK A 28 -68.83 67.89 76.16
C UNK A 28 -67.64 68.60 76.80
N UNK A 29 -66.67 68.98 75.98
CA UNK A 29 -65.49 69.67 76.46
C UNK A 29 -65.67 71.18 76.41
N UNK A 30 -66.69 71.62 75.68
CA UNK A 30 -66.99 73.05 75.54
C UNK A 30 -68.09 73.47 76.52
N UNK B 1 -65.81 63.60 51.37
CA UNK B 1 -65.16 64.47 50.39
C UNK B 1 -64.05 63.73 49.65
N UNK B 2 -63.41 62.80 50.34
CA UNK B 2 -62.33 62.01 49.75
C UNK B 2 -62.90 60.93 48.84
N UNK B 3 -64.07 60.41 49.18
CA UNK B 3 -64.71 59.37 48.40
C UNK B 3 -65.37 59.95 47.16
N UNK B 4 -65.79 61.21 47.25
CA UNK B 4 -66.42 61.89 46.13
C UNK B 4 -65.40 62.31 45.08
N UNK B 5 -64.20 62.65 45.54
CA UNK B 5 -63.12 63.07 44.65
C UNK B 5 -62.49 61.85 43.96
N UNK B 6 -62.54 60.70 44.64
CA UNK B 6 -61.97 59.47 44.10
C UNK B 6 -62.93 58.83 43.10
N UNK B 7 -64.21 59.16 43.22
CA UNK B 7 -65.22 58.61 42.32
C UNK B 7 -65.16 59.29 40.95
N UNK B 8 -64.86 60.58 40.94
CA UNK B 8 -64.76 61.33 39.70
C UNK B 8 -63.43 61.08 39.01
N UNK B 9 -62.43 60.70 39.81
CA UNK B 9 -61.09 60.43 39.28
C UNK B 9 -61.02 59.00 38.72
N UNK B 10 -61.94 58.16 39.15
CA UNK B 10 -61.99 56.77 38.69
C UNK B 10 -62.53 56.69 37.26
N UNK B 11 -63.42 57.61 36.92
CA UNK B 11 -64.01 57.64 35.59
C UNK B 11 -63.03 58.22 34.58
N UNK B 12 -62.17 59.12 35.03
CA UNK B 12 -61.17 59.74 34.17
C UNK B 12 -60.00 58.80 33.93
N UNK B 13 -59.72 57.95 34.92
CA UNK B 13 -58.61 57.00 34.81
C UNK B 13 -59.00 55.82 33.93
N UNK B 14 -60.29 55.49 33.92
CA UNK B 14 -60.79 54.39 33.12
C UNK B 14 -60.90 54.79 31.65
N UNK B 15 -61.17 56.07 31.41
CA UNK B 15 -61.28 56.59 30.05
C UNK B 15 -59.91 56.79 29.42
N UNK B 16 -58.92 57.08 30.27
CA UNK B 16 -57.56 57.29 29.81
C UNK B 16 -56.87 55.97 29.49
N UNK B 17 -57.28 54.91 30.19
CA UNK B 17 -56.72 53.59 29.98
C UNK B 17 -57.28 52.96 28.71
N UNK B 18 -58.51 53.32 28.37
CA UNK B 18 -59.16 52.79 27.17
C UNK B 18 -58.63 53.47 25.91
N UNK B 19 -58.22 54.73 26.07
CA UNK B 19 -57.69 55.50 24.95
C UNK B 19 -56.26 55.08 24.64
N UNK B 20 -55.53 54.62 25.66
CA UNK B 20 -54.15 54.20 25.49
C UNK B 20 -54.09 52.80 24.87
N UNK B 21 -55.14 52.01 25.09
CA UNK B 21 -55.21 50.66 24.55
C UNK B 21 -55.60 50.69 23.07
N UNK B 22 -56.32 51.73 22.68
CA UNK B 22 -56.76 51.88 21.29
C UNK B 22 -55.63 52.39 20.42
N UNK B 23 -54.68 53.10 21.02
CA UNK B 23 -53.53 53.64 20.30
C UNK B 23 -52.47 52.58 20.09
N UNK B 24 -52.48 51.57 20.96
CA UNK B 24 -51.51 50.48 20.88
C UNK B 24 -52.04 49.35 20.00
N UNK B 25 -53.33 49.39 19.70
CA UNK B 25 -53.95 48.37 18.87
C UNK B 25 -54.07 48.84 17.42
N UNK C 1 -61.17 72.60 53.00
CA UNK C 1 -62.02 72.92 51.86
C UNK C 1 -61.25 73.66 50.78
N UNK C 2 -60.31 74.49 51.21
CA UNK C 2 -59.48 75.26 50.28
C UNK C 2 -58.40 74.38 49.66
N UNK C 3 -57.94 73.40 50.42
CA UNK C 3 -56.90 72.49 49.95
C UNK C 3 -57.47 71.45 49.01
N UNK C 4 -58.74 71.12 49.20
CA UNK C 4 -59.42 70.14 48.36
C UNK C 4 -59.82 70.74 47.02
N UNK C 5 -60.05 72.05 47.01
CA UNK C 5 -60.44 72.76 45.79
C UNK C 5 -59.23 73.00 44.91
N UNK C 6 -58.06 73.14 45.52
CA UNK C 6 -56.82 73.37 44.79
C UNK C 6 -56.31 72.09 44.16
N UNK C 7 -56.61 70.96 44.80
CA UNK C 7 -56.18 69.66 44.30
C UNK C 7 -57.06 69.20 43.14
N UNK C 8 -58.31 69.65 43.15
CA UNK C 8 -59.25 69.29 42.09
C UNK C 8 -58.99 70.11 40.83
N UNK C 9 -58.47 71.31 41.01
CA UNK C 9 -58.17 72.19 39.88
C UNK C 9 -56.88 71.77 39.19
N UNK C 10 -55.98 71.17 39.96
CA UNK C 10 -54.70 70.72 39.42
C UNK C 10 -54.86 69.42 38.64
N UNK C 11 -55.85 68.63 39.04
CA UNK C 11 -56.11 67.35 38.39
C UNK C 11 -56.86 67.55 37.08
N UNK C 12 -57.63 68.63 37.00
CA UNK C 12 -58.39 68.94 35.79
C UNK C 12 -57.49 69.56 34.73
N UNK C 13 -56.44 70.25 35.17
CA UNK C 13 -55.49 70.88 34.25
C UNK C 13 -54.53 69.86 33.68
N UNK C 14 -54.28 68.79 34.42
CA UNK C 14 -53.38 67.73 33.99
C UNK C 14 -54.08 66.79 33.02
N UNK C 15 -55.40 66.72 33.11
CA UNK C 15 -56.19 65.85 32.24
C UNK C 15 -56.44 66.52 30.89
N UNK C 16 -56.36 67.85 30.87
CA UNK C 16 -56.57 68.61 29.65
C UNK C 16 -55.25 68.83 28.91
N UNK C 17 -54.15 68.50 29.57
CA UNK C 17 -52.82 68.67 28.98
C UNK C 17 -52.32 67.35 28.39
N UNK D 1 -46.01 70.46 24.99
CA UNK D 1 -45.03 70.09 26.00
C UNK D 1 -44.50 71.32 26.74
N UNK D 2 -44.17 72.36 25.98
CA UNK D 2 -43.66 73.60 26.56
C UNK D 2 -44.79 74.41 27.20
N UNK D 3 -45.99 74.31 26.62
CA UNK D 3 -47.14 75.03 27.14
C UNK D 3 -47.67 74.37 28.41
N UNK D 4 -47.55 73.05 28.47
CA UNK D 4 -48.01 72.30 29.63
C UNK D 4 -47.04 72.45 30.80
N UNK D 5 -45.77 72.65 30.48
CA UNK D 5 -44.73 72.81 31.50
C UNK D 5 -44.83 74.18 32.15
N UNK D 6 -45.26 75.18 31.37
CA UNK D 6 -45.41 76.54 31.87
C UNK D 6 -46.66 76.66 32.72
N UNK D 7 -47.65 75.81 32.45
CA UNK D 7 -48.90 75.82 33.19
C UNK D 7 -48.72 75.20 34.57
N UNK D 8 -47.78 74.27 34.68
CA UNK D 8 -47.49 73.61 35.95
C UNK D 8 -46.73 74.55 36.88
N UNK D 9 -45.88 75.39 36.30
CA UNK D 9 -45.11 76.35 37.09
C UNK D 9 -45.97 77.52 37.52
N UNK D 10 -46.97 77.85 36.71
CA UNK D 10 -47.89 78.94 37.01
C UNK D 10 -48.89 78.52 38.09
N UNK D 11 -49.21 77.24 38.13
CA UNK D 11 -50.14 76.70 39.12
C UNK D 11 -49.47 76.61 40.49
N UNK D 12 -48.17 76.36 40.49
CA UNK D 12 -47.41 76.26 41.74
C UNK D 12 -47.16 77.66 42.33
N UNK D 13 -47.03 78.65 41.45
CA UNK D 13 -46.81 80.02 41.87
C UNK D 13 -48.09 80.64 42.42
N UNK D 14 -49.23 80.21 41.86
CA UNK D 14 -50.53 80.70 42.30
C UNK D 14 -50.92 80.09 43.64
N UNK D 15 -50.49 78.86 43.87
CA UNK D 15 -50.78 78.16 45.11
C UNK D 15 -49.91 78.69 46.25
N UNK D 16 -48.71 79.14 45.90
CA UNK D 16 -47.77 79.68 46.87
C UNK D 16 -48.19 81.08 47.29
N UNK D 17 -48.82 81.80 46.37
CA UNK D 17 -49.27 83.17 46.64
C UNK D 17 -50.53 83.15 47.50
N UNK D 18 -51.34 82.11 47.34
CA UNK D 18 -52.57 81.96 48.11
C UNK D 18 -52.26 81.49 49.53
N UNK D 19 -51.18 80.72 49.66
CA UNK D 19 -50.76 80.20 50.96
C UNK D 19 -50.08 81.30 51.78
N UNK D 20 -49.44 82.23 51.09
CA UNK D 20 -48.75 83.34 51.75
C UNK D 20 -49.75 84.38 52.23
N UNK D 21 -50.85 84.52 51.52
CA UNK D 21 -51.89 85.47 51.88
C UNK D 21 -52.73 84.94 53.04
N UNK D 22 -52.86 83.63 53.11
CA UNK D 22 -53.63 82.99 54.17
C UNK D 22 -52.83 82.96 55.47
N UNK D 23 -51.51 82.91 55.35
CA UNK D 23 -50.63 82.89 56.51
C UNK D 23 -50.51 84.28 57.12
N UNK D 24 -50.64 85.30 56.29
CA UNK D 24 -50.55 86.68 56.74
C UNK D 24 -51.86 87.13 57.39
N UNK D 25 -52.96 86.50 57.00
CA UNK D 25 -54.26 86.81 57.55
C UNK D 25 -54.51 86.07 58.85
N UNK D 26 -53.72 85.02 59.08
CA UNK D 26 -53.85 84.22 60.29
C UNK D 26 -52.85 84.67 61.35
N UNK D 27 -51.93 85.55 60.96
CA UNK D 27 -50.92 86.07 61.88
C UNK D 27 -51.25 87.50 62.30
N SER E 12 32.58 -65.85 -62.34
CA SER E 12 31.33 -66.10 -61.62
C SER E 12 31.40 -65.59 -60.18
N ILE E 13 30.24 -65.32 -59.59
CA ILE E 13 30.19 -64.83 -58.23
C ILE E 13 30.30 -65.93 -57.19
N LEU E 14 30.16 -67.20 -57.59
CA LEU E 14 30.26 -68.29 -56.64
C LEU E 14 31.70 -68.59 -56.27
N GLU E 15 32.65 -68.33 -57.16
CA GLU E 15 34.05 -68.58 -56.88
C GLU E 15 34.69 -67.48 -56.05
N SER E 16 34.11 -66.28 -56.03
CA SER E 16 34.67 -65.18 -55.26
C SER E 16 34.33 -65.27 -53.77
N LYS E 17 33.30 -66.03 -53.41
CA LYS E 17 32.93 -66.15 -52.01
C LYS E 17 33.86 -67.09 -51.25
N ILE E 18 34.37 -68.13 -51.91
CA ILE E 18 35.27 -69.06 -51.24
C ILE E 18 36.69 -68.53 -51.15
N ARG E 19 37.07 -67.59 -52.01
CA ARG E 19 38.42 -67.04 -51.98
C ARG E 19 38.58 -66.00 -50.88
N GLY E 20 37.49 -65.35 -50.46
CA GLY E 20 37.56 -64.34 -49.42
C GLY E 20 37.51 -64.87 -48.01
N VAL E 21 37.13 -66.15 -47.83
CA VAL E 21 37.04 -66.79 -46.52
C VAL E 21 36.08 -65.99 -45.63
N SER E 22 34.80 -66.03 -45.96
CA SER E 22 33.78 -65.33 -45.19
C SER E 22 32.72 -66.25 -44.61
N ASP E 23 32.79 -67.55 -44.88
CA ASP E 23 31.83 -68.54 -44.38
C ASP E 23 30.44 -68.14 -44.88
N GLU E 24 29.41 -68.17 -44.04
CA GLU E 24 28.07 -67.80 -44.47
C GLU E 24 27.71 -66.36 -44.14
N ALA E 25 28.21 -65.82 -43.04
CA ALA E 25 27.96 -64.44 -42.61
C ALA E 25 26.45 -64.19 -42.47
N ASN E 26 25.83 -64.94 -41.57
CA ASN E 26 24.41 -64.82 -41.30
C ASN E 26 24.17 -63.71 -40.28
N LEU E 27 23.53 -62.63 -40.72
CA LEU E 27 23.23 -61.49 -39.85
C LEU E 27 21.81 -61.53 -39.32
N ASP E 28 21.29 -62.74 -39.04
CA ASP E 28 19.93 -62.89 -38.53
C ASP E 28 19.89 -62.79 -37.00
N GLU E 29 20.68 -63.62 -36.31
CA GLU E 29 20.73 -63.61 -34.86
C GLU E 29 22.01 -63.03 -34.31
N THR E 30 22.97 -62.69 -35.16
CA THR E 30 24.25 -62.13 -34.73
C THR E 30 24.45 -60.76 -35.38
N GLY E 31 25.51 -60.09 -34.96
CA GLY E 31 25.82 -58.77 -35.48
C GLY E 31 27.21 -58.34 -35.08
N ARG E 32 27.80 -57.46 -35.90
CA ARG E 32 29.14 -56.95 -35.66
C ARG E 32 29.07 -55.51 -35.17
N VAL E 33 29.86 -55.19 -34.16
CA VAL E 33 29.89 -53.85 -33.60
C VAL E 33 30.78 -52.96 -34.46
N LEU E 34 30.24 -51.83 -34.91
CA LEU E 34 30.98 -50.90 -35.75
C LEU E 34 31.47 -49.67 -35.00
N SER E 35 30.75 -49.22 -33.99
CA SER E 35 31.15 -48.05 -33.21
C SER E 35 30.64 -48.21 -31.78
N VAL E 36 31.52 -47.95 -30.82
CA VAL E 36 31.19 -48.05 -29.40
C VAL E 36 31.70 -46.81 -28.70
N GLY E 37 30.93 -46.33 -27.71
CA GLY E 37 31.31 -45.15 -26.97
C GLY E 37 30.15 -44.48 -26.27
N ASP E 38 30.41 -43.90 -25.09
CA ASP E 38 29.39 -43.20 -24.31
C ASP E 38 28.22 -44.12 -23.98
N GLY E 39 28.52 -45.38 -23.70
CA GLY E 39 27.48 -46.33 -23.35
C GLY E 39 26.59 -46.75 -24.51
N ILE E 40 27.01 -46.49 -25.74
CA ILE E 40 26.24 -46.84 -26.92
C ILE E 40 27.05 -47.79 -27.78
N ALA E 41 26.36 -48.65 -28.52
CA ALA E 41 26.99 -49.62 -29.40
C ALA E 41 26.18 -49.72 -30.68
N ARG E 42 26.81 -49.35 -31.81
CA ARG E 42 26.15 -49.40 -33.12
C ARG E 42 26.47 -50.74 -33.77
N VAL E 43 25.71 -51.76 -33.38
CA VAL E 43 25.89 -53.10 -33.92
C VAL E 43 25.27 -53.17 -35.31
N PHE E 44 26.06 -53.63 -36.27
CA PHE E 44 25.62 -53.76 -37.66
C PHE E 44 25.14 -55.20 -37.88
N GLY E 45 23.83 -55.35 -38.04
CA GLY E 45 23.25 -56.67 -38.26
C GLY E 45 22.04 -56.94 -37.40
N LEU E 46 21.80 -58.21 -37.10
CA LEU E 46 20.67 -58.67 -36.28
C LEU E 46 19.34 -58.18 -36.87
N ASN E 47 18.99 -58.80 -38.00
CA ASN E 47 17.76 -58.46 -38.69
C ASN E 47 16.52 -59.02 -38.00
N ASN E 48 16.66 -60.10 -37.24
CA ASN E 48 15.54 -60.73 -36.55
C ASN E 48 15.40 -60.23 -35.11
N CYS E 49 16.16 -59.23 -34.72
CA CYS E 49 16.08 -58.70 -33.35
C CYS E 49 14.88 -57.77 -33.22
N GLN E 50 14.07 -58.01 -32.20
CA GLN E 50 12.88 -57.20 -31.96
C GLN E 50 13.26 -55.94 -31.18
N ALA E 51 12.26 -55.08 -30.96
CA ALA E 51 12.48 -53.84 -30.23
C ALA E 51 12.55 -54.09 -28.73
N GLU E 52 13.46 -53.39 -28.07
CA GLU E 52 13.68 -53.52 -26.63
C GLU E 52 13.98 -54.96 -26.23
N GLU E 53 14.90 -55.57 -26.98
CA GLU E 53 15.32 -56.94 -26.75
C GLU E 53 16.72 -56.97 -26.14
N LEU E 54 16.97 -58.00 -25.34
CA LEU E 54 18.26 -58.16 -24.69
C LEU E 54 19.30 -58.68 -25.67
N VAL E 55 20.55 -58.23 -25.49
CA VAL E 55 21.66 -58.63 -26.34
C VAL E 55 22.84 -59.02 -25.44
N GLU E 56 23.87 -59.58 -26.06
CA GLU E 56 25.07 -60.00 -25.34
C GLU E 56 26.28 -59.78 -26.24
N PHE E 57 27.34 -59.22 -25.66
CA PHE E 57 28.57 -58.96 -26.38
C PHE E 57 29.53 -60.13 -26.22
N ALA E 58 30.71 -60.01 -26.86
CA ALA E 58 31.72 -61.05 -26.79
C ALA E 58 32.49 -61.02 -25.47
N SER E 59 32.51 -59.89 -24.77
CA SER E 59 33.23 -59.78 -23.52
C SER E 59 32.38 -60.13 -22.30
N GLY E 60 31.06 -60.19 -22.45
CA GLY E 60 30.17 -60.52 -21.36
C GLY E 60 29.23 -59.40 -20.94
N VAL E 61 29.29 -58.24 -21.56
CA VAL E 61 28.42 -57.12 -21.21
C VAL E 61 27.11 -57.26 -21.97
N LYS E 62 26.00 -57.02 -21.28
CA LYS E 62 24.68 -57.11 -21.88
C LYS E 62 24.29 -55.78 -22.51
N GLY E 63 23.33 -55.85 -23.44
CA GLY E 63 22.85 -54.68 -24.13
C GLY E 63 21.37 -54.77 -24.42
N MET E 64 20.78 -53.62 -24.72
CA MET E 64 19.35 -53.52 -25.02
C MET E 64 19.20 -52.72 -26.31
N ALA E 65 18.79 -53.40 -27.38
CA ALA E 65 18.60 -52.76 -28.67
C ALA E 65 17.31 -51.96 -28.65
N LEU E 66 17.43 -50.63 -28.59
CA LEU E 66 16.27 -49.74 -28.57
C LEU E 66 16.12 -48.87 -29.81
N ASN E 67 17.19 -48.69 -30.58
CA ASN E 67 17.17 -47.88 -31.79
C ASN E 67 17.49 -48.80 -32.97
N LEU E 68 16.46 -49.44 -33.51
CA LEU E 68 16.61 -50.35 -34.64
C LEU E 68 16.51 -49.55 -35.93
N GLU E 69 17.66 -49.33 -36.58
CA GLU E 69 17.70 -48.58 -37.82
C GLU E 69 17.71 -49.53 -39.02
N PRO E 70 18.12 -49.07 -40.20
CA PRO E 70 18.14 -49.96 -41.37
C PRO E 70 19.52 -50.52 -41.64
N GLY E 71 20.55 -49.73 -41.39
CA GLY E 71 21.92 -50.15 -41.62
C GLY E 71 22.57 -50.76 -40.39
N GLN E 72 22.26 -50.21 -39.22
CA GLN E 72 22.82 -50.69 -37.97
C GLN E 72 21.68 -50.80 -36.95
N VAL E 73 22.05 -51.00 -35.69
CA VAL E 73 21.08 -51.13 -34.60
C VAL E 73 21.70 -50.57 -33.34
N GLY E 74 21.12 -49.48 -32.83
CA GLY E 74 21.64 -48.85 -31.63
C GLY E 74 21.26 -49.59 -30.36
N ILE E 75 22.26 -50.14 -29.67
CA ILE E 75 22.05 -50.89 -28.43
C ILE E 75 22.77 -50.15 -27.30
N VAL E 76 22.09 -49.99 -26.17
CA VAL E 76 22.66 -49.32 -25.02
C VAL E 76 23.25 -50.37 -24.09
N LEU E 77 24.57 -50.28 -23.86
CA LEU E 77 25.23 -51.23 -22.99
C LEU E 77 24.93 -50.93 -21.52
N PHE E 78 24.81 -51.99 -20.72
CA PHE E 78 24.52 -51.86 -19.31
C PHE E 78 25.77 -51.84 -18.43
N GLY E 79 26.95 -51.91 -19.04
CA GLY E 79 28.20 -51.90 -18.32
C GLY E 79 29.14 -50.82 -18.85
N SER E 80 30.43 -51.05 -18.65
CA SER E 80 31.44 -50.12 -19.10
C SER E 80 31.68 -50.27 -20.60
N ASP E 81 32.18 -49.20 -21.21
CA ASP E 81 32.49 -49.17 -22.64
C ASP E 81 33.88 -49.66 -22.96
N ARG E 82 34.69 -49.99 -21.95
CA ARG E 82 36.04 -50.47 -22.20
C ARG E 82 36.09 -51.92 -22.64
N GLU E 83 35.05 -52.70 -22.35
CA GLU E 83 35.02 -54.10 -22.74
C GLU E 83 34.62 -54.30 -24.20
N VAL E 84 33.90 -53.35 -24.79
CA VAL E 84 33.47 -53.44 -26.18
C VAL E 84 34.46 -52.69 -27.04
N LYS E 85 34.67 -53.19 -28.26
CA LYS E 85 35.59 -52.60 -29.21
C LYS E 85 34.98 -52.69 -30.60
N GLU E 86 35.71 -52.17 -31.59
CA GLU E 86 35.25 -52.18 -32.98
C GLU E 86 35.49 -53.56 -33.58
N GLY E 87 34.43 -54.21 -34.05
CA GLY E 87 34.53 -55.51 -34.65
C GLY E 87 34.17 -56.67 -33.76
N GLU E 88 33.55 -56.42 -32.61
CA GLU E 88 33.18 -57.49 -31.70
C GLU E 88 31.85 -58.11 -32.11
N ILE E 89 31.68 -59.39 -31.76
CA ILE E 89 30.46 -60.11 -32.08
C ILE E 89 29.39 -59.80 -31.05
N VAL E 90 28.16 -59.58 -31.53
CA VAL E 90 27.02 -59.27 -30.67
C VAL E 90 25.92 -60.27 -30.98
N LYS E 91 25.57 -61.07 -29.98
CA LYS E 91 24.53 -62.08 -30.11
C LYS E 91 23.22 -61.58 -29.50
N ARG E 92 22.11 -62.11 -30.02
CA ARG E 92 20.78 -61.74 -29.56
C ARG E 92 20.24 -62.81 -28.62
N THR E 93 19.59 -62.38 -27.54
CA THR E 93 19.03 -63.32 -26.58
C THR E 93 17.71 -63.89 -27.04
N GLY E 94 16.96 -63.16 -27.88
CA GLY E 94 15.68 -63.61 -28.38
C GLY E 94 14.49 -63.22 -27.54
N LYS E 95 14.69 -62.67 -26.35
CA LYS E 95 13.62 -62.25 -25.46
C LYS E 95 13.71 -60.75 -25.21
N ILE E 96 12.69 -60.22 -24.56
CA ILE E 96 12.62 -58.79 -24.24
C ILE E 96 13.28 -58.55 -22.88
N VAL E 97 13.28 -57.30 -22.43
CA VAL E 97 13.87 -56.93 -21.16
C VAL E 97 12.89 -57.34 -20.06
N ASP E 98 13.17 -58.45 -19.39
CA ASP E 98 12.32 -58.96 -18.32
C ASP E 98 13.09 -58.96 -17.01
N VAL E 99 12.39 -59.30 -15.93
CA VAL E 99 12.98 -59.36 -14.60
C VAL E 99 12.28 -60.45 -13.80
N PRO E 100 12.90 -60.96 -12.73
CA PRO E 100 12.24 -62.01 -11.94
C PRO E 100 11.26 -61.43 -10.93
N ILE E 101 10.20 -62.20 -10.68
CA ILE E 101 9.15 -61.81 -9.74
C ILE E 101 8.72 -63.05 -8.96
N GLY E 102 7.89 -62.82 -7.94
CA GLY E 102 7.40 -63.89 -7.11
C GLY E 102 7.60 -63.61 -5.64
N PRO E 103 7.24 -64.58 -4.78
CA PRO E 103 7.40 -64.39 -3.34
C PRO E 103 8.78 -64.72 -2.80
N GLY E 104 9.68 -65.24 -3.63
CA GLY E 104 11.02 -65.57 -3.19
C GLY E 104 12.01 -64.42 -3.18
N MET E 105 11.61 -63.26 -3.69
CA MET E 105 12.48 -62.09 -3.74
C MET E 105 12.42 -61.25 -2.47
N LEU E 106 11.57 -61.62 -1.52
CA LEU E 106 11.46 -60.86 -0.27
C LEU E 106 12.59 -61.26 0.67
N GLY E 107 13.39 -60.28 1.06
CA GLY E 107 14.52 -60.51 1.96
C GLY E 107 15.88 -60.38 1.31
N ARG E 108 15.95 -60.04 0.03
CA ARG E 108 17.22 -59.90 -0.68
C ARG E 108 17.19 -58.65 -1.54
N VAL E 109 18.34 -58.02 -1.69
CA VAL E 109 18.49 -56.80 -2.48
C VAL E 109 18.88 -57.20 -3.90
N VAL E 110 17.99 -56.92 -4.85
CA VAL E 110 18.23 -57.23 -6.24
C VAL E 110 18.66 -55.96 -6.98
N ASP E 111 19.14 -56.12 -8.20
CA ASP E 111 19.58 -54.99 -9.01
C ASP E 111 18.48 -54.57 -9.98
N ALA E 112 18.88 -54.07 -11.15
CA ALA E 112 17.93 -53.62 -12.16
C ALA E 112 17.53 -54.74 -13.13
N LEU E 113 18.27 -55.85 -13.16
CA LEU E 113 17.96 -56.96 -14.04
C LEU E 113 17.45 -58.20 -13.30
N GLY E 114 17.39 -58.14 -11.97
CA GLY E 114 16.92 -59.27 -11.18
C GLY E 114 18.00 -60.08 -10.51
N ASN E 115 19.26 -59.74 -10.70
CA ASN E 115 20.35 -60.49 -10.07
C ASN E 115 20.50 -60.08 -8.61
N PRO E 116 20.73 -61.05 -7.71
CA PRO E 116 20.88 -60.71 -6.29
C PRO E 116 22.28 -60.20 -6.01
N ILE E 117 22.36 -59.08 -5.26
CA ILE E 117 23.64 -58.47 -4.90
C ILE E 117 23.88 -58.48 -3.40
N ASP E 118 22.96 -59.02 -2.61
CA ASP E 118 23.14 -59.07 -1.16
C ASP E 118 24.05 -60.19 -0.70
N GLY E 119 24.26 -61.21 -1.54
CA GLY E 119 25.11 -62.32 -1.19
C GLY E 119 24.42 -63.34 -0.31
N LYS E 120 23.21 -63.74 -0.69
CA LYS E 120 22.43 -64.72 0.07
C LYS E 120 22.01 -65.90 -0.80
N GLY E 121 22.73 -66.19 -1.86
CA GLY E 121 22.41 -67.28 -2.74
C GLY E 121 21.47 -66.87 -3.85
N PRO E 122 20.79 -67.84 -4.45
CA PRO E 122 19.86 -67.54 -5.54
C PRO E 122 18.49 -67.13 -5.00
N ILE E 123 17.64 -66.68 -5.92
CA ILE E 123 16.29 -66.24 -5.61
C ILE E 123 15.30 -67.18 -6.31
N GLU E 124 14.37 -67.73 -5.54
CA GLU E 124 13.36 -68.65 -6.07
C GLU E 124 12.28 -67.82 -6.76
N ALA E 125 12.46 -67.60 -8.06
CA ALA E 125 11.51 -66.83 -8.84
C ALA E 125 10.40 -67.73 -9.35
N THR E 126 9.15 -67.31 -9.14
CA THR E 126 7.99 -68.07 -9.57
C THR E 126 7.45 -67.62 -10.92
N GLY E 127 8.00 -66.57 -11.49
CA GLY E 127 7.54 -66.08 -12.79
C GLY E 127 8.50 -65.08 -13.36
N TYR E 128 8.27 -64.74 -14.63
CA TYR E 128 9.11 -63.79 -15.36
C TYR E 128 8.19 -62.78 -16.04
N ALA E 129 8.25 -61.54 -15.59
CA ALA E 129 7.42 -60.46 -16.15
C ALA E 129 8.30 -59.45 -16.86
N ILE E 130 7.75 -58.86 -17.92
CA ILE E 130 8.49 -57.88 -18.70
C ILE E 130 8.50 -56.54 -17.97
N ALA E 131 9.48 -55.71 -18.31
CA ALA E 131 9.60 -54.39 -17.69
C ALA E 131 8.58 -53.41 -18.25
N GLN E 132 8.46 -53.33 -19.58
CA GLN E 132 7.52 -52.43 -20.22
C GLN E 132 6.19 -53.16 -20.36
N LEU E 133 5.39 -53.11 -19.29
CA LEU E 133 4.08 -53.74 -19.26
C LEU E 133 2.98 -52.69 -19.31
N LYS E 134 1.80 -53.12 -19.73
CA LYS E 134 0.66 -52.22 -19.83
C LYS E 134 0.03 -52.01 -18.46
N ALA E 135 -0.61 -50.86 -18.30
CA ALA E 135 -1.26 -50.50 -17.05
C ALA E 135 -2.67 -51.08 -17.01
N PRO E 136 -3.39 -50.91 -15.90
CA PRO E 136 -4.75 -51.45 -15.83
C PRO E 136 -5.76 -50.55 -16.52
N GLY E 137 -6.84 -51.17 -17.00
CA GLY E 137 -7.89 -50.44 -17.69
C GLY E 137 -8.87 -49.80 -16.73
N ILE E 138 -9.90 -49.19 -17.33
CA ILE E 138 -10.93 -48.51 -16.54
C ILE E 138 -12.03 -49.45 -16.07
N LEU E 139 -12.04 -50.71 -16.53
CA LEU E 139 -13.04 -51.67 -16.12
C LEU E 139 -12.47 -52.61 -15.06
N PRO E 140 -11.16 -52.70 -14.94
CA PRO E 140 -10.57 -53.58 -13.92
C PRO E 140 -10.06 -52.82 -12.70
N ARG E 141 -10.60 -51.62 -12.49
CA ARG E 141 -10.21 -50.79 -11.37
C ARG E 141 -11.44 -50.45 -10.52
N ARG E 142 -11.22 -50.34 -9.22
CA ARG E 142 -12.27 -50.03 -8.25
C ARG E 142 -11.90 -48.78 -7.48
N SER E 143 -12.77 -48.40 -6.55
CA SER E 143 -12.54 -47.21 -5.73
C SER E 143 -11.55 -47.51 -4.60
N VAL E 144 -10.84 -46.47 -4.18
CA VAL E 144 -9.85 -46.60 -3.11
C VAL E 144 -10.61 -46.60 -1.79
N PHE E 145 -10.76 -47.79 -1.21
CA PHE E 145 -11.47 -47.95 0.06
C PHE E 145 -10.57 -48.39 1.21
N GLU E 146 -9.45 -49.03 0.91
CA GLU E 146 -8.55 -49.48 1.97
C GLU E 146 -7.70 -48.32 2.48
N PRO E 147 -7.34 -48.33 3.77
CA PRO E 147 -6.52 -47.23 4.31
C PRO E 147 -5.06 -47.63 4.48
N MET E 148 -4.14 -46.75 4.08
CA MET E 148 -2.71 -46.99 4.18
C MET E 148 -2.20 -46.33 5.45
N GLN E 149 -1.84 -47.13 6.45
CA GLN E 149 -1.33 -46.63 7.72
C GLN E 149 0.12 -46.21 7.53
N THR E 150 0.38 -44.90 7.59
CA THR E 150 1.73 -44.38 7.43
C THR E 150 2.45 -44.22 8.76
N GLY E 151 1.72 -44.02 9.86
CA GLY E 151 2.29 -43.86 11.18
C GLY E 151 2.35 -42.42 11.65
N LEU E 152 2.47 -41.46 10.73
CA LEU E 152 2.53 -40.05 11.11
C LEU E 152 1.16 -39.54 11.48
N LYS E 153 1.13 -38.63 12.46
CA LYS E 153 -0.14 -38.05 12.90
C LYS E 153 -0.64 -36.97 11.96
N ALA E 154 0.26 -36.32 11.23
CA ALA E 154 -0.14 -35.27 10.30
C ALA E 154 -0.37 -35.79 8.89
N VAL E 155 -0.13 -37.09 8.64
CA VAL E 155 -0.32 -37.68 7.33
C VAL E 155 -1.57 -38.55 7.35
N ASP E 156 -1.91 -39.08 8.52
CA ASP E 156 -3.08 -39.92 8.67
C ASP E 156 -4.37 -39.13 8.89
N ALA E 157 -4.27 -37.84 9.14
CA ALA E 157 -5.44 -36.99 9.37
C ALA E 157 -5.69 -36.01 8.23
N LEU E 158 -4.64 -35.41 7.68
CA LEU E 158 -4.80 -34.47 6.58
C LEU E 158 -4.89 -35.19 5.24
N VAL E 159 -3.77 -35.34 4.56
CA VAL E 159 -3.72 -36.03 3.27
C VAL E 159 -3.63 -37.53 3.51
N PRO E 160 -4.74 -38.21 3.77
CA PRO E 160 -4.68 -39.67 4.00
C PRO E 160 -4.63 -40.41 2.68
N ILE E 161 -3.58 -41.21 2.51
CA ILE E 161 -3.38 -41.98 1.28
C ILE E 161 -4.04 -43.34 1.45
N GLY E 162 -4.45 -43.93 0.32
CA GLY E 162 -5.10 -45.21 0.31
C GLY E 162 -4.38 -46.20 -0.60
N ARG E 163 -4.89 -47.43 -0.59
CA ARG E 163 -4.32 -48.50 -1.40
C ARG E 163 -4.78 -48.35 -2.85
N GLY E 164 -3.83 -48.20 -3.76
CA GLY E 164 -4.12 -48.04 -5.18
C GLY E 164 -3.91 -46.64 -5.70
N GLN E 165 -3.64 -45.66 -4.84
CA GLN E 165 -3.41 -44.29 -5.26
C GLN E 165 -1.92 -44.01 -5.42
N ARG E 166 -1.62 -42.82 -5.94
CA ARG E 166 -0.25 -42.38 -6.17
C ARG E 166 -0.03 -41.08 -5.40
N GLU E 167 0.76 -41.16 -4.33
CA GLU E 167 1.07 -40.01 -3.48
C GLU E 167 2.50 -39.57 -3.76
N LEU E 168 2.66 -38.35 -4.25
CA LEU E 168 3.98 -37.81 -4.55
C LEU E 168 4.61 -37.21 -3.30
N ILE E 169 5.93 -37.35 -3.21
CA ILE E 169 6.69 -36.82 -2.07
C ILE E 169 7.62 -35.72 -2.56
N ILE E 170 7.06 -34.54 -2.84
CA ILE E 170 7.84 -33.41 -3.32
C ILE E 170 8.60 -32.80 -2.15
N GLY E 171 9.63 -32.02 -2.45
CA GLY E 171 10.43 -31.38 -1.42
C GLY E 171 11.77 -30.95 -1.99
N ASP E 172 12.49 -30.20 -1.16
CA ASP E 172 13.80 -29.68 -1.52
C ASP E 172 14.88 -30.66 -1.04
N ARG E 173 16.12 -30.19 -0.91
CA ARG E 173 17.21 -31.04 -0.46
C ARG E 173 17.22 -31.08 1.06
N GLN E 174 17.14 -32.29 1.62
CA GLN E 174 17.13 -32.53 3.07
C GLN E 174 16.00 -31.75 3.74
N THR E 175 14.79 -32.26 3.54
CA THR E 175 13.62 -31.63 4.12
C THR E 175 12.52 -32.62 4.50
N GLY E 176 12.70 -33.92 4.30
CA GLY E 176 11.69 -34.89 4.64
C GLY E 176 11.16 -35.65 3.44
N LYS E 177 12.02 -35.87 2.45
CA LYS E 177 11.62 -36.59 1.25
C LYS E 177 11.56 -38.09 1.50
N THR E 178 12.72 -38.70 1.81
CA THR E 178 12.79 -40.12 2.08
C THR E 178 12.41 -40.47 3.52
N ALA E 179 12.20 -39.47 4.38
CA ALA E 179 11.83 -39.77 5.76
C ALA E 179 10.39 -40.22 5.88
N VAL E 180 9.50 -39.71 5.03
CA VAL E 180 8.11 -40.11 5.09
C VAL E 180 7.91 -41.49 4.47
N ALA E 181 8.72 -41.86 3.48
CA ALA E 181 8.59 -43.16 2.85
C ALA E 181 9.17 -44.28 3.71
N LEU E 182 10.21 -43.98 4.49
CA LEU E 182 10.81 -44.99 5.35
C LEU E 182 9.96 -45.27 6.59
N ASP E 183 9.24 -44.27 7.08
CA ASP E 183 8.40 -44.47 8.27
C ASP E 183 7.11 -45.20 7.93
N THR E 184 6.65 -45.11 6.68
CA THR E 184 5.41 -45.79 6.29
C THR E 184 5.63 -47.28 6.07
N ILE E 185 6.81 -47.67 5.59
CA ILE E 185 7.08 -49.08 5.37
C ILE E 185 7.37 -49.80 6.67
N LEU E 186 7.98 -49.11 7.64
CA LEU E 186 8.29 -49.73 8.93
C LEU E 186 7.09 -49.79 9.86
N ASN E 187 6.03 -49.06 9.56
CA ASN E 187 4.83 -49.04 10.39
C ASN E 187 3.86 -50.18 10.06
N GLN E 188 4.18 -51.01 9.06
CA GLN E 188 3.33 -52.13 8.67
C GLN E 188 3.70 -53.42 9.39
N LYS E 189 4.47 -53.34 10.47
CA LYS E 189 4.85 -54.53 11.22
C LYS E 189 3.71 -55.11 12.04
N ARG E 190 2.70 -54.30 12.37
CA ARG E 190 1.58 -54.78 13.16
C ARG E 190 0.59 -55.62 12.34
N TRP E 191 0.62 -55.49 11.02
CA TRP E 191 -0.27 -56.24 10.14
C TRP E 191 0.42 -57.34 9.35
N ASN E 192 1.72 -57.18 9.06
CA ASN E 192 2.44 -58.20 8.30
C ASN E 192 2.89 -59.36 9.17
N ASP E 193 3.01 -59.16 10.48
CA ASP E 193 3.43 -60.24 11.38
C ASP E 193 2.28 -61.14 11.81
N GLY E 194 1.05 -60.80 11.49
CA GLY E 194 -0.10 -61.58 11.85
C GLY E 194 -0.44 -62.64 10.82
N ASN E 195 -1.73 -62.89 10.64
CA ASN E 195 -2.22 -63.87 9.68
C ASN E 195 -3.14 -63.30 8.62
N ASP E 196 -3.52 -62.03 8.72
CA ASP E 196 -4.41 -61.41 7.74
C ASP E 196 -3.59 -61.00 6.52
N GLU E 197 -3.83 -61.67 5.39
CA GLU E 197 -3.11 -61.36 4.16
C GLU E 197 -3.62 -60.10 3.47
N SER E 198 -4.86 -59.71 3.73
CA SER E 198 -5.41 -58.51 3.10
C SER E 198 -4.97 -57.23 3.81
N LYS E 199 -4.50 -57.31 5.04
CA LYS E 199 -4.05 -56.14 5.78
C LYS E 199 -2.56 -55.86 5.61
N LYS E 200 -1.78 -56.84 5.16
CA LYS E 200 -0.36 -56.65 4.98
C LYS E 200 -0.07 -55.88 3.69
N LEU E 201 1.09 -55.24 3.65
CA LEU E 201 1.52 -54.45 2.49
C LEU E 201 3.02 -54.62 2.34
N TYR E 202 3.44 -55.30 1.27
CA TYR E 202 4.86 -55.51 1.02
C TYR E 202 5.47 -54.26 0.41
N CYS E 203 6.54 -53.77 1.04
CA CYS E 203 7.22 -52.57 0.57
C CYS E 203 8.10 -52.91 -0.64
N VAL E 204 8.43 -51.87 -1.40
CA VAL E 204 9.27 -52.00 -2.58
C VAL E 204 10.09 -50.74 -2.77
N TYR E 205 11.17 -50.60 -2.01
CA TYR E 205 12.03 -49.43 -2.09
C TYR E 205 12.93 -49.56 -3.31
N VAL E 206 12.81 -48.61 -4.24
CA VAL E 206 13.62 -48.61 -5.46
C VAL E 206 14.59 -47.44 -5.41
N ALA E 207 15.78 -47.68 -4.86
CA ALA E 207 16.80 -46.64 -4.76
C ALA E 207 17.44 -46.42 -6.12
N VAL E 208 17.14 -45.29 -6.74
CA VAL E 208 17.67 -44.94 -8.06
C VAL E 208 18.34 -43.58 -7.96
N GLY E 209 19.59 -43.50 -8.41
CA GLY E 209 20.34 -42.27 -8.39
C GLY E 209 21.15 -42.03 -7.13
N GLN E 210 20.96 -42.85 -6.09
CA GLN E 210 21.70 -42.69 -4.85
C GLN E 210 23.10 -43.29 -4.98
N LYS E 211 23.93 -43.02 -3.98
CA LYS E 211 25.29 -43.52 -3.96
C LYS E 211 25.34 -44.92 -3.34
N ARG E 212 26.55 -45.47 -3.22
CA ARG E 212 26.70 -46.80 -2.65
C ARG E 212 26.55 -46.80 -1.14
N SER E 213 26.93 -45.71 -0.47
CA SER E 213 26.82 -45.64 0.98
C SER E 213 25.38 -45.39 1.44
N THR E 214 24.54 -44.79 0.59
CA THR E 214 23.17 -44.52 0.97
C THR E 214 22.30 -45.78 0.90
N VAL E 215 22.62 -46.71 0.00
CA VAL E 215 21.83 -47.93 -0.12
C VAL E 215 22.17 -48.90 1.00
N ALA E 216 23.41 -48.87 1.50
CA ALA E 216 23.79 -49.79 2.57
C ALA E 216 23.29 -49.34 3.93
N GLN E 217 23.12 -48.03 4.13
CA GLN E 217 22.64 -47.53 5.40
C GLN E 217 21.14 -47.71 5.56
N LEU E 218 20.39 -47.66 4.46
CA LEU E 218 18.94 -47.82 4.53
C LEU E 218 18.54 -49.28 4.74
N VAL E 219 19.33 -50.22 4.20
CA VAL E 219 19.01 -51.63 4.36
C VAL E 219 19.38 -52.16 5.74
N GLN E 220 20.36 -51.54 6.41
CA GLN E 220 20.75 -51.99 7.73
C GLN E 220 19.79 -51.52 8.82
N THR E 221 19.12 -50.38 8.61
CA THR E 221 18.18 -49.89 9.60
C THR E 221 16.87 -50.66 9.59
N LEU E 222 16.45 -51.16 8.44
CA LEU E 222 15.20 -51.91 8.33
C LEU E 222 15.35 -53.33 8.86
N GLU E 223 16.55 -53.91 8.83
CA GLU E 223 16.74 -55.26 9.31
C GLU E 223 16.79 -55.33 10.83
N GLN E 224 17.16 -54.24 11.49
CA GLN E 224 17.23 -54.22 12.95
C GLN E 224 15.86 -54.08 13.60
N ASN E 225 14.86 -53.60 12.86
CA ASN E 225 13.51 -53.42 13.38
C ASN E 225 12.53 -54.43 12.80
N ASP E 226 13.04 -55.52 12.21
CA ASP E 226 12.22 -56.56 11.61
C ASP E 226 11.29 -55.98 10.54
N ALA E 227 11.91 -55.42 9.49
CA ALA E 227 11.16 -54.84 8.40
C ALA E 227 11.75 -55.15 7.02
N MET E 228 12.82 -55.93 6.94
CA MET E 228 13.43 -56.28 5.67
C MET E 228 13.06 -57.67 5.19
N LYS E 229 12.25 -58.41 5.95
CA LYS E 229 11.84 -59.75 5.55
C LYS E 229 10.73 -59.73 4.50
N TYR E 230 9.97 -58.65 4.41
CA TYR E 230 8.88 -58.52 3.45
C TYR E 230 8.95 -57.17 2.75
N SER E 231 10.13 -56.85 2.22
CA SER E 231 10.34 -55.59 1.52
C SER E 231 11.38 -55.79 0.44
N ILE E 232 11.02 -55.49 -0.80
CA ILE E 232 11.93 -55.64 -1.93
C ILE E 232 12.84 -54.42 -2.02
N VAL E 233 14.11 -54.66 -2.32
CA VAL E 233 15.10 -53.59 -2.45
C VAL E 233 15.67 -53.66 -3.85
N VAL E 234 15.48 -52.60 -4.63
CA VAL E 234 15.96 -52.51 -6.00
C VAL E 234 17.17 -51.59 -5.98
N ALA E 235 18.37 -52.18 -5.93
CA ALA E 235 19.60 -51.41 -5.91
C ALA E 235 19.92 -50.91 -7.31
N ALA E 236 20.08 -49.58 -7.44
CA ALA E 236 20.40 -48.96 -8.73
C ALA E 236 21.17 -47.68 -8.45
N THR E 237 22.48 -47.83 -8.27
CA THR E 237 23.35 -46.70 -7.99
C THR E 237 23.65 -45.92 -9.27
N ALA E 238 24.27 -44.75 -9.10
CA ALA E 238 24.63 -43.89 -10.21
C ALA E 238 25.97 -44.24 -10.84
N SER E 239 26.67 -45.26 -10.30
CA SER E 239 27.96 -45.66 -10.83
C SER E 239 27.85 -46.64 -11.99
N GLU E 240 26.64 -47.07 -12.33
CA GLU E 240 26.44 -48.01 -13.43
C GLU E 240 26.18 -47.23 -14.72
N ALA E 241 25.60 -47.88 -15.72
CA ALA E 241 25.31 -47.23 -16.99
C ALA E 241 23.99 -46.47 -16.90
N ALA E 242 23.63 -45.81 -18.00
CA ALA E 242 22.40 -45.04 -18.06
C ALA E 242 21.23 -45.95 -18.37
N PRO E 243 21.46 -47.16 -18.86
CA PRO E 243 20.36 -48.07 -19.16
C PRO E 243 19.84 -48.79 -17.91
N LEU E 244 20.72 -48.98 -16.93
CA LEU E 244 20.32 -49.65 -15.70
C LEU E 244 19.54 -48.73 -14.77
N GLN E 245 19.88 -47.44 -14.74
CA GLN E 245 19.18 -46.50 -13.87
C GLN E 245 17.85 -46.06 -14.47
N TYR E 246 17.75 -46.01 -15.80
CA TYR E 246 16.49 -45.61 -16.42
C TYR E 246 15.45 -46.71 -16.38
N LEU E 247 15.88 -47.97 -16.39
CA LEU E 247 14.99 -49.11 -16.34
C LEU E 247 14.73 -49.60 -14.93
N ALA E 248 15.12 -48.83 -13.91
CA ALA E 248 14.91 -49.22 -12.52
C ALA E 248 13.45 -49.03 -12.14
N PRO E 249 12.74 -48.10 -12.77
CA PRO E 249 11.32 -47.90 -12.42
C PRO E 249 10.43 -48.96 -13.03
N PHE E 250 10.78 -49.43 -14.24
CA PHE E 250 9.98 -50.45 -14.90
C PHE E 250 10.25 -51.84 -14.34
N THR E 251 11.48 -52.10 -13.88
CA THR E 251 11.80 -53.41 -13.32
C THR E 251 11.23 -53.58 -11.91
N ALA E 252 11.19 -52.49 -11.13
CA ALA E 252 10.64 -52.58 -9.78
C ALA E 252 9.12 -52.68 -9.79
N CYS E 253 8.47 -52.11 -10.80
CA CYS E 253 7.01 -52.17 -10.87
C CYS E 253 6.52 -53.54 -11.33
N ALA E 254 7.35 -54.28 -12.09
CA ALA E 254 6.95 -55.60 -12.54
C ALA E 254 7.03 -56.65 -11.43
N ILE E 255 8.00 -56.50 -10.53
CA ILE E 255 8.13 -57.46 -9.43
C ILE E 255 7.06 -57.23 -8.38
N ALA E 256 6.66 -55.98 -8.15
CA ALA E 256 5.64 -55.67 -7.16
C ALA E 256 4.23 -55.91 -7.68
N GLU E 257 4.05 -56.10 -8.98
CA GLU E 257 2.73 -56.35 -9.54
C GLU E 257 2.25 -57.78 -9.36
N TRP E 258 3.14 -58.69 -8.95
CA TRP E 258 2.73 -60.08 -8.75
C TRP E 258 1.90 -60.24 -7.49
N PHE E 259 2.12 -59.39 -6.48
CA PHE E 259 1.35 -59.48 -5.25
C PHE E 259 -0.05 -58.89 -5.40
N ARG E 260 -0.21 -57.85 -6.23
CA ARG E 260 -1.51 -57.24 -6.43
C ARG E 260 -2.41 -58.07 -7.33
N ASP E 261 -1.86 -58.92 -8.17
CA ASP E 261 -2.63 -59.76 -9.07
C ASP E 261 -3.01 -61.10 -8.45
N ASN E 262 -2.57 -61.38 -7.23
CA ASN E 262 -2.87 -62.63 -6.54
C ASN E 262 -3.87 -62.47 -5.41
N GLY E 263 -3.75 -61.41 -4.61
CA GLY E 263 -4.67 -61.19 -3.52
C GLY E 263 -4.04 -60.44 -2.36
N LYS E 264 -2.83 -59.92 -2.57
CA LYS E 264 -2.10 -59.17 -1.56
C LYS E 264 -1.97 -57.72 -1.99
N HIS E 265 -1.31 -56.92 -1.15
CA HIS E 265 -1.09 -55.51 -1.40
C HIS E 265 0.39 -55.22 -1.48
N ALA E 266 0.74 -54.20 -2.26
CA ALA E 266 2.13 -53.79 -2.45
C ALA E 266 2.24 -52.28 -2.30
N LEU E 267 3.47 -51.81 -2.15
CA LEU E 267 3.74 -50.37 -2.00
C LEU E 267 5.12 -50.09 -2.57
N ILE E 268 5.17 -49.40 -3.70
CA ILE E 268 6.42 -49.06 -4.36
C ILE E 268 6.83 -47.65 -3.93
N VAL E 269 8.14 -47.45 -3.76
CA VAL E 269 8.69 -46.16 -3.35
C VAL E 269 9.81 -45.85 -4.35
N TYR E 270 9.50 -45.10 -5.40
CA TYR E 270 10.47 -44.73 -6.42
C TYR E 270 11.27 -43.54 -5.91
N ASP E 271 12.45 -43.82 -5.34
CA ASP E 271 13.34 -42.79 -4.80
C ASP E 271 14.59 -42.74 -5.65
N ASP E 272 14.72 -41.70 -6.46
CA ASP E 272 13.73 -40.64 -6.55
C ASP E 272 13.24 -40.45 -7.97
N LEU E 273 12.15 -39.69 -8.14
CA LEU E 273 11.61 -39.43 -9.47
C LEU E 273 12.48 -38.50 -10.29
N SER E 274 13.25 -37.63 -9.65
CA SER E 274 14.12 -36.72 -10.40
C SER E 274 15.34 -37.43 -10.97
N LYS E 275 15.81 -38.48 -10.30
CA LYS E 275 16.97 -39.22 -10.80
C LYS E 275 16.60 -40.13 -11.97
N GLN E 276 15.35 -40.57 -12.04
CA GLN E 276 14.93 -41.44 -13.14
C GLN E 276 14.80 -40.68 -14.45
N ALA E 277 14.46 -39.39 -14.40
CA ALA E 277 14.32 -38.58 -15.60
C ALA E 277 15.66 -38.22 -16.21
N VAL E 278 16.71 -38.12 -15.41
CA VAL E 278 18.03 -37.77 -15.94
C VAL E 278 18.67 -38.97 -16.64
N ALA E 279 18.35 -40.19 -16.21
CA ALA E 279 18.91 -41.37 -16.83
C ALA E 279 18.27 -41.67 -18.18
N TYR E 280 16.99 -41.35 -18.35
CA TYR E 280 16.33 -41.60 -19.63
C TYR E 280 16.75 -40.59 -20.69
N ARG E 281 17.02 -39.35 -20.28
CA ARG E 281 17.46 -38.33 -21.24
C ARG E 281 18.91 -38.49 -21.66
N GLN E 282 19.73 -39.19 -20.86
CA GLN E 282 21.12 -39.38 -21.20
C GLN E 282 21.29 -40.41 -22.32
N LEU E 283 20.48 -41.47 -22.31
CA LEU E 283 20.57 -42.49 -23.35
C LEU E 283 19.94 -42.02 -24.65
N SER E 284 18.96 -41.12 -24.58
CA SER E 284 18.32 -40.63 -25.80
C SER E 284 19.17 -39.59 -26.52
N LEU E 285 20.01 -38.85 -25.79
CA LEU E 285 20.85 -37.85 -26.40
C LEU E 285 22.03 -38.46 -27.16
N LEU E 286 22.46 -39.66 -26.76
CA LEU E 286 23.57 -40.33 -27.42
C LEU E 286 23.13 -41.23 -28.56
N LEU E 287 21.83 -41.42 -28.76
CA LEU E 287 21.29 -42.25 -29.83
C LEU E 287 20.86 -41.44 -31.04
N ARG E 288 21.36 -40.20 -31.17
CA ARG E 288 21.04 -39.31 -32.29
C ARG E 288 19.53 -39.09 -32.38
N ARG E 289 19.02 -38.36 -31.40
CA ARG E 289 17.60 -38.03 -31.32
C ARG E 289 17.43 -36.56 -31.01
N PRO E 290 16.31 -35.98 -31.41
CA PRO E 290 16.07 -34.55 -31.15
C PRO E 290 15.62 -34.32 -29.72
N PRO E 291 16.05 -33.23 -29.09
CA PRO E 291 15.64 -32.96 -27.71
C PRO E 291 14.44 -32.04 -27.62
N GLY E 292 14.03 -31.71 -26.41
CA GLY E 292 12.88 -30.84 -26.20
C GLY E 292 13.12 -29.77 -25.15
N ARG E 293 12.25 -29.74 -24.14
CA ARG E 293 12.37 -28.77 -23.06
C ARG E 293 13.25 -29.31 -21.95
N GLU E 294 14.11 -28.44 -21.43
CA GLU E 294 15.04 -28.78 -20.34
C GLU E 294 15.95 -29.96 -20.72
N ALA E 295 16.32 -30.04 -21.99
CA ALA E 295 17.20 -31.09 -22.51
C ALA E 295 16.63 -32.47 -22.21
N TYR E 296 15.40 -32.69 -22.67
CA TYR E 296 14.68 -33.94 -22.49
C TYR E 296 14.13 -34.41 -23.83
N PRO E 297 13.71 -35.65 -23.93
CA PRO E 297 13.18 -36.18 -25.19
C PRO E 297 11.70 -35.79 -25.34
N GLY E 298 11.09 -36.28 -26.42
CA GLY E 298 9.70 -35.99 -26.68
C GLY E 298 8.76 -36.75 -25.77
N ASP E 299 9.15 -37.94 -25.34
CA ASP E 299 8.32 -38.77 -24.46
C ASP E 299 8.71 -38.58 -23.00
N VAL E 300 8.80 -37.32 -22.57
CA VAL E 300 9.17 -37.05 -21.19
C VAL E 300 7.97 -37.22 -20.28
N PHE E 301 6.80 -36.74 -20.69
CA PHE E 301 5.60 -36.88 -19.87
C PHE E 301 5.02 -38.29 -19.93
N TYR E 302 5.28 -39.02 -21.01
CA TYR E 302 4.75 -40.37 -21.16
C TYR E 302 5.62 -41.41 -20.44
N LEU E 303 6.86 -41.08 -20.13
CA LEU E 303 7.73 -42.03 -19.44
C LEU E 303 7.38 -42.16 -17.96
N HIS E 304 6.92 -41.09 -17.33
CA HIS E 304 6.56 -41.12 -15.92
C HIS E 304 5.09 -41.47 -15.70
N SER E 305 4.23 -41.20 -16.68
CA SER E 305 2.82 -41.52 -16.52
C SER E 305 2.51 -42.99 -16.78
N ARG E 306 3.36 -43.66 -17.57
CA ARG E 306 3.13 -45.07 -17.86
C ARG E 306 3.52 -45.97 -16.68
N LEU E 307 4.55 -45.59 -15.94
CA LEU E 307 4.98 -46.40 -14.79
C LEU E 307 4.18 -46.11 -13.54
N LEU E 308 3.48 -44.97 -13.48
CA LEU E 308 2.68 -44.63 -12.31
C LEU E 308 1.22 -45.06 -12.44
N GLU E 309 0.74 -45.31 -13.65
CA GLU E 309 -0.64 -45.73 -13.84
C GLU E 309 -0.85 -47.22 -13.59
N ARG E 310 0.22 -48.00 -13.52
CA ARG E 310 0.08 -49.44 -13.28
C ARG E 310 -0.19 -49.76 -11.82
N ALA E 311 0.11 -48.85 -10.90
CA ALA E 311 -0.12 -49.06 -9.48
C ALA E 311 -1.51 -48.55 -9.13
N ALA E 312 -2.51 -49.40 -9.37
CA ALA E 312 -3.90 -49.08 -9.10
C ALA E 312 -4.52 -50.19 -8.25
N LYS E 313 -5.75 -49.95 -7.81
CA LYS E 313 -6.49 -50.89 -6.99
C LYS E 313 -7.44 -51.70 -7.88
N MET E 314 -7.27 -53.01 -7.88
CA MET E 314 -8.11 -53.88 -8.69
C MET E 314 -9.46 -54.10 -8.01
N SER E 315 -10.40 -54.66 -8.77
CA SER E 315 -11.74 -54.94 -8.27
C SER E 315 -11.77 -56.33 -7.65
N ASP E 316 -12.97 -56.79 -7.28
CA ASP E 316 -13.12 -58.10 -6.67
C ASP E 316 -13.03 -59.23 -7.70
N ALA E 317 -13.26 -58.95 -8.97
CA ALA E 317 -13.19 -59.98 -10.00
C ALA E 317 -11.76 -60.26 -10.46
N ASN E 318 -10.82 -59.37 -10.14
CA ASN E 318 -9.43 -59.55 -10.53
C ASN E 318 -8.56 -60.13 -9.42
N GLY E 319 -9.05 -60.15 -8.19
CA GLY E 319 -8.28 -60.69 -7.07
C GLY E 319 -8.41 -59.87 -5.81
N GLY E 320 -8.69 -58.57 -5.95
CA GLY E 320 -8.84 -57.70 -4.81
C GLY E 320 -7.56 -57.09 -4.29
N GLY E 321 -6.51 -57.01 -5.12
CA GLY E 321 -5.26 -56.45 -4.71
C GLY E 321 -5.09 -55.00 -5.14
N SER E 322 -4.06 -54.36 -4.61
CA SER E 322 -3.76 -52.97 -4.91
C SER E 322 -2.26 -52.77 -4.86
N LEU E 323 -1.82 -51.60 -5.34
CA LEU E 323 -0.41 -51.25 -5.36
C LEU E 323 -0.27 -49.75 -5.18
N THR E 324 0.59 -49.35 -4.25
CA THR E 324 0.84 -47.94 -3.95
C THR E 324 2.15 -47.50 -4.59
N ALA E 325 2.17 -46.26 -5.08
CA ALA E 325 3.34 -45.67 -5.71
C ALA E 325 3.73 -44.42 -4.96
N LEU E 326 4.90 -44.43 -4.34
CA LEU E 326 5.39 -43.28 -3.58
C LEU E 326 6.60 -42.66 -4.28
N PRO E 327 6.39 -41.88 -5.33
CA PRO E 327 7.51 -41.25 -6.03
C PRO E 327 7.92 -39.95 -5.36
N VAL E 328 9.22 -39.80 -5.11
CA VAL E 328 9.78 -38.61 -4.47
C VAL E 328 10.32 -37.69 -5.55
N ILE E 329 9.76 -36.49 -5.64
CA ILE E 329 10.17 -35.50 -6.62
C ILE E 329 11.14 -34.54 -5.94
N GLU E 330 12.41 -34.62 -6.31
CA GLU E 330 13.44 -33.75 -5.73
C GLU E 330 13.42 -32.42 -6.48
N THR E 331 12.88 -31.40 -5.83
CA THR E 331 12.80 -30.07 -6.43
C THR E 331 14.13 -29.34 -6.26
N GLN E 332 14.25 -28.20 -6.96
CA GLN E 332 15.45 -27.39 -6.90
C GLN E 332 15.47 -26.53 -5.64
N GLY E 333 14.85 -25.36 -5.71
CA GLY E 333 14.80 -24.45 -4.58
C GLY E 333 13.40 -24.14 -4.13
N GLY E 334 12.58 -25.18 -3.94
CA GLY E 334 11.21 -25.01 -3.51
C GLY E 334 10.22 -24.68 -4.61
N ASP E 335 10.64 -24.66 -5.87
CA ASP E 335 9.76 -24.35 -6.98
C ASP E 335 9.02 -25.62 -7.39
N VAL E 336 7.71 -25.67 -7.09
CA VAL E 336 6.90 -26.83 -7.42
C VAL E 336 6.33 -26.77 -8.83
N SER E 337 6.59 -25.68 -9.57
CA SER E 337 6.09 -25.55 -10.93
C SER E 337 7.24 -25.56 -11.94
N ALA E 338 8.05 -26.61 -11.90
CA ALA E 338 9.20 -26.71 -12.82
C ALA E 338 8.82 -27.54 -14.04
N TYR E 339 9.80 -28.24 -14.62
CA TYR E 339 9.56 -29.07 -15.80
C TYR E 339 9.25 -30.51 -15.42
N ILE E 340 10.03 -31.10 -14.52
CA ILE E 340 9.82 -32.48 -14.08
C ILE E 340 8.95 -32.48 -12.84
N PRO E 341 8.76 -31.34 -12.18
CA PRO E 341 7.92 -31.31 -10.98
C PRO E 341 6.44 -31.17 -11.30
N THR E 342 6.14 -30.48 -12.41
CA THR E 342 4.75 -30.29 -12.80
C THR E 342 4.19 -31.51 -13.52
N ASN E 343 5.05 -32.35 -14.09
CA ASN E 343 4.58 -33.54 -14.80
C ASN E 343 4.27 -34.68 -13.85
N VAL E 344 4.93 -34.73 -12.69
CA VAL E 344 4.67 -35.80 -11.74
C VAL E 344 3.52 -35.44 -10.80
N ILE E 345 3.24 -34.14 -10.62
CA ILE E 345 2.16 -33.74 -9.74
C ILE E 345 0.82 -33.79 -10.47
N SER E 346 0.82 -33.61 -11.80
CA SER E 346 -0.43 -33.66 -12.55
C SER E 346 -0.88 -35.08 -12.84
N ILE E 347 0.05 -36.04 -12.85
CA ILE E 347 -0.30 -37.43 -13.10
C ILE E 347 -0.66 -38.20 -11.85
N THR E 348 -0.18 -37.76 -10.68
CA THR E 348 -0.48 -38.43 -9.43
C THR E 348 -1.74 -37.85 -8.78
N ASP E 349 -2.36 -38.65 -7.92
CA ASP E 349 -3.58 -38.25 -7.23
C ASP E 349 -3.25 -37.75 -5.82
N GLY E 350 -2.44 -36.71 -5.77
CA GLY E 350 -2.03 -36.11 -4.51
C GLY E 350 -0.52 -35.97 -4.43
N GLN E 351 -0.08 -34.97 -3.66
CA GLN E 351 1.34 -34.69 -3.48
C GLN E 351 1.56 -34.13 -2.08
N ILE E 352 2.64 -34.57 -1.44
CA ILE E 352 3.01 -34.13 -0.10
C ILE E 352 4.20 -33.19 -0.24
N PHE E 353 3.98 -31.90 0.02
CA PHE E 353 5.05 -30.92 -0.08
C PHE E 353 5.88 -30.90 1.19
N LEU E 354 7.15 -30.55 1.04
CA LEU E 354 8.08 -30.47 2.16
C LEU E 354 8.97 -29.24 1.97
N GLU E 355 8.80 -28.25 2.84
CA GLU E 355 9.56 -27.01 2.77
C GLU E 355 10.75 -27.08 3.72
N ALA E 356 11.80 -26.35 3.39
CA ALA E 356 13.01 -26.31 4.19
C ALA E 356 12.93 -25.30 5.33
N GLU E 357 11.93 -24.43 5.34
CA GLU E 357 11.80 -23.43 6.40
C GLU E 357 11.07 -23.98 7.62
N LEU E 358 10.12 -24.90 7.43
CA LEU E 358 9.38 -25.47 8.55
C LEU E 358 10.15 -26.58 9.26
N PHE E 359 11.18 -27.12 8.62
CA PHE E 359 11.95 -28.19 9.25
C PHE E 359 12.91 -27.66 10.31
N TYR E 360 13.36 -26.41 10.18
CA TYR E 360 14.27 -25.81 11.14
C TYR E 360 13.56 -25.11 12.28
N LYS E 361 12.23 -25.02 12.25
CA LYS E 361 11.48 -24.37 13.31
C LYS E 361 11.11 -25.32 14.44
N GLY E 362 10.73 -26.55 14.11
CA GLY E 362 10.36 -27.52 15.12
C GLY E 362 9.39 -28.56 14.62
N ILE E 363 8.89 -28.38 13.40
CA ILE E 363 7.94 -29.32 12.81
C ILE E 363 8.71 -30.54 12.30
N ARG E 364 8.39 -31.71 12.84
CA ARG E 364 9.04 -32.96 12.45
C ARG E 364 7.96 -33.98 12.07
N PRO E 365 7.76 -34.23 10.77
CA PRO E 365 8.50 -33.60 9.68
C PRO E 365 7.81 -32.35 9.15
N ALA E 366 8.49 -31.62 8.27
CA ALA E 366 7.94 -30.40 7.69
C ALA E 366 6.93 -30.79 6.61
N ILE E 367 5.65 -30.75 6.97
CA ILE E 367 4.57 -31.09 6.05
C ILE E 367 3.58 -29.94 6.07
N ASN E 368 3.52 -29.18 4.97
CA ASN E 368 2.62 -28.05 4.87
C ASN E 368 1.19 -28.53 4.64
N VAL E 369 0.28 -28.10 5.51
CA VAL E 369 -1.11 -28.51 5.37
C VAL E 369 -1.81 -27.71 4.28
N GLY E 370 -1.35 -26.49 4.00
CA GLY E 370 -1.96 -25.67 2.98
C GLY E 370 -1.53 -25.97 1.56
N LEU E 371 -0.50 -26.80 1.38
CA LEU E 371 0.00 -27.15 0.06
C LEU E 371 -0.19 -28.62 -0.30
N SER E 372 -0.26 -29.50 0.70
CA SER E 372 -0.43 -30.92 0.46
C SER E 372 -1.91 -31.29 0.60
N VAL E 373 -2.41 -32.08 -0.36
CA VAL E 373 -3.81 -32.50 -0.36
C VAL E 373 -3.89 -33.86 -1.03
N SER E 374 -4.96 -34.59 -0.73
CA SER E 374 -5.19 -35.92 -1.29
C SER E 374 -6.47 -35.90 -2.12
N ARG E 375 -6.44 -36.59 -3.26
CA ARG E 375 -7.60 -36.66 -4.15
C ARG E 375 -8.62 -37.69 -3.71
N VAL E 376 -8.26 -38.60 -2.81
CA VAL E 376 -9.21 -39.62 -2.36
C VAL E 376 -10.11 -39.07 -1.26
N GLY E 377 -9.60 -38.17 -0.41
CA GLY E 377 -10.38 -37.61 0.66
C GLY E 377 -10.51 -38.52 1.86
N SER E 378 -11.69 -38.59 2.45
CA SER E 378 -11.95 -39.43 3.61
C SER E 378 -12.54 -40.79 3.23
N ALA E 379 -12.54 -41.14 1.94
CA ALA E 379 -13.08 -42.42 1.51
C ALA E 379 -12.11 -43.58 1.74
N ALA E 380 -10.82 -43.29 1.87
CA ALA E 380 -9.83 -44.34 2.08
C ALA E 380 -9.18 -44.20 3.45
N GLN E 381 -10.00 -44.06 4.50
CA GLN E 381 -9.51 -43.92 5.85
C GLN E 381 -10.43 -44.66 6.81
N VAL E 382 -9.99 -44.78 8.06
CA VAL E 382 -10.79 -45.47 9.07
C VAL E 382 -11.91 -44.56 9.56
N LYS E 383 -12.99 -45.18 10.02
CA LYS E 383 -14.14 -44.42 10.52
C LYS E 383 -13.86 -43.80 11.89
N ALA E 384 -12.95 -44.39 12.67
CA ALA E 384 -12.64 -43.85 13.98
C ALA E 384 -11.77 -42.59 13.88
N MET E 385 -10.84 -42.56 12.92
CA MET E 385 -9.99 -41.40 12.75
C MET E 385 -10.65 -40.30 11.93
N LYS E 386 -11.71 -40.62 11.18
CA LYS E 386 -12.39 -39.61 10.38
C LYS E 386 -13.26 -38.68 11.22
N GLN E 387 -13.67 -39.10 12.41
CA GLN E 387 -14.48 -38.24 13.25
C GLN E 387 -13.66 -37.12 13.88
N VAL E 388 -12.40 -37.39 14.21
CA VAL E 388 -11.55 -36.37 14.80
C VAL E 388 -10.85 -35.53 13.72
N ALA E 389 -10.67 -36.06 12.52
CA ALA E 389 -10.02 -35.32 11.45
C ALA E 389 -10.95 -34.30 10.79
N GLY E 390 -12.27 -34.42 11.00
CA GLY E 390 -13.19 -33.48 10.40
C GLY E 390 -13.15 -32.12 11.07
N SER E 391 -13.15 -32.11 12.41
CA SER E 391 -13.11 -30.85 13.15
C SER E 391 -11.71 -30.24 13.18
N LEU E 392 -10.67 -31.05 13.04
CA LEU E 392 -9.31 -30.55 13.04
C LEU E 392 -8.91 -29.87 11.74
N LYS E 393 -9.58 -30.21 10.63
CA LYS E 393 -9.26 -29.59 9.35
C LYS E 393 -9.75 -28.15 9.28
N LEU E 394 -10.87 -27.82 9.92
CA LEU E 394 -11.38 -26.46 9.90
C LEU E 394 -10.62 -25.55 10.85
N PHE E 395 -10.12 -26.10 11.96
CA PHE E 395 -9.36 -25.30 12.92
C PHE E 395 -7.95 -25.01 12.44
N LEU E 396 -7.35 -25.94 11.69
CA LEU E 396 -6.00 -25.73 11.19
C LEU E 396 -5.96 -24.74 10.03
N ALA E 397 -7.01 -24.70 9.21
CA ALA E 397 -7.05 -23.78 8.09
C ALA E 397 -7.32 -22.34 8.52
N GLN E 398 -8.10 -22.16 9.59
CA GLN E 398 -8.39 -20.82 10.08
C GLN E 398 -7.24 -20.22 10.87
N TYR E 399 -6.43 -21.07 11.52
CA TYR E 399 -5.29 -20.59 12.29
C TYR E 399 -4.10 -20.23 11.41
N ARG E 400 -4.02 -20.78 10.20
CA ARG E 400 -2.90 -20.46 9.32
C ARG E 400 -3.06 -19.08 8.68
N GLU E 401 -4.30 -18.69 8.38
CA GLU E 401 -4.52 -17.38 7.78
C GLU E 401 -4.42 -16.26 8.80
N VAL E 402 -4.66 -16.56 10.07
CA VAL E 402 -4.58 -15.58 11.15
C VAL E 402 -3.32 -15.77 11.99
N ALA E 403 -2.29 -16.40 11.42
CA ALA E 403 -1.04 -16.63 12.13
C ALA E 403 -0.16 -15.38 12.20
N ALA E 404 -0.47 -14.34 11.43
CA ALA E 404 0.32 -13.11 11.44
C ALA E 404 0.07 -12.26 12.67
N PHE E 405 -1.00 -12.52 13.41
CA PHE E 405 -1.33 -11.75 14.61
C PHE E 405 -0.70 -12.34 15.88
N ALA E 406 0.19 -13.31 15.74
CA ALA E 406 0.84 -13.91 16.90
C ALA E 406 1.90 -13.02 17.51
N GLN E 407 2.46 -12.09 16.73
CA GLN E 407 3.49 -11.19 17.25
C GLN E 407 2.92 -10.09 18.14
N PHE E 408 1.63 -9.79 18.02
CA PHE E 408 0.97 -8.75 18.81
C PHE E 408 -0.06 -9.44 19.70
N GLY E 409 0.42 -10.08 20.77
CA GLY E 409 -0.46 -10.76 21.69
C GLY E 409 -1.20 -9.87 22.67
N SER E 410 -0.84 -8.59 22.75
CA SER E 410 -1.49 -7.66 23.65
C SER E 410 -2.72 -7.01 23.05
N ASP E 411 -3.07 -7.33 21.80
CA ASP E 411 -4.23 -6.77 21.13
C ASP E 411 -5.14 -7.86 20.60
N LEU E 412 -5.16 -9.01 21.26
CA LEU E 412 -6.00 -10.13 20.86
C LEU E 412 -7.39 -10.02 21.49
N ASP E 413 -8.39 -10.46 20.74
CA ASP E 413 -9.77 -10.43 21.18
C ASP E 413 -10.16 -11.80 21.76
N ALA E 414 -11.46 -12.05 21.90
CA ALA E 414 -11.92 -13.33 22.44
C ALA E 414 -11.79 -14.44 21.41
N SER E 415 -12.23 -14.19 20.17
CA SER E 415 -12.14 -15.20 19.12
C SER E 415 -10.72 -15.38 18.60
N THR E 416 -9.88 -14.35 18.68
CA THR E 416 -8.51 -14.46 18.20
C THR E 416 -7.62 -15.24 19.17
N LYS E 417 -7.89 -15.13 20.47
CA LYS E 417 -7.08 -15.85 21.46
C LYS E 417 -7.40 -17.33 21.49
N GLN E 418 -8.65 -17.71 21.18
CA GLN E 418 -9.03 -19.11 21.19
C GLN E 418 -8.48 -19.87 19.99
N THR E 419 -8.35 -19.19 18.84
CA THR E 419 -7.82 -19.84 17.65
C THR E 419 -6.30 -19.98 17.69
N LEU E 420 -5.61 -19.05 18.35
CA LEU E 420 -4.16 -19.12 18.44
C LEU E 420 -3.70 -20.18 19.44
N SER E 421 -4.44 -20.36 20.53
CA SER E 421 -4.06 -21.36 21.53
C SER E 421 -4.38 -22.77 21.06
N ARG E 422 -5.50 -22.95 20.36
CA ARG E 422 -5.88 -24.27 19.87
C ARG E 422 -5.08 -24.67 18.63
N GLY E 423 -4.67 -23.69 17.82
CA GLY E 423 -3.89 -24.01 16.64
C GLY E 423 -2.45 -24.37 16.92
N GLU E 424 -1.87 -23.79 17.98
CA GLU E 424 -0.49 -24.10 18.33
C GLU E 424 -0.35 -25.46 19.00
N ARG E 425 -1.37 -25.90 19.74
CA ARG E 425 -1.31 -27.20 20.40
C ARG E 425 -1.57 -28.34 19.42
N LEU E 426 -2.35 -28.10 18.37
CA LEU E 426 -2.63 -29.15 17.39
C LEU E 426 -1.45 -29.40 16.47
N THR E 427 -0.69 -28.36 16.13
CA THR E 427 0.47 -28.54 15.25
C THR E 427 1.64 -29.18 15.97
N GLN E 428 1.80 -28.91 17.27
CA GLN E 428 2.90 -29.49 18.03
C GLN E 428 2.63 -30.93 18.45
N LEU E 429 1.36 -31.33 18.56
CA LEU E 429 1.04 -32.70 18.95
C LEU E 429 1.25 -33.68 17.81
N LEU E 430 1.17 -33.21 16.57
CA LEU E 430 1.37 -34.09 15.41
C LEU E 430 2.84 -34.28 15.05
N LYS E 431 3.75 -33.57 15.71
CA LYS E 431 5.17 -33.69 15.43
C LYS E 431 5.73 -34.94 16.13
N GLN E 432 6.20 -35.89 15.33
CA GLN E 432 6.76 -37.13 15.86
C GLN E 432 8.25 -37.21 15.54
N LYS E 433 8.95 -38.06 16.27
CA LYS E 433 10.37 -38.25 16.08
C LYS E 433 10.64 -39.20 14.92
N GLN E 434 11.91 -39.39 14.60
CA GLN E 434 12.30 -40.27 13.51
C GLN E 434 12.19 -41.73 13.95
N TYR E 435 11.64 -42.55 13.05
CA TYR E 435 11.46 -43.98 13.29
C TYR E 435 10.62 -44.23 14.55
N SER E 436 9.52 -43.48 14.68
CA SER E 436 8.62 -43.58 15.82
C SER E 436 7.19 -43.45 15.33
N PRO E 437 6.70 -44.44 14.58
CA PRO E 437 5.33 -44.37 14.08
C PRO E 437 4.31 -44.83 15.11
N GLN E 438 3.11 -44.26 15.01
CA GLN E 438 2.02 -44.57 15.91
C GLN E 438 0.94 -45.35 15.18
N ALA E 439 0.11 -46.04 15.95
CA ALA E 439 -0.97 -46.84 15.38
C ALA E 439 -2.22 -45.98 15.23
N SER E 440 -3.33 -46.60 14.83
CA SER E 440 -4.57 -45.85 14.65
C SER E 440 -5.29 -45.59 15.96
N GLU E 441 -5.06 -46.43 16.98
CA GLU E 441 -5.71 -46.25 18.26
C GLU E 441 -5.04 -45.17 19.10
N GLU E 442 -3.71 -45.01 18.96
CA GLU E 442 -3.00 -43.99 19.73
C GLU E 442 -3.15 -42.61 19.13
N GLN E 443 -3.36 -42.52 17.82
CA GLN E 443 -3.52 -41.22 17.16
C GLN E 443 -4.93 -40.67 17.27
N VAL E 444 -5.92 -41.53 17.54
CA VAL E 444 -7.31 -41.10 17.67
C VAL E 444 -7.52 -40.50 19.05
N PRO E 445 -6.77 -40.95 20.07
CA PRO E 445 -6.95 -40.39 21.41
C PRO E 445 -6.23 -39.06 21.59
N VAL E 446 -5.16 -38.86 20.82
CA VAL E 446 -4.41 -37.61 20.93
C VAL E 446 -5.05 -36.50 20.11
N ILE E 447 -5.77 -36.86 19.03
CA ILE E 447 -6.41 -35.83 18.22
C ILE E 447 -7.75 -35.40 18.83
N TYR E 448 -8.35 -36.24 19.66
CA TYR E 448 -9.62 -35.89 20.27
C TYR E 448 -9.44 -34.96 21.46
N ALA E 449 -8.28 -35.00 22.13
CA ALA E 449 -8.03 -34.14 23.27
C ALA E 449 -7.65 -32.73 22.87
N GLY E 450 -7.18 -32.53 21.64
CA GLY E 450 -6.80 -31.20 21.19
C GLY E 450 -7.89 -30.49 20.42
N VAL E 451 -8.82 -31.27 19.86
CA VAL E 451 -9.92 -30.68 19.10
C VAL E 451 -11.11 -30.33 20.00
N ASN E 452 -11.27 -31.04 21.12
CA ASN E 452 -12.38 -30.74 22.02
C ASN E 452 -12.09 -29.54 22.91
N GLY E 453 -10.87 -29.46 23.45
CA GLY E 453 -10.50 -28.36 24.31
C GLY E 453 -9.84 -28.81 25.60
N PHE E 454 -9.39 -30.05 25.63
CA PHE E 454 -8.73 -30.60 26.81
C PHE E 454 -7.23 -30.30 26.86
N LEU E 455 -6.67 -29.73 25.79
CA LEU E 455 -5.25 -29.42 25.74
C LEU E 455 -4.99 -27.92 25.74
N ASP E 456 -6.04 -27.10 25.85
CA ASP E 456 -5.87 -25.65 25.85
C ASP E 456 -5.37 -25.12 27.19
N ASN E 457 -5.60 -25.85 28.28
CA ASN E 457 -5.16 -25.40 29.60
C ASN E 457 -3.68 -25.70 29.85
N ILE E 458 -3.07 -26.58 29.06
CA ILE E 458 -1.67 -26.93 29.22
C ILE E 458 -0.81 -25.87 28.53
N PRO E 459 0.48 -25.83 28.80
CA PRO E 459 1.35 -24.84 28.15
C PRO E 459 1.83 -25.34 26.79
N ILE E 460 2.55 -24.46 26.09
CA ILE E 460 3.08 -24.81 24.78
C ILE E 460 4.32 -25.68 24.91
N GLU E 461 5.14 -25.44 25.94
CA GLU E 461 6.35 -26.23 26.14
C GLU E 461 6.06 -27.61 26.72
N ARG E 462 4.89 -27.81 27.32
CA ARG E 462 4.52 -29.09 27.90
C ARG E 462 3.74 -29.98 26.93
N ILE E 463 3.76 -29.65 25.64
CA ILE E 463 3.04 -30.43 24.63
C ILE E 463 3.82 -31.71 24.35
N PRO E 464 5.15 -31.70 24.53
CA PRO E 464 5.92 -32.93 24.27
C PRO E 464 5.79 -33.95 25.39
N GLU E 465 5.69 -33.46 26.63
CA GLU E 465 5.55 -34.35 27.77
C GLU E 465 4.13 -34.87 27.94
N PHE E 466 3.13 -34.17 27.41
CA PHE E 466 1.75 -34.62 27.52
C PHE E 466 1.40 -35.72 26.53
N GLU E 467 2.20 -35.89 25.48
CA GLU E 467 1.92 -36.94 24.50
C GLU E 467 2.35 -38.31 25.00
N GLU E 468 3.44 -38.37 25.75
CA GLU E 468 3.92 -39.66 26.28
C GLU E 468 3.22 -40.05 27.57
N GLN E 469 2.76 -39.06 28.35
CA GLN E 469 2.07 -39.36 29.60
C GLN E 469 0.64 -39.82 29.36
N PHE E 470 -0.03 -39.27 28.36
CA PHE E 470 -1.41 -39.68 28.08
C PHE E 470 -1.47 -41.01 27.35
N ILE E 471 -0.44 -41.36 26.59
CA ILE E 471 -0.44 -42.63 25.88
C ILE E 471 -0.08 -43.79 26.80
N ALA E 472 0.76 -43.55 27.81
CA ALA E 472 1.13 -44.61 28.73
C ALA E 472 0.05 -44.87 29.78
N TYR E 473 -0.68 -43.84 30.19
CA TYR E 473 -1.73 -44.02 31.17
C TYR E 473 -2.98 -44.66 30.58
N LEU E 474 -3.19 -44.50 29.27
CA LEU E 474 -4.36 -45.08 28.62
C LEU E 474 -4.21 -46.57 28.33
N LYS E 475 -2.98 -47.09 28.38
CA LYS E 475 -2.74 -48.51 28.13
C LYS E 475 -2.82 -49.36 29.38
N ALA E 476 -2.88 -48.75 30.57
CA ALA E 476 -2.95 -49.48 31.81
C ALA E 476 -4.25 -49.25 32.57
N ASN E 477 -4.90 -48.10 32.41
CA ASN E 477 -6.15 -47.79 33.09
C ASN E 477 -7.37 -48.04 32.21
N GLU E 478 -7.38 -47.50 30.99
CA GLU E 478 -8.50 -47.69 30.08
C GLU E 478 -8.06 -48.46 28.83
N GLY E 479 -7.67 -49.71 29.01
CA GLY E 479 -7.23 -50.52 27.88
C GLY E 479 -8.35 -51.00 26.99
N ASP E 480 -9.59 -51.01 27.49
CA ASP E 480 -10.73 -51.45 26.70
C ASP E 480 -11.15 -50.44 25.65
N ILE E 481 -10.84 -49.15 25.85
CA ILE E 481 -11.22 -48.13 24.88
C ILE E 481 -10.24 -48.11 23.72
N LEU E 482 -8.96 -48.41 23.95
CA LEU E 482 -7.98 -48.41 22.88
C LEU E 482 -8.07 -49.65 22.01
N GLU E 483 -8.44 -50.80 22.59
CA GLU E 483 -8.55 -52.02 21.82
C GLU E 483 -9.83 -52.06 20.99
N ALA E 484 -10.89 -51.38 21.43
CA ALA E 484 -12.13 -51.36 20.68
C ALA E 484 -12.07 -50.42 19.47
N ILE E 485 -11.23 -49.38 19.53
CA ILE E 485 -11.11 -48.46 18.42
C ILE E 485 -10.28 -49.02 17.28
N ARG E 486 -9.45 -50.03 17.54
CA ARG E 486 -8.62 -50.63 16.50
C ARG E 486 -9.28 -51.83 15.84
N THR E 487 -10.06 -52.60 16.59
CA THR E 487 -10.73 -53.77 16.02
C THR E 487 -11.95 -53.36 15.20
N LYS E 488 -12.83 -52.55 15.78
CA LYS E 488 -14.03 -52.11 15.06
C LYS E 488 -13.71 -51.02 14.04
N GLY E 489 -12.78 -50.11 14.38
CA GLY E 489 -12.41 -49.04 13.48
C GLY E 489 -13.37 -47.89 13.42
N GLU E 490 -14.32 -47.80 14.35
CA GLU E 490 -15.30 -46.72 14.38
C GLU E 490 -15.52 -46.31 15.84
N LEU E 491 -16.46 -45.41 16.05
CA LEU E 491 -16.79 -44.92 17.39
C LEU E 491 -18.29 -44.75 17.48
N SER E 492 -18.92 -45.47 18.41
CA SER E 492 -20.36 -45.40 18.62
C SER E 492 -20.66 -44.38 19.72
N SER E 493 -21.84 -44.49 20.34
CA SER E 493 -22.20 -43.56 21.41
C SER E 493 -21.51 -43.89 22.73
N GLU E 494 -21.26 -45.17 22.99
CA GLU E 494 -20.59 -45.58 24.23
C GLU E 494 -19.10 -45.25 24.23
N LEU E 495 -18.47 -45.17 23.05
CA LEU E 495 -17.05 -44.86 22.98
C LEU E 495 -16.76 -43.38 23.16
N LEU E 496 -17.72 -42.50 22.83
CA LEU E 496 -17.51 -41.07 22.96
C LEU E 496 -17.62 -40.61 24.42
N ASP E 497 -18.51 -41.22 25.20
CA ASP E 497 -18.67 -40.83 26.58
C ASP E 497 -17.54 -41.35 27.47
N LYS E 498 -16.98 -42.52 27.13
CA LYS E 498 -15.90 -43.07 27.94
C LYS E 498 -14.58 -42.36 27.67
N LEU E 499 -14.37 -41.85 26.45
CA LEU E 499 -13.13 -41.15 26.13
C LEU E 499 -13.09 -39.75 26.73
N LYS E 500 -14.24 -39.10 26.88
CA LYS E 500 -14.28 -37.77 27.45
C LYS E 500 -14.09 -37.78 28.97
N SER E 501 -14.51 -38.86 29.64
CA SER E 501 -14.36 -38.95 31.08
C SER E 501 -12.94 -39.31 31.49
N ALA E 502 -12.23 -40.07 30.67
CA ALA E 502 -10.86 -40.46 31.00
C ALA E 502 -9.87 -39.34 30.74
N THR E 503 -10.15 -38.47 29.75
CA THR E 503 -9.25 -37.37 29.45
C THR E 503 -9.41 -36.21 30.43
N GLU E 504 -10.60 -36.06 31.03
CA GLU E 504 -10.82 -34.97 31.97
C GLU E 504 -10.23 -35.28 33.34
N THR E 505 -10.16 -36.56 33.72
CA THR E 505 -9.60 -36.91 35.02
C THR E 505 -8.07 -36.87 35.02
N PHE E 506 -7.45 -37.09 33.85
CA PHE E 506 -6.00 -37.07 33.74
C PHE E 506 -5.43 -35.68 33.46
N VAL E 507 -6.29 -34.70 33.13
CA VAL E 507 -5.82 -33.35 32.85
C VAL E 507 -5.70 -32.50 34.11
N ALA E 508 -6.11 -33.00 35.27
CA ALA E 508 -6.03 -32.26 36.51
C ALA E 508 -4.69 -32.42 37.22
N THR E 509 -3.80 -33.26 36.68
CA THR E 509 -2.49 -33.48 37.30
C THR E 509 -1.37 -33.19 36.30
N PRO F 7 -33.02 -18.89 -66.59
CA PRO F 7 -33.91 -18.48 -67.69
C PRO F 7 -33.82 -19.41 -68.90
N THR F 8 -34.85 -20.23 -69.09
CA THR F 8 -34.94 -21.17 -70.19
C THR F 8 -33.71 -22.08 -70.23
N GLU F 9 -33.67 -23.07 -69.33
CA GLU F 9 -32.58 -24.03 -69.23
C GLU F 9 -31.24 -23.32 -69.04
N VAL F 10 -30.98 -22.86 -67.81
CA VAL F 10 -29.72 -22.17 -67.53
C VAL F 10 -28.55 -23.14 -67.46
N SER F 11 -28.82 -24.42 -67.24
CA SER F 11 -27.75 -25.42 -67.16
C SER F 11 -27.15 -25.75 -68.52
N SER F 12 -27.88 -25.50 -69.61
CA SER F 12 -27.38 -25.79 -70.94
C SER F 12 -26.39 -24.75 -71.44
N ILE F 13 -26.42 -23.54 -70.87
CA ILE F 13 -25.49 -22.51 -71.31
C ILE F 13 -24.10 -22.71 -70.72
N LEU F 14 -24.01 -23.22 -69.49
CA LEU F 14 -22.72 -23.46 -68.86
C LEU F 14 -22.05 -24.73 -69.36
N GLU F 15 -22.82 -25.71 -69.86
CA GLU F 15 -22.24 -26.94 -70.35
C GLU F 15 -21.64 -26.77 -71.75
N SER F 16 -22.20 -25.87 -72.56
CA SER F 16 -21.68 -25.67 -73.90
C SER F 16 -20.40 -24.84 -73.90
N LYS F 17 -20.26 -23.90 -72.97
CA LYS F 17 -19.07 -23.07 -72.91
C LYS F 17 -17.89 -23.77 -72.24
N ILE F 18 -18.15 -24.82 -71.46
CA ILE F 18 -17.09 -25.57 -70.77
C ILE F 18 -16.77 -26.88 -71.48
N ARG F 19 -17.25 -27.05 -72.71
CA ARG F 19 -16.97 -28.28 -73.45
C ARG F 19 -15.58 -28.27 -74.06
N GLY F 20 -15.22 -27.18 -74.75
CA GLY F 20 -13.91 -27.08 -75.37
C GLY F 20 -13.05 -26.04 -74.72
N VAL F 21 -12.03 -26.48 -73.97
CA VAL F 21 -11.11 -25.58 -73.29
C VAL F 21 -9.72 -26.20 -73.25
N SER F 22 -9.66 -27.48 -72.89
CA SER F 22 -8.39 -28.19 -72.81
C SER F 22 -7.98 -28.61 -74.22
N ASP F 23 -7.00 -27.89 -74.79
CA ASP F 23 -6.52 -28.18 -76.12
C ASP F 23 -5.00 -28.21 -76.25
N GLU F 24 -4.26 -27.59 -75.32
CA GLU F 24 -2.80 -27.59 -75.39
C GLU F 24 -2.28 -27.50 -73.95
N ALA F 25 -1.98 -28.66 -73.37
CA ALA F 25 -1.47 -28.73 -72.00
C ALA F 25 -0.56 -29.95 -71.85
N ASN F 26 0.35 -30.13 -72.81
CA ASN F 26 1.29 -31.27 -72.79
C ASN F 26 2.60 -30.79 -73.44
N LEU F 27 3.39 -30.05 -72.66
CA LEU F 27 4.67 -29.52 -73.12
C LEU F 27 5.70 -29.62 -72.01
N ASP F 28 5.84 -30.82 -71.44
CA ASP F 28 6.79 -31.09 -70.36
C ASP F 28 6.55 -30.17 -69.18
N GLU F 29 7.14 -28.97 -69.22
CA GLU F 29 7.03 -27.96 -68.16
C GLU F 29 7.57 -28.57 -66.87
N THR F 30 6.76 -28.74 -65.82
CA THR F 30 7.24 -29.31 -64.59
C THR F 30 7.36 -30.83 -64.70
N GLY F 31 8.14 -31.41 -63.80
CA GLY F 31 8.35 -32.85 -63.78
C GLY F 31 7.56 -33.55 -62.69
N ARG F 32 8.27 -34.09 -61.70
CA ARG F 32 7.66 -34.79 -60.59
C ARG F 32 8.28 -34.30 -59.28
N VAL F 33 7.88 -34.92 -58.18
CA VAL F 33 8.39 -34.56 -56.86
C VAL F 33 9.19 -35.72 -56.29
N LEU F 34 9.74 -35.53 -55.09
CA LEU F 34 10.54 -36.56 -54.45
C LEU F 34 10.03 -36.85 -53.04
N SER F 35 10.01 -35.82 -52.19
CA SER F 35 9.55 -35.96 -50.81
C SER F 35 8.62 -34.80 -50.49
N VAL F 36 7.83 -34.98 -49.44
CA VAL F 36 6.88 -33.97 -48.99
C VAL F 36 6.68 -34.13 -47.49
N GLY F 37 6.60 -33.01 -46.77
CA GLY F 37 6.41 -33.03 -45.34
C GLY F 37 6.69 -31.70 -44.67
N ASP F 38 6.06 -31.47 -43.52
CA ASP F 38 6.23 -30.23 -42.76
C ASP F 38 5.88 -29.00 -43.60
N GLY F 39 4.83 -29.12 -44.40
CA GLY F 39 4.40 -28.01 -45.24
C GLY F 39 5.30 -27.70 -46.40
N ILE F 40 6.19 -28.61 -46.78
CA ILE F 40 7.11 -28.41 -47.89
C ILE F 40 7.00 -29.60 -48.85
N ALA F 41 7.57 -29.43 -50.03
CA ALA F 41 7.55 -30.48 -51.06
C ALA F 41 8.83 -30.36 -51.87
N ARG F 42 9.73 -31.34 -51.71
CA ARG F 42 11.00 -31.35 -52.43
C ARG F 42 10.74 -31.86 -53.85
N VAL F 43 10.59 -30.94 -54.79
CA VAL F 43 10.34 -31.28 -56.18
C VAL F 43 11.67 -31.50 -56.88
N PHE F 44 11.76 -32.60 -57.64
CA PHE F 44 12.97 -32.95 -58.37
C PHE F 44 12.76 -32.59 -59.84
N GLY F 45 13.40 -31.51 -60.27
CA GLY F 45 13.27 -31.07 -61.65
C GLY F 45 12.88 -29.61 -61.77
N LEU F 46 12.13 -29.28 -62.82
CA LEU F 46 11.66 -27.91 -63.09
C LEU F 46 12.84 -26.95 -63.18
N ASN F 47 13.60 -27.12 -64.27
CA ASN F 47 14.77 -26.28 -64.51
C ASN F 47 14.39 -24.89 -65.02
N ASN F 48 13.23 -24.73 -65.65
CA ASN F 48 12.79 -23.44 -66.17
C ASN F 48 11.96 -22.66 -65.17
N CYS F 49 11.76 -23.19 -63.97
CA CYS F 49 10.96 -22.50 -62.95
C CYS F 49 11.79 -21.40 -62.29
N GLN F 50 11.23 -20.20 -62.22
CA GLN F 50 11.92 -19.07 -61.61
C GLN F 50 11.72 -19.08 -60.10
N ALA F 51 12.34 -18.12 -59.43
CA ALA F 51 12.24 -18.02 -57.97
C ALA F 51 10.91 -17.39 -57.58
N GLU F 52 10.32 -17.91 -56.50
CA GLU F 52 9.05 -17.42 -55.98
C GLU F 52 7.95 -17.49 -57.05
N GLU F 53 7.88 -18.63 -57.73
CA GLU F 53 6.89 -18.86 -58.78
C GLU F 53 5.79 -19.79 -58.27
N LEU F 54 4.61 -19.63 -58.86
CA LEU F 54 3.46 -20.45 -58.48
C LEU F 54 3.54 -21.82 -59.13
N VAL F 55 3.14 -22.85 -58.38
CA VAL F 55 3.15 -24.22 -58.85
C VAL F 55 1.79 -24.85 -58.56
N GLU F 56 1.61 -26.07 -59.07
CA GLU F 56 0.36 -26.80 -58.88
C GLU F 56 0.68 -28.29 -58.80
N PHE F 57 0.07 -28.97 -57.83
CA PHE F 57 0.26 -30.39 -57.64
C PHE F 57 -0.71 -31.19 -58.50
N ALA F 58 -0.66 -32.51 -58.37
CA ALA F 58 -1.54 -33.37 -59.15
C ALA F 58 -2.96 -33.40 -58.59
N SER F 59 -3.12 -33.16 -57.29
CA SER F 59 -4.43 -33.17 -56.66
C SER F 59 -5.11 -31.81 -56.69
N GLY F 60 -4.43 -30.77 -57.14
CA GLY F 60 -4.99 -29.44 -57.22
C GLY F 60 -4.51 -28.46 -56.16
N VAL F 61 -3.49 -28.82 -55.38
CA VAL F 61 -2.95 -27.95 -54.35
C VAL F 61 -1.90 -27.04 -54.97
N LYS F 62 -1.93 -25.77 -54.58
CA LYS F 62 -0.98 -24.80 -55.09
C LYS F 62 0.35 -24.89 -54.33
N GLY F 63 1.42 -24.43 -54.98
CA GLY F 63 2.73 -24.44 -54.37
C GLY F 63 3.54 -23.24 -54.79
N MET F 64 4.55 -22.93 -53.98
CA MET F 64 5.44 -21.80 -54.22
C MET F 64 6.87 -22.27 -54.07
N ALA F 65 7.63 -22.23 -55.17
CA ALA F 65 9.03 -22.66 -55.17
C ALA F 65 9.87 -21.59 -54.49
N LEU F 66 10.27 -21.84 -53.24
CA LEU F 66 11.08 -20.87 -52.50
C LEU F 66 12.56 -20.99 -52.88
N ASN F 67 13.20 -22.06 -52.42
CA ASN F 67 14.61 -22.30 -52.70
C ASN F 67 14.75 -23.27 -53.88
N LEU F 68 15.63 -22.93 -54.82
CA LEU F 68 15.87 -23.74 -56.00
C LEU F 68 17.36 -24.03 -56.08
N GLU F 69 17.77 -25.20 -55.61
CA GLU F 69 19.17 -25.59 -55.62
C GLU F 69 19.46 -26.46 -56.84
N PRO F 70 20.61 -27.14 -56.88
CA PRO F 70 20.91 -27.98 -58.05
C PRO F 70 20.34 -29.38 -57.91
N GLY F 71 19.40 -29.75 -58.79
CA GLY F 71 18.78 -31.04 -58.78
C GLY F 71 17.48 -31.13 -58.00
N GLN F 72 17.21 -30.15 -57.13
CA GLN F 72 15.98 -30.15 -56.34
C GLN F 72 15.47 -28.72 -56.23
N VAL F 73 14.20 -28.60 -55.83
CA VAL F 73 13.55 -27.30 -55.68
C VAL F 73 12.56 -27.36 -54.53
N GLY F 74 12.77 -26.53 -53.51
CA GLY F 74 11.89 -26.51 -52.36
C GLY F 74 10.60 -25.78 -52.62
N ILE F 75 9.50 -26.53 -52.74
CA ILE F 75 8.18 -25.95 -52.99
C ILE F 75 7.40 -25.93 -51.69
N VAL F 76 6.83 -24.78 -51.36
CA VAL F 76 6.05 -24.59 -50.14
C VAL F 76 4.58 -24.77 -50.51
N LEU F 77 3.94 -25.79 -49.94
CA LEU F 77 2.53 -26.05 -50.22
C LEU F 77 1.65 -25.10 -49.42
N PHE F 78 0.61 -24.60 -50.07
CA PHE F 78 -0.34 -23.68 -49.45
C PHE F 78 -1.58 -24.39 -48.91
N GLY F 79 -1.58 -25.72 -48.87
CA GLY F 79 -2.70 -26.49 -48.38
C GLY F 79 -2.24 -27.57 -47.42
N SER F 80 -3.05 -28.61 -47.33
CA SER F 80 -2.74 -29.73 -46.44
C SER F 80 -1.65 -30.61 -47.05
N ASP F 81 -1.01 -31.41 -46.18
CA ASP F 81 0.05 -32.30 -46.61
C ASP F 81 -0.47 -33.62 -47.17
N ARG F 82 -1.78 -33.86 -47.10
CA ARG F 82 -2.34 -35.11 -47.61
C ARG F 82 -2.64 -35.06 -49.10
N GLU F 83 -2.52 -33.89 -49.74
CA GLU F 83 -2.76 -33.74 -51.16
C GLU F 83 -1.50 -33.85 -52.00
N VAL F 84 -0.38 -34.25 -51.40
CA VAL F 84 0.89 -34.40 -52.10
C VAL F 84 1.58 -35.63 -51.57
N LYS F 85 1.94 -36.56 -52.45
CA LYS F 85 2.61 -37.80 -52.10
C LYS F 85 3.91 -37.91 -52.88
N GLU F 86 4.65 -38.98 -52.61
CA GLU F 86 5.92 -39.23 -53.29
C GLU F 86 5.67 -39.79 -54.68
N GLY F 87 6.26 -39.15 -55.68
CA GLY F 87 6.12 -39.59 -57.06
C GLY F 87 5.02 -38.90 -57.84
N GLU F 88 4.38 -37.88 -57.26
CA GLU F 88 3.31 -37.17 -57.95
C GLU F 88 3.88 -36.13 -58.91
N ILE F 89 3.20 -35.94 -60.03
CA ILE F 89 3.62 -34.98 -61.03
C ILE F 89 3.20 -33.57 -60.62
N VAL F 90 4.03 -32.59 -60.96
CA VAL F 90 3.75 -31.19 -60.62
C VAL F 90 3.33 -30.45 -61.89
N LYS F 91 2.98 -29.18 -61.74
CA LYS F 91 2.56 -28.36 -62.87
C LYS F 91 3.02 -26.92 -62.62
N ARG F 92 3.86 -26.41 -63.51
CA ARG F 92 4.36 -25.04 -63.37
C ARG F 92 3.36 -24.05 -63.98
N THR F 93 3.06 -22.99 -63.23
CA THR F 93 2.13 -21.99 -63.73
C THR F 93 2.79 -20.99 -64.67
N GLY F 94 4.09 -20.75 -64.49
CA GLY F 94 4.82 -19.81 -65.32
C GLY F 94 4.91 -18.40 -64.78
N LYS F 95 4.07 -18.05 -63.82
CA LYS F 95 4.05 -16.72 -63.22
C LYS F 95 4.45 -16.81 -61.75
N ILE F 96 4.51 -15.66 -61.09
CA ILE F 96 4.88 -15.59 -59.68
C ILE F 96 3.62 -15.68 -58.83
N VAL F 97 3.76 -15.44 -57.52
CA VAL F 97 2.64 -15.49 -56.61
C VAL F 97 1.81 -14.22 -56.74
N ASP F 98 0.81 -14.25 -57.60
CA ASP F 98 -0.07 -13.11 -57.85
C ASP F 98 -1.47 -13.40 -57.32
N VAL F 99 -2.32 -12.38 -57.36
CA VAL F 99 -3.70 -12.49 -56.89
C VAL F 99 -4.58 -11.57 -57.73
N PRO F 100 -5.89 -11.72 -57.68
CA PRO F 100 -6.77 -10.85 -58.48
C PRO F 100 -7.01 -9.52 -57.80
N ILE F 101 -7.14 -8.49 -58.64
CA ILE F 101 -7.37 -7.12 -58.18
C ILE F 101 -8.27 -6.42 -59.18
N GLY F 102 -8.74 -5.23 -58.80
CA GLY F 102 -9.61 -4.44 -59.64
C GLY F 102 -10.85 -3.97 -58.90
N PRO F 103 -11.77 -3.32 -59.62
CA PRO F 103 -12.99 -2.82 -58.98
C PRO F 103 -14.10 -3.85 -58.87
N GLY F 104 -13.93 -5.04 -59.47
CA GLY F 104 -14.93 -6.08 -59.41
C GLY F 104 -14.91 -6.93 -58.17
N MET F 105 -13.94 -6.75 -57.28
CA MET F 105 -13.84 -7.52 -56.06
C MET F 105 -14.61 -6.91 -54.90
N LEU F 106 -15.27 -5.78 -55.10
CA LEU F 106 -16.02 -5.13 -54.05
C LEU F 106 -17.36 -5.83 -53.86
N GLY F 107 -17.57 -6.40 -52.69
CA GLY F 107 -18.80 -7.11 -52.38
C GLY F 107 -18.69 -8.61 -52.28
N ARG F 108 -17.48 -9.16 -52.35
CA ARG F 108 -17.27 -10.60 -52.25
C ARG F 108 -16.17 -10.89 -51.26
N VAL F 109 -16.24 -12.07 -50.63
CA VAL F 109 -15.27 -12.50 -49.64
C VAL F 109 -14.28 -13.43 -50.34
N VAL F 110 -13.05 -12.97 -50.50
CA VAL F 110 -12.02 -13.74 -51.15
C VAL F 110 -11.14 -14.39 -50.09
N ASP F 111 -10.22 -15.25 -50.53
CA ASP F 111 -9.31 -15.94 -49.62
C ASP F 111 -7.90 -15.40 -49.75
N ALA F 112 -6.91 -16.27 -49.62
CA ALA F 112 -5.52 -15.87 -49.73
C ALA F 112 -5.01 -15.86 -51.16
N LEU F 113 -5.48 -16.77 -52.00
CA LEU F 113 -5.07 -16.85 -53.39
C LEU F 113 -5.98 -16.06 -54.33
N GLY F 114 -7.03 -15.45 -53.82
CA GLY F 114 -7.95 -14.68 -54.62
C GLY F 114 -9.21 -15.40 -55.07
N ASN F 115 -9.45 -16.64 -54.58
CA ASN F 115 -10.64 -17.37 -54.97
C ASN F 115 -11.82 -16.97 -54.09
N PRO F 116 -13.03 -16.92 -54.66
CA PRO F 116 -14.19 -16.54 -53.86
C PRO F 116 -14.70 -17.71 -53.01
N ILE F 117 -15.04 -17.39 -51.76
CA ILE F 117 -15.54 -18.38 -50.81
C ILE F 117 -16.94 -18.04 -50.32
N ASP F 118 -17.58 -17.01 -50.89
CA ASP F 118 -18.92 -16.62 -50.50
C ASP F 118 -20.02 -17.26 -51.34
N GLY F 119 -19.65 -17.92 -52.44
CA GLY F 119 -20.65 -18.54 -53.29
C GLY F 119 -21.35 -17.62 -54.25
N LYS F 120 -20.76 -16.47 -54.57
CA LYS F 120 -21.35 -15.50 -55.48
C LYS F 120 -20.84 -15.67 -56.91
N GLY F 121 -20.10 -16.73 -57.19
CA GLY F 121 -19.57 -16.95 -58.52
C GLY F 121 -18.15 -16.44 -58.68
N PRO F 122 -17.75 -16.18 -59.92
CA PRO F 122 -16.40 -15.69 -60.17
C PRO F 122 -16.31 -14.18 -59.94
N ILE F 123 -15.06 -13.73 -59.77
CA ILE F 123 -14.77 -12.31 -59.55
C ILE F 123 -14.29 -11.70 -60.86
N GLU F 124 -14.92 -10.60 -61.26
CA GLU F 124 -14.57 -9.91 -62.50
C GLU F 124 -13.36 -9.01 -62.23
N ALA F 125 -12.17 -9.61 -62.32
CA ALA F 125 -10.94 -8.89 -62.08
C ALA F 125 -10.48 -8.17 -63.35
N THR F 126 -9.87 -7.01 -63.16
CA THR F 126 -9.38 -6.19 -64.26
C THR F 126 -7.86 -6.29 -64.44
N GLY F 127 -7.22 -7.22 -63.74
CA GLY F 127 -5.78 -7.38 -63.87
C GLY F 127 -5.27 -8.46 -62.95
N TYR F 128 -3.96 -8.46 -62.77
CA TYR F 128 -3.30 -9.44 -61.91
C TYR F 128 -2.04 -8.81 -61.34
N ALA F 129 -2.05 -8.52 -60.04
CA ALA F 129 -0.92 -7.91 -59.36
C ALA F 129 -0.25 -8.94 -58.46
N ILE F 130 1.08 -8.85 -58.36
CA ILE F 130 1.85 -9.77 -57.54
C ILE F 130 1.72 -9.38 -56.07
N ALA F 131 1.88 -10.37 -55.20
CA ALA F 131 1.76 -10.11 -53.76
C ALA F 131 3.02 -9.45 -53.20
N GLN F 132 4.20 -9.81 -53.73
CA GLN F 132 5.45 -9.23 -53.27
C GLN F 132 5.82 -8.07 -54.18
N LEU F 133 5.23 -6.92 -53.88
CA LEU F 133 5.45 -5.70 -54.65
C LEU F 133 6.25 -4.71 -53.81
N LYS F 134 7.13 -3.96 -54.47
CA LYS F 134 7.95 -2.97 -53.78
C LYS F 134 7.15 -1.71 -53.51
N ALA F 135 7.51 -1.03 -52.43
CA ALA F 135 6.85 0.21 -52.03
C ALA F 135 7.36 1.38 -52.86
N PRO F 136 6.68 2.51 -52.80
CA PRO F 136 7.12 3.68 -53.57
C PRO F 136 8.27 4.41 -52.89
N GLY F 137 8.97 5.21 -53.68
CA GLY F 137 10.10 5.99 -53.21
C GLY F 137 9.68 7.33 -52.65
N ILE F 138 10.67 8.22 -52.52
CA ILE F 138 10.42 9.56 -51.98
C ILE F 138 9.98 10.55 -53.05
N LEU F 139 9.99 10.15 -54.33
CA LEU F 139 9.59 11.03 -55.41
C LEU F 139 8.12 10.82 -55.73
N PRO F 140 7.59 9.61 -55.52
CA PRO F 140 6.17 9.37 -55.83
C PRO F 140 5.30 9.38 -54.58
N ARG F 141 5.76 10.05 -53.53
CA ARG F 141 5.04 10.14 -52.28
C ARG F 141 4.81 11.60 -51.92
N ARG F 142 3.80 11.84 -51.09
CA ARG F 142 3.44 13.17 -50.65
C ARG F 142 3.01 13.11 -49.18
N SER F 143 2.75 14.28 -48.61
CA SER F 143 2.34 14.36 -47.21
C SER F 143 0.86 14.02 -47.06
N VAL F 144 0.50 13.49 -45.90
CA VAL F 144 -0.87 13.12 -45.60
C VAL F 144 -1.64 14.37 -45.22
N PHE F 145 -2.66 14.72 -46.02
CA PHE F 145 -3.48 15.90 -45.77
C PHE F 145 -4.97 15.61 -45.71
N GLU F 146 -5.44 14.47 -46.22
CA GLU F 146 -6.86 14.17 -46.19
C GLU F 146 -7.26 13.65 -44.81
N PRO F 147 -8.51 13.91 -44.39
CA PRO F 147 -8.96 13.44 -43.08
C PRO F 147 -9.71 12.12 -43.16
N MET F 148 -9.44 11.21 -42.23
CA MET F 148 -10.09 9.90 -42.18
C MET F 148 -11.00 9.88 -40.95
N GLN F 149 -12.30 10.02 -41.19
CA GLN F 149 -13.28 10.01 -40.11
C GLN F 149 -13.55 8.58 -39.67
N THR F 150 -13.33 8.29 -38.39
CA THR F 150 -13.55 6.97 -37.84
C THR F 150 -14.90 6.80 -37.16
N GLY F 151 -15.55 7.90 -36.76
CA GLY F 151 -16.83 7.87 -36.12
C GLY F 151 -16.77 8.00 -34.60
N LEU F 152 -15.69 7.54 -33.99
CA LEU F 152 -15.55 7.63 -32.54
C LEU F 152 -15.21 9.05 -32.11
N LYS F 153 -15.77 9.46 -30.98
CA LYS F 153 -15.50 10.82 -30.47
C LYS F 153 -14.15 10.91 -29.78
N ALA F 154 -13.63 9.80 -29.27
CA ALA F 154 -12.34 9.78 -28.59
C ALA F 154 -11.18 9.45 -29.53
N VAL F 155 -11.45 9.23 -30.82
CA VAL F 155 -10.39 8.91 -31.78
C VAL F 155 -10.26 10.05 -32.77
N ASP F 156 -11.37 10.73 -33.05
CA ASP F 156 -11.36 11.85 -33.98
C ASP F 156 -10.84 13.15 -33.36
N ALA F 157 -10.77 13.22 -32.03
CA ALA F 157 -10.29 14.42 -31.35
C ALA F 157 -8.90 14.26 -30.76
N LEU F 158 -8.52 13.05 -30.34
CA LEU F 158 -7.20 12.82 -29.77
C LEU F 158 -6.19 12.50 -30.87
N VAL F 159 -6.07 11.22 -31.20
CA VAL F 159 -5.13 10.78 -32.23
C VAL F 159 -5.90 10.52 -33.52
N PRO F 160 -6.05 11.52 -34.40
CA PRO F 160 -6.78 11.30 -35.64
C PRO F 160 -5.94 10.60 -36.69
N ILE F 161 -6.62 9.92 -37.60
CA ILE F 161 -5.96 9.19 -38.68
C ILE F 161 -6.16 9.95 -39.98
N GLY F 162 -5.28 9.67 -40.95
CA GLY F 162 -5.35 10.30 -42.24
C GLY F 162 -5.11 9.30 -43.36
N ARG F 163 -5.39 9.75 -44.58
CA ARG F 163 -5.22 8.91 -45.76
C ARG F 163 -3.74 8.85 -46.14
N GLY F 164 -3.16 7.66 -46.05
CA GLY F 164 -1.76 7.45 -46.38
C GLY F 164 -0.88 7.15 -45.19
N GLN F 165 -1.39 7.25 -43.97
CA GLN F 165 -0.63 6.97 -42.77
C GLN F 165 -0.93 5.57 -42.25
N ARG F 166 -0.08 5.10 -41.33
CA ARG F 166 -0.21 3.79 -40.72
C ARG F 166 -0.44 3.98 -39.23
N GLU F 167 -1.64 3.67 -38.76
CA GLU F 167 -2.01 3.79 -37.36
C GLU F 167 -2.20 2.40 -36.77
N LEU F 168 -1.33 2.04 -35.83
CA LEU F 168 -1.41 0.73 -35.19
C LEU F 168 -2.51 0.71 -34.14
N ILE F 169 -2.90 -0.50 -33.74
CA ILE F 169 -3.94 -0.69 -32.75
C ILE F 169 -3.50 -1.77 -31.76
N ILE F 170 -2.58 -1.41 -30.87
CA ILE F 170 -2.09 -2.37 -29.88
C ILE F 170 -3.12 -2.54 -28.77
N GLY F 171 -2.96 -3.61 -28.01
CA GLY F 171 -3.86 -3.90 -26.91
C GLY F 171 -3.90 -5.39 -26.63
N ASP F 172 -4.59 -5.73 -25.54
CA ASP F 172 -4.74 -7.11 -25.12
C ASP F 172 -6.03 -7.69 -25.70
N ARG F 173 -6.43 -8.87 -25.22
CA ARG F 173 -7.64 -9.51 -25.69
C ARG F 173 -8.86 -8.94 -24.99
N GLN F 174 -9.94 -8.77 -25.75
CA GLN F 174 -11.21 -8.24 -25.25
C GLN F 174 -11.01 -6.85 -24.62
N THR F 175 -10.53 -5.92 -25.45
CA THR F 175 -10.28 -4.56 -25.00
C THR F 175 -10.73 -3.48 -25.97
N GLY F 176 -10.84 -3.77 -27.28
CA GLY F 176 -11.26 -2.78 -28.24
C GLY F 176 -10.35 -2.70 -29.45
N LYS F 177 -9.65 -3.79 -29.73
CA LYS F 177 -8.74 -3.83 -30.88
C LYS F 177 -9.53 -3.97 -32.18
N THR F 178 -10.33 -5.03 -32.29
CA THR F 178 -11.11 -5.26 -33.50
C THR F 178 -12.33 -4.35 -33.60
N ALA F 179 -12.78 -3.79 -32.47
CA ALA F 179 -13.94 -2.90 -32.49
C ALA F 179 -13.63 -1.52 -33.05
N VAL F 180 -12.36 -1.10 -32.99
CA VAL F 180 -12.01 0.21 -33.52
C VAL F 180 -11.91 0.18 -35.05
N ALA F 181 -11.53 -0.96 -35.62
CA ALA F 181 -11.43 -1.06 -37.07
C ALA F 181 -12.78 -1.25 -37.73
N LEU F 182 -13.74 -1.87 -37.03
CA LEU F 182 -15.06 -2.09 -37.60
C LEU F 182 -15.90 -0.81 -37.61
N ASP F 183 -15.67 0.09 -36.65
CA ASP F 183 -16.43 1.32 -36.60
C ASP F 183 -15.97 2.33 -37.64
N THR F 184 -14.71 2.26 -38.05
CA THR F 184 -14.19 3.19 -39.05
C THR F 184 -14.66 2.84 -40.46
N ILE F 185 -14.86 1.55 -40.74
CA ILE F 185 -15.33 1.14 -42.06
C ILE F 185 -16.81 1.41 -42.24
N LEU F 186 -17.60 1.28 -41.17
CA LEU F 186 -19.03 1.52 -41.26
C LEU F 186 -19.38 3.00 -41.25
N ASN F 187 -18.47 3.86 -40.81
CA ASN F 187 -18.72 5.30 -40.78
C ASN F 187 -18.45 5.98 -42.12
N GLN F 188 -17.94 5.25 -43.11
CA GLN F 188 -17.66 5.81 -44.42
C GLN F 188 -18.84 5.73 -45.37
N LYS F 189 -20.02 5.36 -44.87
CA LYS F 189 -21.21 5.26 -45.72
C LYS F 189 -21.78 6.62 -46.09
N ARG F 190 -21.48 7.66 -45.31
CA ARG F 190 -21.98 8.99 -45.60
C ARG F 190 -21.26 9.66 -46.77
N TRP F 191 -20.06 9.20 -47.10
CA TRP F 191 -19.28 9.77 -48.20
C TRP F 191 -19.18 8.86 -49.41
N ASN F 192 -19.30 7.55 -49.22
CA ASN F 192 -19.22 6.63 -50.35
C ASN F 192 -20.53 6.49 -51.10
N ASP F 193 -21.66 6.79 -50.47
CA ASP F 193 -22.96 6.69 -51.11
C ASP F 193 -23.30 7.90 -51.97
N GLY F 194 -22.53 8.98 -51.86
CA GLY F 194 -22.77 10.18 -52.63
C GLY F 194 -22.08 10.16 -53.98
N ASN F 195 -21.67 11.35 -54.44
CA ASN F 195 -20.98 11.50 -55.71
C ASN F 195 -19.55 11.98 -55.56
N ASP F 196 -19.09 12.24 -54.34
CA ASP F 196 -17.72 12.70 -54.12
C ASP F 196 -16.79 11.49 -54.10
N GLU F 197 -16.00 11.35 -55.16
CA GLU F 197 -15.07 10.22 -55.25
C GLU F 197 -13.80 10.44 -54.42
N SER F 198 -13.45 11.69 -54.11
CA SER F 198 -12.26 11.95 -53.33
C SER F 198 -12.48 11.73 -51.84
N LYS F 199 -13.72 11.84 -51.38
CA LYS F 199 -14.05 11.64 -49.98
C LYS F 199 -14.35 10.19 -49.63
N LYS F 200 -14.56 9.33 -50.62
CA LYS F 200 -14.85 7.93 -50.38
C LYS F 200 -13.58 7.16 -50.05
N LEU F 201 -13.74 6.09 -49.27
CA LEU F 201 -12.62 5.23 -48.87
C LEU F 201 -13.09 3.80 -48.85
N TYR F 202 -12.47 2.96 -49.68
CA TYR F 202 -12.83 1.55 -49.76
C TYR F 202 -12.14 0.78 -48.65
N CYS F 203 -12.92 0.05 -47.86
CA CYS F 203 -12.38 -0.75 -46.77
C CYS F 203 -11.77 -2.04 -47.29
N VAL F 204 -10.85 -2.59 -46.50
CA VAL F 204 -10.17 -3.84 -46.85
C VAL F 204 -9.90 -4.64 -45.58
N TYR F 205 -10.89 -5.39 -45.12
CA TYR F 205 -10.75 -6.20 -43.92
C TYR F 205 -10.02 -7.49 -44.26
N VAL F 206 -8.89 -7.73 -43.59
CA VAL F 206 -8.09 -8.92 -43.80
C VAL F 206 -8.07 -9.68 -42.48
N ALA F 207 -9.03 -10.60 -42.32
CA ALA F 207 -9.13 -11.41 -41.09
C ALA F 207 -8.14 -12.55 -41.19
N VAL F 208 -7.00 -12.40 -40.52
CA VAL F 208 -5.95 -13.40 -40.50
C VAL F 208 -5.80 -13.93 -39.08
N GLY F 209 -5.91 -15.24 -38.92
CA GLY F 209 -5.79 -15.87 -37.62
C GLY F 209 -7.09 -16.00 -36.85
N GLN F 210 -8.19 -15.45 -37.35
CA GLN F 210 -9.46 -15.54 -36.67
C GLN F 210 -10.10 -16.91 -36.90
N LYS F 211 -11.16 -17.17 -36.14
CA LYS F 211 -11.88 -18.43 -36.24
C LYS F 211 -12.83 -18.41 -37.44
N ARG F 212 -13.42 -19.58 -37.72
CA ARG F 212 -14.36 -19.68 -38.83
C ARG F 212 -15.71 -19.05 -38.51
N SER F 213 -16.15 -19.13 -37.26
CA SER F 213 -17.43 -18.55 -36.87
C SER F 213 -17.36 -17.04 -36.68
N THR F 214 -16.18 -16.49 -36.42
CA THR F 214 -16.05 -15.05 -36.22
C THR F 214 -16.02 -14.31 -37.55
N VAL F 215 -15.56 -14.96 -38.62
CA VAL F 215 -15.50 -14.29 -39.92
C VAL F 215 -16.87 -14.24 -40.57
N ALA F 216 -17.72 -15.24 -40.32
CA ALA F 216 -19.05 -15.25 -40.91
C ALA F 216 -20.02 -14.31 -40.20
N GLN F 217 -19.82 -14.09 -38.90
CA GLN F 217 -20.70 -13.20 -38.15
C GLN F 217 -20.36 -11.73 -38.40
N LEU F 218 -19.11 -11.42 -38.69
CA LEU F 218 -18.71 -10.04 -38.94
C LEU F 218 -19.13 -9.56 -40.32
N VAL F 219 -19.25 -10.48 -41.29
CA VAL F 219 -19.64 -10.08 -42.63
C VAL F 219 -21.14 -9.86 -42.72
N GLN F 220 -21.91 -10.52 -41.86
CA GLN F 220 -23.36 -10.35 -41.88
C GLN F 220 -23.80 -9.04 -41.24
N THR F 221 -23.01 -8.52 -40.31
CA THR F 221 -23.38 -7.26 -39.65
C THR F 221 -23.10 -6.06 -40.54
N LEU F 222 -22.10 -6.15 -41.42
CA LEU F 222 -21.78 -5.03 -42.30
C LEU F 222 -22.72 -4.95 -43.49
N GLU F 223 -23.31 -6.07 -43.91
CA GLU F 223 -24.23 -6.07 -45.03
C GLU F 223 -25.60 -5.52 -44.66
N GLN F 224 -25.97 -5.61 -43.38
CA GLN F 224 -27.27 -5.11 -42.93
C GLN F 224 -27.29 -3.60 -42.75
N ASN F 225 -26.12 -2.96 -42.61
CA ASN F 225 -26.02 -1.52 -42.44
C ASN F 225 -25.50 -0.82 -43.69
N ASP F 226 -25.57 -1.48 -44.84
CA ASP F 226 -25.10 -0.94 -46.11
C ASP F 226 -23.64 -0.51 -46.04
N ALA F 227 -22.79 -1.51 -45.79
CA ALA F 227 -21.35 -1.27 -45.69
C ALA F 227 -20.50 -2.36 -46.31
N MET F 228 -21.10 -3.43 -46.84
CA MET F 228 -20.36 -4.52 -47.47
C MET F 228 -20.36 -4.43 -48.99
N LYS F 229 -20.95 -3.39 -49.56
CA LYS F 229 -20.98 -3.24 -51.01
C LYS F 229 -19.70 -2.65 -51.57
N TYR F 230 -18.91 -1.96 -50.75
CA TYR F 230 -17.65 -1.36 -51.17
C TYR F 230 -16.56 -1.65 -50.15
N SER F 231 -16.41 -2.93 -49.82
CA SER F 231 -15.39 -3.37 -48.86
C SER F 231 -14.94 -4.77 -49.22
N ILE F 232 -13.63 -4.97 -49.26
CA ILE F 232 -13.05 -6.26 -49.59
C ILE F 232 -12.81 -7.05 -48.31
N VAL F 233 -13.17 -8.34 -48.32
CA VAL F 233 -13.01 -9.22 -47.18
C VAL F 233 -12.05 -10.32 -47.57
N VAL F 234 -10.95 -10.45 -46.82
CA VAL F 234 -9.94 -11.47 -47.07
C VAL F 234 -10.05 -12.49 -45.96
N ALA F 235 -10.71 -13.61 -46.23
CA ALA F 235 -10.89 -14.67 -45.25
C ALA F 235 -9.61 -15.50 -45.15
N ALA F 236 -9.08 -15.63 -43.93
CA ALA F 236 -7.85 -16.40 -43.70
C ALA F 236 -7.93 -16.95 -42.27
N THR F 237 -8.60 -18.09 -42.14
CA THR F 237 -8.76 -18.74 -40.85
C THR F 237 -7.49 -19.49 -40.45
N ALA F 238 -7.44 -19.93 -39.20
CA ALA F 238 -6.30 -20.65 -38.67
C ALA F 238 -6.35 -22.15 -38.95
N SER F 239 -7.43 -22.63 -39.57
CA SER F 239 -7.58 -24.05 -39.88
C SER F 239 -6.94 -24.44 -41.20
N GLU F 240 -6.36 -23.49 -41.93
CA GLU F 240 -5.72 -23.77 -43.20
C GLU F 240 -4.24 -24.04 -42.97
N ALA F 241 -3.41 -23.88 -44.01
CA ALA F 241 -1.99 -24.10 -43.89
C ALA F 241 -1.30 -22.86 -43.33
N ALA F 242 0.00 -22.98 -43.09
CA ALA F 242 0.79 -21.88 -42.55
C ALA F 242 1.19 -20.92 -43.67
N PRO F 243 1.10 -21.34 -44.93
CA PRO F 243 1.48 -20.45 -46.02
C PRO F 243 0.33 -19.54 -46.45
N LEU F 244 -0.91 -19.98 -46.18
CA LEU F 244 -2.07 -19.17 -46.55
C LEU F 244 -2.29 -18.01 -45.59
N GLN F 245 -2.00 -18.20 -44.29
CA GLN F 245 -2.18 -17.12 -43.33
C GLN F 245 -1.04 -16.10 -43.39
N TYR F 246 0.17 -16.54 -43.74
CA TYR F 246 1.29 -15.61 -43.81
C TYR F 246 1.23 -14.75 -45.08
N LEU F 247 0.65 -15.28 -46.16
CA LEU F 247 0.53 -14.53 -47.41
C LEU F 247 -0.76 -13.73 -47.50
N ALA F 248 -1.55 -13.68 -46.43
CA ALA F 248 -2.80 -12.93 -46.43
C ALA F 248 -2.52 -11.44 -46.36
N PRO F 249 -1.39 -11.03 -45.76
CA PRO F 249 -1.09 -9.59 -45.69
C PRO F 249 -0.58 -9.04 -47.01
N PHE F 250 0.19 -9.85 -47.73
CA PHE F 250 0.72 -9.41 -49.03
C PHE F 250 -0.33 -9.45 -50.12
N THR F 251 -1.27 -10.39 -50.04
CA THR F 251 -2.32 -10.48 -51.06
C THR F 251 -3.38 -9.40 -50.89
N ALA F 252 -3.67 -8.99 -49.66
CA ALA F 252 -4.65 -7.95 -49.43
C ALA F 252 -4.13 -6.57 -49.79
N CYS F 253 -2.82 -6.35 -49.68
CA CYS F 253 -2.24 -5.06 -50.03
C CYS F 253 -2.18 -4.83 -51.54
N ALA F 254 -2.11 -5.91 -52.34
CA ALA F 254 -2.06 -5.75 -53.78
C ALA F 254 -3.42 -5.37 -54.36
N ILE F 255 -4.51 -5.83 -53.74
CA ILE F 255 -5.84 -5.49 -54.26
C ILE F 255 -6.20 -4.05 -53.91
N ALA F 256 -5.78 -3.56 -52.74
CA ALA F 256 -6.08 -2.19 -52.35
C ALA F 256 -5.17 -1.17 -53.00
N GLU F 257 -4.04 -1.60 -53.58
CA GLU F 257 -3.12 -0.68 -54.23
C GLU F 257 -3.59 -0.23 -55.61
N TRP F 258 -4.58 -0.92 -56.19
CA TRP F 258 -5.07 -0.53 -57.50
C TRP F 258 -5.91 0.74 -57.44
N PHE F 259 -6.60 0.98 -56.32
CA PHE F 259 -7.40 2.19 -56.18
C PHE F 259 -6.55 3.42 -55.87
N ARG F 260 -5.43 3.23 -55.16
CA ARG F 260 -4.57 4.36 -54.84
C ARG F 260 -3.74 4.82 -56.03
N ASP F 261 -3.48 3.92 -56.98
CA ASP F 261 -2.70 4.25 -58.16
C ASP F 261 -3.56 4.79 -59.31
N ASN F 262 -4.88 4.85 -59.13
CA ASN F 262 -5.77 5.35 -60.16
C ASN F 262 -6.47 6.64 -59.79
N GLY F 263 -6.69 6.88 -58.50
CA GLY F 263 -7.35 8.10 -58.06
C GLY F 263 -8.45 7.86 -57.05
N LYS F 264 -8.16 7.06 -56.02
CA LYS F 264 -9.13 6.75 -54.99
C LYS F 264 -8.40 6.43 -53.70
N HIS F 265 -9.14 6.46 -52.60
CA HIS F 265 -8.60 6.18 -51.28
C HIS F 265 -8.96 4.76 -50.85
N ALA F 266 -8.08 4.15 -50.07
CA ALA F 266 -8.27 2.79 -49.58
C ALA F 266 -7.87 2.73 -48.11
N LEU F 267 -8.50 1.79 -47.39
CA LEU F 267 -8.25 1.60 -45.97
C LEU F 267 -8.11 0.10 -45.71
N ILE F 268 -6.89 -0.34 -45.37
CA ILE F 268 -6.60 -1.73 -45.09
C ILE F 268 -6.57 -1.94 -43.58
N VAL F 269 -7.17 -3.05 -43.13
CA VAL F 269 -7.24 -3.39 -41.72
C VAL F 269 -6.68 -4.81 -41.59
N TYR F 270 -5.43 -4.91 -41.11
CA TYR F 270 -4.78 -6.21 -40.93
C TYR F 270 -5.03 -6.69 -39.51
N ASP F 271 -6.09 -7.47 -39.34
CA ASP F 271 -6.46 -8.01 -38.03
C ASP F 271 -6.24 -9.51 -38.06
N ASP F 272 -5.25 -9.99 -37.32
CA ASP F 272 -4.40 -9.11 -36.51
C ASP F 272 -2.93 -9.25 -36.91
N LEU F 273 -2.11 -8.31 -36.44
CA LEU F 273 -0.69 -8.36 -36.77
C LEU F 273 0.04 -9.43 -35.96
N SER F 274 -0.48 -9.78 -34.79
CA SER F 274 0.16 -10.80 -33.98
C SER F 274 -0.08 -12.20 -34.53
N LYS F 275 -1.20 -12.42 -35.22
CA LYS F 275 -1.49 -13.73 -35.80
C LYS F 275 -0.67 -14.00 -37.05
N GLN F 276 -0.26 -12.96 -37.77
CA GLN F 276 0.54 -13.15 -38.98
C GLN F 276 1.98 -13.51 -38.65
N ALA F 277 2.49 -13.07 -37.49
CA ALA F 277 3.86 -13.39 -37.12
C ALA F 277 4.01 -14.83 -36.66
N VAL F 278 2.94 -15.43 -36.12
CA VAL F 278 3.02 -16.82 -35.67
C VAL F 278 2.95 -17.77 -36.86
N ALA F 279 2.25 -17.39 -37.93
CA ALA F 279 2.15 -18.25 -39.09
C ALA F 279 3.43 -18.26 -39.92
N TYR F 280 4.15 -17.14 -39.97
CA TYR F 280 5.39 -17.10 -40.74
C TYR F 280 6.52 -17.83 -40.03
N ARG F 281 6.48 -17.91 -38.70
CA ARG F 281 7.51 -18.60 -37.95
C ARG F 281 7.35 -20.11 -38.01
N GLN F 282 6.16 -20.61 -38.35
CA GLN F 282 5.96 -22.06 -38.42
C GLN F 282 6.62 -22.65 -39.67
N LEU F 283 6.55 -21.94 -40.79
CA LEU F 283 7.17 -22.44 -42.01
C LEU F 283 8.68 -22.29 -42.01
N SER F 284 9.20 -21.31 -41.27
CA SER F 284 10.64 -21.11 -41.20
C SER F 284 11.30 -22.08 -40.22
N LEU F 285 10.59 -22.49 -39.17
CA LEU F 285 11.17 -23.42 -38.20
C LEU F 285 11.27 -24.83 -38.78
N LEU F 286 10.40 -25.18 -39.72
CA LEU F 286 10.43 -26.51 -40.32
C LEU F 286 11.45 -26.63 -41.43
N LEU F 287 12.02 -25.52 -41.91
CA LEU F 287 13.02 -25.53 -42.96
C LEU F 287 14.44 -25.43 -42.43
N ARG F 288 14.64 -25.70 -41.13
CA ARG F 288 15.94 -25.64 -40.48
C ARG F 288 16.58 -24.26 -40.64
N ARG F 289 16.07 -23.32 -39.83
CA ARG F 289 16.55 -21.95 -39.85
C ARG F 289 17.07 -21.56 -38.47
N PRO F 290 17.51 -20.32 -38.28
CA PRO F 290 18.03 -19.91 -36.97
C PRO F 290 16.98 -19.11 -36.21
N PRO F 291 16.59 -19.58 -35.01
CA PRO F 291 15.59 -18.84 -34.24
C PRO F 291 16.22 -17.81 -33.32
N GLY F 292 15.78 -16.55 -33.45
CA GLY F 292 16.32 -15.48 -32.63
C GLY F 292 15.52 -15.25 -31.36
N ARG F 293 14.99 -14.03 -31.21
CA ARG F 293 14.21 -13.69 -30.02
C ARG F 293 12.77 -14.18 -30.17
N GLU F 294 12.26 -14.79 -29.10
CA GLU F 294 10.89 -15.31 -29.05
C GLU F 294 10.66 -16.35 -30.15
N ALA F 295 11.70 -17.12 -30.46
CA ALA F 295 11.64 -18.17 -31.48
C ALA F 295 11.20 -17.61 -32.83
N TYR F 296 11.88 -16.56 -33.27
CA TYR F 296 11.58 -15.92 -34.54
C TYR F 296 12.82 -15.90 -35.42
N PRO F 297 12.64 -15.86 -36.74
CA PRO F 297 13.78 -15.83 -37.65
C PRO F 297 14.35 -14.42 -37.77
N GLY F 298 15.43 -14.31 -38.55
CA GLY F 298 16.08 -13.02 -38.75
C GLY F 298 15.30 -12.07 -39.63
N ASP F 299 14.39 -12.59 -40.47
CA ASP F 299 13.58 -11.78 -41.37
C ASP F 299 12.19 -11.52 -40.81
N VAL F 300 12.06 -11.48 -39.49
CA VAL F 300 10.75 -11.22 -38.88
C VAL F 300 10.39 -9.76 -38.97
N PHE F 301 11.37 -8.86 -38.80
CA PHE F 301 11.11 -7.43 -38.88
C PHE F 301 10.98 -6.94 -40.31
N TYR F 302 11.55 -7.65 -41.29
CA TYR F 302 11.46 -7.23 -42.67
C TYR F 302 10.13 -7.63 -43.32
N LEU F 303 9.41 -8.59 -42.74
CA LEU F 303 8.13 -9.01 -43.31
C LEU F 303 7.02 -8.01 -42.99
N HIS F 304 7.07 -7.38 -41.82
CA HIS F 304 6.05 -6.41 -41.43
C HIS F 304 6.37 -4.99 -41.90
N SER F 305 7.65 -4.69 -42.10
CA SER F 305 8.02 -3.35 -42.55
C SER F 305 7.84 -3.18 -44.06
N ARG F 306 7.94 -4.27 -44.83
CA ARG F 306 7.78 -4.17 -46.28
C ARG F 306 6.31 -4.07 -46.66
N LEU F 307 5.42 -4.74 -45.93
CA LEU F 307 4.00 -4.70 -46.23
C LEU F 307 3.34 -3.41 -45.76
N LEU F 308 3.92 -2.73 -44.77
CA LEU F 308 3.35 -1.49 -44.26
C LEU F 308 3.90 -0.25 -44.96
N GLU F 309 5.02 -0.38 -45.68
CA GLU F 309 5.60 0.76 -46.38
C GLU F 309 4.87 1.08 -47.68
N ARG F 310 4.11 0.14 -48.23
CA ARG F 310 3.38 0.39 -49.47
C ARG F 310 2.12 1.21 -49.26
N ALA F 311 1.61 1.27 -48.03
CA ALA F 311 0.41 2.04 -47.73
C ALA F 311 0.80 3.48 -47.42
N ALA F 312 1.07 4.24 -48.49
CA ALA F 312 1.47 5.63 -48.39
C ALA F 312 0.56 6.47 -49.27
N LYS F 313 0.75 7.79 -49.21
CA LYS F 313 -0.04 8.74 -49.98
C LYS F 313 0.77 9.19 -51.19
N MET F 314 0.21 9.00 -52.39
CA MET F 314 0.89 9.39 -53.61
C MET F 314 0.76 10.90 -53.84
N SER F 315 1.53 11.39 -54.80
CA SER F 315 1.52 12.81 -55.14
C SER F 315 0.47 13.07 -56.22
N ASP F 316 0.48 14.29 -56.78
CA ASP F 316 -0.47 14.63 -57.82
C ASP F 316 -0.10 14.06 -59.17
N ALA F 317 1.16 13.71 -59.39
CA ALA F 317 1.60 13.14 -60.66
C ALA F 317 1.38 11.64 -60.74
N ASN F 318 1.02 10.98 -59.64
CA ASN F 318 0.79 9.54 -59.62
C ASN F 318 -0.69 9.17 -59.58
N GLY F 319 -1.58 10.16 -59.43
CA GLY F 319 -3.00 9.88 -59.38
C GLY F 319 -3.71 10.61 -58.26
N GLY F 320 -3.01 10.80 -57.14
CA GLY F 320 -3.58 11.49 -56.00
C GLY F 320 -4.25 10.60 -54.98
N GLY F 321 -4.08 9.28 -55.07
CA GLY F 321 -4.69 8.37 -54.14
C GLY F 321 -3.80 8.09 -52.93
N SER F 322 -4.38 7.36 -51.97
CA SER F 322 -3.66 7.00 -50.75
C SER F 322 -4.19 5.67 -50.24
N LEU F 323 -3.43 5.05 -49.34
CA LEU F 323 -3.78 3.78 -48.74
C LEU F 323 -3.51 3.85 -47.25
N THR F 324 -4.54 3.59 -46.44
CA THR F 324 -4.43 3.62 -44.99
C THR F 324 -4.29 2.20 -44.45
N ALA F 325 -3.40 2.02 -43.49
CA ALA F 325 -3.14 0.74 -42.86
C ALA F 325 -3.54 0.80 -41.40
N LEU F 326 -4.32 -0.19 -40.95
CA LEU F 326 -4.78 -0.28 -39.57
C LEU F 326 -4.42 -1.65 -39.01
N PRO F 327 -3.19 -1.81 -38.51
CA PRO F 327 -2.79 -3.11 -37.96
C PRO F 327 -3.11 -3.24 -36.48
N VAL F 328 -3.69 -4.37 -36.09
CA VAL F 328 -4.06 -4.63 -34.70
C VAL F 328 -3.02 -5.56 -34.10
N ILE F 329 -2.41 -5.14 -33.00
CA ILE F 329 -1.38 -5.92 -32.31
C ILE F 329 -2.00 -6.48 -31.04
N GLU F 330 -1.93 -7.80 -30.89
CA GLU F 330 -2.48 -8.49 -29.71
C GLU F 330 -1.37 -8.65 -28.68
N THR F 331 -1.40 -7.82 -27.65
CA THR F 331 -0.39 -7.88 -26.60
C THR F 331 -0.73 -8.96 -25.58
N GLN F 332 0.31 -9.48 -24.93
CA GLN F 332 0.16 -10.52 -23.90
C GLN F 332 0.32 -9.86 -22.54
N GLY F 333 -0.80 -9.42 -21.96
CA GLY F 333 -0.77 -8.79 -20.67
C GLY F 333 -0.28 -7.36 -20.68
N GLY F 334 -0.45 -6.65 -21.79
CA GLY F 334 -0.01 -5.26 -21.87
C GLY F 334 1.49 -5.09 -22.07
N ASP F 335 2.19 -6.13 -22.51
CA ASP F 335 3.63 -6.06 -22.74
C ASP F 335 3.87 -5.38 -24.07
N VAL F 336 4.11 -4.07 -24.02
CA VAL F 336 4.37 -3.30 -25.24
C VAL F 336 5.83 -3.31 -25.66
N SER F 337 6.70 -3.91 -24.86
CA SER F 337 8.13 -3.98 -25.16
C SER F 337 8.54 -5.39 -25.58
N ALA F 338 7.72 -6.03 -26.40
CA ALA F 338 7.99 -7.38 -26.88
C ALA F 338 8.74 -7.33 -28.21
N TYR F 339 8.99 -8.50 -28.79
CA TYR F 339 9.69 -8.56 -30.07
C TYR F 339 8.78 -8.18 -31.23
N ILE F 340 7.52 -8.61 -31.19
CA ILE F 340 6.56 -8.30 -32.25
C ILE F 340 5.88 -6.97 -31.94
N PRO F 341 5.97 -6.48 -30.71
CA PRO F 341 5.32 -5.19 -30.38
C PRO F 341 6.18 -4.00 -30.75
N THR F 342 7.50 -4.12 -30.56
CA THR F 342 8.41 -3.04 -30.88
C THR F 342 8.70 -2.94 -32.36
N ASN F 343 8.49 -4.01 -33.12
CA ASN F 343 8.76 -3.97 -34.55
C ASN F 343 7.64 -3.29 -35.33
N VAL F 344 6.40 -3.37 -34.83
CA VAL F 344 5.29 -2.73 -35.53
C VAL F 344 5.16 -1.27 -35.13
N ILE F 345 5.62 -0.90 -33.94
CA ILE F 345 5.53 0.48 -33.49
C ILE F 345 6.63 1.35 -34.09
N SER F 346 7.75 0.76 -34.50
CA SER F 346 8.85 1.51 -35.08
C SER F 346 8.68 1.76 -36.58
N ILE F 347 7.71 1.11 -37.22
CA ILE F 347 7.48 1.31 -38.64
C ILE F 347 6.19 2.07 -38.94
N THR F 348 5.27 2.17 -37.99
CA THR F 348 4.01 2.87 -38.19
C THR F 348 4.11 4.29 -37.62
N ASP F 349 3.29 5.17 -38.18
CA ASP F 349 3.26 6.57 -37.74
C ASP F 349 2.14 6.77 -36.72
N GLY F 350 2.40 6.26 -35.52
CA GLY F 350 1.47 6.35 -34.43
C GLY F 350 0.85 5.00 -34.10
N GLN F 351 0.23 4.93 -32.92
CA GLN F 351 -0.42 3.71 -32.46
C GLN F 351 -1.58 4.08 -31.56
N ILE F 352 -2.46 3.11 -31.34
CA ILE F 352 -3.65 3.28 -30.50
C ILE F 352 -3.61 2.17 -29.45
N PHE F 353 -3.12 2.51 -28.26
CA PHE F 353 -3.04 1.54 -27.17
C PHE F 353 -4.41 1.32 -26.54
N LEU F 354 -4.74 0.05 -26.33
CA LEU F 354 -6.02 -0.35 -25.73
C LEU F 354 -5.73 -1.07 -24.42
N GLU F 355 -5.81 -0.35 -23.30
CA GLU F 355 -5.56 -0.93 -22.00
C GLU F 355 -6.75 -1.75 -21.54
N ALA F 356 -6.46 -2.86 -20.85
CA ALA F 356 -7.50 -3.75 -20.34
C ALA F 356 -8.04 -3.33 -18.99
N GLU F 357 -7.43 -2.33 -18.34
CA GLU F 357 -7.91 -1.89 -17.04
C GLU F 357 -9.13 -0.98 -17.17
N LEU F 358 -9.09 -0.04 -18.10
CA LEU F 358 -10.21 0.87 -18.30
C LEU F 358 -11.34 0.26 -19.14
N PHE F 359 -11.09 -0.85 -19.81
CA PHE F 359 -12.13 -1.49 -20.63
C PHE F 359 -13.15 -2.24 -19.79
N TYR F 360 -12.78 -2.68 -18.59
CA TYR F 360 -13.70 -3.41 -17.72
C TYR F 360 -14.50 -2.51 -16.79
N LYS F 361 -14.21 -1.20 -16.78
CA LYS F 361 -14.92 -0.26 -15.93
C LYS F 361 -16.06 0.45 -16.65
N GLY F 362 -16.18 0.29 -17.96
CA GLY F 362 -17.23 0.92 -18.73
C GLY F 362 -16.74 1.92 -19.76
N ILE F 363 -15.46 2.29 -19.72
CA ILE F 363 -14.90 3.24 -20.68
C ILE F 363 -14.63 2.53 -21.99
N ARG F 364 -15.62 2.55 -22.89
CA ARG F 364 -15.50 1.91 -24.19
C ARG F 364 -15.49 2.96 -25.28
N PRO F 365 -14.43 3.06 -26.10
CA PRO F 365 -13.25 2.20 -26.01
C PRO F 365 -12.18 2.78 -25.07
N ALA F 366 -11.38 1.90 -24.47
CA ALA F 366 -10.33 2.31 -23.55
C ALA F 366 -9.14 2.79 -24.36
N ILE F 367 -9.13 4.09 -24.66
CA ILE F 367 -8.06 4.72 -25.42
C ILE F 367 -7.25 5.58 -24.45
N ASN F 368 -6.01 5.17 -24.20
CA ASN F 368 -5.13 5.90 -23.30
C ASN F 368 -4.60 7.15 -23.97
N VAL F 369 -4.78 8.29 -23.30
CA VAL F 369 -4.32 9.56 -23.87
C VAL F 369 -2.82 9.72 -23.68
N GLY F 370 -2.25 9.10 -22.64
CA GLY F 370 -0.83 9.21 -22.37
C GLY F 370 0.05 8.24 -23.12
N LEU F 371 -0.53 7.33 -23.89
CA LEU F 371 0.23 6.34 -24.66
C LEU F 371 -0.04 6.41 -26.15
N SER F 372 -1.29 6.62 -26.56
CA SER F 372 -1.62 6.70 -27.98
C SER F 372 -1.37 8.11 -28.50
N VAL F 373 -0.70 8.20 -29.65
CA VAL F 373 -0.38 9.47 -30.29
C VAL F 373 -0.45 9.29 -31.80
N SER F 374 -0.45 10.41 -32.52
CA SER F 374 -0.51 10.40 -33.97
C SER F 374 0.55 11.34 -34.52
N ARG F 375 1.37 10.83 -35.46
CA ARG F 375 2.42 11.64 -36.05
C ARG F 375 1.86 12.60 -37.09
N VAL F 376 1.21 12.07 -38.12
CA VAL F 376 0.63 12.90 -39.18
C VAL F 376 -0.88 12.97 -38.99
N GLY F 377 -1.32 13.24 -37.76
CA GLY F 377 -2.73 13.33 -37.45
C GLY F 377 -3.18 14.75 -37.15
N SER F 378 -2.22 15.65 -36.93
CA SER F 378 -2.56 17.03 -36.63
C SER F 378 -2.95 17.79 -37.90
N ALA F 379 -2.15 17.67 -38.95
CA ALA F 379 -2.44 18.36 -40.21
C ALA F 379 -3.47 17.61 -41.06
N ALA F 380 -3.70 16.34 -40.80
CA ALA F 380 -4.67 15.54 -41.55
C ALA F 380 -5.97 15.38 -40.77
N GLN F 381 -6.48 16.47 -40.21
CA GLN F 381 -7.71 16.47 -39.44
C GLN F 381 -8.58 17.64 -39.87
N VAL F 382 -9.81 17.64 -39.38
CA VAL F 382 -10.76 18.71 -39.70
C VAL F 382 -10.46 19.93 -38.86
N LYS F 383 -10.64 21.11 -39.47
CA LYS F 383 -10.39 22.37 -38.77
C LYS F 383 -11.47 22.72 -37.77
N ALA F 384 -12.68 22.19 -37.94
CA ALA F 384 -13.76 22.49 -37.00
C ALA F 384 -13.63 21.69 -35.71
N MET F 385 -13.14 20.45 -35.79
CA MET F 385 -13.00 19.63 -34.59
C MET F 385 -11.74 19.99 -33.81
N LYS F 386 -10.70 20.49 -34.48
CA LYS F 386 -9.48 20.85 -33.79
C LYS F 386 -9.59 22.20 -33.09
N GLN F 387 -10.44 23.10 -33.59
CA GLN F 387 -10.60 24.41 -32.96
C GLN F 387 -11.46 24.33 -31.71
N VAL F 388 -12.47 23.45 -31.70
CA VAL F 388 -13.32 23.33 -30.53
C VAL F 388 -12.64 22.51 -29.44
N ALA F 389 -11.73 21.62 -29.80
CA ALA F 389 -11.02 20.80 -28.82
C ALA F 389 -9.61 21.37 -28.60
N GLY F 390 -9.59 22.54 -27.96
CA GLY F 390 -8.34 23.20 -27.67
C GLY F 390 -7.62 22.53 -26.51
N SER F 391 -6.42 22.01 -26.77
CA SER F 391 -5.61 21.33 -25.75
C SER F 391 -6.39 20.16 -25.13
N LEU F 392 -7.02 19.37 -25.98
CA LEU F 392 -7.79 18.22 -25.51
C LEU F 392 -6.89 17.04 -25.16
N LYS F 393 -5.79 16.85 -25.88
CA LYS F 393 -4.89 15.74 -25.60
C LYS F 393 -4.04 16.00 -24.36
N LEU F 394 -3.69 17.26 -24.09
CA LEU F 394 -2.89 17.57 -22.92
C LEU F 394 -3.70 17.57 -21.63
N PHE F 395 -4.97 17.97 -21.71
CA PHE F 395 -5.83 17.99 -20.52
C PHE F 395 -6.33 16.61 -20.14
N LEU F 396 -6.35 15.65 -21.07
CA LEU F 396 -6.82 14.31 -20.76
C LEU F 396 -5.75 13.48 -20.07
N ALA F 397 -4.47 13.70 -20.41
CA ALA F 397 -3.40 12.93 -19.79
C ALA F 397 -3.06 13.44 -18.39
N GLN F 398 -3.22 14.75 -18.14
CA GLN F 398 -2.93 15.30 -16.84
C GLN F 398 -4.05 15.05 -15.84
N TYR F 399 -5.28 14.83 -16.31
CA TYR F 399 -6.39 14.58 -15.41
C TYR F 399 -6.39 13.16 -14.89
N ARG F 400 -5.79 12.22 -15.63
CA ARG F 400 -5.76 10.83 -15.18
C ARG F 400 -4.72 10.61 -14.09
N GLU F 401 -3.61 11.34 -14.12
CA GLU F 401 -2.58 11.18 -13.10
C GLU F 401 -2.96 11.87 -11.80
N VAL F 402 -3.74 12.95 -11.86
CA VAL F 402 -4.14 13.65 -10.64
C VAL F 402 -5.28 12.92 -9.95
N ALA F 403 -6.13 12.24 -10.70
CA ALA F 403 -7.26 11.52 -10.11
C ALA F 403 -6.83 10.21 -9.45
N ALA F 404 -5.71 9.63 -9.88
CA ALA F 404 -5.25 8.38 -9.29
C ALA F 404 -4.57 8.57 -7.94
N PHE F 405 -4.11 9.78 -7.64
CA PHE F 405 -3.45 10.07 -6.37
C PHE F 405 -4.33 10.85 -5.41
N ALA F 406 -5.59 11.09 -5.76
CA ALA F 406 -6.50 11.82 -4.89
C ALA F 406 -7.63 10.92 -4.39
N LEU F 412 -8.68 17.48 -0.88
CA LEU F 412 -9.62 18.14 -1.79
C LEU F 412 -9.35 19.63 -1.86
N ASP F 413 -8.46 20.03 -2.78
CA ASP F 413 -8.12 21.43 -2.96
C ASP F 413 -9.09 22.10 -3.92
N ALA F 414 -8.93 23.41 -4.11
CA ALA F 414 -9.79 24.15 -5.01
C ALA F 414 -9.40 23.98 -6.46
N SER F 415 -8.11 23.87 -6.75
CA SER F 415 -7.66 23.68 -8.12
C SER F 415 -7.89 22.25 -8.62
N THR F 416 -7.77 21.26 -7.74
CA THR F 416 -7.97 19.88 -8.13
C THR F 416 -9.44 19.53 -8.33
N LYS F 417 -10.36 20.28 -7.71
CA LYS F 417 -11.78 20.00 -7.88
C LYS F 417 -12.30 20.42 -9.24
N GLN F 418 -11.70 21.46 -9.84
CA GLN F 418 -12.15 21.91 -11.15
C GLN F 418 -11.69 20.98 -12.26
N THR F 419 -10.50 20.39 -12.14
CA THR F 419 -10.00 19.49 -13.16
C THR F 419 -10.66 18.11 -13.08
N LEU F 420 -11.06 17.68 -11.89
CA LEU F 420 -11.70 16.38 -11.74
C LEU F 420 -13.13 16.39 -12.24
N SER F 421 -13.85 17.51 -12.09
CA SER F 421 -15.22 17.58 -12.57
C SER F 421 -15.29 17.73 -14.08
N ARG F 422 -14.36 18.48 -14.67
CA ARG F 422 -14.35 18.66 -16.12
C ARG F 422 -13.82 17.43 -16.84
N GLY F 423 -12.88 16.71 -16.23
CA GLY F 423 -12.32 15.53 -16.86
C GLY F 423 -13.23 14.31 -16.85
N GLU F 424 -14.13 14.22 -15.86
CA GLU F 424 -15.04 13.09 -15.80
C GLU F 424 -16.18 13.21 -16.81
N ARG F 425 -16.62 14.44 -17.10
CA ARG F 425 -17.70 14.63 -18.06
C ARG F 425 -17.23 14.48 -19.50
N LEU F 426 -15.95 14.80 -19.76
CA LEU F 426 -15.43 14.67 -21.12
C LEU F 426 -15.15 13.22 -21.49
N THR F 427 -14.77 12.39 -20.52
CA THR F 427 -14.49 10.99 -20.81
C THR F 427 -15.78 10.18 -21.00
N GLN F 428 -16.85 10.54 -20.30
CA GLN F 428 -18.10 9.80 -20.44
C GLN F 428 -18.86 10.21 -21.70
N LEU F 429 -18.71 11.46 -22.15
CA LEU F 429 -19.41 11.91 -23.35
C LEU F 429 -18.73 11.41 -24.62
N LEU F 430 -17.42 11.17 -24.57
CA LEU F 430 -16.68 10.70 -25.73
C LEU F 430 -16.76 9.17 -25.90
N LYS F 431 -17.29 8.46 -24.92
CA LYS F 431 -17.41 7.01 -24.98
C LYS F 431 -18.72 6.65 -25.66
N GLN F 432 -18.63 6.10 -26.87
CA GLN F 432 -19.80 5.71 -27.64
C GLN F 432 -20.02 4.20 -27.56
N LYS F 433 -21.19 3.77 -28.01
CA LYS F 433 -21.56 2.36 -27.99
C LYS F 433 -21.06 1.68 -29.26
N GLN F 434 -21.32 0.38 -29.37
CA GLN F 434 -20.89 -0.39 -30.52
C GLN F 434 -21.79 -0.11 -31.71
N TYR F 435 -21.18 0.04 -32.88
CA TYR F 435 -21.90 0.31 -34.13
C TYR F 435 -22.75 1.58 -34.01
N SER F 436 -22.15 2.63 -33.46
CA SER F 436 -22.82 3.92 -33.27
C SER F 436 -21.83 5.03 -33.59
N PRO F 437 -21.50 5.21 -34.87
CA PRO F 437 -20.56 6.27 -35.26
C PRO F 437 -21.24 7.60 -35.49
N GLN F 438 -20.51 8.66 -35.21
CA GLN F 438 -20.98 10.03 -35.37
C GLN F 438 -20.21 10.73 -36.48
N ALA F 439 -20.83 11.77 -37.02
CA ALA F 439 -20.22 12.55 -38.10
C ALA F 439 -19.30 13.63 -37.52
N SER F 440 -18.78 14.47 -38.41
CA SER F 440 -17.89 15.54 -37.97
C SER F 440 -18.65 16.73 -37.42
N GLU F 441 -19.89 16.93 -37.86
CA GLU F 441 -20.69 18.06 -37.37
C GLU F 441 -21.31 17.78 -36.01
N GLU F 442 -21.65 16.53 -35.72
CA GLU F 442 -22.24 16.18 -34.43
C GLU F 442 -21.19 16.07 -33.34
N GLN F 443 -19.97 15.67 -33.68
CA GLN F 443 -18.92 15.52 -32.69
C GLN F 443 -18.27 16.85 -32.32
N VAL F 444 -18.42 17.87 -33.16
CA VAL F 444 -17.84 19.18 -32.89
C VAL F 444 -18.73 19.93 -31.91
N PRO F 445 -20.02 19.65 -31.86
CA PRO F 445 -20.90 20.35 -30.91
C PRO F 445 -20.85 19.74 -29.52
N VAL F 446 -20.54 18.45 -29.44
CA VAL F 446 -20.47 17.78 -28.14
C VAL F 446 -19.12 18.04 -27.47
N ILE F 447 -18.06 18.19 -28.25
CA ILE F 447 -16.73 18.44 -27.67
C ILE F 447 -16.54 19.90 -27.28
N TYR F 448 -17.33 20.81 -27.85
CA TYR F 448 -17.18 22.23 -27.51
C TYR F 448 -17.88 22.57 -26.20
N ALA F 449 -18.89 21.80 -25.81
CA ALA F 449 -19.59 22.08 -24.56
C ALA F 449 -18.83 21.57 -23.34
N GLY F 450 -18.13 20.44 -23.48
CA GLY F 450 -17.37 19.90 -22.37
C GLY F 450 -16.06 20.60 -22.08
N VAL F 451 -15.52 21.32 -23.06
CA VAL F 451 -14.27 22.03 -22.86
C VAL F 451 -14.46 23.49 -22.46
N ASN F 452 -15.66 24.04 -22.63
CA ASN F 452 -15.97 25.41 -22.26
C ASN F 452 -16.66 25.54 -20.92
N GLY F 453 -16.98 24.43 -20.27
CA GLY F 453 -17.65 24.46 -18.98
C GLY F 453 -19.16 24.42 -19.03
N PHE F 454 -19.74 24.03 -20.16
CA PHE F 454 -21.19 23.97 -20.28
C PHE F 454 -21.78 22.66 -19.76
N LEU F 455 -20.94 21.66 -19.47
CA LEU F 455 -21.39 20.37 -18.96
C LEU F 455 -20.98 20.13 -17.52
N ASP F 456 -20.43 21.15 -16.84
CA ASP F 456 -20.01 20.98 -15.45
C ASP F 456 -21.19 21.00 -14.49
N ASN F 457 -22.27 21.68 -14.85
CA ASN F 457 -23.44 21.76 -13.99
C ASN F 457 -24.33 20.53 -14.06
N ILE F 458 -24.15 19.69 -15.08
CA ILE F 458 -24.95 18.48 -15.24
C ILE F 458 -24.39 17.39 -14.33
N PRO F 459 -25.14 16.33 -14.06
CA PRO F 459 -24.64 15.25 -13.19
C PRO F 459 -23.76 14.29 -13.97
N ILE F 460 -23.16 13.35 -13.25
CA ILE F 460 -22.29 12.37 -13.88
C ILE F 460 -23.11 11.28 -14.58
N GLU F 461 -24.25 10.90 -14.02
CA GLU F 461 -25.09 9.87 -14.63
C GLU F 461 -25.89 10.39 -15.81
N ARG F 462 -26.04 11.72 -15.94
CA ARG F 462 -26.79 12.31 -17.04
C ARG F 462 -25.90 12.71 -18.21
N ILE F 463 -24.71 12.12 -18.30
CA ILE F 463 -23.79 12.43 -19.40
C ILE F 463 -24.28 11.75 -20.67
N PRO F 464 -24.90 10.58 -20.57
CA PRO F 464 -25.39 9.91 -21.79
C PRO F 464 -26.67 10.54 -22.30
N GLU F 465 -27.50 11.06 -21.39
CA GLU F 465 -28.75 11.69 -21.79
C GLU F 465 -28.53 13.08 -22.38
N PHE F 466 -27.47 13.76 -21.95
CA PHE F 466 -27.19 15.10 -22.46
C PHE F 466 -26.64 15.09 -23.88
N GLU F 467 -25.99 14.00 -24.29
CA GLU F 467 -25.44 13.93 -25.64
C GLU F 467 -26.53 13.70 -26.68
N GLU F 468 -27.54 12.89 -26.34
CA GLU F 468 -28.63 12.63 -27.28
C GLU F 468 -29.60 13.80 -27.37
N GLN F 469 -29.78 14.55 -26.28
CA GLN F 469 -30.69 15.69 -26.31
C GLN F 469 -30.09 16.88 -27.05
N PHE F 470 -28.78 17.09 -26.93
CA PHE F 470 -28.14 18.21 -27.61
C PHE F 470 -27.98 17.96 -29.11
N ILE F 471 -27.89 16.71 -29.55
CA ILE F 471 -27.74 16.43 -30.96
C ILE F 471 -29.08 16.53 -31.68
N ALA F 472 -30.18 16.19 -31.01
CA ALA F 472 -31.49 16.28 -31.64
C ALA F 472 -32.02 17.71 -31.69
N TYR F 473 -31.66 18.53 -30.71
CA TYR F 473 -32.12 19.92 -30.70
C TYR F 473 -31.33 20.80 -31.67
N LEU F 474 -30.09 20.40 -31.99
CA LEU F 474 -29.26 21.16 -32.91
C LEU F 474 -29.52 20.82 -34.37
N LYS F 475 -30.39 19.86 -34.65
CA LYS F 475 -30.71 19.46 -36.03
C LYS F 475 -32.11 19.87 -36.43
N ALA F 476 -32.78 20.72 -35.65
CA ALA F 476 -34.13 21.15 -35.98
C ALA F 476 -34.29 22.65 -35.72
N ASN F 477 -33.70 23.13 -34.62
CA ASN F 477 -33.78 24.54 -34.26
C ASN F 477 -32.56 25.34 -34.69
N GLU F 478 -31.50 24.68 -35.14
CA GLU F 478 -30.28 25.35 -35.58
C GLU F 478 -29.62 24.51 -36.68
N GLY F 479 -30.34 24.32 -37.79
CA GLY F 479 -29.81 23.53 -38.88
C GLY F 479 -28.74 24.24 -39.70
N ASP F 480 -28.69 25.57 -39.63
CA ASP F 480 -27.70 26.33 -40.38
C ASP F 480 -26.30 26.23 -39.77
N ILE F 481 -26.20 25.97 -38.47
CA ILE F 481 -24.89 25.86 -37.83
C ILE F 481 -24.29 24.48 -38.00
N LEU F 482 -25.13 23.44 -38.13
CA LEU F 482 -24.61 22.09 -38.29
C LEU F 482 -24.20 21.80 -39.74
N GLU F 483 -24.87 22.42 -40.71
CA GLU F 483 -24.52 22.19 -42.10
C GLU F 483 -23.29 22.98 -42.53
N ALA F 484 -23.01 24.10 -41.85
CA ALA F 484 -21.85 24.91 -42.21
C ALA F 484 -20.55 24.30 -41.68
N ILE F 485 -20.61 23.53 -40.60
CA ILE F 485 -19.41 22.92 -40.04
C ILE F 485 -18.98 21.69 -40.83
N ARG F 486 -19.89 21.07 -41.58
CA ARG F 486 -19.55 19.90 -42.37
C ARG F 486 -19.17 20.23 -43.80
N THR F 487 -19.73 21.30 -44.37
CA THR F 487 -19.41 21.67 -45.74
C THR F 487 -18.11 22.47 -45.80
N LYS F 488 -17.99 23.50 -44.96
CA LYS F 488 -16.77 24.30 -44.96
C LYS F 488 -15.64 23.61 -44.20
N GLY F 489 -15.96 22.94 -43.09
CA GLY F 489 -14.96 22.25 -42.31
C GLY F 489 -14.26 23.08 -41.26
N GLU F 490 -14.63 24.35 -41.12
CA GLU F 490 -14.01 25.23 -40.14
C GLU F 490 -15.09 26.14 -39.55
N LEU F 491 -14.68 26.91 -38.53
CA LEU F 491 -15.58 27.83 -37.85
C LEU F 491 -14.86 29.16 -37.65
N SER F 492 -15.44 30.23 -38.17
CA SER F 492 -14.84 31.55 -38.05
C SER F 492 -15.38 32.28 -36.82
N SER F 493 -15.55 33.61 -36.94
CA SER F 493 -16.07 34.38 -35.81
C SER F 493 -17.58 34.28 -35.71
N GLU F 494 -18.28 34.20 -36.85
CA GLU F 494 -19.73 34.10 -36.83
C GLU F 494 -20.21 32.71 -36.46
N LEU F 495 -19.42 31.68 -36.79
CA LEU F 495 -19.81 30.31 -36.45
C LEU F 495 -19.52 29.97 -34.99
N LEU F 496 -18.53 30.63 -34.39
CA LEU F 496 -18.19 30.35 -33.00
C LEU F 496 -19.16 31.03 -32.03
N ASP F 497 -19.72 32.17 -32.41
CA ASP F 497 -20.65 32.87 -31.54
C ASP F 497 -22.04 32.25 -31.56
N LYS F 498 -22.43 31.63 -32.67
CA LYS F 498 -23.74 31.00 -32.75
C LYS F 498 -23.79 29.67 -32.02
N LEU F 499 -22.65 28.96 -31.93
CA LEU F 499 -22.64 27.68 -31.25
C LEU F 499 -22.65 27.85 -29.73
N LYS F 500 -22.09 28.95 -29.22
CA LYS F 500 -22.07 29.17 -27.78
C LYS F 500 -23.43 29.64 -27.26
N SER F 501 -24.20 30.35 -28.08
CA SER F 501 -25.51 30.82 -27.65
C SER F 501 -26.55 29.71 -27.66
N ALA F 502 -26.40 28.73 -28.55
CA ALA F 502 -27.37 27.63 -28.61
C ALA F 502 -27.12 26.59 -27.53
N THR F 503 -25.86 26.42 -27.12
CA THR F 503 -25.55 25.44 -26.08
C THR F 503 -25.88 25.95 -24.69
N GLU F 504 -25.86 27.28 -24.48
CA GLU F 504 -26.18 27.84 -23.17
C GLU F 504 -27.68 27.88 -22.92
N THR F 505 -28.48 28.05 -23.97
CA THR F 505 -29.93 28.10 -23.80
C THR F 505 -30.54 26.71 -23.63
N PHE F 506 -29.90 25.68 -24.19
CA PHE F 506 -30.41 24.32 -24.08
C PHE F 506 -29.98 23.64 -22.79
N VAL F 507 -28.90 24.11 -22.15
CA VAL F 507 -28.44 23.50 -20.91
C VAL F 507 -29.28 23.94 -19.71
N ALA F 508 -29.94 25.08 -19.80
CA ALA F 508 -30.77 25.60 -18.71
C ALA F 508 -32.20 25.07 -18.74
N THR F 509 -32.56 24.32 -19.78
CA THR F 509 -33.92 23.78 -19.90
C THR F 509 -33.90 22.26 -19.90
N LYS G 4 23.80 -36.56 -45.51
CA LYS G 4 23.88 -38.02 -45.53
C LYS G 4 25.19 -38.48 -46.16
N ALA G 5 25.82 -37.61 -46.92
CA ALA G 5 27.08 -37.92 -47.59
C ALA G 5 28.24 -37.38 -46.74
N ALA G 6 29.38 -37.15 -47.36
CA ALA G 6 30.56 -36.64 -46.65
C ALA G 6 31.26 -35.58 -47.49
N PRO G 7 32.21 -34.85 -46.91
CA PRO G 7 32.91 -33.82 -47.69
C PRO G 7 34.18 -34.35 -48.35
N THR G 8 35.26 -33.57 -48.28
CA THR G 8 36.56 -33.94 -48.86
C THR G 8 36.42 -34.27 -50.33
N GLU G 9 36.38 -35.56 -50.66
CA GLU G 9 36.26 -36.00 -52.05
C GLU G 9 34.83 -35.77 -52.53
N VAL G 10 34.64 -34.75 -53.36
CA VAL G 10 33.32 -34.41 -53.87
C VAL G 10 33.47 -33.69 -55.21
N SER G 11 32.96 -34.32 -56.27
CA SER G 11 32.97 -33.76 -57.62
C SER G 11 34.39 -33.42 -58.08
N SER G 12 34.90 -32.26 -57.66
CA SER G 12 36.22 -31.84 -58.09
C SER G 12 37.31 -32.70 -57.47
N ILE G 13 37.23 -32.94 -56.15
CA ILE G 13 38.24 -33.74 -55.47
C ILE G 13 38.06 -35.23 -55.70
N LEU G 14 36.96 -35.65 -56.32
CA LEU G 14 36.69 -37.06 -56.59
C LEU G 14 37.12 -37.48 -58.00
N GLU G 15 37.59 -36.54 -58.82
CA GLU G 15 38.03 -36.85 -60.18
C GLU G 15 39.54 -36.85 -60.33
N SER G 16 40.28 -36.62 -59.24
CA SER G 16 41.74 -36.60 -59.29
C SER G 16 42.38 -37.90 -58.81
N LYS G 17 41.69 -38.66 -57.97
CA LYS G 17 42.22 -39.91 -57.45
C LYS G 17 41.98 -41.10 -58.39
N ILE G 18 41.23 -40.89 -59.48
CA ILE G 18 40.97 -41.99 -60.41
C ILE G 18 42.05 -42.12 -61.47
N ARG G 19 42.85 -41.07 -61.69
CA ARG G 19 43.91 -41.11 -62.68
C ARG G 19 45.23 -41.15 -61.94
N VAL G 21 45.93 -40.02 -61.78
CA VAL G 21 47.21 -40.00 -61.08
C VAL G 21 47.35 -38.67 -60.36
N SER G 22 47.11 -38.67 -59.05
CA SER G 22 47.21 -37.46 -58.23
C SER G 22 48.61 -37.43 -57.61
N ASP G 23 49.56 -36.87 -58.37
CA ASP G 23 50.94 -36.77 -57.90
C ASP G 23 51.59 -35.50 -58.42
N GLU G 24 52.69 -35.65 -59.17
CA GLU G 24 53.43 -34.53 -59.74
C GLU G 24 53.86 -33.55 -58.66
N ALA G 25 53.02 -32.56 -58.37
CA ALA G 25 53.33 -31.57 -57.35
C ALA G 25 53.13 -32.15 -55.96
N ASN G 26 53.94 -31.66 -55.01
CA ASN G 26 53.87 -32.13 -53.63
C ASN G 26 52.67 -31.50 -52.92
N LEU G 27 51.96 -32.32 -52.16
CA LEU G 27 50.79 -31.87 -51.41
C LEU G 27 51.02 -31.87 -49.91
N ASP G 28 52.27 -31.97 -49.47
CA ASP G 28 52.62 -31.97 -48.05
C ASP G 28 53.08 -30.61 -47.56
N GLU G 29 54.00 -29.98 -48.28
CA GLU G 29 54.50 -28.67 -47.88
C GLU G 29 53.59 -27.53 -48.32
N THR G 30 52.77 -27.73 -49.33
CA THR G 30 51.85 -26.73 -49.84
C THR G 30 50.44 -27.31 -49.91
N GLY G 31 49.49 -26.47 -50.30
CA GLY G 31 48.11 -26.91 -50.41
C GLY G 31 47.30 -25.94 -51.23
N ARG G 32 46.18 -26.44 -51.76
CA ARG G 32 45.27 -25.65 -52.58
C ARG G 32 44.04 -25.27 -51.76
N VAL G 33 43.66 -24.00 -51.83
CA VAL G 33 42.50 -23.50 -51.11
C VAL G 33 41.24 -23.92 -51.86
N LEU G 34 40.45 -24.80 -51.25
CA LEU G 34 39.22 -25.26 -51.90
C LEU G 34 38.06 -24.31 -51.62
N SER G 35 37.97 -23.78 -50.41
CA SER G 35 36.90 -22.86 -50.05
C SER G 35 37.42 -21.89 -48.99
N VAL G 36 37.03 -20.62 -49.13
CA VAL G 36 37.43 -19.57 -48.21
C VAL G 36 36.30 -18.57 -48.07
N GLY G 37 36.19 -17.97 -46.89
CA GLY G 37 35.15 -17.00 -46.64
C GLY G 37 34.91 -16.76 -45.15
N ASP G 38 34.61 -15.51 -44.79
CA ASP G 38 34.34 -15.13 -43.41
C ASP G 38 35.52 -15.47 -42.50
N GLY G 39 36.73 -15.25 -42.99
CA GLY G 39 37.95 -15.52 -42.24
C GLY G 39 38.48 -16.94 -42.38
N ILE G 40 37.58 -17.92 -42.44
CA ILE G 40 38.00 -19.31 -42.57
C ILE G 40 38.47 -19.59 -43.99
N ALA G 41 39.34 -20.59 -44.13
CA ALA G 41 39.87 -20.97 -45.43
C ALA G 41 40.18 -22.47 -45.39
N ARG G 42 39.39 -23.26 -46.11
CA ARG G 42 39.57 -24.70 -46.16
C ARG G 42 40.60 -25.03 -47.25
N VAL G 43 41.82 -25.36 -46.81
CA VAL G 43 42.91 -25.71 -47.73
C VAL G 43 42.93 -27.22 -47.91
N PHE G 44 42.91 -27.66 -49.16
CA PHE G 44 42.94 -29.09 -49.48
C PHE G 44 44.38 -29.54 -49.62
N GLY G 45 44.86 -30.32 -48.66
CA GLY G 45 46.23 -30.81 -48.69
C GLY G 45 47.00 -30.51 -47.42
N LEU G 46 48.28 -30.17 -47.57
CA LEU G 46 49.17 -29.86 -46.45
C LEU G 46 49.23 -31.01 -45.45
N ASN G 47 49.82 -32.11 -45.92
CA ASN G 47 49.94 -33.30 -45.08
C ASN G 47 51.05 -33.15 -44.04
N ASN G 48 52.09 -32.38 -44.35
CA ASN G 48 53.20 -32.17 -43.42
C ASN G 48 53.00 -30.97 -42.51
N CYS G 49 51.87 -30.28 -42.62
CA CYS G 49 51.60 -29.11 -41.78
C CYS G 49 51.15 -29.55 -40.39
N GLN G 50 51.79 -29.00 -39.37
CA GLN G 50 51.47 -29.34 -38.00
C GLN G 50 50.30 -28.48 -37.50
N ALA G 51 49.87 -28.74 -36.27
CA ALA G 51 48.75 -28.01 -35.69
C ALA G 51 49.22 -26.65 -35.20
N GLU G 52 48.38 -25.64 -35.40
CA GLU G 52 48.67 -24.25 -34.99
C GLU G 52 49.97 -23.76 -35.62
N GLU G 53 50.11 -23.99 -36.91
CA GLU G 53 51.29 -23.58 -37.67
C GLU G 53 50.96 -22.38 -38.54
N LEU G 54 51.98 -21.55 -38.78
CA LEU G 54 51.81 -20.36 -39.60
C LEU G 54 51.80 -20.75 -41.07
N VAL G 55 50.73 -20.38 -41.77
CA VAL G 55 50.56 -20.69 -43.19
C VAL G 55 50.61 -19.38 -43.97
N GLU G 56 51.24 -19.43 -45.15
CA GLU G 56 51.39 -18.26 -46.01
C GLU G 56 50.69 -18.56 -47.33
N PHE G 57 49.75 -17.69 -47.71
CA PHE G 57 49.01 -17.85 -48.96
C PHE G 57 49.79 -17.24 -50.11
N ALA G 58 49.25 -17.39 -51.33
CA ALA G 58 49.90 -16.86 -52.52
C ALA G 58 49.67 -15.36 -52.69
N SER G 59 48.65 -14.80 -52.03
CA SER G 59 48.36 -13.38 -52.14
C SER G 59 49.11 -12.53 -51.13
N GLY G 60 49.64 -13.14 -50.07
CA GLY G 60 50.37 -12.43 -49.04
C GLY G 60 49.73 -12.43 -47.67
N VAL G 61 48.51 -12.94 -47.54
CA VAL G 61 47.83 -12.98 -46.25
C VAL G 61 48.29 -14.20 -45.46
N LYS G 62 48.54 -14.01 -44.17
CA LYS G 62 48.97 -15.11 -43.32
C LYS G 62 47.78 -15.94 -42.85
N GLY G 63 48.07 -17.18 -42.47
CA GLY G 63 47.04 -18.09 -42.01
C GLY G 63 47.55 -18.96 -40.89
N MET G 64 46.60 -19.51 -40.13
CA MET G 64 46.90 -20.38 -39.00
C MET G 64 46.01 -21.61 -39.10
N ALA G 65 46.60 -22.77 -39.39
CA ALA G 65 45.85 -24.02 -39.51
C ALA G 65 45.52 -24.52 -38.12
N LEU G 66 44.24 -24.36 -37.71
CA LEU G 66 43.79 -24.81 -36.40
C LEU G 66 42.95 -26.07 -36.45
N ASN G 67 42.29 -26.37 -37.57
CA ASN G 67 41.47 -27.56 -37.71
C ASN G 67 42.04 -28.40 -38.84
N LEU G 68 42.56 -29.58 -38.49
CA LEU G 68 43.16 -30.50 -39.45
C LEU G 68 42.23 -31.71 -39.60
N GLU G 69 41.72 -31.91 -40.81
CA GLU G 69 40.82 -33.03 -41.09
C GLU G 69 41.58 -34.12 -41.83
N PRO G 70 40.86 -35.03 -42.51
CA PRO G 70 41.55 -36.10 -43.24
C PRO G 70 41.65 -35.81 -44.73
N GLY G 71 40.77 -34.94 -45.23
CA GLY G 71 40.78 -34.58 -46.64
C GLY G 71 41.01 -33.11 -46.88
N GLN G 72 40.75 -32.29 -45.86
CA GLN G 72 40.93 -30.84 -45.95
C GLN G 72 41.66 -30.36 -44.70
N VAL G 73 41.87 -29.05 -44.62
CA VAL G 73 42.57 -28.44 -43.49
C VAL G 73 42.04 -27.02 -43.29
N GLY G 74 41.27 -26.82 -42.22
CA GLY G 74 40.71 -25.51 -41.94
C GLY G 74 41.72 -24.55 -41.34
N ILE G 75 42.08 -23.51 -42.10
CA ILE G 75 43.03 -22.51 -41.66
C ILE G 75 42.31 -21.19 -41.48
N VAL G 76 42.67 -20.47 -40.41
CA VAL G 76 42.07 -19.18 -40.09
C VAL G 76 42.99 -18.08 -40.60
N LEU G 77 42.47 -17.20 -41.44
CA LEU G 77 43.25 -16.11 -41.98
C LEU G 77 43.43 -15.00 -40.95
N PHE G 78 44.63 -14.42 -40.91
CA PHE G 78 44.94 -13.35 -39.98
C PHE G 78 44.67 -11.96 -40.54
N GLY G 79 44.12 -11.87 -41.75
CA GLY G 79 43.83 -10.58 -42.36
C GLY G 79 42.52 -10.56 -43.12
N SER G 80 42.55 -9.99 -44.32
CA SER G 80 41.35 -9.91 -45.16
C SER G 80 41.31 -11.07 -46.14
N ASP G 81 40.11 -11.61 -46.34
CA ASP G 81 39.90 -12.73 -47.25
C ASP G 81 39.40 -12.28 -48.62
N ARG G 82 39.65 -11.03 -49.00
CA ARG G 82 39.21 -10.53 -50.29
C ARG G 82 40.15 -10.92 -51.43
N GLU G 83 41.41 -11.21 -51.13
CA GLU G 83 42.38 -11.59 -52.14
C GLU G 83 42.55 -13.10 -52.27
N VAL G 84 41.99 -13.89 -51.36
CA VAL G 84 42.10 -15.34 -51.41
C VAL G 84 40.88 -15.90 -52.14
N LYS G 85 41.13 -16.70 -53.17
CA LYS G 85 40.08 -17.30 -53.97
C LYS G 85 40.24 -18.83 -53.94
N GLU G 86 39.43 -19.51 -54.74
CA GLU G 86 39.47 -20.97 -54.81
C GLU G 86 40.62 -21.42 -55.70
N GLY G 87 41.44 -22.34 -55.20
CA GLY G 87 42.56 -22.84 -55.95
C GLY G 87 43.87 -22.12 -55.72
N GLU G 88 43.96 -21.26 -54.72
CA GLU G 88 45.19 -20.53 -54.45
C GLU G 88 46.17 -21.41 -53.69
N ILE G 89 47.45 -21.15 -53.92
CA ILE G 89 48.52 -21.91 -53.28
C ILE G 89 48.70 -21.40 -51.85
N VAL G 90 48.74 -22.33 -50.90
CA VAL G 90 48.91 -22.00 -49.47
C VAL G 90 50.16 -22.74 -49.00
N LYS G 91 51.28 -22.02 -48.93
CA LYS G 91 52.52 -22.62 -48.48
C LYS G 91 52.60 -22.62 -46.96
N ARG G 92 53.43 -23.52 -46.43
CA ARG G 92 53.63 -23.67 -45.00
C ARG G 92 55.01 -23.13 -44.62
N THR G 93 55.06 -22.36 -43.53
CA THR G 93 56.31 -21.79 -43.06
C THR G 93 57.18 -22.80 -42.30
N GLY G 94 56.58 -23.87 -41.78
CA GLY G 94 57.31 -24.86 -41.05
C GLY G 94 57.39 -24.65 -39.56
N LYS G 95 57.02 -23.47 -39.06
CA LYS G 95 57.05 -23.16 -37.64
C LYS G 95 55.62 -22.94 -37.14
N ILE G 96 55.51 -22.70 -35.84
CA ILE G 96 54.22 -22.48 -35.20
C ILE G 96 53.92 -20.98 -35.17
N VAL G 97 52.87 -20.58 -34.45
CA VAL G 97 52.48 -19.19 -34.34
C VAL G 97 53.39 -18.54 -33.30
N ASP G 98 54.45 -17.88 -33.75
CA ASP G 98 55.41 -17.22 -32.88
C ASP G 98 55.29 -15.71 -33.02
N VAL G 99 55.99 -15.00 -32.14
CA VAL G 99 55.98 -13.53 -32.14
C VAL G 99 57.34 -13.04 -31.68
N PRO G 100 57.66 -11.76 -31.88
CA PRO G 100 58.97 -11.26 -31.44
C PRO G 100 58.97 -10.87 -29.97
N ILE G 101 60.15 -10.93 -29.38
CA ILE G 101 60.36 -10.59 -27.97
C ILE G 101 61.76 -10.02 -27.81
N GLY G 102 62.04 -9.51 -26.61
CA GLY G 102 63.34 -8.93 -26.32
C GLY G 102 63.22 -7.55 -25.71
N PRO G 103 64.36 -6.93 -25.41
CA PRO G 103 64.34 -5.59 -24.82
C PRO G 103 64.18 -4.47 -25.83
N GLY G 104 64.27 -4.76 -27.13
CA GLY G 104 64.12 -3.74 -28.16
C GLY G 104 62.71 -3.43 -28.57
N MET G 105 61.72 -4.12 -28.00
CA MET G 105 60.32 -3.89 -28.36
C MET G 105 59.69 -2.76 -27.56
N LEU G 106 60.39 -2.22 -26.57
CA LEU G 106 59.86 -1.12 -25.76
C LEU G 106 59.99 0.19 -26.53
N GLY G 107 58.85 0.82 -26.80
CA GLY G 107 58.84 2.09 -27.52
C GLY G 107 58.18 2.05 -28.88
N ARG G 108 57.57 0.93 -29.26
CA ARG G 108 56.91 0.81 -30.55
C ARG G 108 55.59 0.07 -30.38
N VAL G 109 54.56 0.52 -31.08
CA VAL G 109 53.23 -0.08 -31.02
C VAL G 109 53.22 -1.24 -32.00
N VAL G 110 53.39 -2.46 -31.49
CA VAL G 110 53.39 -3.66 -32.31
C VAL G 110 51.97 -4.17 -32.47
N ASP G 111 51.78 -5.14 -33.36
CA ASP G 111 50.45 -5.70 -33.61
C ASP G 111 50.31 -7.06 -32.92
N ALA G 112 49.52 -7.95 -33.52
CA ALA G 112 49.30 -9.29 -32.97
C ALA G 112 50.32 -10.31 -33.46
N LEU G 113 51.12 -9.98 -34.47
CA LEU G 113 52.12 -10.90 -35.01
C LEU G 113 53.53 -10.37 -34.86
N GLY G 114 53.72 -9.23 -34.20
CA GLY G 114 55.03 -8.65 -34.01
C GLY G 114 55.42 -7.60 -35.02
N ASN G 115 54.54 -7.27 -35.97
CA ASN G 115 54.87 -6.25 -36.96
C ASN G 115 54.69 -4.85 -36.37
N PRO G 116 55.54 -3.91 -36.74
CA PRO G 116 55.39 -2.54 -36.20
C PRO G 116 54.32 -1.77 -36.96
N ILE G 117 53.43 -1.13 -36.20
CA ILE G 117 52.34 -0.34 -36.78
C ILE G 117 52.48 1.13 -36.49
N ASP G 118 53.54 1.55 -35.80
CA ASP G 118 53.76 2.96 -35.49
C ASP G 118 54.57 3.69 -36.55
N GLY G 119 55.20 2.97 -37.49
CA GLY G 119 55.98 3.61 -38.52
C GLY G 119 57.40 3.93 -38.14
N LYS G 120 58.01 3.12 -37.26
CA LYS G 120 59.38 3.33 -36.81
C LYS G 120 60.35 2.34 -37.45
N GLY G 121 59.96 1.72 -38.56
CA GLY G 121 60.81 0.77 -39.23
C GLY G 121 60.68 -0.62 -38.65
N PRO G 122 61.79 -1.37 -38.64
CA PRO G 122 61.76 -2.73 -38.08
C PRO G 122 61.93 -2.73 -36.57
N ILE G 123 61.57 -3.86 -35.98
CA ILE G 123 61.66 -4.06 -34.54
C ILE G 123 62.93 -4.85 -34.22
N GLU G 124 63.74 -4.34 -33.31
CA GLU G 124 64.99 -4.98 -32.91
C GLU G 124 64.66 -6.10 -31.93
N ALA G 125 64.35 -7.28 -32.47
CA ALA G 125 64.02 -8.44 -31.66
C ALA G 125 65.27 -9.26 -31.37
N THR G 126 65.38 -9.74 -30.14
CA THR G 126 66.51 -10.54 -29.71
C THR G 126 66.19 -12.04 -29.63
N GLY G 127 64.95 -12.43 -29.91
CA GLY G 127 64.58 -13.82 -29.86
C GLY G 127 63.25 -14.06 -30.53
N TYR G 128 62.84 -15.32 -30.56
CA TYR G 128 61.58 -15.74 -31.17
C TYR G 128 60.88 -16.69 -30.22
N ALA G 129 59.81 -16.22 -29.60
CA ALA G 129 59.02 -17.02 -28.65
C ALA G 129 57.65 -17.32 -29.24
N ILE G 130 57.12 -18.50 -28.90
CA ILE G 130 55.82 -18.91 -29.39
C ILE G 130 54.73 -18.23 -28.57
N ALA G 131 53.53 -18.15 -29.17
CA ALA G 131 52.41 -17.51 -28.49
C ALA G 131 51.80 -18.45 -27.46
N GLN G 132 51.57 -19.71 -27.83
CA GLN G 132 50.97 -20.70 -26.93
C GLN G 132 52.11 -21.37 -26.16
N LEU G 133 52.49 -20.76 -25.04
CA LEU G 133 53.55 -21.28 -24.19
C LEU G 133 52.97 -21.84 -22.90
N LYS G 134 53.73 -22.72 -22.27
CA LYS G 134 53.30 -23.34 -21.03
C LYS G 134 53.51 -22.40 -19.86
N ALA G 135 52.66 -22.54 -18.85
CA ALA G 135 52.73 -21.70 -17.66
C ALA G 135 53.76 -22.25 -16.70
N PRO G 136 54.06 -21.50 -15.62
CA PRO G 136 55.06 -21.97 -14.66
C PRO G 136 54.47 -22.99 -13.69
N GLY G 137 55.33 -23.90 -13.25
CA GLY G 137 54.93 -24.94 -12.32
C GLY G 137 54.91 -24.46 -10.88
N ILE G 138 54.62 -25.39 -9.98
CA ILE G 138 54.56 -25.08 -8.56
C ILE G 138 55.95 -25.03 -7.93
N LEU G 139 56.96 -25.63 -8.57
CA LEU G 139 58.31 -25.62 -8.04
C LEU G 139 59.06 -24.39 -8.53
N PRO G 140 58.66 -23.80 -9.65
CA PRO G 140 59.36 -22.61 -10.14
C PRO G 140 58.61 -21.32 -9.84
N ARG G 141 57.85 -21.32 -8.75
CA ARG G 141 57.07 -20.16 -8.34
C ARG G 141 57.28 -19.90 -6.85
N ARG G 142 57.20 -18.63 -6.46
CA ARG G 142 57.38 -18.21 -5.09
C ARG G 142 56.18 -17.37 -4.66
N SER G 143 56.21 -16.90 -3.42
CA SER G 143 55.13 -16.07 -2.89
C SER G 143 55.28 -14.63 -3.36
N VAL G 144 54.14 -13.96 -3.49
CA VAL G 144 54.11 -12.56 -3.93
C VAL G 144 54.47 -11.69 -2.73
N PHE G 145 55.71 -11.20 -2.70
CA PHE G 145 56.20 -10.35 -1.62
C PHE G 145 56.54 -8.95 -2.06
N GLU G 146 56.63 -8.69 -3.36
CA GLU G 146 56.96 -7.36 -3.86
C GLU G 146 55.74 -6.46 -3.83
N PRO G 147 55.93 -5.14 -3.93
CA PRO G 147 54.78 -4.23 -3.90
C PRO G 147 54.63 -3.45 -5.19
N MET G 148 53.45 -3.55 -5.80
CA MET G 148 53.15 -2.86 -7.06
C MET G 148 52.41 -1.57 -6.73
N GLN G 149 53.13 -0.45 -6.78
CA GLN G 149 52.55 0.85 -6.48
C GLN G 149 51.76 1.34 -7.70
N THR G 150 50.43 1.35 -7.57
CA THR G 150 49.57 1.78 -8.66
C THR G 150 49.39 3.30 -8.71
N GLY G 151 49.59 3.99 -7.58
CA GLY G 151 49.44 5.42 -7.50
C GLY G 151 48.17 5.88 -6.83
N LEU G 152 47.11 5.09 -6.91
CA LEU G 152 45.84 5.46 -6.30
C LEU G 152 45.89 5.25 -4.79
N LYS G 153 45.27 6.16 -4.05
CA LYS G 153 45.25 6.06 -2.59
C LYS G 153 44.22 5.06 -2.11
N ALA G 154 43.18 4.80 -2.89
CA ALA G 154 42.14 3.85 -2.50
C ALA G 154 42.42 2.44 -3.00
N VAL G 155 43.52 2.22 -3.72
CA VAL G 155 43.86 0.89 -4.23
C VAL G 155 45.10 0.39 -3.51
N ASP G 156 45.98 1.31 -3.11
CA ASP G 156 47.20 0.93 -2.40
C ASP G 156 46.95 0.61 -0.93
N ALA G 157 45.84 1.07 -0.36
CA ALA G 157 45.52 0.81 1.04
C ALA G 157 44.50 -0.30 1.22
N LEU G 158 43.58 -0.48 0.26
CA LEU G 158 42.57 -1.53 0.36
C LEU G 158 43.06 -2.82 -0.28
N VAL G 159 42.77 -3.01 -1.56
CA VAL G 159 43.19 -4.20 -2.29
C VAL G 159 44.53 -3.93 -2.96
N PRO G 160 45.64 -4.05 -2.24
CA PRO G 160 46.95 -3.80 -2.85
C PRO G 160 47.41 -5.00 -3.67
N ILE G 161 47.92 -4.72 -4.86
CA ILE G 161 48.39 -5.76 -5.76
C ILE G 161 49.92 -5.84 -5.67
N GLY G 162 50.46 -7.01 -6.04
CA GLY G 162 51.89 -7.22 -6.00
C GLY G 162 52.39 -7.76 -7.33
N ARG G 163 53.71 -7.88 -7.42
CA ARG G 163 54.36 -8.40 -8.63
C ARG G 163 54.19 -9.91 -8.69
N GLY G 164 53.42 -10.38 -9.67
CA GLY G 164 53.18 -11.81 -9.84
C GLY G 164 51.74 -12.23 -9.65
N GLN G 165 50.87 -11.36 -9.13
CA GLN G 165 49.47 -11.70 -8.91
C GLN G 165 48.63 -11.24 -10.09
N ARG G 166 47.41 -11.76 -10.14
CA ARG G 166 46.45 -11.44 -11.20
C ARG G 166 45.25 -10.74 -10.58
N GLU G 167 45.15 -9.43 -10.80
CA GLU G 167 44.06 -8.62 -10.28
C GLU G 167 43.10 -8.26 -11.41
N LEU G 168 41.85 -8.65 -11.26
CA LEU G 168 40.83 -8.38 -12.27
C LEU G 168 40.25 -6.98 -12.07
N ILE G 169 39.62 -6.47 -13.14
CA ILE G 169 39.01 -5.15 -13.11
C ILE G 169 37.63 -5.23 -13.74
N ILE G 170 36.66 -5.73 -12.98
CA ILE G 170 35.29 -5.85 -13.46
C ILE G 170 34.59 -4.51 -13.35
N GLY G 171 33.61 -4.30 -14.22
CA GLY G 171 32.86 -3.06 -14.22
C GLY G 171 32.16 -2.84 -15.54
N ASP G 172 31.33 -1.81 -15.56
CA ASP G 172 30.57 -1.45 -16.75
C ASP G 172 31.38 -0.47 -17.60
N ARG G 173 30.75 0.07 -18.64
CA ARG G 173 31.42 1.02 -19.53
C ARG G 173 31.41 2.42 -18.91
N GLN G 174 32.52 3.15 -19.10
CA GLN G 174 32.68 4.50 -18.60
C GLN G 174 32.50 4.54 -17.08
N THR G 175 33.30 3.72 -16.39
CA THR G 175 33.26 3.64 -14.93
C THR G 175 34.63 3.65 -14.27
N GLY G 176 35.70 3.40 -15.01
CA GLY G 176 37.03 3.40 -14.41
C GLY G 176 37.79 2.11 -14.66
N LYS G 177 37.42 1.38 -15.72
CA LYS G 177 38.08 0.12 -16.02
C LYS G 177 39.45 0.38 -16.66
N THR G 178 39.49 1.13 -17.76
CA THR G 178 40.74 1.43 -18.42
C THR G 178 41.57 2.48 -17.70
N ALA G 179 40.94 3.29 -16.85
CA ALA G 179 41.67 4.32 -16.10
C ALA G 179 42.51 3.76 -14.97
N VAL G 180 42.13 2.60 -14.43
CA VAL G 180 42.90 2.01 -13.35
C VAL G 180 44.18 1.37 -13.86
N ALA G 181 44.16 0.79 -15.06
CA ALA G 181 45.36 0.18 -15.61
C ALA G 181 46.33 1.21 -16.17
N LEU G 182 45.82 2.35 -16.65
CA LEU G 182 46.70 3.39 -17.19
C LEU G 182 47.43 4.15 -16.09
N ASP G 183 46.81 4.29 -14.92
CA ASP G 183 47.44 5.00 -13.81
C ASP G 183 48.57 4.21 -13.16
N THR G 184 48.52 2.87 -13.23
CA THR G 184 49.56 2.05 -12.63
C THR G 184 50.82 2.02 -13.48
N ILE G 185 50.69 2.20 -14.79
CA ILE G 185 51.85 2.19 -15.67
C ILE G 185 52.61 3.50 -15.59
N LEU G 186 51.89 4.62 -15.43
CA LEU G 186 52.53 5.92 -15.34
C LEU G 186 53.14 6.17 -13.97
N ASN G 187 52.73 5.43 -12.94
CA ASN G 187 53.26 5.60 -11.59
C ASN G 187 54.62 4.94 -11.41
N GLN G 188 55.06 4.12 -12.35
CA GLN G 188 56.35 3.44 -12.27
C GLN G 188 57.49 4.25 -12.88
N LYS G 189 57.26 5.52 -13.18
CA LYS G 189 58.31 6.35 -13.76
C LYS G 189 59.38 6.75 -12.76
N ARG G 190 59.07 6.73 -11.46
CA ARG G 190 60.04 7.09 -10.45
C ARG G 190 61.09 6.01 -10.22
N TRP G 191 60.78 4.76 -10.54
CA TRP G 191 61.71 3.65 -10.36
C TRP G 191 62.37 3.20 -11.66
N ASN G 192 61.73 3.44 -12.80
CA ASN G 192 62.29 3.04 -14.09
C ASN G 192 63.29 4.05 -14.65
N ASP G 193 63.23 5.30 -14.22
CA ASP G 193 64.14 6.33 -14.71
C ASP G 193 65.50 6.29 -14.03
N GLY G 194 65.63 5.56 -12.92
CA GLY G 194 66.89 5.48 -12.21
C GLY G 194 67.78 4.36 -12.71
N ASN G 195 68.36 3.59 -11.78
CA ASN G 195 69.24 2.50 -12.13
C ASN G 195 68.89 1.19 -11.44
N ASP G 196 67.89 1.19 -10.54
CA ASP G 196 67.48 -0.02 -9.84
C ASP G 196 66.60 -0.85 -10.75
N GLU G 197 67.13 -1.99 -11.21
CA GLU G 197 66.37 -2.87 -12.10
C GLU G 197 65.38 -3.75 -11.34
N SER G 198 65.58 -3.94 -10.04
CA SER G 198 64.68 -4.78 -9.26
C SER G 198 63.38 -4.06 -8.91
N LYS G 199 63.38 -2.73 -8.87
CA LYS G 199 62.19 -1.96 -8.55
C LYS G 199 61.42 -1.49 -9.78
N LYS G 200 62.02 -1.55 -10.95
CA LYS G 200 61.34 -1.13 -12.17
C LYS G 200 60.40 -2.22 -12.67
N LEU G 201 59.27 -1.78 -13.24
CA LEU G 201 58.26 -2.69 -13.77
C LEU G 201 57.84 -2.20 -15.15
N TYR G 202 58.12 -3.00 -16.17
CA TYR G 202 57.77 -2.63 -17.53
C TYR G 202 56.29 -2.91 -17.80
N CYS G 203 55.65 -1.98 -18.49
CA CYS G 203 54.24 -2.10 -18.81
C CYS G 203 54.05 -2.85 -20.12
N VAL G 204 52.86 -3.43 -20.29
CA VAL G 204 52.53 -4.18 -21.49
C VAL G 204 51.03 -4.05 -21.77
N TYR G 205 50.64 -2.95 -22.38
CA TYR G 205 49.23 -2.73 -22.70
C TYR G 205 48.83 -3.51 -23.94
N VAL G 206 47.79 -4.32 -23.81
CA VAL G 206 47.29 -5.14 -24.91
C VAL G 206 45.85 -4.69 -25.18
N ALA G 207 45.70 -3.68 -26.04
CA ALA G 207 44.39 -3.15 -26.38
C ALA G 207 43.74 -4.08 -27.39
N VAL G 208 42.82 -4.91 -26.92
CA VAL G 208 42.10 -5.87 -27.76
C VAL G 208 40.62 -5.51 -27.73
N GLY G 209 40.03 -5.36 -28.93
CA GLY G 209 38.64 -5.02 -29.05
C GLY G 209 38.33 -3.53 -29.08
N GLN G 210 39.33 -2.68 -28.85
CA GLN G 210 39.11 -1.24 -28.86
C GLN G 210 39.06 -0.72 -30.29
N LYS G 211 38.67 0.55 -30.41
CA LYS G 211 38.57 1.19 -31.72
C LYS G 211 39.92 1.77 -32.13
N ARG G 212 39.95 2.45 -33.27
CA ARG G 212 41.19 3.04 -33.77
C ARG G 212 41.52 4.33 -33.04
N SER G 213 40.53 5.11 -32.63
CA SER G 213 40.77 6.36 -31.92
C SER G 213 41.14 6.14 -30.47
N THR G 214 40.73 5.01 -29.87
CA THR G 214 41.06 4.76 -28.47
C THR G 214 42.50 4.31 -28.29
N VAL G 215 43.06 3.61 -29.28
CA VAL G 215 44.44 3.14 -29.17
C VAL G 215 45.42 4.27 -29.43
N ALA G 216 45.06 5.24 -30.28
CA ALA G 216 45.95 6.35 -30.58
C ALA G 216 45.95 7.40 -29.48
N GLN G 217 44.84 7.53 -28.75
CA GLN G 217 44.77 8.51 -27.67
C GLN G 217 45.51 8.06 -26.42
N LEU G 218 45.56 6.76 -26.16
CA LEU G 218 46.25 6.26 -24.98
C LEU G 218 47.75 6.24 -25.17
N VAL G 219 48.23 6.06 -26.40
CA VAL G 219 49.67 6.04 -26.65
C VAL G 219 50.23 7.46 -26.67
N GLN G 220 49.42 8.45 -27.00
CA GLN G 220 49.89 9.83 -27.04
C GLN G 220 50.02 10.44 -25.65
N THR G 221 49.21 9.96 -24.69
CA THR G 221 49.29 10.49 -23.33
C THR G 221 50.47 9.93 -22.55
N LEU G 222 50.91 8.72 -22.90
CA LEU G 222 52.05 8.12 -22.19
C LEU G 222 53.39 8.66 -22.70
N GLU G 223 53.45 9.07 -23.96
CA GLU G 223 54.69 9.60 -24.52
C GLU G 223 54.99 11.01 -24.03
N GLN G 224 53.96 11.77 -23.67
CA GLN G 224 54.15 13.13 -23.18
C GLN G 224 54.52 13.19 -21.71
N ASN G 225 54.32 12.10 -20.97
CA ASN G 225 54.63 12.03 -19.55
C ASN G 225 55.83 11.14 -19.26
N ASP G 226 56.64 10.84 -20.28
CA ASP G 226 57.83 10.00 -20.15
C ASP G 226 57.46 8.62 -19.58
N ALA G 227 56.61 7.92 -20.34
CA ALA G 227 56.17 6.59 -19.94
C ALA G 227 56.06 5.59 -21.09
N MET G 228 56.25 6.01 -22.34
CA MET G 228 56.16 5.11 -23.49
C MET G 228 57.50 4.52 -23.87
N LYS G 229 58.59 4.91 -23.20
CA LYS G 229 59.91 4.37 -23.52
C LYS G 229 60.13 2.97 -22.97
N TYR G 230 59.36 2.57 -21.96
CA TYR G 230 59.47 1.25 -21.34
C TYR G 230 58.09 0.62 -21.21
N SER G 231 57.34 0.62 -22.31
CA SER G 231 56.00 0.05 -22.33
C SER G 231 55.71 -0.50 -23.72
N ILE G 232 55.21 -1.73 -23.77
CA ILE G 232 54.89 -2.39 -25.03
C ILE G 232 53.40 -2.20 -25.31
N VAL G 233 53.08 -1.74 -26.52
CA VAL G 233 51.70 -1.51 -26.95
C VAL G 233 51.36 -2.54 -28.01
N VAL G 234 50.33 -3.34 -27.72
CA VAL G 234 49.87 -4.39 -28.63
C VAL G 234 48.60 -3.87 -29.29
N ALA G 235 48.72 -3.40 -30.53
CA ALA G 235 47.58 -2.88 -31.27
C ALA G 235 46.76 -4.03 -31.83
N ALA G 236 45.49 -4.12 -31.41
CA ALA G 236 44.59 -5.18 -31.85
C ALA G 236 43.17 -4.60 -31.88
N THR G 237 42.86 -3.88 -32.96
CA THR G 237 41.57 -3.26 -33.12
C THR G 237 40.53 -4.29 -33.56
N ALA G 238 39.26 -3.89 -33.52
CA ALA G 238 38.16 -4.76 -33.92
C ALA G 238 37.90 -4.76 -35.42
N SER G 239 38.63 -3.95 -36.19
CA SER G 239 38.46 -3.88 -37.63
C SER G 239 39.27 -4.94 -38.37
N GLU G 240 40.06 -5.74 -37.67
CA GLU G 240 40.87 -6.77 -38.30
C GLU G 240 40.08 -8.08 -38.30
N ALA G 241 40.77 -9.21 -38.49
CA ALA G 241 40.11 -10.51 -38.52
C ALA G 241 39.86 -11.01 -37.10
N ALA G 242 39.16 -12.14 -37.01
CA ALA G 242 38.84 -12.75 -35.73
C ALA G 242 40.06 -13.46 -35.16
N PRO G 243 40.99 -13.92 -36.02
CA PRO G 243 42.19 -14.60 -35.49
C PRO G 243 43.23 -13.65 -34.93
N LEU G 244 43.19 -12.37 -35.30
CA LEU G 244 44.18 -11.42 -34.78
C LEU G 244 43.80 -10.92 -33.40
N GLN G 245 42.50 -10.74 -33.15
CA GLN G 245 42.05 -10.27 -31.85
C GLN G 245 42.05 -11.37 -30.80
N TYR G 246 41.80 -12.62 -31.21
CA TYR G 246 41.78 -13.72 -30.26
C TYR G 246 43.18 -14.12 -29.84
N LEU G 247 44.18 -13.91 -30.70
CA LEU G 247 45.56 -14.25 -30.41
C LEU G 247 46.35 -13.09 -29.82
N ALA G 248 45.67 -12.00 -29.45
CA ALA G 248 46.34 -10.84 -28.88
C ALA G 248 46.76 -11.12 -27.44
N PRO G 249 46.06 -12.01 -26.73
CA PRO G 249 46.44 -12.31 -25.35
C PRO G 249 47.66 -13.21 -25.27
N PHE G 250 47.77 -14.16 -26.20
CA PHE G 250 48.92 -15.06 -26.21
C PHE G 250 50.17 -14.40 -26.76
N THR G 251 50.02 -13.46 -27.70
CA THR G 251 51.18 -12.79 -28.27
C THR G 251 51.75 -11.75 -27.31
N ALA G 252 50.90 -11.07 -26.54
CA ALA G 252 51.39 -10.07 -25.60
C ALA G 252 52.05 -10.71 -24.38
N CYS G 253 51.63 -11.91 -24.00
CA CYS G 253 52.22 -12.60 -22.85
C CYS G 253 53.59 -13.15 -23.15
N ALA G 254 53.90 -13.46 -24.42
CA ALA G 254 55.21 -13.99 -24.76
C ALA G 254 56.29 -12.91 -24.74
N ILE G 255 55.93 -11.67 -25.07
CA ILE G 255 56.92 -10.60 -25.06
C ILE G 255 57.24 -10.17 -23.64
N ALA G 256 56.25 -10.21 -22.73
CA ALA G 256 56.48 -9.82 -21.34
C ALA G 256 57.14 -10.93 -20.53
N GLU G 257 57.13 -12.17 -21.03
CA GLU G 257 57.75 -13.27 -20.30
C GLU G 257 59.26 -13.29 -20.42
N TRP G 258 59.82 -12.55 -21.38
CA TRP G 258 61.28 -12.52 -21.54
C TRP G 258 61.95 -11.72 -20.44
N PHE G 259 61.27 -10.69 -19.93
CA PHE G 259 61.86 -9.89 -18.86
C PHE G 259 61.75 -10.56 -17.50
N ARG G 260 60.70 -11.36 -17.29
CA ARG G 260 60.53 -12.05 -16.01
C ARG G 260 61.48 -13.24 -15.88
N ASP G 261 61.90 -13.82 -16.99
CA ASP G 261 62.82 -14.96 -16.98
C ASP G 261 64.28 -14.56 -16.94
N ASN G 262 64.58 -13.26 -16.97
CA ASN G 262 65.95 -12.76 -16.94
C ASN G 262 66.32 -12.10 -15.62
N GLY G 263 65.39 -11.35 -15.01
CA GLY G 263 65.67 -10.68 -13.75
C GLY G 263 64.99 -9.34 -13.63
N LYS G 264 63.92 -9.13 -14.39
CA LYS G 264 63.17 -7.89 -14.38
C LYS G 264 61.69 -8.19 -14.10
N HIS G 265 60.94 -7.13 -13.85
CA HIS G 265 59.51 -7.22 -13.55
C HIS G 265 58.72 -6.71 -14.74
N ALA G 266 57.57 -7.34 -14.99
CA ALA G 266 56.68 -6.96 -16.07
C ALA G 266 55.27 -6.76 -15.55
N LEU G 267 54.47 -6.05 -16.34
CA LEU G 267 53.07 -5.77 -15.98
C LEU G 267 52.24 -5.77 -17.25
N ILE G 268 51.44 -6.81 -17.43
CA ILE G 268 50.58 -6.95 -18.60
C ILE G 268 49.19 -6.45 -18.26
N VAL G 269 48.53 -5.83 -19.24
CA VAL G 269 47.18 -5.29 -19.08
C VAL G 269 46.36 -5.79 -20.25
N TYR G 270 45.53 -6.81 -20.01
CA TYR G 270 44.67 -7.40 -21.05
C TYR G 270 43.34 -6.66 -21.04
N ASP G 271 43.25 -5.60 -21.83
CA ASP G 271 42.05 -4.79 -21.95
C ASP G 271 41.45 -5.00 -23.34
N ASP G 272 40.32 -5.67 -23.40
CA ASP G 272 39.65 -6.19 -22.21
C ASP G 272 39.44 -7.70 -22.32
N LEU G 273 39.07 -8.33 -21.20
CA LEU G 273 38.83 -9.76 -21.19
C LEU G 273 37.52 -10.14 -21.88
N SER G 274 36.55 -9.23 -21.92
CA SER G 274 35.29 -9.53 -22.58
C SER G 274 35.40 -9.51 -24.10
N LYS G 275 36.34 -8.73 -24.64
CA LYS G 275 36.52 -8.68 -26.09
C LYS G 275 37.26 -9.89 -26.62
N GLN G 276 38.10 -10.52 -25.79
CA GLN G 276 38.84 -11.70 -26.23
C GLN G 276 37.96 -12.93 -26.32
N ALA G 277 36.90 -13.00 -25.51
CA ALA G 277 36.01 -14.15 -25.56
C ALA G 277 35.09 -14.13 -26.78
N VAL G 278 34.72 -12.94 -27.26
CA VAL G 278 33.86 -12.85 -28.43
C VAL G 278 34.65 -13.11 -29.70
N ALA G 279 35.95 -12.82 -29.71
CA ALA G 279 36.76 -13.06 -30.90
C ALA G 279 37.09 -14.54 -31.09
N TYR G 280 37.23 -15.29 -29.99
CA TYR G 280 37.53 -16.71 -30.10
C TYR G 280 36.31 -17.52 -30.54
N ARG G 281 35.11 -17.10 -30.16
CA ARG G 281 33.90 -17.81 -30.54
C ARG G 281 33.51 -17.57 -32.00
N GLN G 282 33.99 -16.48 -32.60
CA GLN G 282 33.64 -16.20 -33.99
C GLN G 282 34.43 -17.08 -34.95
N LEU G 283 35.71 -17.34 -34.65
CA LEU G 283 36.52 -18.17 -35.52
C LEU G 283 36.19 -19.65 -35.36
N SER G 284 35.72 -20.06 -34.18
CA SER G 284 35.38 -21.46 -33.96
C SER G 284 34.02 -21.83 -34.56
N LEU G 285 33.12 -20.85 -34.67
CA LEU G 285 31.80 -21.13 -35.23
C LEU G 285 31.84 -21.26 -36.75
N LEU G 286 32.82 -20.63 -37.40
CA LEU G 286 32.95 -20.69 -38.85
C LEU G 286 33.78 -21.88 -39.32
N LEU G 287 34.39 -22.63 -38.41
CA LEU G 287 35.20 -23.79 -38.76
C LEU G 287 34.45 -25.11 -38.59
N ARG G 288 33.11 -25.04 -38.59
CA ARG G 288 32.24 -26.22 -38.44
C ARG G 288 32.57 -26.98 -37.15
N ARG G 289 32.19 -26.35 -36.05
CA ARG G 289 32.40 -26.91 -34.71
C ARG G 289 31.13 -26.72 -33.89
N PRO G 290 30.90 -27.60 -32.92
CA PRO G 290 29.69 -27.48 -32.09
C PRO G 290 29.88 -26.41 -31.02
N PRO G 291 28.84 -25.63 -30.73
CA PRO G 291 28.97 -24.59 -29.70
C PRO G 291 28.64 -25.10 -28.31
N GLY G 292 28.80 -24.25 -27.31
CA GLY G 292 28.52 -24.64 -25.94
C GLY G 292 27.44 -23.80 -25.29
N ARG G 293 27.80 -23.03 -24.28
CA ARG G 293 26.86 -22.17 -23.56
C ARG G 293 26.96 -20.74 -24.07
N GLU G 294 25.80 -20.09 -24.22
CA GLU G 294 25.71 -18.71 -24.70
C GLU G 294 26.37 -18.55 -26.07
N ALA G 295 26.22 -19.57 -26.92
CA ALA G 295 26.77 -19.58 -28.27
C ALA G 295 28.28 -19.33 -28.25
N TYR G 296 28.98 -20.09 -27.40
CA TYR G 296 30.42 -19.97 -27.29
C TYR G 296 31.08 -21.33 -27.46
N PRO G 297 32.40 -21.41 -27.44
CA PRO G 297 33.07 -22.70 -27.61
C PRO G 297 33.03 -23.51 -26.32
N GLY G 298 33.52 -24.75 -26.42
CA GLY G 298 33.54 -25.62 -25.26
C GLY G 298 34.62 -25.25 -24.26
N ASP G 299 35.81 -24.91 -24.74
CA ASP G 299 36.92 -24.52 -23.87
C ASP G 299 36.97 -23.02 -23.67
N VAL G 300 35.86 -22.45 -23.21
CA VAL G 300 35.80 -21.00 -22.97
C VAL G 300 36.52 -20.65 -21.68
N PHE G 301 36.37 -21.47 -20.64
CA PHE G 301 37.04 -21.18 -19.38
C PHE G 301 38.53 -21.54 -19.42
N TYR G 302 38.92 -22.47 -20.28
CA TYR G 302 40.31 -22.87 -20.38
C TYR G 302 41.15 -21.89 -21.19
N LEU G 303 40.52 -21.07 -22.02
CA LEU G 303 41.27 -20.10 -22.82
C LEU G 303 41.74 -18.92 -21.97
N HIS G 304 40.91 -18.48 -21.02
CA HIS G 304 41.27 -17.37 -20.15
C HIS G 304 42.10 -17.79 -18.94
N SER G 305 42.00 -19.05 -18.52
CA SER G 305 42.77 -19.51 -17.37
C SER G 305 44.20 -19.86 -17.75
N ARG G 306 44.43 -20.30 -18.98
CA ARG G 306 45.77 -20.66 -19.42
C ARG G 306 46.64 -19.43 -19.67
N LEU G 307 46.05 -18.34 -20.16
CA LEU G 307 46.81 -17.12 -20.42
C LEU G 307 47.10 -16.33 -19.16
N LEU G 308 46.34 -16.53 -18.10
CA LEU G 308 46.56 -15.81 -16.84
C LEU G 308 47.43 -16.58 -15.86
N GLU G 309 47.60 -17.88 -16.07
CA GLU G 309 48.42 -18.68 -15.16
C GLU G 309 49.92 -18.49 -15.40
N ARG G 310 50.31 -18.00 -16.57
CA ARG G 310 51.72 -17.78 -16.86
C ARG G 310 52.28 -16.54 -16.18
N ALA G 311 51.43 -15.60 -15.79
CA ALA G 311 51.87 -14.37 -15.13
C ALA G 311 51.93 -14.63 -13.62
N ALA G 312 53.03 -15.27 -13.21
CA ALA G 312 53.26 -15.60 -11.81
C ALA G 312 54.66 -15.17 -11.42
N LYS G 313 54.86 -15.00 -10.11
CA LYS G 313 56.15 -14.58 -9.58
C LYS G 313 57.08 -15.79 -9.50
N MET G 314 58.25 -15.68 -10.14
CA MET G 314 59.21 -16.77 -10.12
C MET G 314 59.98 -16.80 -8.81
N SER G 315 60.72 -17.88 -8.61
CA SER G 315 61.52 -18.07 -7.40
C SER G 315 62.91 -17.45 -7.59
N ASP G 316 63.79 -17.64 -6.62
CA ASP G 316 65.14 -17.10 -6.71
C ASP G 316 66.03 -17.88 -7.66
N ALA G 317 65.72 -19.15 -7.92
CA ALA G 317 66.51 -19.97 -8.81
C ALA G 317 66.14 -19.79 -10.28
N ASN G 318 65.05 -19.10 -10.58
CA ASN G 318 64.60 -18.87 -11.94
C ASN G 318 64.94 -17.47 -12.45
N GLY G 319 65.54 -16.63 -11.62
CA GLY G 319 65.88 -15.28 -12.03
C GLY G 319 65.37 -14.22 -11.08
N GLY G 320 64.26 -14.50 -10.41
CA GLY G 320 63.68 -13.54 -9.48
C GLY G 320 62.72 -12.56 -10.08
N GLY G 321 62.22 -12.80 -11.29
CA GLY G 321 61.29 -11.90 -11.93
C GLY G 321 59.84 -12.25 -11.65
N SER G 322 58.94 -11.38 -12.11
CA SER G 322 57.52 -11.58 -11.93
C SER G 322 56.78 -10.90 -13.07
N LEU G 323 55.50 -11.24 -13.20
CA LEU G 323 54.65 -10.68 -14.25
C LEU G 323 53.26 -10.42 -13.67
N THR G 324 52.81 -9.17 -13.74
CA THR G 324 51.51 -8.78 -13.24
C THR G 324 50.48 -8.75 -14.36
N ALA G 325 49.32 -9.31 -14.10
CA ALA G 325 48.23 -9.37 -15.06
C ALA G 325 47.08 -8.49 -14.59
N LEU G 326 46.63 -7.59 -15.46
CA LEU G 326 45.54 -6.66 -15.17
C LEU G 326 44.44 -6.88 -16.22
N PRO G 327 43.55 -7.85 -16.00
CA PRO G 327 42.48 -8.09 -16.97
C PRO G 327 41.21 -7.32 -16.63
N VAL G 328 40.72 -6.54 -17.59
CA VAL G 328 39.51 -5.74 -17.42
C VAL G 328 38.33 -6.53 -17.94
N ILE G 329 37.26 -6.62 -17.15
CA ILE G 329 36.05 -7.34 -17.51
C ILE G 329 34.94 -6.32 -17.74
N GLU G 330 34.40 -6.29 -18.96
CA GLU G 330 33.33 -5.37 -19.32
C GLU G 330 31.99 -6.02 -19.00
N THR G 331 31.32 -5.51 -17.98
CA THR G 331 30.02 -6.04 -17.58
C THR G 331 28.90 -5.30 -18.30
N GLN G 332 27.66 -5.75 -18.08
CA GLN G 332 26.48 -5.16 -18.70
C GLN G 332 25.48 -4.84 -17.59
N GLY G 333 25.50 -3.60 -17.12
CA GLY G 333 24.58 -3.18 -16.07
C GLY G 333 24.94 -3.68 -14.70
N GLY G 334 26.22 -3.92 -14.43
CA GLY G 334 26.65 -4.41 -13.14
C GLY G 334 26.38 -5.88 -12.88
N ASP G 335 26.07 -6.65 -13.90
CA ASP G 335 25.79 -8.08 -13.74
C ASP G 335 27.11 -8.85 -13.72
N VAL G 336 27.48 -9.36 -12.55
CA VAL G 336 28.71 -10.13 -12.40
C VAL G 336 28.46 -11.63 -12.38
N SER G 337 27.21 -12.06 -12.53
CA SER G 337 26.84 -13.48 -12.54
C SER G 337 26.59 -13.98 -13.95
N ALA G 338 27.38 -13.54 -14.92
CA ALA G 338 27.23 -13.96 -16.30
C ALA G 338 28.11 -15.18 -16.56
N TYR G 339 28.34 -15.53 -17.83
CA TYR G 339 29.16 -16.68 -18.18
C TYR G 339 30.63 -16.32 -18.29
N ILE G 340 30.95 -15.16 -18.87
CA ILE G 340 32.33 -14.72 -19.02
C ILE G 340 32.74 -13.92 -17.79
N PRO G 341 31.79 -13.44 -16.98
CA PRO G 341 32.15 -12.67 -15.79
C PRO G 341 32.54 -13.55 -14.62
N THR G 342 31.81 -14.66 -14.45
CA THR G 342 32.08 -15.58 -13.34
C THR G 342 33.27 -16.49 -13.62
N ASN G 343 33.65 -16.66 -14.89
CA ASN G 343 34.78 -17.52 -15.22
C ASN G 343 36.10 -16.83 -14.97
N VAL G 344 36.18 -15.53 -15.19
CA VAL G 344 37.43 -14.80 -14.97
C VAL G 344 37.61 -14.39 -13.51
N ILE G 345 36.53 -14.31 -12.74
CA ILE G 345 36.65 -13.94 -11.33
C ILE G 345 37.07 -15.09 -10.45
N SER G 346 36.90 -16.33 -10.91
CA SER G 346 37.27 -17.52 -10.15
C SER G 346 38.62 -18.08 -10.55
N ILE G 347 39.39 -17.35 -11.36
CA ILE G 347 40.70 -17.81 -11.79
C ILE G 347 41.76 -16.82 -11.33
N THR G 348 41.37 -15.55 -11.18
CA THR G 348 42.29 -14.51 -10.75
C THR G 348 42.31 -14.41 -9.23
N ASP G 349 43.40 -13.86 -8.70
CA ASP G 349 43.58 -13.69 -7.26
C ASP G 349 43.07 -12.32 -6.84
N GLY G 350 41.75 -12.18 -6.87
CA GLY G 350 41.10 -10.95 -6.50
C GLY G 350 40.55 -10.22 -7.72
N GLN G 351 39.64 -9.28 -7.44
CA GLN G 351 39.01 -8.49 -8.48
C GLN G 351 38.70 -7.10 -7.94
N ILE G 352 38.64 -6.13 -8.84
CA ILE G 352 38.34 -4.74 -8.50
C ILE G 352 37.00 -4.40 -9.14
N PHE G 353 35.95 -4.38 -8.33
CA PHE G 353 34.62 -4.06 -8.82
C PHE G 353 34.47 -2.56 -9.01
N LEU G 354 34.03 -2.15 -10.19
CA LEU G 354 33.83 -0.75 -10.55
C LEU G 354 32.34 -0.53 -10.78
N GLU G 355 31.65 -0.05 -9.76
CA GLU G 355 30.22 0.21 -9.87
C GLU G 355 29.96 1.52 -10.61
N ALA G 356 28.81 1.58 -11.28
CA ALA G 356 28.41 2.77 -12.03
C ALA G 356 27.59 3.75 -11.20
N GLU G 357 27.27 3.41 -9.95
CA GLU G 357 26.49 4.32 -9.11
C GLU G 357 27.37 5.38 -8.47
N LEU G 358 28.52 4.98 -7.92
CA LEU G 358 29.43 5.93 -7.28
C LEU G 358 30.33 6.66 -8.26
N PHE G 359 30.38 6.22 -9.53
CA PHE G 359 31.23 6.88 -10.51
C PHE G 359 30.59 8.15 -11.06
N TYR G 360 29.25 8.21 -11.07
CA TYR G 360 28.56 9.39 -11.59
C TYR G 360 28.43 10.49 -10.55
N LYS G 361 28.52 10.17 -9.26
CA LYS G 361 28.41 11.17 -8.22
C LYS G 361 29.67 12.01 -8.05
N GLY G 362 30.82 11.49 -8.50
CA GLY G 362 32.08 12.20 -8.40
C GLY G 362 33.17 11.45 -7.66
N ILE G 363 32.87 10.32 -7.02
CA ILE G 363 33.87 9.55 -6.30
C ILE G 363 34.69 8.73 -7.29
N ARG G 364 35.72 9.34 -7.86
CA ARG G 364 36.57 8.66 -8.83
C ARG G 364 37.88 8.25 -8.18
N PRO G 365 38.27 6.96 -8.25
CA PRO G 365 37.51 5.92 -8.94
C PRO G 365 36.52 5.21 -8.03
N ALA G 366 35.40 4.76 -8.60
CA ALA G 366 34.36 4.07 -7.84
C ALA G 366 34.84 2.66 -7.54
N ILE G 367 35.52 2.51 -6.41
CA ILE G 367 36.05 1.22 -5.96
C ILE G 367 35.26 0.82 -4.72
N ASN G 368 34.45 -0.24 -4.84
CA ASN G 368 33.66 -0.71 -3.72
C ASN G 368 34.54 -1.46 -2.73
N VAL G 369 34.54 -1.01 -1.47
CA VAL G 369 35.36 -1.66 -0.46
C VAL G 369 34.71 -2.96 0.02
N GLY G 370 33.39 -3.06 -0.07
CA GLY G 370 32.69 -4.26 0.36
C GLY G 370 32.62 -5.36 -0.67
N LEU G 371 33.04 -5.11 -1.90
CA LEU G 371 33.00 -6.10 -2.97
C LEU G 371 34.38 -6.47 -3.49
N SER G 372 35.27 -5.48 -3.65
CA SER G 372 36.61 -5.74 -4.15
C SER G 372 37.52 -6.18 -3.01
N VAL G 373 38.28 -7.25 -3.23
CA VAL G 373 39.20 -7.79 -2.23
C VAL G 373 40.44 -8.30 -2.94
N SER G 374 41.50 -8.51 -2.15
CA SER G 374 42.77 -9.00 -2.65
C SER G 374 43.11 -10.31 -1.96
N ARG G 375 43.54 -11.30 -2.73
CA ARG G 375 43.89 -12.60 -2.17
C ARG G 375 45.30 -12.62 -1.58
N VAL G 376 46.13 -11.63 -1.89
CA VAL G 376 47.48 -11.61 -1.35
C VAL G 376 47.49 -11.08 0.08
N GLY G 377 46.56 -10.20 0.43
CA GLY G 377 46.50 -9.64 1.77
C GLY G 377 47.45 -8.49 1.98
N SER G 378 48.07 -8.43 3.15
CA SER G 378 49.01 -7.37 3.49
C SER G 378 50.44 -7.70 3.11
N ALA G 379 50.68 -8.88 2.53
CA ALA G 379 52.03 -9.26 2.14
C ALA G 379 52.49 -8.58 0.86
N ALA G 380 51.56 -8.16 0.01
CA ALA G 380 51.90 -7.49 -1.25
C ALA G 380 51.95 -5.97 -1.11
N GLN G 381 51.89 -5.45 0.11
CA GLN G 381 51.93 -4.01 0.36
C GLN G 381 53.20 -3.66 1.13
N VAL G 382 53.52 -2.37 1.12
CA VAL G 382 54.71 -1.88 1.81
C VAL G 382 54.44 -1.80 3.31
N LYS G 383 55.52 -1.81 4.10
CA LYS G 383 55.40 -1.74 5.54
C LYS G 383 55.06 -0.35 6.04
N ALA G 384 55.33 0.69 5.25
CA ALA G 384 55.02 2.05 5.66
C ALA G 384 53.52 2.33 5.55
N MET G 385 52.87 1.87 4.48
CA MET G 385 51.46 2.10 4.30
C MET G 385 50.60 1.19 5.18
N LYS G 386 51.12 0.03 5.58
CA LYS G 386 50.36 -0.89 6.42
C LYS G 386 50.37 -0.49 7.89
N GLN G 387 51.35 0.30 8.32
CA GLN G 387 51.42 0.72 9.72
C GLN G 387 50.48 1.89 10.00
N VAL G 388 50.47 2.90 9.12
CA VAL G 388 49.59 4.04 9.33
C VAL G 388 48.15 3.74 8.96
N ALA G 389 47.92 2.77 8.07
CA ALA G 389 46.56 2.43 7.67
C ALA G 389 46.27 0.96 7.96
N GLY G 390 46.51 0.54 9.20
CA GLY G 390 46.25 -0.85 9.55
C GLY G 390 44.78 -1.16 9.70
N SER G 391 43.97 -0.18 10.07
CA SER G 391 42.53 -0.35 10.23
C SER G 391 41.74 0.26 9.08
N LEU G 392 42.35 0.33 7.89
CA LEU G 392 41.65 0.89 6.73
C LEU G 392 40.57 -0.05 6.21
N LYS G 393 40.78 -1.37 6.31
CA LYS G 393 39.79 -2.32 5.84
C LYS G 393 38.61 -2.44 6.79
N LEU G 394 38.82 -2.20 8.08
CA LEU G 394 37.74 -2.29 9.06
C LEU G 394 36.96 -0.99 9.19
N PHE G 395 37.56 0.15 8.87
CA PHE G 395 36.87 1.43 8.96
C PHE G 395 35.87 1.63 7.83
N LEU G 396 36.07 0.96 6.69
CA LEU G 396 35.14 1.11 5.57
C LEU G 396 33.84 0.37 5.82
N ALA G 397 33.88 -0.77 6.51
CA ALA G 397 32.66 -1.52 6.79
C ALA G 397 31.83 -0.88 7.90
N GLN G 398 32.49 -0.25 8.88
CA GLN G 398 31.76 0.38 9.97
C GLN G 398 31.14 1.71 9.54
N TYR G 399 31.80 2.45 8.64
CA TYR G 399 31.28 3.72 8.17
C TYR G 399 30.12 3.55 7.20
N ARG G 400 30.02 2.41 6.52
CA ARG G 400 28.92 2.20 5.60
C ARG G 400 27.60 1.95 6.32
N GLU G 401 27.64 1.25 7.45
CA GLU G 401 26.42 0.99 8.21
C GLU G 401 25.95 2.21 8.99
N VAL G 402 26.88 3.10 9.38
CA VAL G 402 26.50 4.29 10.12
C VAL G 402 26.03 5.41 9.20
N ALA G 403 26.36 5.35 7.91
CA ALA G 403 25.94 6.40 6.99
C ALA G 403 24.46 6.28 6.64
N ALA G 404 23.91 5.08 6.68
CA ALA G 404 22.49 4.87 6.36
C ALA G 404 21.56 5.25 7.50
N PHE G 405 22.10 5.42 8.72
CA PHE G 405 21.27 5.79 9.86
C PHE G 405 20.89 7.26 9.87
N ALA G 406 21.60 8.09 9.10
CA ALA G 406 21.31 9.52 9.06
C ALA G 406 20.05 9.84 8.26
N GLN G 407 19.64 8.95 7.36
CA GLN G 407 18.44 9.15 6.55
C GLN G 407 17.18 8.58 7.19
N PHE G 408 17.27 8.10 8.43
CA PHE G 408 16.13 7.54 9.12
C PHE G 408 15.53 8.47 10.16
N GLY G 409 16.25 9.52 10.55
CA GLY G 409 15.78 10.48 11.53
C GLY G 409 16.49 10.41 12.86
N SER G 410 17.40 9.47 13.05
CA SER G 410 18.13 9.34 14.31
C SER G 410 19.25 10.36 14.38
N ASP G 411 19.27 11.16 15.45
CA ASP G 411 20.29 12.18 15.64
C ASP G 411 21.03 12.01 16.97
N LEU G 412 20.92 10.84 17.58
CA LEU G 412 21.59 10.59 18.86
C LEU G 412 22.95 9.96 18.64
N ASP G 413 23.32 9.00 19.50
CA ASP G 413 24.59 8.29 19.41
C ASP G 413 25.77 9.26 19.46
N ALA G 414 26.13 9.72 20.65
CA ALA G 414 27.26 10.64 20.77
C ALA G 414 28.59 9.95 20.52
N SER G 415 28.69 8.66 20.82
CA SER G 415 29.93 7.91 20.60
C SER G 415 30.15 7.59 19.13
N THR G 416 29.09 7.53 18.33
CA THR G 416 29.21 7.24 16.91
C THR G 416 29.40 8.48 16.06
N LYS G 417 29.46 9.67 16.67
CA LYS G 417 29.66 10.89 15.90
C LYS G 417 31.08 11.02 15.38
N GLN G 418 32.06 10.47 16.10
CA GLN G 418 33.45 10.53 15.65
C GLN G 418 33.72 9.59 14.49
N THR G 419 33.08 8.42 14.48
CA THR G 419 33.28 7.46 13.40
C THR G 419 32.57 7.88 12.11
N LEU G 420 31.41 8.53 12.24
CA LEU G 420 30.67 8.97 11.06
C LEU G 420 31.33 10.17 10.39
N SER G 421 31.92 11.08 11.16
CA SER G 421 32.58 12.25 10.58
C SER G 421 33.91 11.88 9.95
N ARG G 422 34.62 10.90 10.49
CA ARG G 422 35.90 10.48 9.94
C ARG G 422 35.75 9.62 8.69
N GLY G 423 34.61 8.95 8.51
CA GLY G 423 34.41 8.13 7.34
C GLY G 423 34.17 8.92 6.07
N GLU G 424 33.52 10.08 6.19
CA GLU G 424 33.26 10.91 5.01
C GLU G 424 34.52 11.62 4.53
N ARG G 425 35.40 12.02 5.45
CA ARG G 425 36.63 12.70 5.05
C ARG G 425 37.67 11.73 4.50
N LEU G 426 37.62 10.46 4.92
CA LEU G 426 38.58 9.48 4.43
C LEU G 426 38.27 9.04 3.01
N THR G 427 37.00 9.04 2.62
CA THR G 427 36.63 8.64 1.27
C THR G 427 36.94 9.72 0.24
N GLN G 428 36.84 10.99 0.63
CA GLN G 428 37.15 12.08 -0.30
C GLN G 428 38.64 12.30 -0.45
N LEU G 429 39.42 12.00 0.57
CA LEU G 429 40.87 12.19 0.50
C LEU G 429 41.54 11.10 -0.34
N LEU G 430 40.96 9.91 -0.38
CA LEU G 430 41.52 8.81 -1.16
C LEU G 430 41.14 8.88 -2.64
N LYS G 431 40.19 9.72 -3.01
CA LYS G 431 39.76 9.85 -4.41
C LYS G 431 40.70 10.81 -5.13
N GLN G 432 41.51 10.28 -6.03
CA GLN G 432 42.46 11.07 -6.79
C GLN G 432 41.91 11.38 -8.19
N LYS G 433 42.53 12.34 -8.85
CA LYS G 433 42.13 12.75 -10.18
C LYS G 433 42.81 11.87 -11.23
N GLN G 434 42.48 12.11 -12.50
CA GLN G 434 43.05 11.34 -13.59
C GLN G 434 44.48 11.78 -13.86
N TYR G 435 45.36 10.80 -14.10
CA TYR G 435 46.78 11.05 -14.38
C TYR G 435 47.43 11.84 -13.25
N SER G 436 47.15 11.43 -12.01
CA SER G 436 47.69 12.09 -10.82
C SER G 436 48.05 11.01 -9.80
N PRO G 437 49.07 10.21 -10.08
CA PRO G 437 49.46 9.16 -9.14
C PRO G 437 50.35 9.70 -8.03
N GLN G 438 50.23 9.07 -6.86
CA GLN G 438 51.00 9.44 -5.68
C GLN G 438 52.00 8.34 -5.34
N ALA G 439 53.08 8.73 -4.68
CA ALA G 439 54.12 7.79 -4.29
C ALA G 439 53.78 7.20 -2.91
N SER G 440 54.71 6.42 -2.35
CA SER G 440 54.47 5.81 -1.05
C SER G 440 54.73 6.80 0.09
N GLU G 441 55.54 7.83 -0.14
CA GLU G 441 55.82 8.80 0.90
C GLU G 441 54.69 9.81 1.07
N GLU G 442 53.98 10.15 -0.01
CA GLU G 442 52.88 11.10 0.09
C GLU G 442 51.58 10.44 0.52
N GLN G 443 51.43 9.13 0.27
CA GLN G 443 50.22 8.42 0.65
C GLN G 443 50.24 7.95 2.10
N VAL G 444 51.43 7.86 2.71
CA VAL G 444 51.55 7.41 4.09
C VAL G 444 51.22 8.58 5.02
N PRO G 445 51.48 9.82 4.60
CA PRO G 445 51.17 10.96 5.49
C PRO G 445 49.70 11.35 5.42
N VAL G 446 49.05 11.06 4.29
CA VAL G 446 47.64 11.40 4.14
C VAL G 446 46.75 10.37 4.84
N ILE G 447 47.18 9.11 4.89
CA ILE G 447 46.38 8.08 5.54
C ILE G 447 46.51 8.12 7.05
N TYR G 448 47.60 8.68 7.58
CA TYR G 448 47.79 8.75 9.02
C TYR G 448 46.97 9.87 9.65
N ALA G 449 46.74 10.95 8.93
CA ALA G 449 45.97 12.07 9.46
C ALA G 449 44.46 11.84 9.39
N GLY G 450 44.02 10.88 8.58
CA GLY G 450 42.60 10.61 8.46
C GLY G 450 42.14 9.44 9.32
N VAL G 451 43.09 8.61 9.74
CA VAL G 451 42.76 7.45 10.57
C VAL G 451 42.95 7.73 12.06
N ASN G 452 43.77 8.70 12.42
CA ASN G 452 44.01 9.04 13.82
C ASN G 452 43.06 10.10 14.36
N GLY G 453 42.21 10.66 13.50
CA GLY G 453 41.27 11.68 13.92
C GLY G 453 41.74 13.12 13.74
N PHE G 454 42.86 13.33 13.06
CA PHE G 454 43.37 14.68 12.85
C PHE G 454 42.61 15.44 11.76
N LEU G 455 41.91 14.73 10.88
CA LEU G 455 41.16 15.36 9.80
C LEU G 455 39.68 15.49 10.13
N ASP G 456 39.27 15.15 11.35
CA ASP G 456 37.86 15.26 11.74
C ASP G 456 37.44 16.69 12.02
N ASN G 457 38.38 17.57 12.41
CA ASN G 457 38.07 18.96 12.70
C ASN G 457 38.09 19.85 11.47
N ILE G 458 38.51 19.32 10.32
CA ILE G 458 38.56 20.10 9.09
C ILE G 458 37.21 19.99 8.38
N PRO G 459 36.97 20.79 7.33
CA PRO G 459 35.70 20.72 6.61
C PRO G 459 35.71 19.64 5.54
N ILE G 460 34.52 19.38 5.00
CA ILE G 460 34.39 18.38 3.95
C ILE G 460 34.78 18.95 2.59
N GLU G 461 34.50 20.23 2.36
CA GLU G 461 34.83 20.86 1.09
C GLU G 461 36.31 21.19 0.97
N ARG G 462 37.02 21.28 2.09
CA ARG G 462 38.45 21.60 2.10
C ARG G 462 39.32 20.35 2.14
N ILE G 463 38.78 19.19 1.76
CA ILE G 463 39.54 17.94 1.76
C ILE G 463 40.47 17.93 0.55
N PRO G 464 40.12 18.60 -0.54
CA PRO G 464 41.00 18.59 -1.71
C PRO G 464 42.19 19.54 -1.55
N GLU G 465 41.96 20.66 -0.86
CA GLU G 465 43.03 21.62 -0.63
C GLU G 465 43.97 21.21 0.49
N PHE G 466 43.52 20.35 1.40
CA PHE G 466 44.37 19.91 2.50
C PHE G 466 45.41 18.89 2.07
N GLU G 467 45.16 18.16 0.98
CA GLU G 467 46.13 17.17 0.51
C GLU G 467 47.32 17.83 -0.17
N GLU G 468 47.08 18.91 -0.92
CA GLU G 468 48.17 19.60 -1.60
C GLU G 468 48.99 20.47 -0.64
N GLN G 469 48.36 21.00 0.41
CA GLN G 469 49.08 21.83 1.37
C GLN G 469 49.95 21.00 2.30
N PHE G 470 49.51 19.78 2.64
CA PHE G 470 50.31 18.94 3.53
C PHE G 470 51.52 18.33 2.83
N ILE G 471 51.40 18.04 1.54
CA ILE G 471 52.53 17.47 0.81
C ILE G 471 53.57 18.53 0.49
N ALA G 472 53.14 19.79 0.31
CA ALA G 472 54.08 20.86 -0.01
C ALA G 472 54.87 21.29 1.21
N TYR G 473 54.27 21.27 2.40
CA TYR G 473 54.97 21.66 3.62
C TYR G 473 55.95 20.60 4.11
N LEU G 474 55.73 19.35 3.75
CA LEU G 474 56.62 18.27 4.17
C LEU G 474 57.83 18.10 3.24
N LYS G 475 57.87 18.83 2.13
CA LYS G 475 58.99 18.74 1.19
C LYS G 475 59.98 19.89 1.32
N ALA G 476 59.63 20.95 2.04
CA ALA G 476 60.51 22.10 2.22
C ALA G 476 60.90 22.33 3.67
N ASN G 477 60.09 21.90 4.64
CA ASN G 477 60.42 22.08 6.04
C ASN G 477 60.97 20.80 6.63
N GLU G 478 60.10 19.81 6.84
CA GLU G 478 60.51 18.53 7.41
C GLU G 478 60.70 17.51 6.28
N GLY G 479 61.75 17.75 5.50
CA GLY G 479 62.06 16.87 4.38
C GLY G 479 62.68 15.55 4.78
N ASP G 480 63.17 15.45 6.02
CA ASP G 480 63.77 14.20 6.47
C ASP G 480 62.74 13.12 6.78
N ILE G 481 61.50 13.51 7.06
CA ILE G 481 60.47 12.53 7.36
C ILE G 481 59.90 11.91 6.07
N LEU G 482 59.94 12.65 4.97
CA LEU G 482 59.42 12.14 3.71
C LEU G 482 60.41 11.20 3.02
N GLU G 483 61.71 11.46 3.18
CA GLU G 483 62.72 10.61 2.55
C GLU G 483 62.95 9.31 3.30
N ALA G 484 62.65 9.27 4.59
CA ALA G 484 62.83 8.04 5.36
C ALA G 484 61.73 7.03 5.10
N ILE G 485 60.53 7.49 4.74
CA ILE G 485 59.42 6.56 4.48
C ILE G 485 59.53 5.92 3.10
N ARG G 486 60.30 6.50 2.18
CA ARG G 486 60.46 5.95 0.85
C ARG G 486 61.69 5.06 0.72
N THR G 487 62.77 5.38 1.43
CA THR G 487 63.98 4.58 1.37
C THR G 487 63.87 3.33 2.23
N LYS G 488 63.51 3.49 3.51
CA LYS G 488 63.37 2.35 4.40
C LYS G 488 62.08 1.59 4.17
N GLY G 489 61.01 2.29 3.82
CA GLY G 489 59.73 1.65 3.57
C GLY G 489 58.96 1.26 4.81
N GLU G 490 59.33 1.76 5.97
CA GLU G 490 58.65 1.44 7.22
C GLU G 490 58.77 2.61 8.17
N LEU G 491 58.19 2.47 9.35
CA LEU G 491 58.23 3.51 10.38
C LEU G 491 58.36 2.84 11.75
N SER G 492 59.44 3.16 12.46
CA SER G 492 59.68 2.59 13.78
C SER G 492 59.14 3.50 14.87
N SER G 493 59.80 3.52 16.03
CA SER G 493 59.36 4.37 17.14
C SER G 493 59.73 5.82 16.92
N GLU G 494 60.87 6.10 16.31
CA GLU G 494 61.28 7.48 16.07
C GLU G 494 60.51 8.11 14.92
N LEU G 495 60.11 7.32 13.93
CA LEU G 495 59.37 7.87 12.79
C LEU G 495 57.90 8.11 13.12
N LEU G 496 57.35 7.34 14.07
CA LEU G 496 55.94 7.53 14.44
C LEU G 496 55.74 8.76 15.30
N ASP G 497 56.71 9.11 16.15
CA ASP G 497 56.59 10.28 17.00
C ASP G 497 56.80 11.57 16.23
N LYS G 498 57.63 11.55 15.19
CA LYS G 498 57.88 12.77 14.41
C LYS G 498 56.76 13.04 13.42
N LEU G 499 56.06 12.00 12.96
CA LEU G 499 54.97 12.21 12.01
C LEU G 499 53.69 12.67 12.70
N LYS G 500 53.49 12.31 13.97
CA LYS G 500 52.30 12.72 14.70
C LYS G 500 52.39 14.16 15.18
N SER G 501 53.60 14.62 15.50
CA SER G 501 53.77 16.00 15.98
C SER G 501 53.70 17.01 14.84
N ALA G 502 54.15 16.63 13.64
CA ALA G 502 54.11 17.54 12.51
C ALA G 502 52.72 17.67 11.92
N THR G 503 51.88 16.64 12.05
CA THR G 503 50.53 16.69 11.52
C THR G 503 49.59 17.51 12.40
N GLU G 504 49.84 17.55 13.71
CA GLU G 504 48.98 18.30 14.62
C GLU G 504 49.28 19.80 14.55
N THR G 505 50.53 20.19 14.34
CA THR G 505 50.88 21.60 14.26
C THR G 505 50.55 22.22 12.91
N PHE G 506 50.41 21.40 11.87
CA PHE G 506 50.08 21.90 10.54
C PHE G 506 48.60 22.11 10.33
N VAL G 507 47.75 21.66 11.26
CA VAL G 507 46.31 21.84 11.10
C VAL G 507 45.86 23.26 11.42
N ALA G 508 46.65 24.01 12.19
CA ALA G 508 46.31 25.39 12.55
C ALA G 508 47.09 26.37 11.68
N THR G 509 46.95 26.20 10.37
CA THR G 509 47.61 27.04 9.38
C THR G 509 49.12 27.08 9.58
N ALA H 3 58.90 -56.70 -30.35
CA ALA H 3 57.58 -56.57 -29.75
C ALA H 3 56.57 -56.01 -30.75
N GLY H 4 55.35 -56.53 -30.71
CA GLY H 4 54.31 -56.08 -31.59
C GLY H 4 53.52 -54.92 -31.03
N PRO H 5 54.04 -53.71 -31.19
CA PRO H 5 53.33 -52.54 -30.67
C PRO H 5 52.26 -52.06 -31.63
N ALA H 6 51.13 -51.63 -31.07
CA ALA H 6 50.00 -51.15 -31.85
C ALA H 6 50.28 -49.70 -32.25
N SER H 7 50.83 -49.53 -33.45
CA SER H 7 51.16 -48.21 -33.97
C SER H 7 49.96 -47.64 -34.71
N GLY H 8 49.67 -46.36 -34.47
CA GLY H 8 48.55 -45.70 -35.10
C GLY H 8 48.94 -44.44 -35.84
N LYS H 9 48.11 -44.00 -36.78
CA LYS H 9 48.36 -42.81 -37.56
C LYS H 9 47.32 -41.74 -37.23
N ILE H 10 47.79 -40.52 -37.04
CA ILE H 10 46.90 -39.40 -36.71
C ILE H 10 46.20 -38.94 -37.97
N ARG H 11 44.87 -38.95 -37.95
CA ARG H 11 44.07 -38.54 -39.10
C ARG H 11 43.34 -37.22 -38.90
N ALA H 12 42.97 -36.88 -37.67
CA ALA H 12 42.28 -35.64 -37.38
C ALA H 12 42.76 -35.07 -36.06
N VAL H 13 42.82 -33.75 -35.98
CA VAL H 13 43.26 -33.06 -34.78
C VAL H 13 42.60 -31.69 -34.70
N ILE H 14 41.58 -31.57 -33.86
CA ILE H 14 40.84 -30.33 -33.66
C ILE H 14 40.68 -30.14 -32.16
N GLY H 15 41.52 -29.30 -31.57
CA GLY H 15 41.44 -29.06 -30.13
C GLY H 15 42.09 -30.20 -29.37
N ALA H 16 41.47 -30.57 -28.25
CA ALA H 16 42.00 -31.66 -27.43
C ALA H 16 41.69 -33.03 -28.04
N VAL H 17 40.66 -33.13 -28.87
CA VAL H 17 40.30 -34.39 -29.49
C VAL H 17 41.23 -34.66 -30.65
N VAL H 18 41.76 -35.89 -30.72
CA VAL H 18 42.67 -36.31 -31.77
C VAL H 18 42.28 -37.71 -32.21
N ASP H 19 41.87 -37.85 -33.47
CA ASP H 19 41.47 -39.14 -34.02
C ASP H 19 42.71 -39.88 -34.53
N VAL H 20 42.91 -41.10 -34.03
CA VAL H 20 44.04 -41.93 -34.41
C VAL H 20 43.52 -43.13 -35.20
N GLN H 21 44.16 -43.40 -36.34
CA GLN H 21 43.79 -44.52 -37.20
C GLN H 21 44.85 -45.59 -37.09
N PHE H 22 44.43 -46.80 -36.70
CA PHE H 22 45.32 -47.94 -36.54
C PHE H 22 44.98 -49.00 -37.59
N GLU H 23 45.32 -50.25 -37.30
CA GLU H 23 45.06 -51.37 -38.19
C GLU H 23 43.78 -52.08 -37.78
N GLN H 24 43.37 -53.05 -38.61
CA GLN H 24 42.16 -53.82 -38.35
C GLN H 24 42.48 -54.93 -37.34
N GLY H 25 41.80 -54.90 -36.20
CA GLY H 25 41.98 -55.89 -35.16
C GLY H 25 42.96 -55.48 -34.07
N GLU H 26 43.92 -54.62 -34.40
CA GLU H 26 44.92 -54.16 -33.43
C GLU H 26 44.57 -52.80 -32.83
N LEU H 27 43.30 -52.42 -32.86
CA LEU H 27 42.89 -51.14 -32.31
C LEU H 27 42.80 -51.22 -30.79
N PRO H 28 43.11 -50.13 -30.09
CA PRO H 28 43.05 -50.14 -28.63
C PRO H 28 41.63 -49.96 -28.13
N ALA H 29 41.44 -50.29 -26.85
CA ALA H 29 40.15 -50.19 -26.21
C ALA H 29 39.94 -48.78 -25.64
N ILE H 30 38.83 -48.58 -24.94
CA ILE H 30 38.51 -47.29 -24.35
C ILE H 30 39.34 -47.10 -23.08
N LEU H 31 39.59 -45.84 -22.75
CA LEU H 31 40.37 -45.46 -21.57
C LEU H 31 41.75 -46.09 -21.59
N ASN H 32 42.42 -45.98 -22.74
CA ASN H 32 43.75 -46.53 -22.93
C ASN H 32 44.72 -45.41 -23.26
N ALA H 33 45.88 -45.41 -22.60
CA ALA H 33 46.89 -44.38 -22.82
C ALA H 33 47.63 -44.65 -24.12
N LEU H 34 47.75 -43.61 -24.95
CA LEU H 34 48.44 -43.70 -26.23
C LEU H 34 49.63 -42.76 -26.21
N THR H 35 50.83 -43.32 -26.38
CA THR H 35 52.05 -42.53 -26.38
C THR H 35 52.30 -41.93 -27.76
N ILE H 36 53.00 -40.80 -27.77
CA ILE H 36 53.34 -40.10 -29.01
C ILE H 36 54.67 -39.39 -28.82
N ASP H 37 55.61 -39.66 -29.72
CA ASP H 37 56.92 -39.03 -29.65
C ASP H 37 56.87 -37.63 -30.21
N GLN H 38 57.33 -36.66 -29.43
CA GLN H 38 57.35 -35.25 -29.80
C GLN H 38 58.79 -34.84 -30.10
N GLY H 39 59.12 -33.58 -29.87
CA GLY H 39 60.47 -33.08 -30.13
C GLY H 39 61.30 -32.95 -28.88
N ASN H 40 60.65 -32.91 -27.72
CA ASN H 40 61.32 -32.79 -26.44
C ASN H 40 61.58 -34.18 -25.86
N ASN H 41 62.00 -34.22 -24.59
CA ASN H 41 62.27 -35.49 -23.92
C ASN H 41 61.03 -36.12 -23.32
N GLN H 42 59.92 -35.40 -23.27
CA GLN H 42 58.68 -35.92 -22.70
C GLN H 42 57.86 -36.59 -23.79
N LYS H 43 56.63 -37.00 -23.47
CA LYS H 43 55.73 -37.64 -24.40
C LYS H 43 54.38 -36.95 -24.37
N LEU H 44 53.51 -37.35 -25.30
CA LEU H 44 52.16 -36.81 -25.42
C LEU H 44 51.17 -37.91 -25.08
N VAL H 45 50.64 -37.86 -23.86
CA VAL H 45 49.67 -38.86 -23.42
C VAL H 45 48.31 -38.55 -24.02
N LEU H 46 47.63 -39.59 -24.51
CA LEU H 46 46.32 -39.45 -25.12
C LEU H 46 45.45 -40.61 -24.67
N GLU H 47 44.30 -40.29 -24.06
CA GLU H 47 43.36 -41.30 -23.58
C GLU H 47 42.27 -41.52 -24.62
N VAL H 48 42.03 -42.78 -24.96
CA VAL H 48 41.01 -43.13 -25.94
C VAL H 48 39.63 -43.01 -25.29
N ALA H 49 38.77 -42.17 -25.87
CA ALA H 49 37.43 -41.96 -25.34
C ALA H 49 36.42 -42.90 -26.00
N GLN H 50 36.21 -42.75 -27.31
CA GLN H 50 35.28 -43.59 -28.05
C GLN H 50 35.95 -44.03 -29.34
N HIS H 51 35.21 -44.82 -30.12
CA HIS H 51 35.68 -45.35 -31.39
C HIS H 51 34.71 -44.94 -32.49
N LEU H 52 35.20 -44.18 -33.46
CA LEU H 52 34.35 -43.73 -34.57
C LEU H 52 34.12 -44.82 -35.61
N GLY H 53 34.97 -45.82 -35.68
CA GLY H 53 34.84 -46.90 -36.63
C GLY H 53 35.83 -46.79 -37.77
N GLU H 54 35.78 -47.80 -38.65
CA GLU H 54 36.65 -47.87 -39.82
C GLU H 54 38.12 -47.84 -39.41
N ASN H 55 38.47 -48.66 -38.42
CA ASN H 55 39.83 -48.76 -37.89
C ASN H 55 40.34 -47.40 -37.42
N ALA H 56 39.50 -46.70 -36.66
CA ALA H 56 39.85 -45.40 -36.13
C ALA H 56 39.10 -45.17 -34.83
N VAL H 57 39.77 -44.54 -33.87
CA VAL H 57 39.18 -44.24 -32.56
C VAL H 57 39.58 -42.83 -32.16
N ARG H 58 38.62 -42.09 -31.61
CA ARG H 58 38.86 -40.72 -31.18
C ARG H 58 39.51 -40.73 -29.80
N ALA H 59 40.67 -40.09 -29.69
CA ALA H 59 41.41 -40.00 -28.43
C ALA H 59 41.46 -38.55 -27.96
N ILE H 60 41.53 -38.40 -26.63
CA ILE H 60 41.59 -37.08 -25.99
C ILE H 60 42.99 -36.89 -25.45
N ALA H 61 43.67 -35.85 -25.92
CA ALA H 61 45.03 -35.56 -25.48
C ALA H 61 45.01 -34.92 -24.11
N MET H 62 45.97 -35.30 -23.27
CA MET H 62 46.10 -34.78 -21.92
C MET H 62 47.08 -33.63 -21.83
N ASP H 63 47.50 -33.06 -22.94
CA ASP H 63 48.44 -31.95 -22.95
C ASP H 63 48.21 -31.05 -24.14
N GLY H 64 49.26 -30.36 -24.60
CA GLY H 64 49.15 -29.47 -25.74
C GLY H 64 49.16 -30.25 -27.04
N THR H 65 48.18 -29.97 -27.90
CA THR H 65 48.06 -30.63 -29.19
C THR H 65 48.76 -29.87 -30.31
N GLU H 66 49.52 -28.82 -29.98
CA GLU H 66 50.22 -28.04 -30.99
C GLU H 66 51.49 -28.78 -31.44
N GLY H 67 51.68 -28.88 -32.75
CA GLY H 67 52.82 -29.55 -33.32
C GLY H 67 52.54 -30.92 -33.90
N LEU H 68 51.31 -31.41 -33.82
CA LEU H 68 50.95 -32.71 -34.35
C LEU H 68 50.53 -32.58 -35.81
N VAL H 69 51.14 -33.37 -36.68
CA VAL H 69 50.84 -33.34 -38.09
C VAL H 69 49.99 -34.56 -38.44
N ARG H 70 49.45 -34.57 -39.66
CA ARG H 70 48.62 -35.67 -40.13
C ARG H 70 49.51 -36.82 -40.59
N GLY H 71 49.46 -37.94 -39.88
CA GLY H 71 50.25 -39.09 -40.20
C GLY H 71 51.37 -39.43 -39.24
N GLN H 72 51.35 -38.88 -38.03
CA GLN H 72 52.40 -39.15 -37.05
C GLN H 72 52.17 -40.51 -36.39
N THR H 73 53.23 -41.04 -35.80
CA THR H 73 53.17 -42.33 -35.13
C THR H 73 52.54 -42.18 -33.75
N VAL H 74 51.60 -43.07 -33.44
CA VAL H 74 50.90 -43.06 -32.16
C VAL H 74 50.91 -44.49 -31.64
N VAL H 75 51.85 -44.78 -30.74
CA VAL H 75 51.96 -46.13 -30.17
C VAL H 75 51.00 -46.26 -28.99
N ASP H 76 50.52 -47.47 -28.78
CA ASP H 76 49.60 -47.77 -27.69
C ASP H 76 50.32 -48.47 -26.56
N THR H 77 50.01 -48.07 -25.32
CA THR H 77 50.64 -48.68 -24.16
C THR H 77 50.06 -50.03 -23.80
N GLY H 78 48.83 -50.32 -24.23
CA GLY H 78 48.18 -51.58 -23.96
C GLY H 78 47.23 -51.54 -22.77
N ALA H 79 47.50 -50.66 -21.80
CA ALA H 79 46.65 -50.56 -20.63
C ALA H 79 46.17 -49.12 -20.44
N PRO H 80 45.71 -48.74 -19.25
CA PRO H 80 45.25 -47.36 -19.05
C PRO H 80 46.36 -46.44 -18.59
N ILE H 81 46.00 -45.30 -18.01
CA ILE H 81 46.98 -44.32 -17.52
C ILE H 81 47.51 -44.83 -16.18
N SER H 82 48.72 -45.38 -16.19
CA SER H 82 49.32 -45.90 -14.97
C SER H 82 49.90 -44.77 -14.14
N VAL H 83 49.75 -44.88 -12.82
CA VAL H 83 50.24 -43.87 -11.89
C VAL H 83 51.05 -44.56 -10.81
N PRO H 84 52.00 -43.87 -10.17
CA PRO H 84 52.80 -44.50 -9.11
C PRO H 84 52.04 -44.51 -7.79
N VAL H 85 51.98 -45.68 -7.16
CA VAL H 85 51.29 -45.86 -5.89
C VAL H 85 52.30 -46.34 -4.85
N GLY H 86 51.84 -46.42 -3.61
CA GLY H 86 52.68 -46.86 -2.51
C GLY H 86 53.17 -45.70 -1.65
N ARG H 87 54.25 -45.97 -0.92
CA ARG H 87 54.85 -44.99 -0.03
C ARG H 87 55.80 -44.04 -0.76
N GLY H 88 56.15 -44.33 -2.02
CA GLY H 88 57.04 -43.46 -2.75
C GLY H 88 56.41 -42.20 -3.29
N THR H 89 55.08 -42.15 -3.37
CA THR H 89 54.39 -40.98 -3.88
C THR H 89 54.17 -39.92 -2.82
N LEU H 90 54.43 -40.22 -1.54
CA LEU H 90 54.23 -39.25 -0.48
C LEU H 90 55.38 -38.26 -0.46
N GLY H 91 55.05 -36.97 -0.54
CA GLY H 91 56.04 -35.91 -0.52
C GLY H 91 56.42 -35.39 -1.90
N ARG H 92 56.08 -36.11 -2.96
CA ARG H 92 56.40 -35.70 -4.32
C ARG H 92 55.17 -35.13 -5.01
N ILE H 93 55.40 -34.25 -5.97
CA ILE H 93 54.34 -33.61 -6.73
C ILE H 93 54.15 -34.42 -8.02
N ILE H 94 53.08 -35.21 -8.05
CA ILE H 94 52.79 -36.04 -9.21
C ILE H 94 51.87 -35.27 -10.16
N ASN H 95 51.82 -35.72 -11.41
CA ASN H 95 51.01 -35.11 -12.45
C ASN H 95 49.83 -36.03 -12.77
N VAL H 96 49.14 -35.75 -13.88
CA VAL H 96 48.00 -36.57 -14.28
C VAL H 96 48.43 -37.88 -14.92
N VAL H 97 49.65 -37.94 -15.48
CA VAL H 97 50.14 -39.16 -16.11
C VAL H 97 51.02 -39.98 -15.18
N GLY H 98 51.25 -39.52 -13.95
CA GLY H 98 52.08 -40.25 -13.01
C GLY H 98 53.54 -39.88 -13.03
N GLU H 99 53.90 -38.69 -13.50
CA GLU H 99 55.28 -38.25 -13.55
C GLU H 99 55.55 -37.20 -12.49
N PRO H 100 56.80 -37.08 -12.03
CA PRO H 100 57.11 -36.08 -11.00
C PRO H 100 57.27 -34.70 -11.61
N ILE H 101 56.80 -33.69 -10.87
CA ILE H 101 56.88 -32.31 -11.32
C ILE H 101 57.50 -31.46 -10.20
N ASP H 102 58.26 -32.10 -9.32
CA ASP H 102 58.90 -31.42 -8.20
C ASP H 102 60.41 -31.33 -8.36
N GLU H 103 60.97 -31.82 -9.47
CA GLU H 103 62.41 -31.79 -9.72
C GLU H 103 63.18 -32.48 -8.60
N ARG H 104 62.73 -33.68 -8.24
CA ARG H 104 63.36 -34.48 -7.20
C ARG H 104 63.64 -35.90 -7.67
N GLY H 105 63.89 -36.07 -8.95
CA GLY H 105 64.17 -37.38 -9.51
C GLY H 105 62.91 -38.16 -9.82
N PRO H 106 63.06 -39.41 -10.23
CA PRO H 106 61.90 -40.23 -10.55
C PRO H 106 61.32 -40.93 -9.32
N ILE H 107 60.04 -41.24 -9.40
CA ILE H 107 59.33 -41.91 -8.32
C ILE H 107 59.67 -43.39 -8.37
N GLU H 108 60.45 -43.85 -7.39
CA GLU H 108 60.87 -45.25 -7.32
C GLU H 108 59.71 -46.06 -6.74
N CYS H 109 58.81 -46.50 -7.61
CA CYS H 109 57.64 -47.28 -7.22
C CYS H 109 57.79 -48.71 -7.74
N LYS H 110 57.40 -49.67 -6.91
CA LYS H 110 57.48 -51.08 -7.31
C LYS H 110 56.30 -51.51 -8.16
N GLN H 111 55.14 -50.87 -7.98
CA GLN H 111 53.95 -51.20 -8.74
C GLN H 111 53.33 -49.93 -9.31
N ARG H 112 52.54 -50.10 -10.36
CA ARG H 112 51.87 -48.98 -11.02
C ARG H 112 50.45 -49.41 -11.37
N ASN H 113 49.47 -48.85 -10.66
CA ASN H 113 48.07 -49.18 -10.90
C ASN H 113 47.45 -48.21 -11.89
N PRO H 114 46.38 -48.62 -12.57
CA PRO H 114 45.73 -47.74 -13.54
C PRO H 114 44.79 -46.74 -12.87
N ILE H 115 44.52 -45.66 -13.59
CA ILE H 115 43.62 -44.64 -13.06
C ILE H 115 42.16 -45.03 -13.23
N HIS H 116 41.85 -45.81 -14.27
CA HIS H 116 40.48 -46.25 -14.52
C HIS H 116 40.24 -47.59 -13.84
N ALA H 117 39.34 -47.61 -12.86
CA ALA H 117 39.02 -48.82 -12.13
C ALA H 117 37.55 -48.77 -11.71
N ASP H 118 37.00 -49.95 -11.46
CA ASP H 118 35.60 -50.07 -11.06
C ASP H 118 35.44 -49.69 -9.58
N PRO H 119 34.23 -49.32 -9.18
CA PRO H 119 34.01 -48.96 -7.78
C PRO H 119 33.66 -50.17 -6.95
N PRO H 120 33.37 -49.99 -5.66
CA PRO H 120 33.01 -51.13 -4.82
C PRO H 120 31.57 -51.56 -5.02
N SER H 121 31.31 -52.82 -4.68
CA SER H 121 29.98 -53.39 -4.81
C SER H 121 29.13 -53.05 -3.58
N PHE H 122 27.89 -53.52 -3.60
CA PHE H 122 26.98 -53.26 -2.49
C PHE H 122 27.27 -54.15 -1.29
N VAL H 123 27.87 -55.33 -1.52
CA VAL H 123 28.17 -56.23 -0.41
C VAL H 123 29.47 -55.86 0.29
N GLU H 124 30.34 -55.07 -0.35
CA GLU H 124 31.60 -54.66 0.24
C GLU H 124 31.51 -53.34 0.98
N GLN H 125 30.33 -52.73 1.04
CA GLN H 125 30.16 -51.46 1.74
C GLN H 125 30.06 -51.69 3.24
N SER H 126 30.68 -50.79 4.01
CA SER H 126 30.68 -50.85 5.46
C SER H 126 30.16 -49.53 6.00
N THR H 127 28.98 -49.57 6.63
CA THR H 127 28.37 -48.37 7.18
C THR H 127 28.99 -48.02 8.52
N GLU H 128 29.01 -46.74 8.84
CA GLU H 128 29.57 -46.24 10.09
C GLU H 128 28.78 -45.03 10.55
N ALA H 129 29.01 -44.63 11.80
CA ALA H 129 28.32 -43.48 12.38
C ALA H 129 29.23 -42.78 13.38
N GLU H 130 30.51 -42.64 13.03
CA GLU H 130 31.48 -41.99 13.88
C GLU H 130 31.65 -40.53 13.48
N VAL H 131 31.79 -39.66 14.47
CA VAL H 131 31.96 -38.23 14.24
C VAL H 131 33.45 -37.90 14.21
N LEU H 132 33.79 -36.85 13.46
CA LEU H 132 35.17 -36.40 13.31
C LEU H 132 35.25 -34.95 13.76
N GLU H 133 36.09 -34.69 14.76
CA GLU H 133 36.26 -33.33 15.28
C GLU H 133 37.20 -32.54 14.38
N THR H 134 36.74 -31.37 13.95
CA THR H 134 37.53 -30.50 13.07
C THR H 134 38.19 -29.35 13.82
N GLY H 135 37.53 -28.80 14.83
CA GLY H 135 38.06 -27.69 15.61
C GLY H 135 37.26 -26.41 15.51
N ILE H 136 36.38 -26.29 14.52
CA ILE H 136 35.56 -25.10 14.36
C ILE H 136 34.31 -25.20 15.23
N LYS H 137 33.83 -24.05 15.69
CA LYS H 137 32.64 -24.04 16.53
C LYS H 137 31.37 -24.27 15.72
N VAL H 138 31.34 -23.86 14.46
CA VAL H 138 30.15 -24.04 13.63
C VAL H 138 30.08 -25.42 13.01
N VAL H 139 31.18 -26.16 12.97
CA VAL H 139 31.19 -27.51 12.38
C VAL H 139 30.98 -28.61 13.42
N ASP H 140 31.31 -28.35 14.69
CA ASP H 140 31.15 -29.34 15.74
C ASP H 140 29.79 -29.26 16.43
N LEU H 141 28.94 -28.31 16.05
CA LEU H 141 27.62 -28.15 16.64
C LEU H 141 26.50 -28.30 15.65
N LEU H 142 26.67 -27.83 14.42
CA LEU H 142 25.63 -27.94 13.40
C LEU H 142 25.79 -29.23 12.60
N ALA H 143 26.50 -29.15 11.48
CA ALA H 143 26.72 -30.32 10.62
C ALA H 143 28.05 -30.97 10.96
N PRO H 144 28.04 -32.06 11.73
CA PRO H 144 29.31 -32.72 12.08
C PRO H 144 29.79 -33.62 10.95
N TYR H 145 31.11 -33.62 10.75
CA TYR H 145 31.72 -34.42 9.70
C TYR H 145 31.81 -35.88 10.14
N ALA H 146 31.49 -36.78 9.22
CA ALA H 146 31.54 -38.22 9.50
C ALA H 146 32.91 -38.78 9.14
N ARG H 147 33.38 -39.71 9.96
CA ARG H 147 34.69 -40.34 9.73
C ARG H 147 34.55 -41.40 8.65
N GLY H 148 35.32 -41.27 7.59
CA GLY H 148 35.30 -42.22 6.49
C GLY H 148 34.28 -41.93 5.41
N GLY H 149 33.59 -40.80 5.48
CA GLY H 149 32.59 -40.42 4.50
C GLY H 149 33.05 -39.28 3.60
N LYS H 150 32.14 -38.87 2.72
CA LYS H 150 32.40 -37.79 1.78
C LYS H 150 31.89 -36.47 2.36
N ILE H 151 32.76 -35.46 2.36
CA ILE H 151 32.44 -34.13 2.87
C ILE H 151 32.49 -33.15 1.72
N GLY H 152 31.47 -32.29 1.62
CA GLY H 152 31.42 -31.31 0.56
C GLY H 152 31.30 -29.88 1.08
N LEU H 153 32.26 -29.04 0.72
CA LEU H 153 32.28 -27.64 1.14
C LEU H 153 31.76 -26.80 -0.02
N PHE H 154 30.44 -26.64 -0.08
CA PHE H 154 29.82 -25.86 -1.13
C PHE H 154 29.99 -24.37 -0.87
N GLY H 155 30.16 -23.60 -1.94
CA GLY H 155 30.32 -22.16 -1.81
C GLY H 155 30.58 -21.55 -3.17
N GLY H 156 30.44 -20.22 -3.21
CA GLY H 156 30.66 -19.46 -4.41
C GLY H 156 32.09 -18.98 -4.56
N ALA H 157 32.28 -18.04 -5.47
CA ALA H 157 33.60 -17.47 -5.73
C ALA H 157 33.87 -16.35 -4.74
N GLY H 158 34.92 -16.52 -3.94
CA GLY H 158 35.29 -15.52 -2.96
C GLY H 158 34.56 -15.63 -1.63
N VAL H 159 33.97 -16.78 -1.33
CA VAL H 159 33.26 -16.96 -0.07
C VAL H 159 34.16 -17.59 1.00
N GLY H 160 35.04 -18.49 0.60
CA GLY H 160 35.93 -19.14 1.54
C GLY H 160 36.03 -20.63 1.34
N LYS H 161 36.09 -21.06 0.07
CA LYS H 161 36.19 -22.48 -0.22
C LYS H 161 37.62 -22.98 -0.11
N THR H 162 38.59 -22.19 -0.59
CA THR H 162 39.99 -22.59 -0.52
C THR H 162 40.56 -22.47 0.89
N VAL H 163 40.09 -21.50 1.67
CA VAL H 163 40.59 -21.33 3.03
C VAL H 163 40.02 -22.36 3.99
N PHE H 164 38.87 -22.95 3.68
CA PHE H 164 38.27 -23.95 4.56
C PHE H 164 39.00 -25.28 4.49
N ILE H 165 39.51 -25.66 3.31
CA ILE H 165 40.22 -26.92 3.19
C ILE H 165 41.64 -26.80 3.72
N GLN H 166 42.24 -25.61 3.65
CA GLN H 166 43.59 -25.43 4.16
C GLN H 166 43.64 -25.35 5.68
N GLU H 167 42.58 -24.82 6.30
CA GLU H 167 42.55 -24.73 7.76
C GLU H 167 42.23 -26.06 8.42
N LEU H 168 41.46 -26.91 7.76
CA LEU H 168 41.11 -28.21 8.33
C LEU H 168 42.25 -29.22 8.19
N ILE H 169 43.12 -29.04 7.19
CA ILE H 169 44.22 -29.97 7.01
C ILE H 169 45.37 -29.70 7.96
N ASN H 170 45.43 -28.52 8.57
CA ASN H 170 46.48 -28.16 9.51
C ASN H 170 46.15 -28.54 10.94
N ASN H 171 44.99 -29.16 11.18
CA ASN H 171 44.60 -29.56 12.53
C ASN H 171 43.98 -30.94 12.60
N ILE H 172 43.81 -31.63 11.48
CA ILE H 172 43.21 -32.97 11.47
C ILE H 172 44.13 -33.92 10.72
N ALA H 173 44.63 -33.48 9.56
CA ALA H 173 45.52 -34.32 8.77
C ALA H 173 46.94 -34.40 9.34
N LYS H 174 47.34 -33.40 10.13
CA LYS H 174 48.68 -33.41 10.71
C LYS H 174 48.78 -34.26 11.97
N ALA H 175 47.65 -34.68 12.56
CA ALA H 175 47.65 -35.50 13.75
C ALA H 175 46.93 -36.83 13.54
N HIS H 176 46.64 -37.20 12.31
CA HIS H 176 45.97 -38.45 12.01
C HIS H 176 46.98 -39.58 11.85
N GLY H 177 46.49 -40.82 12.00
CA GLY H 177 47.36 -41.97 11.88
C GLY H 177 47.68 -42.35 10.45
N GLY H 178 46.75 -42.10 9.53
CA GLY H 178 46.95 -42.42 8.14
C GLY H 178 47.67 -41.31 7.38
N PHE H 179 47.74 -41.49 6.06
CA PHE H 179 48.38 -40.54 5.18
C PHE H 179 47.33 -39.72 4.43
N SER H 180 47.72 -38.50 4.05
CA SER H 180 46.83 -37.61 3.33
C SER H 180 47.05 -37.74 1.82
N VAL H 181 46.13 -37.16 1.05
CA VAL H 181 46.19 -37.20 -0.41
C VAL H 181 45.58 -35.93 -0.97
N PHE H 182 46.37 -34.86 -1.04
CA PHE H 182 45.91 -33.58 -1.58
C PHE H 182 46.00 -33.62 -3.09
N THR H 183 44.87 -33.84 -3.75
CA THR H 183 44.80 -33.91 -5.20
C THR H 183 43.99 -32.71 -5.69
N GLY H 184 44.69 -31.66 -6.12
CA GLY H 184 44.04 -30.46 -6.60
C GLY H 184 43.73 -30.56 -8.08
N VAL H 185 42.47 -30.32 -8.44
CA VAL H 185 42.01 -30.38 -9.82
C VAL H 185 41.31 -29.07 -10.14
N GLY H 186 41.80 -28.37 -11.16
CA GLY H 186 41.20 -27.10 -11.55
C GLY H 186 41.49 -25.96 -10.59
N GLU H 187 42.67 -25.95 -9.98
CA GLU H 187 43.04 -24.89 -9.05
C GLU H 187 43.75 -23.75 -9.78
N ARG H 188 44.59 -23.02 -9.06
CA ARG H 188 45.35 -21.91 -9.63
C ARG H 188 46.84 -22.20 -9.56
N THR H 189 47.62 -21.35 -10.23
CA THR H 189 49.07 -21.52 -10.24
C THR H 189 49.70 -21.12 -8.92
N ARG H 190 49.17 -20.06 -8.30
CA ARG H 190 49.71 -19.60 -7.01
C ARG H 190 49.25 -20.46 -5.84
N GLU H 191 48.13 -21.16 -5.98
CA GLU H 191 47.63 -22.00 -4.89
C GLU H 191 48.45 -23.29 -4.75
N GLY H 192 49.04 -23.77 -5.84
CA GLY H 192 49.83 -24.99 -5.75
C GLY H 192 51.18 -24.80 -5.09
N ASN H 193 51.80 -23.64 -5.29
CA ASN H 193 53.10 -23.38 -4.68
C ASN H 193 52.98 -23.01 -3.20
N ASP H 194 51.87 -22.39 -2.81
CA ASP H 194 51.67 -22.02 -1.41
C ASP H 194 51.27 -23.20 -0.54
N LEU H 195 50.66 -24.23 -1.11
CA LEU H 195 50.26 -25.39 -0.32
C LEU H 195 51.42 -26.33 -0.06
N TYR H 196 52.40 -26.40 -0.96
CA TYR H 196 53.54 -27.27 -0.76
C TYR H 196 54.55 -26.69 0.23
N ARG H 197 54.67 -25.37 0.28
CA ARG H 197 55.62 -24.74 1.20
C ARG H 197 55.09 -24.73 2.63
N GLU H 198 53.78 -24.70 2.81
CA GLU H 198 53.20 -24.68 4.16
C GLU H 198 53.27 -26.05 4.82
N MET H 199 53.20 -27.13 4.03
CA MET H 199 53.26 -28.48 4.60
C MET H 199 54.67 -28.88 5.00
N LYS H 200 55.70 -28.27 4.41
CA LYS H 200 57.07 -28.62 4.76
C LYS H 200 57.51 -27.97 6.06
N GLU H 201 56.97 -26.80 6.39
CA GLU H 201 57.32 -26.11 7.63
C GLU H 201 56.56 -26.62 8.83
N THR H 202 55.53 -27.45 8.63
CA THR H 202 54.74 -27.99 9.73
C THR H 202 54.98 -29.47 9.97
N GLY H 203 55.73 -30.15 9.12
CA GLY H 203 56.02 -31.55 9.28
C GLY H 203 55.05 -32.49 8.59
N VAL H 204 54.49 -32.10 7.45
CA VAL H 204 53.55 -32.95 6.72
C VAL H 204 54.25 -33.55 5.50
N ILE H 205 55.19 -32.79 4.93
CA ILE H 205 55.95 -33.22 3.75
C ILE H 205 57.42 -32.97 4.06
N ASN H 206 58.15 -34.04 4.39
CA ASN H 206 59.57 -33.95 4.71
C ASN H 206 60.38 -34.45 3.52
N LEU H 207 61.26 -33.60 3.00
CA LEU H 207 62.09 -33.97 1.86
C LEU H 207 63.24 -34.88 2.26
N GLU H 208 63.71 -34.78 3.51
CA GLU H 208 64.81 -35.60 4.00
C GLU H 208 64.36 -36.62 5.04
N GLY H 209 63.07 -36.66 5.38
CA GLY H 209 62.58 -37.61 6.36
C GLY H 209 61.44 -38.46 5.84
N GLU H 210 60.28 -38.39 6.50
CA GLU H 210 59.11 -39.16 6.11
C GLU H 210 57.94 -38.21 5.92
N SER H 211 57.15 -38.47 4.88
CA SER H 211 55.97 -37.67 4.57
C SER H 211 54.73 -38.53 4.59
N LYS H 212 53.58 -37.87 4.79
CA LYS H 212 52.29 -38.55 4.84
C LYS H 212 51.24 -37.74 4.09
N VAL H 213 51.64 -37.15 2.96
CA VAL H 213 50.72 -36.34 2.15
C VAL H 213 51.13 -36.46 0.69
N ALA H 214 50.21 -36.97 -0.14
CA ALA H 214 50.46 -37.14 -1.56
C ALA H 214 50.01 -35.90 -2.32
N LEU H 215 50.92 -35.30 -3.08
CA LEU H 215 50.63 -34.11 -3.87
C LEU H 215 50.41 -34.50 -5.32
N VAL H 216 49.26 -34.10 -5.87
CA VAL H 216 48.90 -34.38 -7.26
C VAL H 216 48.64 -33.04 -7.94
N PHE H 217 49.52 -32.67 -8.87
CA PHE H 217 49.37 -31.41 -9.59
C PHE H 217 48.33 -31.56 -10.69
N GLY H 218 47.92 -30.40 -11.23
CA GLY H 218 46.94 -30.37 -12.29
C GLY H 218 45.90 -29.29 -12.11
N GLN H 219 46.30 -28.03 -12.35
CA GLN H 219 45.39 -26.91 -12.20
C GLN H 219 44.70 -26.59 -13.52
N MET H 220 44.33 -25.33 -13.72
CA MET H 220 43.67 -24.89 -14.94
C MET H 220 44.63 -24.40 -16.01
N ASN H 221 45.94 -24.57 -15.80
CA ASN H 221 46.94 -24.13 -16.77
C ASN H 221 47.12 -25.12 -17.91
N GLU H 222 46.61 -26.35 -17.78
CA GLU H 222 46.75 -27.35 -18.83
C GLU H 222 45.53 -27.34 -19.74
N PRO H 223 45.29 -28.40 -20.50
CA PRO H 223 44.13 -28.43 -21.39
C PRO H 223 42.93 -29.07 -20.72
N PRO H 224 41.91 -29.43 -21.48
CA PRO H 224 40.73 -30.07 -20.87
C PRO H 224 40.92 -31.53 -20.54
N GLY H 225 41.86 -32.23 -21.18
CA GLY H 225 42.08 -33.62 -20.89
C GLY H 225 42.79 -33.88 -19.57
N ALA H 226 43.70 -32.97 -19.19
CA ALA H 226 44.43 -33.14 -17.94
C ALA H 226 43.58 -32.77 -16.73
N ARG H 227 42.62 -31.86 -16.89
CA ARG H 227 41.78 -31.47 -15.77
C ARG H 227 40.74 -32.54 -15.45
N ALA H 228 40.23 -33.23 -16.46
CA ALA H 228 39.24 -34.28 -16.22
C ALA H 228 39.87 -35.55 -15.68
N ARG H 229 41.14 -35.80 -15.99
CA ARG H 229 41.85 -36.98 -15.52
C ARG H 229 42.62 -36.73 -14.23
N VAL H 230 42.54 -35.52 -13.67
CA VAL H 230 43.26 -35.23 -12.43
C VAL H 230 42.57 -35.89 -11.23
N ALA H 231 41.26 -36.09 -11.30
CA ALA H 231 40.55 -36.71 -10.19
C ALA H 231 40.77 -38.22 -10.15
N LEU H 232 40.94 -38.86 -11.30
CA LEU H 232 41.17 -40.29 -11.33
C LEU H 232 42.61 -40.66 -10.97
N THR H 233 43.57 -39.78 -11.28
CA THR H 233 44.96 -40.06 -10.96
C THR H 233 45.24 -39.87 -9.47
N GLY H 234 44.61 -38.87 -8.85
CA GLY H 234 44.82 -38.64 -7.42
C GLY H 234 44.11 -39.63 -6.54
N LEU H 235 42.98 -40.18 -7.00
CA LEU H 235 42.23 -41.15 -6.21
C LEU H 235 42.82 -42.54 -6.27
N THR H 236 43.68 -42.82 -7.25
CA THR H 236 44.29 -44.14 -7.37
C THR H 236 45.37 -44.37 -6.32
N ILE H 237 46.07 -43.32 -5.92
CA ILE H 237 47.11 -43.47 -4.91
C ILE H 237 46.50 -43.59 -3.51
N ALA H 238 45.36 -42.95 -3.27
CA ALA H 238 44.72 -43.02 -1.96
C ALA H 238 43.95 -44.33 -1.77
N GLU H 239 43.51 -44.94 -2.87
CA GLU H 239 42.76 -46.19 -2.76
C GLU H 239 43.68 -47.38 -2.47
N TYR H 240 44.96 -47.29 -2.85
CA TYR H 240 45.88 -48.38 -2.60
C TYR H 240 46.32 -48.44 -1.14
N PHE H 241 46.35 -47.29 -0.46
CA PHE H 241 46.75 -47.27 0.94
C PHE H 241 45.66 -47.75 1.88
N ARG H 242 44.40 -47.77 1.43
CA ARG H 242 43.29 -48.21 2.26
C ARG H 242 42.86 -49.64 1.98
N ASP H 243 43.27 -50.21 0.85
CA ASP H 243 42.92 -51.57 0.47
C ASP H 243 44.08 -52.54 0.63
N GLU H 244 45.26 -52.18 0.10
CA GLU H 244 46.41 -53.07 0.22
C GLU H 244 47.13 -52.90 1.55
N GLU H 245 47.23 -51.67 2.04
CA GLU H 245 47.89 -51.39 3.31
C GLU H 245 46.92 -51.30 4.48
N GLY H 246 45.69 -50.83 4.25
CA GLY H 246 44.72 -50.72 5.32
C GLY H 246 44.96 -49.53 6.23
N GLN H 247 44.85 -48.32 5.67
CA GLN H 247 45.06 -47.09 6.42
C GLN H 247 43.94 -46.12 6.11
N ASP H 248 43.63 -45.27 7.09
CA ASP H 248 42.57 -44.27 6.96
C ASP H 248 43.11 -43.11 6.13
N VAL H 249 42.92 -43.18 4.81
CA VAL H 249 43.40 -42.13 3.93
C VAL H 249 42.43 -40.95 3.96
N LEU H 250 42.95 -39.78 3.60
CA LEU H 250 42.18 -38.54 3.56
C LEU H 250 42.43 -37.86 2.22
N LEU H 251 41.44 -37.93 1.33
CA LEU H 251 41.53 -37.33 0.00
C LEU H 251 40.99 -35.90 0.06
N PHE H 252 41.82 -34.95 -0.34
CA PHE H 252 41.46 -33.53 -0.35
C PHE H 252 41.41 -33.07 -1.80
N VAL H 253 40.20 -32.88 -2.31
CA VAL H 253 39.98 -32.44 -3.69
C VAL H 253 39.63 -30.96 -3.68
N ASP H 254 40.30 -30.19 -4.52
CA ASP H 254 40.05 -28.75 -4.61
C ASP H 254 40.32 -28.30 -6.05
N ASN H 255 39.25 -28.04 -6.80
CA ASN H 255 37.89 -28.15 -6.28
C ASN H 255 37.16 -29.33 -6.92
N ILE H 256 36.06 -29.74 -6.30
CA ILE H 256 35.29 -30.87 -6.83
C ILE H 256 34.44 -30.47 -8.03
N PHE H 257 34.12 -29.19 -8.18
CA PHE H 257 33.30 -28.73 -9.29
C PHE H 257 34.09 -28.67 -10.60
N ARG H 258 35.41 -28.73 -10.56
CA ARG H 258 36.21 -28.69 -11.77
C ARG H 258 36.21 -30.01 -12.53
N PHE H 259 35.81 -31.10 -11.89
CA PHE H 259 35.79 -32.39 -12.56
C PHE H 259 34.62 -32.47 -13.55
N THR H 260 33.47 -31.91 -13.19
CA THR H 260 32.32 -31.94 -14.09
C THR H 260 32.43 -30.90 -15.20
N GLN H 261 33.08 -29.77 -14.93
CA GLN H 261 33.24 -28.73 -15.94
C GLN H 261 34.30 -29.07 -16.97
N ALA H 262 35.26 -29.94 -16.64
CA ALA H 262 36.30 -30.31 -17.59
C ALA H 262 35.78 -31.26 -18.66
N GLY H 263 34.84 -32.15 -18.31
CA GLY H 263 34.31 -33.07 -19.29
C GLY H 263 33.35 -32.43 -20.28
N SER H 264 32.71 -31.34 -19.88
CA SER H 264 31.78 -30.65 -20.77
C SER H 264 32.47 -29.80 -21.81
N GLU H 265 33.75 -29.48 -21.61
CA GLU H 265 34.49 -28.66 -22.58
C GLU H 265 34.86 -29.46 -23.83
N VAL H 266 35.09 -30.76 -23.69
CA VAL H 266 35.45 -31.62 -24.82
C VAL H 266 34.30 -32.50 -25.27
N SER H 267 33.12 -32.37 -24.65
CA SER H 267 31.98 -33.19 -25.04
C SER H 267 31.34 -32.73 -26.35
N ALA H 268 31.52 -31.46 -26.72
CA ALA H 268 30.94 -30.96 -27.96
C ALA H 268 31.71 -31.43 -29.18
N LEU H 269 33.03 -31.60 -29.06
CA LEU H 269 33.86 -32.05 -30.17
C LEU H 269 33.95 -33.57 -30.29
N LEU H 270 33.38 -34.31 -29.34
CA LEU H 270 33.40 -35.75 -29.36
C LEU H 270 32.17 -36.37 -30.01
N GLY H 271 31.20 -35.55 -30.40
CA GLY H 271 29.98 -36.04 -31.02
C GLY H 271 28.81 -36.22 -30.10
N ARG H 272 28.75 -35.50 -28.98
CA ARG H 272 27.66 -35.60 -28.03
C ARG H 272 26.84 -34.31 -28.02
N ILE H 273 25.54 -34.46 -27.78
CA ILE H 273 24.62 -33.33 -27.75
C ILE H 273 24.73 -32.64 -26.39
N PRO H 274 24.51 -31.34 -26.32
CA PRO H 274 24.61 -30.64 -25.02
C PRO H 274 23.36 -30.85 -24.18
N SER H 275 23.56 -30.77 -22.86
CA SER H 275 22.45 -30.94 -21.92
C SER H 275 21.92 -29.60 -21.46
N ALA H 276 21.65 -29.47 -20.16
CA ALA H 276 21.14 -28.23 -19.60
C ALA H 276 22.28 -27.34 -19.11
N VAL H 277 22.13 -26.03 -19.32
CA VAL H 277 23.11 -25.04 -18.90
C VAL H 277 24.45 -25.33 -19.55
N GLY H 278 24.43 -25.82 -20.79
CA GLY H 278 25.66 -26.11 -21.50
C GLY H 278 26.49 -27.23 -20.92
N TYR H 279 25.85 -28.26 -20.38
CA TYR H 279 26.54 -29.40 -19.80
C TYR H 279 26.47 -30.60 -20.74
N GLN H 280 27.13 -31.68 -20.34
CA GLN H 280 27.15 -32.90 -21.12
C GLN H 280 25.99 -33.82 -20.73
N PRO H 281 25.63 -34.76 -21.60
CA PRO H 281 24.52 -35.67 -21.28
C PRO H 281 24.87 -36.70 -20.23
N THR H 282 26.14 -37.06 -20.09
CA THR H 282 26.58 -38.06 -19.10
C THR H 282 27.09 -37.39 -17.83
N LEU H 283 26.29 -36.48 -17.26
CA LEU H 283 26.69 -35.78 -16.05
C LEU H 283 26.50 -36.65 -14.81
N ALA H 284 25.38 -37.36 -14.73
CA ALA H 284 25.11 -38.22 -13.59
C ALA H 284 25.85 -39.55 -13.65
N THR H 285 26.34 -39.94 -14.83
CA THR H 285 27.06 -41.20 -14.95
C THR H 285 28.55 -41.01 -14.67
N ASP H 286 29.11 -39.87 -15.06
CA ASP H 286 30.53 -39.62 -14.84
C ASP H 286 30.82 -39.19 -13.40
N MET H 287 29.85 -38.53 -12.75
CA MET H 287 30.06 -38.10 -11.37
C MET H 287 29.83 -39.23 -10.37
N GLY H 288 29.01 -40.23 -10.73
CA GLY H 288 28.77 -41.33 -9.82
C GLY H 288 29.82 -42.41 -9.88
N LEU H 289 30.58 -42.49 -10.98
CA LEU H 289 31.60 -43.51 -11.10
C LEU H 289 32.85 -43.16 -10.30
N LEU H 290 33.10 -41.87 -10.07
CA LEU H 290 34.26 -41.42 -9.32
C LEU H 290 33.96 -41.18 -7.84
N GLN H 291 32.71 -40.89 -7.50
CA GLN H 291 32.36 -40.64 -6.10
C GLN H 291 32.11 -41.93 -5.33
N GLU H 292 31.71 -43.00 -6.02
CA GLU H 292 31.45 -44.28 -5.36
C GLU H 292 32.72 -45.04 -5.03
N ARG H 293 33.83 -44.76 -5.74
CA ARG H 293 35.08 -45.46 -5.47
C ARG H 293 35.83 -44.86 -4.29
N ILE H 294 35.48 -43.66 -3.85
CA ILE H 294 36.15 -43.01 -2.72
C ILE H 294 35.28 -43.17 -1.48
N THR H 295 34.91 -44.40 -1.15
CA THR H 295 34.08 -44.66 0.02
C THR H 295 34.85 -45.48 1.06
N THR H 296 34.13 -46.06 2.02
CA THR H 296 34.73 -46.87 3.07
C THR H 296 34.28 -48.31 2.90
N THR H 297 35.24 -49.22 2.73
CA THR H 297 34.97 -50.63 2.56
C THR H 297 35.41 -51.40 3.80
N ARG H 298 35.55 -52.71 3.67
CA ARG H 298 35.97 -53.56 4.79
C ARG H 298 37.47 -53.56 5.01
N LYS H 299 38.25 -53.07 4.05
CA LYS H 299 39.70 -53.04 4.18
C LYS H 299 40.21 -51.76 4.84
N GLY H 300 39.50 -50.65 4.66
CA GLY H 300 39.92 -49.39 5.26
C GLY H 300 38.89 -48.32 4.97
N SER H 301 39.11 -47.17 5.61
CA SER H 301 38.24 -46.01 5.48
C SER H 301 38.90 -44.95 4.60
N VAL H 302 38.08 -44.02 4.12
CA VAL H 302 38.56 -42.94 3.28
C VAL H 302 37.69 -41.72 3.47
N THR H 303 38.17 -40.75 4.25
CA THR H 303 37.44 -39.52 4.53
C THR H 303 37.76 -38.51 3.43
N SER H 304 36.84 -38.34 2.50
CA SER H 304 37.02 -37.41 1.39
C SER H 304 36.51 -36.03 1.80
N VAL H 305 37.38 -35.03 1.73
CA VAL H 305 37.03 -33.67 2.09
C VAL H 305 37.12 -32.78 0.86
N GLN H 306 36.25 -33.03 -0.12
CA GLN H 306 36.25 -32.24 -1.34
C GLN H 306 35.52 -30.91 -1.12
N ALA H 307 35.77 -29.98 -2.04
CA ALA H 307 35.16 -28.65 -2.00
C ALA H 307 34.45 -28.40 -3.32
N VAL H 308 33.15 -28.12 -3.25
CA VAL H 308 32.34 -27.86 -4.43
C VAL H 308 32.24 -26.36 -4.64
N TYR H 309 32.35 -25.93 -5.89
CA TYR H 309 32.29 -24.52 -6.26
C TYR H 309 30.95 -24.26 -6.95
N VAL H 310 30.10 -23.47 -6.30
CA VAL H 310 28.78 -23.14 -6.86
C VAL H 310 28.96 -22.13 -7.98
N PRO H 311 28.20 -22.25 -9.08
CA PRO H 311 28.36 -21.30 -10.18
C PRO H 311 27.64 -19.98 -9.91
N ALA H 312 28.41 -18.95 -9.55
CA ALA H 312 27.87 -17.62 -9.26
C ALA H 312 26.80 -17.68 -8.16
N ASP H 313 27.09 -18.46 -7.11
CA ASP H 313 26.19 -18.64 -5.97
C ASP H 313 24.82 -19.13 -6.43
N ASP H 314 24.81 -20.39 -6.87
CA ASP H 314 23.58 -21.03 -7.35
C ASP H 314 23.68 -22.51 -7.02
N LEU H 315 22.84 -22.98 -6.10
CA LEU H 315 22.81 -24.38 -5.69
C LEU H 315 21.88 -25.23 -6.55
N THR H 316 21.16 -24.62 -7.49
CA THR H 316 20.24 -25.34 -8.37
C THR H 316 20.86 -25.69 -9.72
N ASP H 317 22.19 -25.67 -9.80
CA ASP H 317 22.88 -25.98 -11.04
C ASP H 317 22.99 -27.49 -11.21
N PRO H 318 23.44 -27.95 -12.38
CA PRO H 318 23.58 -29.40 -12.61
C PRO H 318 24.86 -29.99 -12.06
N ALA H 319 25.80 -29.17 -11.61
CA ALA H 319 27.06 -29.67 -11.08
C ALA H 319 27.06 -29.55 -9.55
N PRO H 320 26.09 -28.84 -8.97
CA PRO H 320 26.06 -28.70 -7.51
C PRO H 320 24.98 -29.57 -6.87
N ALA H 321 23.84 -29.70 -7.56
CA ALA H 321 22.74 -30.51 -7.03
C ALA H 321 22.97 -32.01 -7.23
N THR H 322 23.81 -32.40 -8.18
CA THR H 322 24.08 -33.81 -8.41
C THR H 322 25.09 -34.39 -7.44
N THR H 323 25.87 -33.54 -6.77
CA THR H 323 26.88 -33.99 -5.82
C THR H 323 26.40 -33.95 -4.38
N PHE H 324 25.17 -33.48 -4.14
CA PHE H 324 24.64 -33.41 -2.78
C PHE H 324 24.10 -34.75 -2.29
N ALA H 325 23.82 -35.68 -3.20
CA ALA H 325 23.30 -36.98 -2.82
C ALA H 325 24.39 -38.01 -2.57
N HIS H 326 25.65 -37.67 -2.79
CA HIS H 326 26.78 -38.57 -2.59
C HIS H 326 27.74 -38.00 -1.55
N LEU H 327 27.19 -37.34 -0.53
CA LEU H 327 28.01 -36.75 0.52
C LEU H 327 27.23 -36.78 1.83
N ASP H 328 27.91 -37.16 2.91
CA ASP H 328 27.27 -37.22 4.22
C ASP H 328 27.10 -35.85 4.83
N ALA H 329 28.20 -35.12 5.01
CA ALA H 329 28.18 -33.78 5.57
C ALA H 329 28.40 -32.75 4.47
N THR H 330 27.48 -31.79 4.38
CA THR H 330 27.55 -30.73 3.38
C THR H 330 27.71 -29.39 4.10
N THR H 331 28.83 -28.71 3.84
CA THR H 331 29.13 -27.42 4.45
C THR H 331 28.91 -26.34 3.39
N VAL H 332 27.65 -25.95 3.22
CA VAL H 332 27.29 -24.93 2.25
C VAL H 332 27.61 -23.56 2.82
N LEU H 333 28.21 -22.69 2.00
CA LEU H 333 28.58 -21.34 2.40
C LEU H 333 27.74 -20.34 1.63
N SER H 334 27.43 -19.22 2.28
CA SER H 334 26.64 -18.16 1.69
C SER H 334 27.49 -16.90 1.52
N ARG H 335 27.18 -16.13 0.48
CA ARG H 335 27.92 -14.90 0.21
C ARG H 335 27.44 -13.72 1.04
N GLY H 336 26.27 -13.84 1.67
CA GLY H 336 25.76 -12.75 2.49
C GLY H 336 26.35 -12.69 3.88
N ILE H 337 26.78 -13.84 4.41
CA ILE H 337 27.35 -13.87 5.75
C ILE H 337 28.84 -13.52 5.76
N SER H 338 29.50 -13.60 4.60
CA SER H 338 30.92 -13.27 4.54
C SER H 338 31.16 -11.77 4.52
N GLU H 339 30.19 -10.98 4.07
CA GLU H 339 30.33 -9.53 4.02
C GLU H 339 30.01 -8.86 5.35
N LEU H 340 29.41 -9.57 6.30
CA LEU H 340 29.06 -9.00 7.59
C LEU H 340 30.17 -9.16 8.63
N GLY H 341 31.15 -10.02 8.38
CA GLY H 341 32.25 -10.24 9.30
C GLY H 341 32.35 -11.64 9.86
N ILE H 342 31.52 -12.58 9.44
CA ILE H 342 31.57 -13.95 9.93
C ILE H 342 32.70 -14.68 9.23
N TYR H 343 33.69 -15.13 9.99
CA TYR H 343 34.84 -15.85 9.44
C TYR H 343 34.90 -17.25 10.05
N PRO H 344 34.52 -18.30 9.30
CA PRO H 344 34.06 -18.17 7.91
C PRO H 344 32.53 -18.07 7.81
N ALA H 345 32.02 -17.94 6.59
CA ALA H 345 30.57 -17.83 6.35
C ALA H 345 29.98 -19.23 6.33
N VAL H 346 29.67 -19.74 7.52
CA VAL H 346 29.10 -21.06 7.69
C VAL H 346 27.60 -20.90 7.90
N ASP H 347 26.81 -21.54 7.03
CA ASP H 347 25.36 -21.45 7.12
C ASP H 347 24.86 -22.37 8.23
N PRO H 348 24.16 -21.86 9.25
CA PRO H 348 23.67 -22.73 10.31
C PRO H 348 22.38 -23.45 9.98
N LEU H 349 21.71 -23.09 8.89
CA LEU H 349 20.45 -23.72 8.49
C LEU H 349 20.55 -24.50 7.20
N ASP H 350 21.44 -24.11 6.29
CA ASP H 350 21.58 -24.81 5.02
C ASP H 350 22.51 -26.02 5.12
N SER H 351 23.37 -26.06 6.12
CA SER H 351 24.29 -27.18 6.29
C SER H 351 23.61 -28.33 7.03
N LYS H 352 23.68 -29.52 6.46
CA LYS H 352 23.07 -30.71 7.05
C LYS H 352 24.08 -31.85 7.02
N SER H 353 23.88 -32.81 7.93
CA SER H 353 24.75 -33.97 8.01
C SER H 353 23.95 -35.14 8.56
N ARG H 354 24.47 -36.35 8.32
CA ARG H 354 23.82 -37.57 8.78
C ARG H 354 24.18 -37.93 10.22
N LEU H 355 25.17 -37.28 10.81
CA LEU H 355 25.58 -37.54 12.18
C LEU H 355 24.95 -36.58 13.18
N LEU H 356 23.96 -35.81 12.75
CA LEU H 356 23.29 -34.86 13.64
C LEU H 356 22.00 -35.47 14.18
N ASP H 357 22.18 -36.51 15.00
CA ASP H 357 21.08 -37.23 15.62
C ASP H 357 21.35 -37.38 17.11
N VAL H 358 20.35 -37.91 17.82
CA VAL H 358 20.46 -38.11 19.26
C VAL H 358 21.11 -39.44 19.62
N SER H 359 21.26 -40.35 18.66
CA SER H 359 21.86 -41.65 18.92
C SER H 359 23.35 -41.70 18.58
N VAL H 360 23.89 -40.65 17.98
CA VAL H 360 25.30 -40.58 17.61
C VAL H 360 26.05 -39.56 18.45
N VAL H 361 25.45 -38.38 18.64
CA VAL H 361 26.08 -37.32 19.44
C VAL H 361 25.56 -37.26 20.86
N GLY H 362 24.49 -37.98 21.18
CA GLY H 362 23.92 -37.99 22.51
C GLY H 362 22.68 -37.11 22.61
N GLN H 363 22.00 -37.26 23.75
CA GLN H 363 20.79 -36.48 24.00
C GLN H 363 21.10 -35.03 24.36
N GLU H 364 22.26 -34.78 24.96
CA GLU H 364 22.62 -33.40 25.32
C GLU H 364 23.03 -32.59 24.10
N HIS H 365 23.77 -33.20 23.17
CA HIS H 365 24.19 -32.50 21.96
C HIS H 365 23.06 -32.32 20.97
N TYR H 366 22.04 -33.19 21.00
CA TYR H 366 20.93 -33.07 20.07
C TYR H 366 20.02 -31.89 20.44
N ASP H 367 19.86 -31.61 21.73
CA ASP H 367 19.03 -30.49 22.16
C ASP H 367 19.71 -29.15 21.88
N VAL H 368 21.03 -29.10 21.91
CA VAL H 368 21.73 -27.86 21.64
C VAL H 368 21.70 -27.51 20.16
N ALA H 369 21.73 -28.52 19.29
CA ALA H 369 21.68 -28.27 17.85
C ALA H 369 20.28 -27.85 17.40
N THR H 370 19.23 -28.42 17.99
CA THR H 370 17.87 -28.05 17.62
C THR H 370 17.48 -26.69 18.18
N GLY H 371 18.01 -26.31 19.35
CA GLY H 371 17.69 -25.01 19.90
C GLY H 371 18.37 -23.86 19.19
N VAL H 372 19.59 -24.10 18.69
CA VAL H 372 20.29 -23.05 17.95
C VAL H 372 19.69 -22.85 16.57
N GLN H 373 19.19 -23.92 15.94
CA GLN H 373 18.58 -23.79 14.62
C GLN H 373 17.21 -23.14 14.69
N GLN H 374 16.47 -23.34 15.79
CA GLN H 374 15.16 -22.73 15.93
C GLN H 374 15.24 -21.23 16.21
N THR H 375 16.26 -20.80 16.96
CA THR H 375 16.43 -19.38 17.25
C THR H 375 16.93 -18.61 16.03
N LEU H 376 17.77 -19.23 15.20
CA LEU H 376 18.26 -18.55 14.01
C LEU H 376 17.20 -18.45 12.93
N GLN H 377 16.33 -19.46 12.83
CA GLN H 377 15.27 -19.44 11.83
C GLN H 377 14.16 -18.46 12.21
N ALA H 378 13.89 -18.31 13.51
CA ALA H 378 12.85 -17.38 13.96
C ALA H 378 13.28 -15.93 13.83
N TYR H 379 14.58 -15.66 13.84
CA TYR H 379 15.07 -14.28 13.72
C TYR H 379 14.91 -13.73 12.30
N LYS H 380 14.83 -14.61 11.29
CA LYS H 380 14.66 -14.13 9.92
C LYS H 380 13.25 -13.60 9.69
N SER H 381 12.25 -14.24 10.31
CA SER H 381 10.88 -13.77 10.16
C SER H 381 10.62 -12.50 10.94
N LEU H 382 11.26 -12.32 12.10
CA LEU H 382 11.08 -11.12 12.90
C LEU H 382 11.84 -9.93 12.34
N GLN H 383 12.90 -10.16 11.56
CA GLN H 383 13.67 -9.07 10.98
C GLN H 383 12.93 -8.37 9.85
N ASP H 384 12.00 -9.04 9.18
CA ASP H 384 11.25 -8.41 8.10
C ASP H 384 10.23 -7.41 8.63
N ILE H 385 9.68 -7.68 9.83
CA ILE H 385 8.70 -6.75 10.41
C ILE H 385 9.36 -5.52 11.00
N ILE H 386 10.63 -5.60 11.38
CA ILE H 386 11.32 -4.45 11.95
C ILE H 386 11.72 -3.43 10.89
N ALA H 387 11.82 -3.86 9.62
CA ALA H 387 12.18 -2.95 8.54
C ALA H 387 11.02 -2.11 8.04
N ILE H 388 9.78 -2.43 8.44
CA ILE H 388 8.60 -1.70 8.02
C ILE H 388 7.86 -1.08 9.21
N LEU H 389 7.79 -1.80 10.33
CA LEU H 389 7.11 -1.32 11.52
C LEU H 389 8.07 -0.78 12.58
N GLY H 390 9.21 -1.43 12.76
CA GLY H 390 10.20 -1.01 13.74
C GLY H 390 10.26 -1.96 14.92
N MET H 391 10.96 -1.51 15.96
CA MET H 391 11.13 -2.29 17.18
C MET H 391 10.00 -2.10 18.17
N ASP H 392 9.00 -1.27 17.85
CA ASP H 392 7.88 -1.05 18.76
C ASP H 392 6.90 -2.21 18.76
N GLU H 393 6.86 -3.00 17.69
CA GLU H 393 5.94 -4.14 17.62
C GLU H 393 6.46 -5.36 18.35
N LEU H 394 7.72 -5.37 18.77
CA LEU H 394 8.28 -6.51 19.49
C LEU H 394 7.97 -6.40 20.98
N SER H 395 7.66 -7.55 21.59
CA SER H 395 7.34 -7.59 23.01
C SER H 395 8.57 -7.96 23.84
N GLU H 396 8.35 -8.54 25.01
CA GLU H 396 9.47 -8.94 25.87
C GLU H 396 10.18 -10.18 25.34
N GLN H 397 9.43 -11.14 24.78
CA GLN H 397 10.06 -12.35 24.27
C GLN H 397 10.74 -12.12 22.92
N ASP H 398 10.20 -11.22 22.10
CA ASP H 398 10.81 -10.95 20.80
C ASP H 398 12.06 -10.09 20.92
N LYS H 399 12.16 -9.27 21.97
CA LYS H 399 13.33 -8.43 22.14
C LYS H 399 14.53 -9.24 22.61
N LEU H 400 14.31 -10.23 23.46
CA LEU H 400 15.40 -11.06 23.95
C LEU H 400 15.87 -12.06 22.91
N THR H 401 14.99 -12.46 21.99
CA THR H 401 15.38 -13.40 20.94
C THR H 401 16.23 -12.75 19.86
N VAL H 402 16.06 -11.44 19.65
CA VAL H 402 16.86 -10.76 18.63
C VAL H 402 18.28 -10.53 19.11
N GLU H 403 18.47 -10.27 20.41
CA GLU H 403 19.81 -10.05 20.94
C GLU H 403 20.58 -11.37 21.09
N ARG H 404 19.89 -12.46 21.38
CA ARG H 404 20.56 -13.75 21.53
C ARG H 404 20.95 -14.35 20.17
N ALA H 405 20.20 -14.02 19.11
CA ALA H 405 20.52 -14.54 17.80
C ALA H 405 21.75 -13.88 17.19
N ARG H 406 21.99 -12.61 17.51
CA ARG H 406 23.16 -11.91 16.98
C ARG H 406 24.44 -12.37 17.66
N LYS H 407 24.37 -12.68 18.95
CA LYS H 407 25.55 -13.13 19.67
C LYS H 407 25.89 -14.59 19.36
N ILE H 408 24.90 -15.39 19.00
CA ILE H 408 25.16 -16.79 18.69
C ILE H 408 25.77 -16.93 17.30
N GLN H 409 25.49 -15.99 16.39
CA GLN H 409 26.06 -16.07 15.04
C GLN H 409 27.52 -15.65 15.02
N ARG H 410 27.91 -14.70 15.88
CA ARG H 410 29.30 -14.25 15.92
C ARG H 410 30.18 -15.16 16.78
N PHE H 411 29.58 -15.95 17.68
CA PHE H 411 30.37 -16.83 18.53
C PHE H 411 30.86 -18.06 17.78
N LEU H 412 30.16 -18.48 16.72
CA LEU H 412 30.57 -19.64 15.95
C LEU H 412 31.68 -19.33 14.95
N SER H 413 31.99 -18.06 14.71
CA SER H 413 33.03 -17.66 13.78
C SER H 413 34.34 -17.50 14.55
N GLN H 414 35.26 -18.45 14.36
CA GLN H 414 36.55 -18.42 15.04
C GLN H 414 37.67 -18.08 14.05
N PRO H 415 38.77 -17.50 14.53
CA PRO H 415 39.87 -17.16 13.63
C PRO H 415 40.70 -18.40 13.29
N PHE H 416 40.85 -18.65 11.99
CA PHE H 416 41.60 -19.80 11.53
C PHE H 416 43.10 -19.52 11.60
N ALA H 417 43.89 -20.60 11.59
CA ALA H 417 45.34 -20.46 11.66
C ALA H 417 45.94 -20.07 10.31
N VAL H 418 45.31 -20.49 9.21
CA VAL H 418 45.84 -20.14 7.89
C VAL H 418 45.42 -18.74 7.45
N ALA H 419 44.40 -18.16 8.08
CA ALA H 419 43.92 -16.83 7.74
C ALA H 419 44.42 -15.76 8.71
N GLU H 420 45.66 -15.91 9.19
CA GLU H 420 46.23 -14.94 10.12
C GLU H 420 46.76 -13.70 9.41
N VAL H 421 47.01 -13.77 8.10
CA VAL H 421 47.51 -12.62 7.38
C VAL H 421 46.41 -11.65 6.98
N PHE H 422 45.14 -12.10 7.00
CA PHE H 422 44.02 -11.24 6.64
C PHE H 422 43.23 -10.76 7.85
N THR H 423 43.25 -11.51 8.96
CA THR H 423 42.51 -11.12 10.16
C THR H 423 43.41 -10.35 11.13
N GLY H 424 44.63 -10.82 11.35
CA GLY H 424 45.57 -10.19 12.24
C GLY H 424 45.69 -10.86 13.60
N ILE H 425 44.60 -11.46 14.09
CA ILE H 425 44.63 -12.12 15.39
C ILE H 425 45.17 -13.54 15.24
N GLU H 426 45.46 -14.15 16.38
CA GLU H 426 45.99 -15.51 16.39
C GLU H 426 44.87 -16.52 16.15
N GLY H 427 45.27 -17.74 15.79
CA GLY H 427 44.31 -18.81 15.52
C GLY H 427 43.91 -19.52 16.80
N LYS H 428 42.61 -19.80 16.91
CA LYS H 428 42.05 -20.49 18.07
C LYS H 428 41.38 -21.78 17.62
N LEU H 429 41.54 -22.84 18.41
CA LEU H 429 40.96 -24.14 18.12
C LEU H 429 40.17 -24.61 19.32
N VAL H 430 38.86 -24.77 19.14
CA VAL H 430 37.96 -25.21 20.20
C VAL H 430 37.68 -26.69 20.03
N ARG H 431 37.54 -27.40 21.14
CA ARG H 431 37.26 -28.82 21.11
C ARG H 431 35.77 -29.08 20.95
N LEU H 432 35.39 -30.35 20.92
CA LEU H 432 33.98 -30.71 20.76
C LEU H 432 33.21 -30.56 22.07
N LYS H 433 33.86 -30.81 23.21
CA LYS H 433 33.18 -30.67 24.49
C LYS H 433 33.05 -29.22 24.93
N ASP H 434 33.99 -28.36 24.53
CA ASP H 434 33.92 -26.96 24.91
C ASP H 434 32.91 -26.19 24.07
N THR H 435 32.66 -26.62 22.84
CA THR H 435 31.70 -25.94 21.99
C THR H 435 30.26 -26.24 22.37
N ILE H 436 29.99 -27.44 22.89
CA ILE H 436 28.63 -27.79 23.27
C ILE H 436 28.26 -27.18 24.62
N ALA H 437 29.25 -26.94 25.50
CA ALA H 437 28.97 -26.36 26.80
C ALA H 437 28.78 -24.85 26.71
N SER H 438 29.43 -24.19 25.77
CA SER H 438 29.30 -22.74 25.63
C SER H 438 28.01 -22.35 24.93
N PHE H 439 27.50 -23.20 24.04
CA PHE H 439 26.26 -22.88 23.34
C PHE H 439 25.03 -23.13 24.20
N LYS H 440 25.11 -24.07 25.14
CA LYS H 440 23.98 -24.37 26.00
C LYS H 440 23.82 -23.34 27.12
N ALA H 441 24.92 -22.72 27.55
CA ALA H 441 24.84 -21.71 28.61
C ALA H 441 24.34 -20.38 28.10
N VAL H 442 24.59 -20.06 26.83
CA VAL H 442 24.15 -18.78 26.28
C VAL H 442 22.66 -18.82 25.95
N LEU H 443 22.12 -20.01 25.67
CA LEU H 443 20.70 -20.14 25.34
C LEU H 443 19.81 -20.21 26.57
N GLU H 444 20.38 -20.41 27.76
CA GLU H 444 19.60 -20.48 28.98
C GLU H 444 19.41 -19.13 29.65
N GLY H 445 20.41 -18.26 29.57
CA GLY H 445 20.32 -16.95 30.19
C GLY H 445 21.48 -16.65 31.13
N LYS H 446 22.63 -17.26 30.87
CA LYS H 446 23.81 -17.06 31.69
C LYS H 446 24.77 -16.01 31.14
N TYR H 447 24.63 -15.67 29.86
CA TYR H 447 25.50 -14.68 29.21
C TYR H 447 24.65 -13.61 28.53
N ASP H 448 23.52 -13.26 29.13
CA ASP H 448 22.64 -12.25 28.56
C ASP H 448 23.13 -10.82 28.83
N HIS H 449 23.92 -10.62 29.88
CA HIS H 449 24.42 -9.30 30.21
C HIS H 449 25.67 -8.92 29.43
N LEU H 450 26.29 -9.87 28.74
CA LEU H 450 27.50 -9.60 27.97
C LEU H 450 27.14 -8.94 26.64
N PRO H 451 28.11 -8.28 26.00
CA PRO H 451 27.85 -7.63 24.72
C PRO H 451 28.07 -8.59 23.55
N GLU H 452 27.72 -8.09 22.36
CA GLU H 452 27.87 -8.88 21.14
C GLU H 452 29.30 -8.88 20.61
N ASN H 453 30.12 -7.91 21.01
CA ASN H 453 31.49 -7.83 20.55
C ASN H 453 32.43 -8.76 21.29
N ALA H 454 32.03 -9.28 22.46
CA ALA H 454 32.87 -10.19 23.22
C ALA H 454 32.92 -11.59 22.63
N PHE H 455 31.90 -12.00 21.89
CA PHE H 455 31.85 -13.33 21.29
C PHE H 455 32.33 -13.35 19.85
N TYR H 456 32.46 -12.19 19.21
CA TYR H 456 32.92 -12.14 17.83
C TYR H 456 34.42 -12.38 17.76
N MET H 457 34.83 -13.32 16.90
CA MET H 457 36.23 -13.69 16.70
C MET H 457 36.87 -14.12 18.02
N VAL H 458 36.25 -15.12 18.65
CA VAL H 458 36.70 -15.67 19.92
C VAL H 458 36.68 -17.19 19.82
N GLY H 459 37.05 -17.84 20.92
CA GLY H 459 37.07 -19.29 20.96
C GLY H 459 35.84 -19.89 21.60
N GLY H 460 36.00 -20.44 22.80
CA GLY H 460 34.91 -21.05 23.54
C GLY H 460 34.34 -20.12 24.59
N ILE H 461 33.97 -20.70 25.74
CA ILE H 461 33.40 -19.91 26.82
C ILE H 461 34.47 -19.17 27.61
N GLU H 462 35.73 -19.61 27.54
CA GLU H 462 36.79 -18.94 28.28
C GLU H 462 37.25 -17.66 27.59
N ASP H 463 37.24 -17.65 26.26
CA ASP H 463 37.66 -16.47 25.51
C ASP H 463 36.58 -15.40 25.46
N VAL H 464 35.32 -15.76 25.69
CA VAL H 464 34.24 -14.77 25.65
C VAL H 464 34.20 -13.97 26.94
N VAL H 465 34.63 -14.55 28.06
CA VAL H 465 34.62 -13.81 29.33
C VAL H 465 35.82 -12.89 29.43
N ALA H 466 36.94 -13.25 28.81
CA ALA H 466 38.13 -12.41 28.88
C ALA H 466 38.03 -11.21 27.95
N LYS H 467 37.29 -11.33 26.85
CA LYS H 467 37.14 -10.23 25.91
C LYS H 467 36.18 -9.16 26.39
N ALA H 468 35.24 -9.51 27.27
CA ALA H 468 34.29 -8.53 27.77
C ALA H 468 34.88 -7.64 28.85
N GLU H 469 35.79 -8.18 29.66
CA GLU H 469 36.40 -7.39 30.72
C GLU H 469 37.49 -6.46 30.18
N LYS H 470 38.16 -6.85 29.09
CA LYS H 470 39.21 -6.01 28.53
C LYS H 470 38.64 -4.88 27.68
N ILE H 471 37.45 -5.06 27.11
CA ILE H 471 36.86 -4.01 26.29
C ILE H 471 36.21 -2.92 27.14
N ALA H 472 35.86 -3.21 28.39
CA ALA H 472 35.23 -2.23 29.26
C ALA H 472 36.24 -1.38 30.03
N ALA H 473 37.53 -1.67 29.91
CA ALA H 473 38.56 -0.91 30.60
C ALA H 473 39.21 0.11 29.67
N PRO I 5 -4.81 -55.79 -51.07
CA PRO I 5 -4.38 -54.88 -50.00
C PRO I 5 -2.93 -54.45 -50.15
N ALA I 6 -2.63 -53.21 -49.79
CA ALA I 6 -1.27 -52.68 -49.87
C ALA I 6 -0.48 -53.10 -48.64
N SER I 7 0.58 -53.88 -48.85
CA SER I 7 1.43 -54.36 -47.78
C SER I 7 2.73 -53.57 -47.74
N GLY I 8 3.35 -53.54 -46.55
CA GLY I 8 4.59 -52.83 -46.36
C GLY I 8 5.51 -53.57 -45.41
N LYS I 9 6.75 -53.12 -45.35
CA LYS I 9 7.77 -53.70 -44.49
C LYS I 9 8.33 -52.64 -43.57
N ILE I 10 8.55 -53.02 -42.31
CA ILE I 10 9.08 -52.09 -41.32
C ILE I 10 10.58 -51.96 -41.51
N ARG I 11 11.06 -50.73 -41.68
CA ARG I 11 12.47 -50.46 -41.87
C ARG I 11 13.16 -49.86 -40.66
N ALA I 12 12.46 -49.05 -39.87
CA ALA I 12 13.04 -48.44 -38.68
C ALA I 12 12.00 -48.45 -37.57
N VAL I 13 12.49 -48.50 -36.32
CA VAL I 13 11.63 -48.52 -35.15
C VAL I 13 12.36 -47.86 -33.98
N ILE I 14 12.21 -46.54 -33.86
CA ILE I 14 12.86 -45.79 -32.79
C ILE I 14 11.79 -45.21 -31.88
N GLY I 15 11.26 -46.03 -30.97
CA GLY I 15 10.24 -45.56 -30.06
C GLY I 15 8.88 -45.52 -30.73
N ALA I 16 8.22 -44.37 -30.64
CA ALA I 16 6.90 -44.21 -31.25
C ALA I 16 6.98 -44.01 -32.76
N VAL I 17 8.11 -43.53 -33.28
CA VAL I 17 8.28 -43.31 -34.71
C VAL I 17 8.72 -44.61 -35.36
N VAL I 18 7.94 -45.08 -36.33
CA VAL I 18 8.23 -46.31 -37.06
C VAL I 18 8.11 -46.03 -38.54
N ASP I 19 9.18 -46.27 -39.29
CA ASP I 19 9.19 -46.05 -40.73
C ASP I 19 8.82 -47.33 -41.46
N VAL I 20 7.94 -47.21 -42.44
CA VAL I 20 7.46 -48.33 -43.24
C VAL I 20 7.82 -48.08 -44.69
N GLN I 21 8.29 -49.13 -45.37
CA GLN I 21 8.67 -49.05 -46.78
C GLN I 21 7.66 -49.80 -47.62
N PHE I 22 7.11 -49.12 -48.63
CA PHE I 22 6.13 -49.68 -49.54
C PHE I 22 6.73 -49.84 -50.93
N GLU I 23 5.86 -50.05 -51.92
CA GLU I 23 6.27 -50.22 -53.30
C GLU I 23 6.06 -48.93 -54.07
N GLN I 24 6.46 -48.94 -55.34
CA GLN I 24 6.33 -47.76 -56.20
C GLN I 24 4.89 -47.66 -56.70
N GLY I 25 4.23 -46.56 -56.39
CA GLY I 25 2.86 -46.33 -56.81
C GLY I 25 1.81 -46.73 -55.78
N GLU I 26 2.13 -47.65 -54.87
CA GLU I 26 1.19 -48.10 -53.85
C GLU I 26 1.51 -47.53 -52.48
N LEU I 27 2.17 -46.38 -52.43
CA LEU I 27 2.51 -45.77 -51.15
C LEU I 27 1.30 -45.02 -50.59
N PRO I 28 1.12 -45.03 -49.27
CA PRO I 28 -0.03 -44.32 -48.68
C PRO I 28 0.22 -42.83 -48.57
N ALA I 29 -0.87 -42.10 -48.37
CA ALA I 29 -0.81 -40.65 -48.24
C ALA I 29 -0.63 -40.27 -46.77
N ILE I 30 -0.74 -38.98 -46.46
CA ILE I 30 -0.59 -38.52 -45.09
C ILE I 30 -1.87 -38.77 -44.30
N LEU I 31 -1.70 -38.88 -42.98
CA LEU I 31 -2.82 -39.12 -42.05
C LEU I 31 -3.58 -40.40 -42.43
N ASN I 32 -2.82 -41.48 -42.67
CA ASN I 32 -3.37 -42.77 -43.04
C ASN I 32 -3.04 -43.78 -41.95
N ALA I 33 -4.05 -44.50 -41.49
CA ALA I 33 -3.86 -45.51 -40.45
C ALA I 33 -3.30 -46.79 -41.07
N LEU I 34 -2.23 -47.31 -40.46
CA LEU I 34 -1.59 -48.53 -40.92
C LEU I 34 -1.84 -49.65 -39.91
N THR I 35 -2.30 -50.79 -40.40
CA THR I 35 -2.57 -51.94 -39.55
C THR I 35 -1.32 -52.78 -39.36
N ILE I 36 -1.21 -53.38 -38.17
CA ILE I 36 -0.07 -54.22 -37.83
C ILE I 36 -0.51 -55.30 -36.84
N ASP I 37 -0.31 -56.57 -37.22
CA ASP I 37 -0.70 -57.67 -36.36
C ASP I 37 0.34 -57.89 -35.27
N GLN I 38 -0.14 -58.06 -34.04
CA GLN I 38 0.72 -58.28 -32.88
C GLN I 38 0.33 -59.60 -32.24
N GLY I 39 0.68 -59.76 -30.96
CA GLY I 39 0.37 -60.98 -30.24
C GLY I 39 -0.96 -60.91 -29.51
N ASN I 40 -0.95 -60.36 -28.29
CA ASN I 40 -2.18 -60.24 -27.52
C ASN I 40 -3.07 -59.11 -28.00
N ASN I 41 -2.48 -58.09 -28.63
CA ASN I 41 -3.25 -56.97 -29.13
C ASN I 41 -3.95 -57.34 -30.43
N GLN I 42 -4.98 -56.56 -30.77
CA GLN I 42 -5.74 -56.80 -31.99
C GLN I 42 -5.01 -56.25 -33.22
N LYS I 43 -4.83 -54.94 -33.27
CA LYS I 43 -4.15 -54.30 -34.40
C LYS I 43 -3.47 -53.03 -33.90
N LEU I 44 -2.20 -52.87 -34.24
CA LEU I 44 -1.43 -51.69 -33.84
C LEU I 44 -1.63 -50.59 -34.88
N VAL I 45 -2.32 -49.53 -34.48
CA VAL I 45 -2.59 -48.42 -35.37
C VAL I 45 -1.33 -47.55 -35.49
N LEU I 46 -1.07 -47.08 -36.71
CA LEU I 46 0.09 -46.23 -36.98
C LEU I 46 -0.30 -45.19 -38.00
N GLU I 47 -0.48 -43.95 -37.54
CA GLU I 47 -0.87 -42.86 -38.43
C GLU I 47 0.35 -42.37 -39.21
N VAL I 48 0.17 -42.17 -40.51
CA VAL I 48 1.24 -41.70 -41.37
C VAL I 48 1.43 -40.20 -41.16
N ALA I 49 2.69 -39.79 -40.99
CA ALA I 49 3.00 -38.38 -40.78
C ALA I 49 3.45 -37.73 -42.08
N GLN I 50 4.59 -38.14 -42.61
CA GLN I 50 5.12 -37.60 -43.85
C GLN I 50 5.88 -38.68 -44.60
N HIS I 51 6.31 -38.35 -45.81
CA HIS I 51 7.06 -39.26 -46.67
C HIS I 51 8.48 -38.74 -46.81
N LEU I 52 9.46 -39.59 -46.47
CA LEU I 52 10.86 -39.23 -46.57
C LEU I 52 11.46 -39.49 -47.93
N GLY I 53 10.73 -40.15 -48.83
CA GLY I 53 11.21 -40.45 -50.16
C GLY I 53 11.80 -41.85 -50.26
N GLU I 54 12.16 -42.20 -51.50
CA GLU I 54 12.74 -43.51 -51.81
C GLU I 54 11.83 -44.65 -51.36
N ASN I 55 10.53 -44.51 -51.65
CA ASN I 55 9.52 -45.51 -51.29
C ASN I 55 9.52 -45.79 -49.79
N ALA I 56 9.48 -44.71 -49.00
CA ALA I 56 9.48 -44.81 -47.55
C ALA I 56 8.74 -43.61 -46.97
N VAL I 57 7.96 -43.87 -45.92
CA VAL I 57 7.18 -42.83 -45.25
C VAL I 57 7.21 -43.11 -43.76
N ARG I 58 7.52 -42.08 -42.97
CA ARG I 58 7.58 -42.21 -41.52
C ARG I 58 6.18 -42.14 -40.93
N ALA I 59 5.92 -43.04 -39.98
CA ALA I 59 4.62 -43.11 -39.31
C ALA I 59 4.83 -43.07 -37.79
N ILE I 60 3.76 -42.73 -37.09
CA ILE I 60 3.76 -42.64 -35.63
C ILE I 60 2.77 -43.66 -35.10
N ALA I 61 3.25 -44.59 -34.29
CA ALA I 61 2.39 -45.62 -33.72
C ALA I 61 1.57 -45.04 -32.57
N MET I 62 0.33 -45.54 -32.44
CA MET I 62 -0.58 -45.10 -31.39
C MET I 62 -0.63 -46.06 -30.22
N ASP I 63 0.36 -46.95 -30.10
CA ASP I 63 0.40 -47.90 -29.01
C ASP I 63 1.86 -48.22 -28.72
N GLY I 64 2.12 -49.34 -28.05
CA GLY I 64 3.48 -49.73 -27.73
C GLY I 64 4.14 -50.45 -28.89
N THR I 65 5.33 -50.00 -29.26
CA THR I 65 6.09 -50.59 -30.36
C THR I 65 7.14 -51.58 -29.88
N GLU I 66 6.98 -52.12 -28.67
CA GLU I 66 7.92 -53.08 -28.12
C GLU I 66 7.66 -54.47 -28.72
N GLY I 67 8.72 -55.09 -29.23
CA GLY I 67 8.63 -56.41 -29.82
C GLY I 67 8.57 -56.43 -31.34
N LEU I 68 8.63 -55.27 -32.00
CA LEU I 68 8.59 -55.21 -33.44
C LEU I 68 9.98 -55.42 -34.01
N VAL I 69 10.09 -56.29 -35.01
CA VAL I 69 11.35 -56.59 -35.65
C VAL I 69 11.42 -55.86 -36.99
N ARG I 70 12.61 -55.85 -37.60
CA ARG I 70 12.82 -55.19 -38.87
C ARG I 70 12.39 -56.13 -39.99
N GLY I 71 11.25 -55.85 -40.61
CA GLY I 71 10.74 -56.67 -41.69
C GLY I 71 9.36 -57.22 -41.42
N GLN I 72 8.63 -56.59 -40.50
CA GLN I 72 7.29 -57.03 -40.16
C GLN I 72 6.29 -56.58 -41.23
N THR I 73 5.16 -57.27 -41.28
CA THR I 73 4.12 -56.96 -42.25
C THR I 73 3.29 -55.79 -41.76
N VAL I 74 3.16 -54.77 -42.60
CA VAL I 74 2.40 -53.56 -42.29
C VAL I 74 1.38 -53.36 -43.39
N VAL I 75 0.11 -53.66 -43.09
CA VAL I 75 -0.97 -53.52 -44.05
C VAL I 75 -1.53 -52.11 -43.97
N ASP I 76 -1.96 -51.58 -45.10
CA ASP I 76 -2.53 -50.24 -45.19
C ASP I 76 -4.06 -50.33 -45.26
N THR I 77 -4.73 -49.51 -44.46
CA THR I 77 -6.19 -49.51 -44.43
C THR I 77 -6.79 -48.75 -45.61
N GLY I 78 -6.04 -47.85 -46.23
CA GLY I 78 -6.51 -47.07 -47.35
C GLY I 78 -7.11 -45.73 -46.99
N ALA I 79 -7.47 -45.51 -45.73
CA ALA I 79 -8.05 -44.25 -45.30
C ALA I 79 -7.44 -43.83 -43.97
N PRO I 80 -8.09 -42.92 -43.23
CA PRO I 80 -7.54 -42.49 -41.94
C PRO I 80 -7.97 -43.39 -40.79
N ILE I 81 -7.81 -42.89 -39.56
CA ILE I 81 -8.19 -43.65 -38.37
C ILE I 81 -9.70 -43.52 -38.21
N SER I 82 -10.43 -44.54 -38.67
CA SER I 82 -11.88 -44.53 -38.58
C SER I 82 -12.33 -44.89 -37.17
N VAL I 83 -13.50 -44.38 -36.79
CA VAL I 83 -14.08 -44.65 -35.47
C VAL I 83 -15.56 -44.89 -35.62
N PRO I 84 -16.17 -45.57 -34.64
CA PRO I 84 -17.61 -45.84 -34.70
C PRO I 84 -18.41 -44.62 -34.27
N VAL I 85 -19.40 -44.26 -35.08
CA VAL I 85 -20.27 -43.11 -34.81
C VAL I 85 -21.72 -43.59 -34.79
N GLY I 86 -22.60 -42.70 -34.36
CA GLY I 86 -24.01 -42.98 -34.28
C GLY I 86 -24.50 -43.12 -32.84
N ARG I 87 -25.62 -43.81 -32.70
CA ARG I 87 -26.23 -44.04 -31.39
C ARG I 87 -25.68 -45.27 -30.69
N GLY I 88 -24.85 -46.07 -31.36
CA GLY I 88 -24.30 -47.26 -30.74
C GLY I 88 -23.13 -47.00 -29.82
N THR I 89 -22.52 -45.83 -29.90
CA THR I 89 -21.38 -45.48 -29.08
C THR I 89 -21.78 -44.83 -27.75
N LEU I 90 -23.07 -44.63 -27.52
CA LEU I 90 -23.55 -44.01 -26.28
C LEU I 90 -23.55 -45.04 -25.17
N GLY I 91 -22.83 -44.74 -24.09
CA GLY I 91 -22.73 -45.62 -22.95
C GLY I 91 -21.54 -46.56 -22.95
N ARG I 92 -20.76 -46.58 -24.03
CA ARG I 92 -19.59 -47.44 -24.14
C ARG I 92 -18.32 -46.60 -24.09
N ILE I 93 -17.25 -47.20 -23.57
CA ILE I 93 -15.96 -46.54 -23.45
C ILE I 93 -15.17 -46.84 -24.70
N ILE I 94 -15.03 -45.85 -25.58
CA ILE I 94 -14.30 -46.00 -26.81
C ILE I 94 -12.86 -45.50 -26.60
N ASN I 95 -12.00 -45.80 -27.57
CA ASN I 95 -10.60 -45.38 -27.49
C ASN I 95 -10.26 -44.43 -28.64
N VAL I 96 -8.96 -44.25 -28.89
CA VAL I 96 -8.54 -43.37 -29.98
C VAL I 96 -8.66 -44.02 -31.34
N VAL I 97 -8.69 -45.35 -31.41
CA VAL I 97 -8.80 -46.07 -32.66
C VAL I 97 -10.23 -46.54 -32.93
N GLY I 98 -11.18 -46.16 -32.07
CA GLY I 98 -12.55 -46.57 -32.26
C GLY I 98 -12.89 -47.95 -31.74
N GLU I 99 -12.10 -48.48 -30.80
CA GLU I 99 -12.34 -49.80 -30.25
C GLU I 99 -12.92 -49.69 -28.84
N PRO I 100 -13.70 -50.67 -28.40
CA PRO I 100 -14.28 -50.61 -27.06
C PRO I 100 -13.27 -51.05 -26.00
N ILE I 101 -13.30 -50.35 -24.87
CA ILE I 101 -12.40 -50.65 -23.75
C ILE I 101 -13.21 -50.82 -22.48
N ASP I 102 -14.49 -51.16 -22.63
CA ASP I 102 -15.39 -51.36 -21.50
C ASP I 102 -15.77 -52.81 -21.28
N GLU I 103 -15.30 -53.73 -22.14
CA GLU I 103 -15.60 -55.15 -22.04
C GLU I 103 -17.11 -55.41 -22.05
N ARG I 104 -17.79 -54.78 -23.01
CA ARG I 104 -19.24 -54.92 -23.15
C ARG I 104 -19.61 -55.27 -24.58
N GLY I 105 -18.73 -55.94 -25.30
CA GLY I 105 -18.98 -56.32 -26.67
C GLY I 105 -18.57 -55.26 -27.65
N PRO I 106 -18.60 -55.58 -28.94
CA PRO I 106 -18.22 -54.61 -29.96
C PRO I 106 -19.35 -53.65 -30.28
N ILE I 107 -18.97 -52.44 -30.70
CA ILE I 107 -19.93 -51.41 -31.05
C ILE I 107 -20.48 -51.71 -32.45
N GLU I 108 -21.74 -52.13 -32.51
CA GLU I 108 -22.39 -52.46 -33.77
C GLU I 108 -22.82 -51.16 -34.45
N CYS I 109 -21.92 -50.59 -35.25
CA CYS I 109 -22.18 -49.36 -35.98
C CYS I 109 -22.41 -49.64 -37.45
N LYS I 110 -23.27 -48.83 -38.06
CA LYS I 110 -23.57 -49.01 -39.48
C LYS I 110 -22.48 -48.43 -40.37
N GLN I 111 -21.91 -47.30 -39.97
CA GLN I 111 -20.85 -46.65 -40.73
C GLN I 111 -19.72 -46.24 -39.79
N ARG I 112 -18.57 -45.94 -40.39
CA ARG I 112 -17.38 -45.52 -39.65
C ARG I 112 -16.80 -44.28 -40.32
N ASN I 113 -16.79 -43.16 -39.57
CA ASN I 113 -16.24 -41.93 -40.12
C ASN I 113 -14.79 -41.75 -39.71
N PRO I 114 -13.99 -41.11 -40.55
CA PRO I 114 -12.57 -40.91 -40.22
C PRO I 114 -12.38 -39.74 -39.26
N ILE I 115 -11.29 -39.82 -38.49
CA ILE I 115 -10.99 -38.76 -37.53
C ILE I 115 -10.38 -37.52 -38.19
N HIS I 116 -9.75 -37.69 -39.36
CA HIS I 116 -9.13 -36.58 -40.08
C HIS I 116 -10.10 -36.12 -41.17
N ALA I 117 -10.73 -34.97 -40.94
CA ALA I 117 -11.68 -34.42 -41.90
C ALA I 117 -11.60 -32.89 -41.85
N ASP I 118 -12.05 -32.27 -42.93
CA ASP I 118 -12.04 -30.81 -43.02
C ASP I 118 -13.19 -30.22 -42.22
N PRO I 119 -13.10 -28.94 -41.89
CA PRO I 119 -14.18 -28.30 -41.13
C PRO I 119 -15.21 -27.68 -42.05
N PRO I 120 -16.10 -26.84 -41.52
CA PRO I 120 -17.11 -26.22 -42.36
C PRO I 120 -16.55 -25.03 -43.13
N SER I 121 -17.21 -24.74 -44.26
CA SER I 121 -16.80 -23.63 -45.11
C SER I 121 -17.40 -22.33 -44.60
N PHE I 122 -17.08 -21.23 -45.29
CA PHE I 122 -17.60 -19.92 -44.91
C PHE I 122 -19.05 -19.72 -45.29
N VAL I 123 -19.54 -20.42 -46.32
CA VAL I 123 -20.92 -20.28 -46.74
C VAL I 123 -21.87 -21.18 -45.96
N GLU I 124 -21.35 -22.18 -45.26
CA GLU I 124 -22.17 -23.10 -44.48
C GLU I 124 -22.12 -22.81 -42.99
N GLN I 125 -21.57 -21.67 -42.59
CA GLN I 125 -21.47 -21.31 -41.18
C GLN I 125 -22.68 -20.47 -40.77
N SER I 126 -22.78 -20.22 -39.47
CA SER I 126 -23.87 -19.43 -38.92
C SER I 126 -23.56 -17.95 -39.05
N THR I 127 -24.53 -17.19 -39.56
CA THR I 127 -24.36 -15.75 -39.75
C THR I 127 -24.67 -14.95 -38.49
N GLU I 128 -25.27 -15.58 -37.47
CA GLU I 128 -25.60 -14.90 -36.23
C GLU I 128 -25.22 -15.78 -35.06
N ALA I 129 -24.74 -15.15 -33.98
CA ALA I 129 -24.34 -15.86 -32.78
C ALA I 129 -25.55 -16.07 -31.88
N GLU I 130 -25.92 -17.34 -31.68
CA GLU I 130 -27.07 -17.69 -30.85
C GLU I 130 -26.60 -18.13 -29.47
N VAL I 131 -27.46 -17.93 -28.48
CA VAL I 131 -27.17 -18.28 -27.10
C VAL I 131 -27.67 -19.69 -26.84
N LEU I 132 -26.93 -20.43 -25.99
CA LEU I 132 -27.28 -21.80 -25.63
C LEU I 132 -27.81 -21.81 -24.19
N GLU I 133 -29.03 -22.32 -24.03
CA GLU I 133 -29.65 -22.38 -22.72
C GLU I 133 -29.13 -23.60 -21.96
N THR I 134 -28.48 -23.36 -20.82
CA THR I 134 -27.92 -24.43 -20.01
C THR I 134 -28.85 -24.86 -18.87
N GLY I 135 -29.76 -24.00 -18.43
CA GLY I 135 -30.66 -24.31 -17.36
C GLY I 135 -30.28 -23.75 -16.00
N ILE I 136 -29.04 -23.30 -15.85
CA ILE I 136 -28.56 -22.74 -14.59
C ILE I 136 -28.91 -21.26 -14.54
N LYS I 137 -29.18 -20.76 -13.32
CA LYS I 137 -29.53 -19.36 -13.16
C LYS I 137 -28.32 -18.45 -13.25
N VAL I 138 -27.13 -18.95 -12.90
CA VAL I 138 -25.91 -18.14 -12.96
C VAL I 138 -25.21 -18.24 -14.32
N VAL I 139 -25.67 -19.13 -15.19
CA VAL I 139 -25.06 -19.28 -16.51
C VAL I 139 -25.92 -18.69 -17.63
N ASP I 140 -27.24 -18.63 -17.45
CA ASP I 140 -28.12 -18.07 -18.48
C ASP I 140 -28.26 -16.55 -18.38
N LEU I 141 -27.77 -15.94 -17.31
CA LEU I 141 -27.85 -14.50 -17.12
C LEU I 141 -26.49 -13.81 -17.22
N LEU I 142 -25.47 -14.37 -16.58
CA LEU I 142 -24.13 -13.78 -16.62
C LEU I 142 -23.41 -14.17 -17.90
N ALA I 143 -22.49 -15.14 -17.80
CA ALA I 143 -21.73 -15.59 -18.96
C ALA I 143 -22.55 -16.61 -19.76
N PRO I 144 -23.26 -16.16 -20.79
CA PRO I 144 -24.06 -17.11 -21.58
C PRO I 144 -23.20 -17.85 -22.59
N TYR I 145 -23.52 -19.13 -22.76
CA TYR I 145 -22.79 -19.98 -23.69
C TYR I 145 -23.30 -19.77 -25.11
N ALA I 146 -22.38 -19.70 -26.06
CA ALA I 146 -22.72 -19.51 -27.46
C ALA I 146 -23.00 -20.84 -28.14
N ARG I 147 -23.94 -20.81 -29.08
CA ARG I 147 -24.33 -22.02 -29.82
C ARG I 147 -23.28 -22.29 -30.89
N GLY I 148 -22.41 -23.27 -30.63
CA GLY I 148 -21.37 -23.63 -31.55
C GLY I 148 -20.01 -23.05 -31.26
N GLY I 149 -19.69 -22.77 -29.99
CA GLY I 149 -18.41 -22.21 -29.64
C GLY I 149 -17.66 -23.03 -28.60
N LYS I 150 -16.67 -22.41 -27.95
CA LYS I 150 -15.88 -23.08 -26.93
C LYS I 150 -16.04 -22.35 -25.60
N ILE I 151 -16.14 -23.11 -24.53
CA ILE I 151 -16.30 -22.58 -23.18
C ILE I 151 -15.22 -23.17 -22.29
N GLY I 152 -14.52 -22.32 -21.56
CA GLY I 152 -13.46 -22.78 -20.67
C GLY I 152 -13.92 -22.97 -19.24
N LEU I 153 -13.74 -24.18 -18.71
CA LEU I 153 -14.13 -24.51 -17.34
C LEU I 153 -12.87 -24.54 -16.48
N PHE I 154 -12.57 -23.40 -15.86
CA PHE I 154 -11.41 -23.26 -14.99
C PHE I 154 -11.81 -23.44 -13.54
N GLY I 155 -11.07 -24.27 -12.82
CA GLY I 155 -11.37 -24.51 -11.43
C GLY I 155 -10.39 -25.51 -10.84
N GLY I 156 -10.37 -25.56 -9.51
CA GLY I 156 -9.51 -26.45 -8.78
C GLY I 156 -10.17 -27.79 -8.48
N ALA I 157 -9.54 -28.53 -7.57
CA ALA I 157 -10.04 -29.83 -7.16
C ALA I 157 -11.03 -29.68 -6.02
N GLY I 158 -12.18 -30.31 -6.16
CA GLY I 158 -13.22 -30.25 -5.15
C GLY I 158 -14.10 -29.02 -5.20
N VAL I 159 -14.08 -28.28 -6.30
CA VAL I 159 -14.91 -27.09 -6.40
C VAL I 159 -16.25 -27.39 -7.09
N GLY I 160 -16.30 -28.37 -7.98
CA GLY I 160 -17.53 -28.70 -8.66
C GLY I 160 -17.36 -28.81 -10.16
N LYS I 161 -16.27 -29.43 -10.61
CA LYS I 161 -16.02 -29.57 -12.04
C LYS I 161 -16.73 -30.79 -12.60
N THR I 162 -16.75 -31.90 -11.86
CA THR I 162 -17.41 -33.11 -12.34
C THR I 162 -18.92 -33.03 -12.20
N VAL I 163 -19.42 -32.26 -11.23
CA VAL I 163 -20.87 -32.14 -11.05
C VAL I 163 -21.46 -31.18 -12.06
N PHE I 164 -20.67 -30.21 -12.56
CA PHE I 164 -21.18 -29.26 -13.53
C PHE I 164 -21.30 -29.87 -14.93
N ILE I 165 -20.48 -30.87 -15.23
CA ILE I 165 -20.55 -31.50 -16.55
C ILE I 165 -21.69 -32.51 -16.62
N GLN I 166 -22.05 -33.13 -15.49
CA GLN I 166 -23.13 -34.10 -15.49
C GLN I 166 -24.50 -33.41 -15.49
N GLU I 167 -24.61 -32.26 -14.83
CA GLU I 167 -25.87 -31.55 -14.79
C GLU I 167 -26.17 -30.83 -16.10
N LEU I 168 -25.13 -30.40 -16.82
CA LEU I 168 -25.34 -29.71 -18.09
C LEU I 168 -25.70 -30.68 -19.22
N ILE I 169 -25.25 -31.93 -19.12
CA ILE I 169 -25.58 -32.90 -20.17
C ILE I 169 -27.00 -33.42 -20.01
N ASN I 170 -27.49 -33.54 -18.78
CA ASN I 170 -28.84 -34.02 -18.55
C ASN I 170 -29.90 -32.96 -18.85
N ASN I 171 -29.57 -31.69 -18.61
CA ASN I 171 -30.52 -30.62 -18.88
C ASN I 171 -30.64 -30.31 -20.37
N ILE I 172 -29.57 -30.52 -21.12
CA ILE I 172 -29.61 -30.25 -22.56
C ILE I 172 -30.34 -31.36 -23.31
N ALA I 173 -30.29 -32.59 -22.80
CA ALA I 173 -30.96 -33.71 -23.44
C ALA I 173 -32.47 -33.72 -23.18
N LYS I 174 -32.93 -33.06 -22.13
CA LYS I 174 -34.35 -33.02 -21.80
C LYS I 174 -35.05 -31.77 -22.33
N ALA I 175 -34.35 -30.64 -22.42
CA ALA I 175 -34.94 -29.40 -22.91
C ALA I 175 -34.69 -29.17 -24.39
N HIS I 176 -33.58 -29.67 -24.93
CA HIS I 176 -33.25 -29.50 -26.34
C HIS I 176 -33.10 -30.81 -27.10
N GLY I 177 -32.81 -31.92 -26.43
CA GLY I 177 -32.66 -33.20 -27.10
C GLY I 177 -31.31 -33.36 -27.76
N GLY I 178 -30.25 -33.07 -27.03
CA GLY I 178 -28.89 -33.18 -27.54
C GLY I 178 -28.05 -34.10 -26.68
N PHE I 179 -27.22 -34.91 -27.32
CA PHE I 179 -26.35 -35.85 -26.62
C PHE I 179 -25.05 -35.16 -26.22
N SER I 180 -24.20 -35.89 -25.50
CA SER I 180 -22.91 -35.39 -25.04
C SER I 180 -21.82 -36.35 -25.48
N VAL I 181 -20.57 -35.88 -25.35
CA VAL I 181 -19.41 -36.68 -25.73
C VAL I 181 -18.23 -36.30 -24.85
N PHE I 182 -17.99 -37.08 -23.80
CA PHE I 182 -16.88 -36.81 -22.88
C PHE I 182 -15.62 -37.46 -23.43
N THR I 183 -14.66 -36.63 -23.82
CA THR I 183 -13.38 -37.09 -24.38
C THR I 183 -12.27 -36.68 -23.41
N GLY I 184 -12.04 -37.54 -22.42
CA GLY I 184 -11.01 -37.27 -21.43
C GLY I 184 -9.61 -37.53 -21.95
N VAL I 185 -9.06 -36.58 -22.67
CA VAL I 185 -7.72 -36.71 -23.23
C VAL I 185 -6.70 -36.29 -22.17
N GLY I 186 -5.67 -37.12 -21.98
CA GLY I 186 -4.64 -36.81 -21.01
C GLY I 186 -5.07 -36.99 -19.57
N GLU I 187 -6.08 -37.80 -19.31
CA GLU I 187 -6.55 -38.02 -17.95
C GLU I 187 -5.70 -39.09 -17.26
N ARG I 188 -6.01 -39.35 -15.99
CA ARG I 188 -5.29 -40.34 -15.21
C ARG I 188 -6.02 -41.68 -15.24
N THR I 189 -5.36 -42.69 -14.66
CA THR I 189 -5.96 -44.02 -14.62
C THR I 189 -7.07 -44.11 -13.60
N ARG I 190 -6.90 -43.46 -12.44
CA ARG I 190 -7.93 -43.50 -11.41
C ARG I 190 -9.09 -42.56 -11.72
N GLU I 191 -8.87 -41.52 -12.51
CA GLU I 191 -9.93 -40.59 -12.86
C GLU I 191 -10.89 -41.17 -13.89
N GLY I 192 -10.41 -42.09 -14.73
CA GLY I 192 -11.29 -42.68 -15.73
C GLY I 192 -12.26 -43.70 -15.17
N ASN I 193 -11.85 -44.45 -14.15
CA ASN I 193 -12.73 -45.45 -13.55
C ASN I 193 -13.75 -44.82 -12.63
N ASP I 194 -13.42 -43.70 -11.99
CA ASP I 194 -14.35 -43.04 -11.09
C ASP I 194 -15.41 -42.24 -11.82
N LEU I 195 -15.14 -41.81 -13.05
CA LEU I 195 -16.12 -41.03 -13.81
C LEU I 195 -17.18 -41.93 -14.44
N TYR I 196 -16.84 -43.17 -14.76
CA TYR I 196 -17.81 -44.08 -15.37
C TYR I 196 -18.78 -44.65 -14.34
N ARG I 197 -18.33 -44.87 -13.11
CA ARG I 197 -19.20 -45.41 -12.08
C ARG I 197 -20.13 -44.35 -11.50
N GLU I 198 -19.70 -43.09 -11.50
CA GLU I 198 -20.54 -42.02 -10.96
C GLU I 198 -21.66 -41.63 -11.91
N MET I 199 -21.45 -41.79 -13.22
CA MET I 199 -22.48 -41.46 -14.20
C MET I 199 -23.58 -42.49 -14.27
N LYS I 200 -23.32 -43.74 -13.89
CA LYS I 200 -24.34 -44.78 -13.93
C LYS I 200 -25.30 -44.68 -12.76
N GLU I 201 -24.84 -44.16 -11.62
CA GLU I 201 -25.70 -44.04 -10.45
C GLU I 201 -26.57 -42.79 -10.48
N THR I 202 -26.30 -41.85 -11.39
CA THR I 202 -27.09 -40.63 -11.50
C THR I 202 -28.12 -40.66 -12.61
N GLY I 203 -27.94 -41.52 -13.60
CA GLY I 203 -28.86 -41.64 -14.71
C GLY I 203 -28.38 -41.08 -16.04
N VAL I 204 -27.07 -40.93 -16.23
CA VAL I 204 -26.53 -40.41 -17.48
C VAL I 204 -26.10 -41.51 -18.43
N ILE I 205 -25.54 -42.59 -17.89
CA ILE I 205 -25.09 -43.73 -18.69
C ILE I 205 -25.79 -44.98 -18.15
N ASN I 206 -26.76 -45.48 -18.91
CA ASN I 206 -27.53 -46.65 -18.54
C ASN I 206 -27.09 -47.83 -19.40
N LEU I 207 -26.76 -48.94 -18.75
CA LEU I 207 -26.34 -50.14 -19.49
C LEU I 207 -27.52 -50.88 -20.09
N GLU I 208 -28.66 -50.91 -19.38
CA GLU I 208 -29.85 -51.59 -19.85
C GLU I 208 -30.89 -50.65 -20.43
N GLY I 209 -30.86 -49.38 -20.06
CA GLY I 209 -31.82 -48.41 -20.57
C GLY I 209 -31.34 -47.68 -21.80
N GLU I 210 -31.33 -46.35 -21.73
CA GLU I 210 -30.88 -45.51 -22.84
C GLU I 210 -29.87 -44.50 -22.33
N SER I 211 -28.69 -44.48 -22.96
CA SER I 211 -27.63 -43.56 -22.57
C SER I 211 -27.79 -42.22 -23.29
N LYS I 212 -26.97 -41.25 -22.87
CA LYS I 212 -27.04 -39.93 -23.48
C LYS I 212 -25.69 -39.23 -23.53
N VAL I 213 -24.59 -39.91 -23.23
CA VAL I 213 -23.25 -39.31 -23.27
C VAL I 213 -22.25 -40.37 -23.69
N ALA I 214 -21.33 -39.99 -24.56
CA ALA I 214 -20.31 -40.90 -25.05
C ALA I 214 -19.06 -40.83 -24.17
N LEU I 215 -18.40 -41.97 -24.03
CA LEU I 215 -17.18 -42.09 -23.23
C LEU I 215 -16.02 -42.41 -24.15
N VAL I 216 -14.99 -41.57 -24.13
CA VAL I 216 -13.80 -41.75 -24.95
C VAL I 216 -12.61 -41.84 -24.01
N PHE I 217 -12.01 -43.02 -23.93
CA PHE I 217 -10.86 -43.24 -23.06
C PHE I 217 -9.60 -42.66 -23.70
N GLY I 218 -8.80 -41.99 -22.88
CA GLY I 218 -7.56 -41.39 -23.35
C GLY I 218 -6.60 -41.03 -22.23
N GLN I 219 -6.06 -42.04 -21.57
CA GLN I 219 -5.12 -41.82 -20.48
C GLN I 219 -3.74 -41.46 -21.02
N MET I 220 -2.87 -41.04 -20.10
CA MET I 220 -1.50 -40.65 -20.45
C MET I 220 -0.52 -41.81 -20.35
N ASN I 221 -1.01 -43.03 -20.17
CA ASN I 221 -0.13 -44.20 -20.06
C ASN I 221 0.26 -44.76 -21.42
N GLU I 222 -0.28 -44.24 -22.51
CA GLU I 222 0.04 -44.72 -23.85
C GLU I 222 1.19 -43.90 -24.43
N PRO I 223 1.37 -43.94 -25.75
CA PRO I 223 2.46 -43.16 -26.36
C PRO I 223 1.99 -41.77 -26.74
N PRO I 224 2.79 -41.03 -27.51
CA PRO I 224 2.37 -39.68 -27.91
C PRO I 224 1.34 -39.66 -29.03
N GLY I 225 1.20 -40.74 -29.79
CA GLY I 225 0.23 -40.76 -30.86
C GLY I 225 -1.19 -40.96 -30.39
N ALA I 226 -1.39 -41.71 -29.31
CA ALA I 226 -2.73 -41.96 -28.80
C ALA I 226 -3.28 -40.75 -28.04
N ARG I 227 -2.41 -39.98 -27.39
CA ARG I 227 -2.86 -38.81 -26.64
C ARG I 227 -3.21 -37.64 -27.55
N ALA I 228 -2.47 -37.49 -28.66
CA ALA I 228 -2.74 -36.39 -29.59
C ALA I 228 -3.96 -36.66 -30.46
N ARG I 229 -4.24 -37.94 -30.75
CA ARG I 229 -5.38 -38.31 -31.57
C ARG I 229 -6.65 -38.55 -30.76
N VAL I 230 -6.60 -38.31 -29.46
CA VAL I 230 -7.79 -38.51 -28.62
C VAL I 230 -8.81 -37.41 -28.84
N ALA I 231 -8.35 -36.20 -29.20
CA ALA I 231 -9.27 -35.10 -29.44
C ALA I 231 -10.02 -35.25 -30.77
N LEU I 232 -9.39 -35.87 -31.77
CA LEU I 232 -10.05 -36.05 -33.05
C LEU I 232 -11.05 -37.20 -33.03
N THR I 233 -10.84 -38.20 -32.16
CA THR I 233 -11.77 -39.31 -32.07
C THR I 233 -13.06 -38.91 -31.37
N GLY I 234 -12.97 -38.09 -30.32
CA GLY I 234 -14.16 -37.66 -29.62
C GLY I 234 -14.97 -36.63 -30.36
N LEU I 235 -14.31 -35.79 -31.16
CA LEU I 235 -15.02 -34.77 -31.92
C LEU I 235 -15.71 -35.33 -33.15
N THR I 236 -15.27 -36.49 -33.66
CA THR I 236 -15.90 -37.08 -34.83
C THR I 236 -17.25 -37.70 -34.49
N ILE I 237 -17.40 -38.21 -33.27
CA ILE I 237 -18.68 -38.81 -32.87
C ILE I 237 -19.71 -37.74 -32.56
N ALA I 238 -19.28 -36.59 -32.04
CA ALA I 238 -20.22 -35.52 -31.71
C ALA I 238 -20.64 -34.75 -32.96
N GLU I 239 -19.78 -34.68 -33.98
CA GLU I 239 -20.12 -33.97 -35.20
C GLU I 239 -21.09 -34.75 -36.09
N TYR I 240 -21.18 -36.07 -35.92
CA TYR I 240 -22.09 -36.87 -36.73
C TYR I 240 -23.54 -36.69 -36.30
N PHE I 241 -23.79 -36.37 -35.04
CA PHE I 241 -25.15 -36.19 -34.55
C PHE I 241 -25.74 -34.85 -34.97
N ARG I 242 -24.90 -33.88 -35.33
CA ARG I 242 -25.39 -32.56 -35.75
C ARG I 242 -25.54 -32.44 -37.25
N ASP I 243 -24.81 -33.25 -38.03
CA ASP I 243 -24.90 -33.20 -39.48
C ASP I 243 -25.89 -34.19 -40.06
N GLU I 244 -26.03 -35.38 -39.46
CA GLU I 244 -26.94 -36.41 -39.94
C GLU I 244 -28.28 -36.38 -39.22
N GLU I 245 -28.27 -36.18 -37.90
CA GLU I 245 -29.51 -36.13 -37.12
C GLU I 245 -29.96 -34.72 -36.78
N GLY I 246 -29.04 -33.78 -36.67
CA GLY I 246 -29.38 -32.41 -36.35
C GLY I 246 -29.69 -32.20 -34.88
N GLN I 247 -28.65 -32.12 -34.06
CA GLN I 247 -28.81 -31.93 -32.62
C GLN I 247 -27.63 -31.14 -32.10
N ASP I 248 -27.89 -30.31 -31.09
CA ASP I 248 -26.86 -29.47 -30.46
C ASP I 248 -26.08 -30.33 -29.49
N VAL I 249 -25.01 -30.96 -29.98
CA VAL I 249 -24.18 -31.82 -29.15
C VAL I 249 -23.21 -30.96 -28.35
N LEU I 250 -22.74 -31.51 -27.22
CA LEU I 250 -21.81 -30.84 -26.33
C LEU I 250 -20.58 -31.72 -26.15
N LEU I 251 -19.43 -31.22 -26.55
CA LEU I 251 -18.17 -31.94 -26.44
C LEU I 251 -17.40 -31.47 -25.22
N PHE I 252 -16.81 -32.43 -24.49
CA PHE I 252 -16.04 -32.14 -23.28
C PHE I 252 -14.64 -32.72 -23.46
N VAL I 253 -13.63 -31.86 -23.32
CA VAL I 253 -12.23 -32.25 -23.46
C VAL I 253 -11.55 -31.92 -22.13
N ASP I 254 -11.39 -32.92 -21.27
CA ASP I 254 -10.77 -32.76 -19.97
C ASP I 254 -9.42 -33.47 -19.99
N ASN I 255 -8.34 -32.69 -20.00
CA ASN I 255 -8.43 -31.23 -19.99
C ASN I 255 -7.97 -30.64 -21.32
N ILE I 256 -8.18 -29.34 -21.48
CA ILE I 256 -7.76 -28.67 -22.71
C ILE I 256 -6.25 -28.50 -22.80
N PHE I 257 -5.55 -28.46 -21.67
CA PHE I 257 -4.10 -28.32 -21.68
C PHE I 257 -3.39 -29.58 -22.13
N ARG I 258 -4.04 -30.75 -22.00
CA ARG I 258 -3.41 -32.00 -22.42
C ARG I 258 -3.36 -32.16 -23.93
N PHE I 259 -4.26 -31.50 -24.66
CA PHE I 259 -4.26 -31.60 -26.12
C PHE I 259 -3.10 -30.83 -26.74
N THR I 260 -2.73 -29.70 -26.16
CA THR I 260 -1.62 -28.90 -26.69
C THR I 260 -0.26 -29.52 -26.36
N GLN I 261 -0.14 -30.18 -25.20
CA GLN I 261 1.11 -30.81 -24.83
C GLN I 261 1.34 -32.11 -25.57
N ALA I 262 0.28 -32.80 -25.97
CA ALA I 262 0.43 -34.06 -26.70
C ALA I 262 0.84 -33.84 -28.14
N GLY I 263 0.43 -32.72 -28.74
CA GLY I 263 0.80 -32.44 -30.12
C GLY I 263 2.26 -32.08 -30.31
N SER I 264 2.87 -31.44 -29.31
CA SER I 264 4.27 -31.07 -29.40
C SER I 264 5.22 -32.23 -29.12
N GLU I 265 4.71 -33.30 -28.50
CA GLU I 265 5.58 -34.45 -28.21
C GLU I 265 5.85 -35.28 -29.46
N VAL I 266 4.84 -35.46 -30.31
CA VAL I 266 5.03 -36.23 -31.53
C VAL I 266 5.77 -35.43 -32.59
N SER I 267 5.67 -34.10 -32.53
CA SER I 267 6.36 -33.26 -33.51
C SER I 267 7.84 -33.11 -33.20
N ALA I 268 8.20 -33.05 -31.92
CA ALA I 268 9.60 -32.91 -31.54
C ALA I 268 10.39 -34.20 -31.76
N LEU I 269 9.71 -35.35 -31.70
CA LEU I 269 10.38 -36.63 -31.90
C LEU I 269 10.51 -37.00 -33.37
N LEU I 270 9.89 -36.24 -34.28
CA LEU I 270 9.97 -36.53 -35.70
C LEU I 270 11.11 -35.80 -36.40
N GLY I 271 11.50 -34.63 -35.92
CA GLY I 271 12.59 -33.89 -36.52
C GLY I 271 12.32 -32.40 -36.60
N ARG I 272 11.16 -31.97 -36.12
CA ARG I 272 10.81 -30.56 -36.14
C ARG I 272 11.48 -29.81 -35.00
N ILE I 273 11.80 -28.56 -35.25
CA ILE I 273 12.46 -27.70 -34.26
C ILE I 273 11.41 -27.15 -33.31
N PRO I 274 11.77 -26.80 -32.08
CA PRO I 274 10.78 -26.27 -31.13
C PRO I 274 10.51 -24.80 -31.39
N SER I 275 9.53 -24.28 -30.67
CA SER I 275 9.11 -22.87 -30.77
C SER I 275 9.38 -22.21 -29.42
N ALA I 276 8.48 -21.38 -28.89
CA ALA I 276 8.69 -20.72 -27.62
C ALA I 276 8.19 -21.59 -26.48
N VAL I 277 8.92 -21.54 -25.36
CA VAL I 277 8.60 -22.29 -24.15
C VAL I 277 8.54 -23.78 -24.47
N GLY I 278 9.40 -24.24 -25.37
CA GLY I 278 9.45 -25.64 -25.72
C GLY I 278 8.20 -26.17 -26.41
N TYR I 279 7.49 -25.32 -27.14
CA TYR I 279 6.29 -25.73 -27.84
C TYR I 279 6.60 -26.08 -29.29
N GLN I 280 5.61 -26.67 -29.96
CA GLN I 280 5.76 -27.05 -31.35
C GLN I 280 5.65 -25.83 -32.26
N PRO I 281 6.19 -25.92 -33.48
CA PRO I 281 6.11 -24.76 -34.39
C PRO I 281 4.72 -24.55 -34.95
N THR I 282 3.94 -25.62 -35.13
CA THR I 282 2.59 -25.50 -35.67
C THR I 282 1.57 -25.46 -34.53
N LEU I 283 1.73 -24.47 -33.66
CA LEU I 283 0.82 -24.33 -32.53
C LEU I 283 -0.52 -23.76 -32.96
N ALA I 284 -0.51 -22.77 -33.86
CA ALA I 284 -1.75 -22.17 -34.34
C ALA I 284 -2.46 -23.04 -35.37
N THR I 285 -1.76 -23.97 -36.02
CA THR I 285 -2.36 -24.83 -37.01
C THR I 285 -2.98 -26.08 -36.40
N ASP I 286 -2.38 -26.63 -35.35
CA ASP I 286 -2.92 -27.83 -34.71
C ASP I 286 -4.12 -27.51 -33.83
N MET I 287 -4.11 -26.35 -33.16
CA MET I 287 -5.23 -25.99 -32.29
C MET I 287 -6.42 -25.47 -33.09
N GLY I 288 -6.18 -24.90 -34.27
CA GLY I 288 -7.27 -24.38 -35.08
C GLY I 288 -7.96 -25.40 -35.94
N LEU I 289 -7.32 -26.55 -36.17
CA LEU I 289 -7.95 -27.59 -37.00
C LEU I 289 -9.03 -28.35 -36.24
N LEU I 290 -8.90 -28.43 -34.92
CA LEU I 290 -9.89 -29.13 -34.10
C LEU I 290 -10.93 -28.21 -33.48
N GLN I 291 -10.64 -26.92 -33.37
CA GLN I 291 -11.61 -25.98 -32.79
C GLN I 291 -12.59 -25.45 -33.83
N GLU I 292 -12.19 -25.43 -35.11
CA GLU I 292 -13.07 -24.94 -36.16
C GLU I 292 -14.15 -25.95 -36.55
N ARG I 293 -13.93 -27.23 -36.26
CA ARG I 293 -14.92 -28.25 -36.60
C ARG I 293 -16.11 -28.26 -35.66
N ILE I 294 -15.97 -27.70 -34.46
CA ILE I 294 -17.06 -27.66 -33.50
C ILE I 294 -17.79 -26.32 -33.61
N THR I 295 -18.39 -26.06 -34.78
CA THR I 295 -19.11 -24.81 -34.99
C THR I 295 -20.59 -25.08 -35.23
N THR I 296 -21.30 -24.09 -35.78
CA THR I 296 -22.72 -24.20 -36.06
C THR I 296 -22.93 -24.27 -37.57
N THR I 297 -23.65 -25.31 -38.02
CA THR I 297 -23.94 -25.52 -39.43
C THR I 297 -25.41 -25.26 -39.69
N ARG I 298 -25.88 -25.67 -40.87
CA ARG I 298 -27.27 -25.47 -41.25
C ARG I 298 -28.20 -26.52 -40.65
N LYS I 299 -27.65 -27.64 -40.18
CA LYS I 299 -28.45 -28.71 -39.59
C LYS I 299 -28.35 -28.77 -38.07
N GLY I 300 -27.21 -28.38 -37.51
CA GLY I 300 -27.06 -28.41 -36.07
C GLY I 300 -25.80 -27.68 -35.65
N SER I 301 -25.53 -27.71 -34.35
CA SER I 301 -24.37 -27.06 -33.76
C SER I 301 -23.59 -28.06 -32.92
N VAL I 302 -22.44 -27.63 -32.44
CA VAL I 302 -21.58 -28.48 -31.61
C VAL I 302 -20.85 -27.62 -30.60
N THR I 303 -21.34 -27.61 -29.36
CA THR I 303 -20.73 -26.82 -28.31
C THR I 303 -19.51 -27.54 -27.73
N SER I 304 -18.59 -26.75 -27.18
CA SER I 304 -17.36 -27.27 -26.59
C SER I 304 -17.23 -26.72 -25.18
N VAL I 305 -17.02 -27.63 -24.22
CA VAL I 305 -16.87 -27.24 -22.82
C VAL I 305 -15.59 -27.86 -22.26
N GLN I 306 -14.46 -27.46 -22.80
CA GLN I 306 -13.18 -27.98 -22.35
C GLN I 306 -12.72 -27.25 -21.10
N ALA I 307 -11.82 -27.91 -20.36
CA ALA I 307 -11.27 -27.36 -19.12
C ALA I 307 -9.85 -26.86 -19.41
N VAL I 308 -9.73 -25.54 -19.55
CA VAL I 308 -8.43 -24.93 -19.85
C VAL I 308 -7.65 -24.80 -18.55
N TYR I 309 -6.39 -25.24 -18.58
CA TYR I 309 -5.50 -25.18 -17.43
C TYR I 309 -4.33 -24.26 -17.74
N VAL I 310 -4.13 -23.25 -16.91
CA VAL I 310 -3.03 -22.31 -17.14
C VAL I 310 -1.72 -22.94 -16.71
N PRO I 311 -0.61 -22.68 -17.40
CA PRO I 311 0.67 -23.29 -17.00
C PRO I 311 1.40 -22.48 -15.95
N ALA I 312 1.47 -23.01 -14.73
CA ALA I 312 2.13 -22.37 -13.60
C ALA I 312 1.54 -20.98 -13.33
N ASP I 313 0.21 -20.88 -13.45
CA ASP I 313 -0.52 -19.64 -13.22
C ASP I 313 0.00 -18.51 -14.12
N ASP I 314 -0.07 -18.76 -15.42
CA ASP I 314 0.38 -17.80 -16.43
C ASP I 314 -0.58 -17.86 -17.61
N LEU I 315 -1.31 -16.77 -17.85
CA LEU I 315 -2.25 -16.70 -18.95
C LEU I 315 -1.63 -16.21 -20.25
N THR I 316 -0.38 -15.75 -20.22
CA THR I 316 0.30 -15.26 -21.41
C THR I 316 1.28 -16.28 -21.98
N ASP I 317 1.08 -17.56 -21.70
CA ASP I 317 1.95 -18.61 -22.19
C ASP I 317 1.52 -19.03 -23.58
N PRO I 318 2.23 -19.96 -24.21
CA PRO I 318 1.85 -20.40 -25.57
C PRO I 318 0.70 -21.39 -25.59
N ALA I 319 0.39 -22.04 -24.47
CA ALA I 319 -0.70 -23.00 -24.42
C ALA I 319 -1.94 -22.36 -23.82
N PRO I 320 -1.83 -21.15 -23.26
CA PRO I 320 -3.00 -20.49 -22.68
C PRO I 320 -3.58 -19.43 -23.58
N ALA I 321 -2.71 -18.69 -24.26
CA ALA I 321 -3.15 -17.63 -25.16
C ALA I 321 -3.66 -18.16 -26.50
N THR I 322 -3.23 -19.37 -26.90
CA THR I 322 -3.68 -19.92 -28.16
C THR I 322 -5.08 -20.51 -28.07
N THR I 323 -5.46 -21.04 -26.91
CA THR I 323 -6.78 -21.61 -26.72
C THR I 323 -7.82 -20.60 -26.28
N PHE I 324 -7.39 -19.43 -25.80
CA PHE I 324 -8.33 -18.40 -25.36
C PHE I 324 -8.84 -17.54 -26.50
N ALA I 325 -8.24 -17.63 -27.69
CA ALA I 325 -8.69 -16.83 -28.83
C ALA I 325 -9.95 -17.40 -29.47
N HIS I 326 -10.19 -18.70 -29.31
CA HIS I 326 -11.35 -19.35 -29.89
C HIS I 326 -12.43 -19.64 -28.85
N LEU I 327 -12.22 -19.27 -27.59
CA LEU I 327 -13.19 -19.50 -26.53
C LEU I 327 -14.18 -18.35 -26.48
N ASP I 328 -15.46 -18.66 -26.70
CA ASP I 328 -16.49 -17.62 -26.67
C ASP I 328 -17.01 -17.36 -25.26
N ALA I 329 -17.07 -18.39 -24.43
CA ALA I 329 -17.54 -18.27 -23.06
C ALA I 329 -16.49 -18.79 -22.10
N THR I 330 -16.73 -18.61 -20.81
CA THR I 330 -15.81 -19.06 -19.77
C THR I 330 -16.59 -19.35 -18.50
N THR I 331 -16.35 -20.51 -17.91
CA THR I 331 -17.02 -20.95 -16.68
C THR I 331 -15.95 -21.06 -15.59
N VAL I 332 -15.58 -19.92 -15.01
CA VAL I 332 -14.57 -19.89 -13.96
C VAL I 332 -15.21 -20.34 -12.65
N LEU I 333 -14.58 -21.31 -11.99
CA LEU I 333 -15.07 -21.86 -10.72
C LEU I 333 -14.01 -21.56 -9.66
N SER I 334 -14.12 -20.41 -9.02
CA SER I 334 -13.18 -20.02 -7.99
C SER I 334 -13.45 -20.77 -6.69
N ARG I 335 -12.47 -20.72 -5.79
CA ARG I 335 -12.56 -21.38 -4.50
C ARG I 335 -13.11 -20.47 -3.40
N GLY I 336 -13.67 -19.32 -3.77
CA GLY I 336 -14.20 -18.41 -2.76
C GLY I 336 -15.53 -18.84 -2.20
N ILE I 337 -16.37 -19.51 -2.99
CA ILE I 337 -17.67 -19.97 -2.54
C ILE I 337 -17.54 -21.38 -1.99
N SER I 338 -18.13 -22.35 -2.70
CA SER I 338 -18.10 -23.76 -2.30
C SER I 338 -18.63 -23.95 -0.89
N GLU I 339 -17.77 -23.79 0.11
CA GLU I 339 -18.18 -23.96 1.50
C GLU I 339 -18.91 -22.75 2.06
N LEU I 340 -18.99 -21.65 1.31
CA LEU I 340 -19.68 -20.46 1.79
C LEU I 340 -21.19 -20.61 1.76
N GLY I 341 -21.71 -21.49 0.91
CA GLY I 341 -23.14 -21.68 0.81
C GLY I 341 -23.70 -21.43 -0.57
N ILE I 342 -22.92 -21.77 -1.60
CA ILE I 342 -23.31 -21.60 -2.99
C ILE I 342 -23.14 -22.92 -3.72
N TYR I 343 -24.21 -23.38 -4.36
CA TYR I 343 -24.19 -24.65 -5.10
C TYR I 343 -24.58 -24.39 -6.55
N PRO I 344 -23.63 -24.41 -7.49
CA PRO I 344 -22.21 -24.66 -7.21
C PRO I 344 -21.41 -23.36 -7.06
N ALA I 345 -20.07 -23.48 -7.04
CA ALA I 345 -19.19 -22.34 -6.90
C ALA I 345 -19.02 -21.68 -8.26
N VAL I 346 -19.96 -20.82 -8.61
CA VAL I 346 -19.97 -20.10 -9.88
C VAL I 346 -19.69 -18.63 -9.59
N ASP I 347 -18.59 -18.12 -10.12
CA ASP I 347 -18.21 -16.73 -9.91
C ASP I 347 -19.03 -15.84 -10.84
N PRO I 348 -19.79 -14.86 -10.31
CA PRO I 348 -20.57 -13.99 -11.19
C PRO I 348 -19.78 -12.84 -11.80
N LEU I 349 -18.56 -12.60 -11.34
CA LEU I 349 -17.73 -11.52 -11.87
C LEU I 349 -16.53 -12.01 -12.66
N ASP I 350 -16.02 -13.20 -12.37
CA ASP I 350 -14.87 -13.74 -13.09
C ASP I 350 -15.26 -14.47 -14.37
N SER I 351 -16.45 -15.04 -14.42
CA SER I 351 -16.92 -15.76 -15.60
C SER I 351 -17.49 -14.76 -16.59
N LYS I 352 -16.80 -14.59 -17.72
CA LYS I 352 -17.22 -13.67 -18.76
C LYS I 352 -17.45 -14.42 -20.06
N SER I 353 -18.17 -13.78 -20.98
CA SER I 353 -18.48 -14.37 -22.27
C SER I 353 -18.67 -13.26 -23.29
N ARG I 354 -18.42 -13.60 -24.56
CA ARG I 354 -18.55 -12.65 -25.65
C ARG I 354 -19.98 -12.54 -26.19
N LEU I 355 -20.88 -13.43 -25.77
CA LEU I 355 -22.25 -13.40 -26.22
C LEU I 355 -23.18 -12.64 -25.28
N LEU I 356 -22.62 -11.93 -24.29
CA LEU I 356 -23.42 -11.17 -23.35
C LEU I 356 -23.51 -9.70 -23.78
N ASP I 357 -24.11 -9.48 -24.94
CA ASP I 357 -24.29 -8.17 -25.51
C ASP I 357 -25.78 -7.90 -25.74
N VAL I 358 -26.07 -6.66 -26.16
CA VAL I 358 -27.46 -6.27 -26.42
C VAL I 358 -27.92 -6.63 -27.83
N SER I 359 -27.01 -6.98 -28.73
CA SER I 359 -27.35 -7.34 -30.10
C SER I 359 -27.47 -8.84 -30.30
N VAL I 360 -27.23 -9.64 -29.25
CA VAL I 360 -27.34 -11.09 -29.32
C VAL I 360 -28.39 -11.64 -28.37
N VAL I 361 -28.53 -11.03 -27.19
CA VAL I 361 -29.51 -11.47 -26.20
C VAL I 361 -30.69 -10.53 -26.08
N GLY I 362 -30.66 -9.37 -26.72
CA GLY I 362 -31.75 -8.42 -26.67
C GLY I 362 -31.51 -7.33 -25.64
N GLN I 363 -32.36 -6.30 -25.71
CA GLN I 363 -32.24 -5.18 -24.78
C GLN I 363 -32.75 -5.52 -23.39
N GLU I 364 -33.66 -6.49 -23.28
CA GLU I 364 -34.18 -6.86 -21.96
C GLU I 364 -33.17 -7.69 -21.19
N HIS I 365 -32.48 -8.61 -21.86
CA HIS I 365 -31.49 -9.44 -21.18
C HIS I 365 -30.21 -8.68 -20.88
N TYR I 366 -29.90 -7.64 -21.67
CA TYR I 366 -28.69 -6.86 -21.43
C TYR I 366 -28.83 -5.96 -20.22
N ASP I 367 -30.04 -5.45 -19.94
CA ASP I 367 -30.24 -4.59 -18.80
C ASP I 367 -30.24 -5.37 -17.49
N VAL I 368 -30.71 -6.61 -17.50
CA VAL I 368 -30.73 -7.42 -16.29
C VAL I 368 -29.34 -7.94 -15.96
N ALA I 369 -28.51 -8.21 -16.97
CA ALA I 369 -27.16 -8.69 -16.73
C ALA I 369 -26.24 -7.59 -16.23
N THR I 370 -26.45 -6.35 -16.70
CA THR I 370 -25.61 -5.24 -16.27
C THR I 370 -25.95 -4.80 -14.84
N GLY I 371 -27.22 -4.90 -14.45
CA GLY I 371 -27.61 -4.51 -13.11
C GLY I 371 -27.16 -5.48 -12.04
N VAL I 372 -27.16 -6.77 -12.35
CA VAL I 372 -26.72 -7.77 -11.36
C VAL I 372 -25.21 -7.76 -11.21
N GLN I 373 -24.47 -7.46 -12.29
CA GLN I 373 -23.02 -7.42 -12.20
C GLN I 373 -22.52 -6.17 -11.49
N GLN I 374 -23.26 -5.07 -11.58
CA GLN I 374 -22.84 -3.84 -10.91
C GLN I 374 -23.07 -3.93 -9.41
N THR I 375 -24.13 -4.61 -8.97
CA THR I 375 -24.39 -4.74 -7.54
C THR I 375 -23.44 -5.74 -6.88
N LEU I 376 -23.05 -6.79 -7.60
CA LEU I 376 -22.13 -7.77 -7.03
C LEU I 376 -20.70 -7.24 -6.96
N GLN I 377 -20.32 -6.38 -7.91
CA GLN I 377 -18.97 -5.81 -7.90
C GLN I 377 -18.81 -4.76 -6.80
N ALA I 378 -19.88 -4.02 -6.50
CA ALA I 378 -19.79 -3.00 -5.45
C ALA I 378 -19.79 -3.64 -4.06
N TYR I 379 -20.47 -4.77 -3.90
CA TYR I 379 -20.51 -5.43 -2.60
C TYR I 379 -19.21 -6.17 -2.30
N LYS I 380 -18.52 -6.65 -3.33
CA LYS I 380 -17.25 -7.36 -3.12
C LYS I 380 -16.14 -6.38 -2.76
N SER I 381 -16.13 -5.19 -3.36
CA SER I 381 -15.09 -4.21 -3.06
C SER I 381 -15.32 -3.53 -1.71
N LEU I 382 -16.55 -3.52 -1.21
CA LEU I 382 -16.88 -2.91 0.07
C LEU I 382 -16.76 -3.87 1.24
N GLN I 383 -16.25 -5.09 1.00
CA GLN I 383 -16.10 -6.07 2.07
C GLN I 383 -15.00 -5.70 3.05
N ASP I 384 -13.97 -4.97 2.61
CA ASP I 384 -12.89 -4.57 3.49
C ASP I 384 -13.27 -3.41 4.41
N ILE I 385 -14.24 -2.58 4.01
CA ILE I 385 -14.66 -1.46 4.84
C ILE I 385 -15.79 -1.81 5.79
N ILE I 386 -16.45 -2.95 5.59
CA ILE I 386 -17.55 -3.35 6.46
C ILE I 386 -17.05 -4.10 7.70
N ALA I 387 -15.88 -4.75 7.61
CA ALA I 387 -15.35 -5.49 8.74
C ALA I 387 -14.60 -4.60 9.73
N ILE I 388 -14.23 -3.38 9.32
CA ILE I 388 -13.51 -2.46 10.19
C ILE I 388 -14.37 -1.31 10.67
N LEU I 389 -15.52 -1.06 10.04
CA LEU I 389 -16.40 0.02 10.43
C LEU I 389 -17.81 -0.45 10.77
N GLY I 390 -18.08 -1.75 10.72
CA GLY I 390 -19.40 -2.26 11.02
C GLY I 390 -20.33 -2.21 9.82
N MET I 391 -21.61 -2.49 10.11
CA MET I 391 -22.64 -2.52 9.09
C MET I 391 -23.66 -1.39 9.24
N ASP I 392 -23.68 -0.70 10.39
CA ASP I 392 -24.62 0.39 10.62
C ASP I 392 -24.02 1.76 10.34
N GLU I 393 -22.73 1.84 10.04
CA GLU I 393 -22.07 3.11 9.74
C GLU I 393 -22.00 3.34 8.24
N LEU I 394 -23.18 3.41 7.62
CA LEU I 394 -23.30 3.63 6.18
C LEU I 394 -24.43 4.62 5.93
N SER I 395 -24.64 4.94 4.67
CA SER I 395 -25.69 5.88 4.26
C SER I 395 -26.98 5.11 3.98
N GLU I 396 -28.00 5.81 3.47
CA GLU I 396 -29.28 5.17 3.18
C GLU I 396 -29.20 4.33 1.91
N GLN I 397 -28.47 4.82 0.90
CA GLN I 397 -28.36 4.07 -0.35
C GLN I 397 -27.41 2.89 -0.22
N ASP I 398 -26.39 2.99 0.64
CA ASP I 398 -25.45 1.88 0.82
C ASP I 398 -26.05 0.76 1.65
N LYS I 399 -26.97 1.07 2.55
CA LYS I 399 -27.59 0.03 3.37
C LYS I 399 -28.59 -0.79 2.58
N LEU I 400 -29.32 -0.17 1.65
CA LEU I 400 -30.29 -0.91 0.85
C LEU I 400 -29.63 -1.78 -0.20
N THR I 401 -28.48 -1.33 -0.75
CA THR I 401 -27.79 -2.11 -1.76
C THR I 401 -27.05 -3.30 -1.16
N VAL I 402 -26.63 -3.19 0.11
CA VAL I 402 -25.92 -4.30 0.74
C VAL I 402 -26.88 -5.42 1.13
N GLU I 403 -28.14 -5.09 1.41
CA GLU I 403 -29.11 -6.12 1.77
C GLU I 403 -29.58 -6.91 0.54
N ARG I 404 -29.74 -6.23 -0.59
CA ARG I 404 -30.17 -6.91 -1.81
C ARG I 404 -29.05 -7.72 -2.46
N ALA I 405 -27.79 -7.37 -2.21
CA ALA I 405 -26.68 -8.11 -2.79
C ALA I 405 -26.47 -9.47 -2.14
N ARG I 406 -26.87 -9.63 -0.88
CA ARG I 406 -26.71 -10.91 -0.20
C ARG I 406 -27.70 -11.95 -0.72
N LYS I 407 -28.94 -11.53 -1.00
CA LYS I 407 -29.95 -12.44 -1.50
C LYS I 407 -29.79 -12.75 -2.98
N ILE I 408 -29.17 -11.85 -3.75
CA ILE I 408 -28.97 -12.10 -5.16
C ILE I 408 -27.85 -13.09 -5.43
N GLN I 409 -26.87 -13.20 -4.52
CA GLN I 409 -25.78 -14.14 -4.72
C GLN I 409 -26.21 -15.58 -4.47
N ARG I 410 -27.20 -15.79 -3.60
CA ARG I 410 -27.70 -17.13 -3.30
C ARG I 410 -28.86 -17.54 -4.20
N PHE I 411 -29.48 -16.61 -4.90
CA PHE I 411 -30.60 -16.95 -5.78
C PHE I 411 -30.14 -17.58 -7.08
N LEU I 412 -28.92 -17.27 -7.52
CA LEU I 412 -28.39 -17.84 -8.76
C LEU I 412 -27.81 -19.23 -8.58
N SER I 413 -27.66 -19.69 -7.35
CA SER I 413 -27.11 -21.03 -7.06
C SER I 413 -28.28 -21.97 -6.81
N GLN I 414 -28.77 -22.59 -7.87
CA GLN I 414 -29.89 -23.52 -7.78
C GLN I 414 -29.39 -24.94 -7.63
N PRO I 415 -30.20 -25.82 -7.03
CA PRO I 415 -29.77 -27.22 -6.86
C PRO I 415 -29.99 -28.01 -8.15
N PHE I 416 -28.96 -28.74 -8.56
CA PHE I 416 -29.03 -29.55 -9.77
C PHE I 416 -29.80 -30.85 -9.50
N ALA I 417 -30.13 -31.54 -10.59
CA ALA I 417 -30.87 -32.80 -10.47
C ALA I 417 -29.96 -33.95 -10.07
N VAL I 418 -28.67 -33.90 -10.44
CA VAL I 418 -27.74 -34.96 -10.09
C VAL I 418 -27.10 -34.76 -8.72
N ALA I 419 -27.31 -33.60 -8.09
CA ALA I 419 -26.75 -33.30 -6.78
C ALA I 419 -27.81 -33.34 -5.68
N GLU I 420 -28.83 -34.17 -5.86
CA GLU I 420 -29.89 -34.27 -4.86
C GLU I 420 -29.50 -35.13 -3.66
N VAL I 421 -28.48 -35.98 -3.81
CA VAL I 421 -28.04 -36.83 -2.71
C VAL I 421 -27.04 -36.15 -1.79
N PHE I 422 -26.58 -34.95 -2.13
CA PHE I 422 -25.62 -34.21 -1.32
C PHE I 422 -26.22 -33.04 -0.58
N THR I 423 -27.26 -32.41 -1.12
CA THR I 423 -27.91 -31.27 -0.48
C THR I 423 -29.29 -31.59 0.09
N GLY I 424 -30.00 -32.54 -0.49
CA GLY I 424 -31.32 -32.91 -0.03
C GLY I 424 -32.47 -32.19 -0.70
N ILE I 425 -32.20 -31.13 -1.47
CA ILE I 425 -33.24 -30.40 -2.15
C ILE I 425 -33.48 -31.00 -3.52
N GLU I 426 -34.61 -30.65 -4.12
CA GLU I 426 -34.96 -31.16 -5.43
C GLU I 426 -34.23 -30.39 -6.52
N GLY I 427 -34.19 -30.98 -7.71
CA GLY I 427 -33.51 -30.35 -8.84
C GLY I 427 -34.42 -29.35 -9.53
N LYS I 428 -33.92 -28.13 -9.70
CA LYS I 428 -34.66 -27.05 -10.33
C LYS I 428 -33.99 -26.70 -11.66
N LEU I 429 -34.79 -26.70 -12.73
CA LEU I 429 -34.31 -26.39 -14.08
C LEU I 429 -35.03 -25.13 -14.55
N VAL I 430 -34.41 -23.98 -14.30
CA VAL I 430 -34.99 -22.70 -14.70
C VAL I 430 -34.66 -22.43 -16.16
N ARG I 431 -35.63 -21.86 -16.88
CA ARG I 431 -35.45 -21.55 -18.29
C ARG I 431 -34.82 -20.17 -18.43
N LEU I 432 -34.68 -19.70 -19.67
CA LEU I 432 -34.09 -18.40 -19.92
C LEU I 432 -35.06 -17.26 -19.65
N LYS I 433 -36.36 -17.48 -19.89
CA LYS I 433 -37.35 -16.43 -19.65
C LYS I 433 -37.70 -16.31 -18.17
N ASP I 434 -37.61 -17.40 -17.41
CA ASP I 434 -37.93 -17.35 -15.99
C ASP I 434 -36.79 -16.77 -15.17
N THR I 435 -35.54 -16.92 -15.63
CA THR I 435 -34.41 -16.39 -14.89
C THR I 435 -34.26 -14.89 -15.08
N ILE I 436 -34.69 -14.35 -16.23
CA ILE I 436 -34.58 -12.92 -16.46
C ILE I 436 -35.69 -12.15 -15.76
N ALA I 437 -36.85 -12.78 -15.55
CA ALA I 437 -37.95 -12.10 -14.88
C ALA I 437 -37.78 -12.09 -13.37
N SER I 438 -37.08 -13.08 -12.81
CA SER I 438 -36.88 -13.13 -11.37
C SER I 438 -35.79 -12.17 -10.91
N PHE I 439 -34.78 -11.94 -11.75
CA PHE I 439 -33.71 -11.02 -11.38
C PHE I 439 -34.11 -9.57 -11.53
N LYS I 440 -35.04 -9.27 -12.44
CA LYS I 440 -35.48 -7.89 -12.63
C LYS I 440 -36.44 -7.43 -11.54
N ALA I 441 -37.19 -8.36 -10.95
CA ALA I 441 -38.14 -7.99 -9.90
C ALA I 441 -37.44 -7.77 -8.56
N VAL I 442 -36.32 -8.44 -8.33
CA VAL I 442 -35.61 -8.27 -7.07
C VAL I 442 -34.81 -6.97 -7.05
N LEU I 443 -34.39 -6.48 -8.22
CA LEU I 443 -33.63 -5.24 -8.30
C LEU I 443 -34.51 -3.99 -8.33
N GLU I 444 -35.82 -4.15 -8.53
CA GLU I 444 -36.73 -3.01 -8.56
C GLU I 444 -37.37 -2.72 -7.22
N GLY I 445 -37.30 -3.64 -6.26
CA GLY I 445 -37.88 -3.45 -4.96
C GLY I 445 -39.13 -4.25 -4.68
N LYS I 446 -39.44 -5.26 -5.49
CA LYS I 446 -40.64 -6.07 -5.27
C LYS I 446 -40.42 -7.18 -4.25
N TYR I 447 -39.17 -7.58 -4.02
CA TYR I 447 -38.83 -8.64 -3.07
C TYR I 447 -37.85 -8.13 -2.02
N ASP I 448 -38.01 -6.87 -1.61
CA ASP I 448 -37.14 -6.28 -0.61
C ASP I 448 -37.52 -6.69 0.81
N HIS I 449 -38.76 -7.09 1.04
CA HIS I 449 -39.22 -7.50 2.35
C HIS I 449 -38.99 -8.99 2.64
N LEU I 450 -38.50 -9.74 1.65
CA LEU I 450 -38.25 -11.16 1.85
C LEU I 450 -36.95 -11.39 2.59
N PRO I 451 -36.75 -12.58 3.14
CA PRO I 451 -35.52 -12.87 3.87
C PRO I 451 -34.39 -13.26 2.93
N GLU I 452 -33.18 -13.30 3.50
CA GLU I 452 -32.00 -13.66 2.71
C GLU I 452 -31.89 -15.17 2.50
N ASN I 453 -32.48 -15.96 3.38
CA ASN I 453 -32.42 -17.42 3.26
C ASN I 453 -33.55 -17.99 2.40
N ALA I 454 -34.49 -17.15 1.96
CA ALA I 454 -35.58 -17.63 1.13
C ALA I 454 -35.18 -17.84 -0.32
N PHE I 455 -34.08 -17.22 -0.77
CA PHE I 455 -33.62 -17.36 -2.14
C PHE I 455 -32.52 -18.41 -2.29
N TYR I 456 -31.95 -18.91 -1.19
CA TYR I 456 -30.90 -19.90 -1.27
C TYR I 456 -31.48 -21.27 -1.64
N MET I 457 -30.78 -21.97 -2.53
CA MET I 457 -31.19 -23.30 -3.00
C MET I 457 -32.59 -23.25 -3.61
N VAL I 458 -32.80 -22.29 -4.51
CA VAL I 458 -34.08 -22.10 -5.18
C VAL I 458 -33.81 -21.61 -6.59
N GLY I 459 -34.81 -21.78 -7.46
CA GLY I 459 -34.69 -21.36 -8.84
C GLY I 459 -36.00 -20.87 -9.43
N GLY I 460 -36.01 -19.64 -9.93
CA GLY I 460 -37.20 -19.05 -10.51
C GLY I 460 -37.91 -18.11 -9.56
N ILE I 461 -38.86 -17.36 -10.11
CA ILE I 461 -39.63 -16.42 -9.31
C ILE I 461 -40.72 -17.11 -8.51
N GLU I 462 -41.19 -18.28 -8.95
CA GLU I 462 -42.24 -18.98 -8.22
C GLU I 462 -41.70 -19.73 -7.01
N ASP I 463 -40.42 -20.11 -7.05
CA ASP I 463 -39.81 -20.84 -5.93
C ASP I 463 -39.45 -19.92 -4.77
N VAL I 464 -39.25 -18.63 -5.03
CA VAL I 464 -38.91 -17.71 -3.95
C VAL I 464 -40.15 -17.31 -3.15
N VAL I 465 -41.31 -17.30 -3.77
CA VAL I 465 -42.53 -16.93 -3.06
C VAL I 465 -43.05 -18.09 -2.22
N ALA I 466 -42.83 -19.33 -2.66
CA ALA I 466 -43.31 -20.48 -1.90
C ALA I 466 -42.39 -20.82 -0.73
N LYS I 467 -41.10 -20.49 -0.84
CA LYS I 467 -40.16 -20.78 0.24
C LYS I 467 -40.20 -19.72 1.34
N ALA I 468 -40.57 -18.48 0.99
CA ALA I 468 -40.62 -17.42 1.99
C ALA I 468 -41.87 -17.51 2.86
N GLU I 469 -42.99 -17.94 2.28
CA GLU I 469 -44.23 -18.04 3.04
C GLU I 469 -44.28 -19.30 3.92
N LYS I 470 -43.48 -20.32 3.59
CA LYS I 470 -43.46 -21.55 4.36
C LYS I 470 -42.33 -21.60 5.39
N ILE I 471 -41.45 -20.60 5.41
CA ILE I 471 -40.37 -20.60 6.37
C ILE I 471 -40.84 -20.12 7.74
N ALA I 472 -41.68 -19.08 7.77
CA ALA I 472 -42.19 -18.57 9.03
C ALA I 472 -43.41 -19.35 9.50
N ALA I 473 -44.41 -19.49 8.63
CA ALA I 473 -45.62 -20.22 8.97
C ALA I 473 -45.82 -21.42 8.05
N GLY J 4 35.86 -10.03 -73.92
CA GLY J 4 34.69 -10.31 -73.13
C GLY J 4 34.97 -10.40 -71.64
N PRO J 5 33.96 -10.11 -70.82
CA PRO J 5 34.17 -10.19 -69.36
C PRO J 5 33.93 -11.58 -68.81
N ALA J 6 34.07 -11.74 -67.50
CA ALA J 6 33.87 -13.03 -66.85
C ALA J 6 32.38 -13.27 -66.64
N SER J 7 31.83 -14.24 -67.35
CA SER J 7 30.42 -14.58 -67.27
C SER J 7 30.22 -15.81 -66.40
N GLY J 8 29.13 -15.83 -65.64
CA GLY J 8 28.82 -16.94 -64.77
C GLY J 8 27.40 -17.42 -64.98
N LYS J 9 27.10 -18.57 -64.38
CA LYS J 9 25.79 -19.20 -64.47
C LYS J 9 25.21 -19.37 -63.07
N ILE J 10 23.93 -19.06 -62.94
CA ILE J 10 23.25 -19.18 -61.64
C ILE J 10 22.93 -20.63 -61.39
N ARG J 11 23.44 -21.17 -60.28
CA ARG J 11 23.22 -22.57 -59.91
C ARG J 11 22.23 -22.72 -58.77
N ALA J 12 22.22 -21.81 -57.80
CA ALA J 12 21.31 -21.88 -56.67
C ALA J 12 20.78 -20.49 -56.36
N VAL J 13 19.56 -20.44 -55.83
CA VAL J 13 18.93 -19.17 -55.48
C VAL J 13 17.94 -19.41 -54.34
N ILE J 14 18.26 -18.90 -53.16
CA ILE J 14 17.41 -19.06 -51.97
C ILE J 14 17.35 -17.68 -51.30
N GLY J 15 16.36 -16.88 -51.68
CA GLY J 15 16.20 -15.56 -51.11
C GLY J 15 17.22 -14.57 -51.63
N ALA J 16 17.95 -13.93 -50.71
CA ALA J 16 18.97 -12.96 -51.09
C ALA J 16 20.27 -13.60 -51.52
N VAL J 17 20.49 -14.88 -51.21
CA VAL J 17 21.71 -15.57 -51.58
C VAL J 17 21.50 -16.22 -52.95
N VAL J 18 22.45 -15.99 -53.85
CA VAL J 18 22.40 -16.53 -55.21
C VAL J 18 23.80 -17.06 -55.54
N ASP J 19 23.94 -18.37 -55.61
CA ASP J 19 25.22 -18.98 -55.92
C ASP J 19 25.46 -18.95 -57.43
N VAL J 20 26.59 -18.37 -57.83
CA VAL J 20 26.95 -18.25 -59.24
C VAL J 20 28.07 -19.25 -59.53
N GLN J 21 27.88 -20.07 -60.56
CA GLN J 21 28.86 -21.07 -60.96
C GLN J 21 29.55 -20.59 -62.23
N PHE J 22 30.84 -20.29 -62.11
CA PHE J 22 31.63 -19.81 -63.24
C PHE J 22 32.16 -21.00 -64.04
N GLU J 23 32.04 -20.92 -65.37
CA GLU J 23 32.51 -22.00 -66.22
C GLU J 23 34.03 -21.97 -66.41
N GLN J 24 34.63 -20.78 -66.39
CA GLN J 24 36.07 -20.65 -66.55
C GLN J 24 36.78 -20.75 -65.20
N GLY J 25 38.11 -20.83 -65.27
CA GLY J 25 38.90 -20.94 -64.05
C GLY J 25 39.12 -19.62 -63.32
N GLU J 26 38.89 -18.49 -64.00
CA GLU J 26 39.07 -17.17 -63.40
C GLU J 26 37.78 -16.80 -62.68
N LEU J 27 37.67 -17.20 -61.43
CA LEU J 27 36.49 -16.91 -60.63
C LEU J 27 36.60 -15.53 -60.00
N PRO J 28 35.48 -14.97 -59.55
CA PRO J 28 35.51 -13.64 -58.93
C PRO J 28 35.97 -13.71 -57.48
N ALA J 29 36.47 -12.57 -57.01
CA ALA J 29 36.96 -12.45 -55.64
C ALA J 29 35.81 -12.06 -54.72
N ILE J 30 36.13 -11.81 -53.45
CA ILE J 30 35.11 -11.42 -52.48
C ILE J 30 34.77 -9.96 -52.66
N LEU J 31 33.52 -9.61 -52.31
CA LEU J 31 33.02 -8.23 -52.42
C LEU J 31 33.14 -7.71 -53.84
N ASN J 32 32.73 -8.53 -54.80
CA ASN J 32 32.77 -8.19 -56.21
C ASN J 32 31.36 -7.92 -56.72
N ALA J 33 31.20 -6.84 -57.47
CA ALA J 33 29.89 -6.48 -58.01
C ALA J 33 29.59 -7.34 -59.23
N LEU J 34 28.47 -8.05 -59.18
CA LEU J 34 28.03 -8.93 -60.26
C LEU J 34 26.76 -8.35 -60.89
N THR J 35 26.72 -8.34 -62.22
CA THR J 35 25.57 -7.84 -62.96
C THR J 35 24.81 -8.99 -63.60
N ILE J 36 23.49 -8.91 -63.57
CA ILE J 36 22.61 -9.93 -64.14
C ILE J 36 21.64 -9.25 -65.10
N ASP J 37 21.56 -9.77 -66.32
CA ASP J 37 20.67 -9.21 -67.32
C ASP J 37 19.23 -9.62 -67.04
N GLN J 38 18.32 -8.66 -67.17
CA GLN J 38 16.90 -8.91 -66.94
C GLN J 38 16.06 -8.40 -68.10
N GLY J 39 15.12 -7.51 -67.81
CA GLY J 39 14.26 -6.96 -68.84
C GLY J 39 13.53 -5.71 -68.40
N ASN J 40 14.26 -4.75 -67.81
CA ASN J 40 13.62 -3.52 -67.36
C ASN J 40 14.56 -2.32 -67.46
N ASN J 41 15.63 -2.39 -68.26
CA ASN J 41 16.59 -1.29 -68.41
C ASN J 41 17.19 -0.88 -67.07
N GLN J 42 17.56 -1.87 -66.25
CA GLN J 42 18.14 -1.60 -64.95
C GLN J 42 19.08 -2.73 -64.53
N LYS J 43 18.87 -3.91 -65.11
CA LYS J 43 19.68 -5.11 -64.83
C LYS J 43 19.55 -5.42 -63.33
N LEU J 44 20.63 -5.85 -62.67
CA LEU J 44 20.59 -6.15 -61.25
C LEU J 44 21.97 -5.95 -60.66
N VAL J 45 22.06 -6.09 -59.34
CA VAL J 45 23.31 -5.94 -58.61
C VAL J 45 23.46 -7.11 -57.64
N LEU J 46 24.67 -7.67 -57.58
CA LEU J 46 24.94 -8.79 -56.69
C LEU J 46 26.37 -8.68 -56.17
N GLU J 47 26.53 -8.83 -54.86
CA GLU J 47 27.83 -8.74 -54.21
C GLU J 47 28.26 -10.14 -53.78
N VAL J 48 29.51 -10.49 -54.09
CA VAL J 48 30.05 -11.80 -53.74
C VAL J 48 30.39 -11.81 -52.25
N ALA J 49 30.05 -12.91 -51.58
CA ALA J 49 30.30 -13.07 -50.15
C ALA J 49 31.42 -14.09 -49.92
N GLN J 50 31.20 -15.36 -50.23
CA GLN J 50 32.20 -16.39 -50.04
C GLN J 50 32.21 -17.29 -51.27
N HIS J 51 33.09 -18.30 -51.25
CA HIS J 51 33.23 -19.25 -52.34
C HIS J 51 33.01 -20.65 -51.80
N LEU J 52 32.02 -21.36 -52.36
CA LEU J 52 31.71 -22.71 -51.92
C LEU J 52 32.62 -23.76 -52.54
N GLY J 53 33.39 -23.41 -53.57
CA GLY J 53 34.29 -24.33 -54.22
C GLY J 53 33.67 -24.93 -55.48
N GLU J 54 34.49 -25.73 -56.17
CA GLU J 54 34.11 -26.41 -57.41
C GLU J 54 33.63 -25.41 -58.45
N ASN J 55 34.39 -24.32 -58.61
CA ASN J 55 34.08 -23.26 -59.57
C ASN J 55 32.71 -22.67 -59.32
N ALA J 56 32.43 -22.35 -58.05
CA ALA J 56 31.15 -21.78 -57.66
C ALA J 56 31.35 -20.91 -56.44
N VAL J 57 30.79 -19.70 -56.47
CA VAL J 57 30.89 -18.75 -55.37
C VAL J 57 29.49 -18.26 -55.02
N ARG J 58 29.20 -18.16 -53.72
CA ARG J 58 27.92 -17.71 -53.24
C ARG J 58 27.90 -16.18 -53.18
N ALA J 59 26.98 -15.58 -53.92
CA ALA J 59 26.85 -14.12 -53.97
C ALA J 59 25.54 -13.69 -53.31
N ILE J 60 25.51 -12.43 -52.89
CA ILE J 60 24.34 -11.84 -52.24
C ILE J 60 23.81 -10.74 -53.14
N ALA J 61 22.56 -10.86 -53.55
CA ALA J 61 21.94 -9.86 -54.42
C ALA J 61 21.55 -8.63 -53.62
N MET J 62 21.61 -7.48 -54.29
CA MET J 62 21.27 -6.20 -53.67
C MET J 62 19.85 -5.76 -53.98
N ASP J 63 19.04 -6.64 -54.57
CA ASP J 63 17.66 -6.31 -54.90
C ASP J 63 16.83 -7.59 -54.80
N GLY J 64 15.64 -7.58 -55.39
CA GLY J 64 14.78 -8.74 -55.36
C GLY J 64 15.23 -9.78 -56.37
N THR J 65 15.31 -11.04 -55.92
CA THR J 65 15.72 -12.15 -56.77
C THR J 65 14.53 -12.92 -57.34
N GLU J 66 13.35 -12.32 -57.35
CA GLU J 66 12.16 -12.97 -57.87
C GLU J 66 12.16 -12.88 -59.39
N GLY J 67 12.12 -14.04 -60.06
CA GLY J 67 12.12 -14.10 -61.50
C GLY J 67 13.37 -14.70 -62.11
N LEU J 68 14.38 -15.02 -61.31
CA LEU J 68 15.62 -15.60 -61.81
C LEU J 68 15.48 -17.11 -61.87
N VAL J 69 15.85 -17.68 -63.02
CA VAL J 69 15.78 -19.11 -63.22
C VAL J 69 17.17 -19.72 -63.05
N ARG J 70 17.25 -21.05 -63.09
CA ARG J 70 18.51 -21.75 -62.94
C ARG J 70 19.25 -21.74 -64.26
N GLY J 71 20.38 -21.06 -64.31
CA GLY J 71 21.20 -20.96 -65.51
C GLY J 71 21.23 -19.60 -66.18
N GLN J 72 20.95 -18.52 -65.45
CA GLN J 72 20.96 -17.19 -66.03
C GLN J 72 22.40 -16.67 -66.14
N THR J 73 22.59 -15.75 -67.08
CA THR J 73 23.90 -15.16 -67.30
C THR J 73 24.20 -14.12 -66.22
N VAL J 74 25.35 -14.25 -65.57
CA VAL J 74 25.78 -13.34 -64.52
C VAL J 74 27.18 -12.85 -64.90
N VAL J 75 27.27 -11.61 -65.35
CA VAL J 75 28.54 -11.02 -65.75
C VAL J 75 29.16 -10.31 -64.55
N ASP J 76 30.49 -10.38 -64.46
CA ASP J 76 31.23 -9.76 -63.37
C ASP J 76 31.81 -8.43 -63.82
N THR J 77 31.70 -7.42 -62.96
CA THR J 77 32.21 -6.09 -63.28
C THR J 77 33.71 -5.98 -63.05
N GLY J 78 34.31 -6.88 -62.28
CA GLY J 78 35.73 -6.84 -62.01
C GLY J 78 36.14 -6.06 -60.78
N ALA J 79 35.20 -5.38 -60.13
CA ALA J 79 35.51 -4.59 -58.94
C ALA J 79 34.33 -4.62 -57.99
N PRO J 80 34.32 -3.74 -56.98
CA PRO J 80 33.19 -3.73 -56.03
C PRO J 80 32.08 -2.79 -56.48
N ILE J 81 31.12 -2.53 -55.59
CA ILE J 81 29.99 -1.66 -55.89
C ILE J 81 30.48 -0.22 -55.74
N SER J 82 30.74 0.44 -56.86
CA SER J 82 31.21 1.82 -56.83
C SER J 82 30.04 2.79 -56.71
N VAL J 83 30.33 3.97 -56.18
CA VAL J 83 29.32 5.02 -56.01
C VAL J 83 29.93 6.37 -56.36
N PRO J 84 29.08 7.37 -56.59
CA PRO J 84 29.60 8.70 -56.93
C PRO J 84 30.06 9.45 -55.70
N VAL J 85 31.20 10.12 -55.83
CA VAL J 85 31.80 10.90 -54.75
C VAL J 85 32.13 12.29 -55.28
N GLY J 86 32.43 13.19 -54.37
CA GLY J 86 32.77 14.55 -54.68
C GLY J 86 31.64 15.52 -54.37
N ARG J 87 31.66 16.65 -55.09
CA ARG J 87 30.65 17.69 -54.91
C ARG J 87 29.39 17.45 -55.73
N GLY J 88 29.40 16.45 -56.62
CA GLY J 88 28.22 16.17 -57.43
C GLY J 88 27.13 15.40 -56.72
N THR J 89 27.45 14.78 -55.59
CA THR J 89 26.48 14.01 -54.82
C THR J 89 25.74 14.86 -53.80
N LEU J 90 26.07 16.13 -53.67
CA LEU J 90 25.41 17.00 -52.70
C LEU J 90 24.08 17.47 -53.28
N GLY J 91 22.99 17.20 -52.55
CA GLY J 91 21.66 17.58 -52.97
C GLY J 91 20.89 16.51 -53.72
N ARG J 92 21.54 15.43 -54.13
CA ARG J 92 20.90 14.34 -54.84
C ARG J 92 20.61 13.17 -53.92
N ILE J 93 19.63 12.35 -54.30
CA ILE J 93 19.22 11.18 -53.54
C ILE J 93 19.81 9.97 -54.23
N ILE J 94 20.92 9.45 -53.70
CA ILE J 94 21.59 8.29 -54.26
C ILE J 94 21.07 7.03 -53.58
N ASN J 95 21.37 5.87 -54.17
CA ASN J 95 20.94 4.59 -53.64
C ASN J 95 22.15 3.82 -53.12
N VAL J 96 22.01 2.50 -52.98
CA VAL J 96 23.10 1.68 -52.48
C VAL J 96 24.12 1.36 -53.57
N VAL J 97 23.72 1.41 -54.84
CA VAL J 97 24.62 1.13 -55.95
C VAL J 97 25.16 2.41 -56.59
N GLY J 98 24.89 3.57 -55.99
CA GLY J 98 25.35 4.83 -56.52
C GLY J 98 24.46 5.47 -57.57
N GLU J 99 23.32 4.86 -57.88
CA GLU J 99 22.42 5.41 -58.88
C GLU J 99 21.52 6.48 -58.26
N PRO J 100 21.14 7.49 -59.03
CA PRO J 100 20.28 8.56 -58.48
C PRO J 100 18.82 8.13 -58.47
N ILE J 101 18.14 8.47 -57.38
CA ILE J 101 16.73 8.16 -57.19
C ILE J 101 15.87 9.40 -57.02
N ASP J 102 16.43 10.58 -57.31
CA ASP J 102 15.70 11.83 -57.18
C ASP J 102 15.09 12.29 -58.49
N GLU J 103 15.23 11.53 -59.57
CA GLU J 103 14.68 11.86 -60.88
C GLU J 103 15.19 13.22 -61.36
N ARG J 104 16.51 13.41 -61.26
CA ARG J 104 17.16 14.64 -61.68
C ARG J 104 18.35 14.37 -62.58
N GLY J 105 18.31 13.28 -63.34
CA GLY J 105 19.38 12.92 -64.23
C GLY J 105 20.49 12.17 -63.52
N PRO J 106 21.57 11.88 -64.25
CA PRO J 106 22.68 11.15 -63.64
C PRO J 106 23.64 12.09 -62.92
N ILE J 107 24.36 11.52 -61.96
CA ILE J 107 25.32 12.27 -61.16
C ILE J 107 26.62 12.40 -61.97
N GLU J 108 26.92 13.62 -62.39
CA GLU J 108 28.13 13.89 -63.18
C GLU J 108 29.31 14.02 -62.23
N CYS J 109 29.89 12.88 -61.89
CA CYS J 109 31.03 12.82 -60.99
C CYS J 109 32.31 12.52 -61.76
N LYS J 110 33.42 13.04 -61.25
CA LYS J 110 34.71 12.83 -61.90
C LYS J 110 35.26 11.45 -61.59
N GLN J 111 35.25 11.05 -60.33
CA GLN J 111 35.75 9.75 -59.90
C GLN J 111 34.63 8.97 -59.21
N ARG J 112 34.78 7.64 -59.20
CA ARG J 112 33.83 6.73 -58.58
C ARG J 112 34.59 5.78 -57.67
N ASN J 113 34.53 6.04 -56.36
CA ASN J 113 35.22 5.18 -55.41
C ASN J 113 34.35 4.00 -54.99
N PRO J 114 34.96 2.90 -54.57
CA PRO J 114 34.18 1.73 -54.16
C PRO J 114 33.63 1.88 -52.75
N ILE J 115 32.62 1.06 -52.47
CA ILE J 115 32.00 1.10 -51.14
C ILE J 115 32.81 0.30 -50.13
N HIS J 116 33.57 -0.69 -50.58
CA HIS J 116 34.39 -1.52 -49.71
C HIS J 116 35.81 -0.97 -49.71
N ALA J 117 36.25 -0.43 -48.57
CA ALA J 117 37.59 0.12 -48.46
C ALA J 117 38.08 -0.07 -47.04
N ASP J 118 39.40 -0.02 -46.87
CA ASP J 118 40.01 -0.19 -45.57
C ASP J 118 39.89 1.08 -44.74
N PRO J 119 39.97 0.97 -43.42
CA PRO J 119 39.87 2.16 -42.57
C PRO J 119 41.24 2.78 -42.33
N PRO J 120 41.32 3.74 -41.41
CA PRO J 120 42.61 4.38 -41.14
C PRO J 120 43.48 3.51 -40.23
N SER J 121 44.79 3.72 -40.35
CA SER J 121 45.75 2.97 -39.56
C SER J 121 45.99 3.70 -38.24
N PHE J 122 46.93 3.19 -37.43
CA PHE J 122 47.25 3.81 -36.16
C PHE J 122 48.09 5.07 -36.29
N VAL J 123 48.86 5.19 -37.38
CA VAL J 123 49.71 6.37 -37.57
C VAL J 123 48.97 7.52 -38.25
N GLU J 124 47.81 7.26 -38.85
CA GLU J 124 47.02 8.29 -39.52
C GLU J 124 45.86 8.80 -38.68
N GLN J 125 45.75 8.37 -37.42
CA GLN J 125 44.67 8.81 -36.56
C GLN J 125 45.02 10.16 -35.92
N SER J 126 43.98 10.87 -35.50
CA SER J 126 44.15 12.17 -34.87
C SER J 126 43.04 12.34 -33.82
N THR J 127 43.43 12.41 -32.55
CA THR J 127 42.50 12.56 -31.46
C THR J 127 42.44 14.01 -31.01
N GLU J 128 41.28 14.42 -30.50
CA GLU J 128 41.08 15.78 -30.03
C GLU J 128 40.12 15.74 -28.84
N ALA J 129 39.81 16.93 -28.32
CA ALA J 129 38.90 17.05 -27.18
C ALA J 129 38.06 18.31 -27.31
N GLU J 130 37.66 18.64 -28.53
CA GLU J 130 36.85 19.83 -28.77
C GLU J 130 35.38 19.52 -28.50
N VAL J 131 34.77 20.32 -27.63
CA VAL J 131 33.36 20.12 -27.28
C VAL J 131 32.48 20.70 -28.38
N LEU J 132 31.34 20.05 -28.61
CA LEU J 132 30.38 20.48 -29.62
C LEU J 132 29.08 20.87 -28.93
N GLU J 133 28.72 22.15 -29.05
CA GLU J 133 27.51 22.66 -28.43
C GLU J 133 26.30 22.28 -29.29
N THR J 134 25.36 21.55 -28.71
CA THR J 134 24.16 21.12 -29.41
C THR J 134 22.97 22.03 -29.17
N GLY J 135 22.80 22.52 -27.95
CA GLY J 135 21.70 23.40 -27.59
C GLY J 135 20.76 22.84 -26.54
N ILE J 136 20.81 21.54 -26.28
CA ILE J 136 19.94 20.93 -25.29
C ILE J 136 20.55 21.10 -23.91
N LYS J 137 19.69 21.18 -22.89
CA LYS J 137 20.15 21.35 -21.52
C LYS J 137 20.65 20.04 -20.92
N VAL J 138 20.13 18.90 -21.39
CA VAL J 138 20.55 17.60 -20.87
C VAL J 138 21.77 17.05 -21.58
N VAL J 139 22.19 17.65 -22.69
CA VAL J 139 23.35 17.19 -23.43
C VAL J 139 24.57 18.09 -23.25
N ASP J 140 24.38 19.35 -22.88
CA ASP J 140 25.49 20.28 -22.69
C ASP J 140 26.05 20.25 -21.28
N LEU J 141 25.45 19.48 -20.37
CA LEU J 141 25.91 19.37 -19.00
C LEU J 141 26.24 17.96 -18.58
N LEU J 142 25.44 16.97 -18.99
CA LEU J 142 25.69 15.58 -18.63
C LEU J 142 26.76 14.97 -19.53
N ALA J 143 26.35 14.40 -20.66
CA ALA J 143 27.28 13.78 -21.60
C ALA J 143 27.52 14.74 -22.75
N PRO J 144 28.62 15.50 -22.74
CA PRO J 144 28.88 16.43 -23.85
C PRO J 144 29.49 15.72 -25.05
N TYR J 145 29.01 16.08 -26.24
CA TYR J 145 29.50 15.48 -27.47
C TYR J 145 30.86 16.06 -27.84
N ALA J 146 31.61 15.30 -28.63
CA ALA J 146 32.93 15.69 -29.08
C ALA J 146 32.90 15.98 -30.57
N ARG J 147 33.69 16.97 -31.00
CA ARG J 147 33.76 17.35 -32.40
C ARG J 147 34.65 16.37 -33.16
N GLY J 148 34.10 15.74 -34.19
CA GLY J 148 34.84 14.80 -35.00
C GLY J 148 34.78 13.36 -34.52
N GLY J 149 33.98 13.06 -33.50
CA GLY J 149 33.85 11.72 -32.98
C GLY J 149 32.57 11.04 -33.41
N LYS J 150 32.28 9.92 -32.75
CA LYS J 150 31.09 9.13 -33.02
C LYS J 150 30.09 9.32 -31.89
N ILE J 151 28.88 9.75 -32.22
CA ILE J 151 27.82 9.97 -31.24
C ILE J 151 26.76 8.90 -31.44
N GLY J 152 26.32 8.30 -30.33
CA GLY J 152 25.31 7.26 -30.38
C GLY J 152 24.02 7.64 -29.67
N LEU J 153 22.90 7.55 -30.39
CA LEU J 153 21.59 7.88 -29.84
C LEU J 153 20.80 6.59 -29.69
N PHE J 154 21.08 5.87 -28.61
CA PHE J 154 20.40 4.61 -28.34
C PHE J 154 19.01 4.86 -27.76
N GLY J 155 18.10 3.94 -28.05
CA GLY J 155 16.73 4.06 -27.58
C GLY J 155 15.86 2.98 -28.17
N GLY J 156 14.69 2.83 -27.57
CA GLY J 156 13.72 1.84 -27.99
C GLY J 156 12.78 2.36 -29.05
N ALA J 157 11.67 1.65 -29.23
CA ALA J 157 10.66 2.01 -30.21
C ALA J 157 9.69 3.01 -29.59
N GLY J 158 9.60 4.20 -30.19
CA GLY J 158 8.71 5.22 -29.69
C GLY J 158 9.27 6.05 -28.55
N VAL J 159 10.59 6.00 -28.33
CA VAL J 159 11.21 6.76 -27.25
C VAL J 159 11.54 8.17 -27.76
N GLY J 160 12.39 8.25 -28.77
CA GLY J 160 12.77 9.52 -29.33
C GLY J 160 14.10 9.48 -30.07
N LYS J 161 14.27 8.47 -30.92
CA LYS J 161 15.51 8.32 -31.68
C LYS J 161 15.50 9.14 -32.97
N THR J 162 14.37 9.15 -33.68
CA THR J 162 14.29 9.91 -34.93
C THR J 162 14.17 11.41 -34.69
N VAL J 163 13.52 11.81 -33.59
CA VAL J 163 13.37 13.23 -33.29
C VAL J 163 14.66 13.84 -32.75
N PHE J 164 15.53 13.04 -32.14
CA PHE J 164 16.78 13.58 -31.60
C PHE J 164 17.78 13.91 -32.69
N ILE J 165 17.79 13.14 -33.78
CA ILE J 165 18.73 13.41 -34.86
C ILE J 165 18.25 14.57 -35.73
N GLN J 166 16.93 14.79 -35.81
CA GLN J 166 16.41 15.87 -36.62
C GLN J 166 16.58 17.24 -35.94
N GLU J 167 16.53 17.27 -34.61
CA GLU J 167 16.70 18.54 -33.90
C GLU J 167 18.16 18.98 -33.85
N LEU J 168 19.10 18.02 -33.83
CA LEU J 168 20.51 18.37 -33.78
C LEU J 168 21.04 18.79 -35.14
N ILE J 169 20.43 18.31 -36.23
CA ILE J 169 20.89 18.68 -37.57
C ILE J 169 20.39 20.05 -37.99
N ASN J 170 19.35 20.58 -37.34
CA ASN J 170 18.80 21.88 -37.66
C ASN J 170 19.41 23.01 -36.82
N ASN J 171 20.40 22.71 -35.98
CA ASN J 171 21.02 23.73 -35.15
C ASN J 171 22.53 23.57 -35.05
N ILE J 172 23.13 22.65 -35.80
CA ILE J 172 24.57 22.44 -35.76
C ILE J 172 25.10 22.25 -37.17
N ALA J 173 24.37 21.47 -37.98
CA ALA J 173 24.78 21.21 -39.35
C ALA J 173 24.47 22.37 -40.28
N LYS J 174 23.56 23.28 -39.89
CA LYS J 174 23.23 24.41 -40.73
C LYS J 174 24.27 25.51 -40.71
N ALA J 175 25.14 25.53 -39.69
CA ALA J 175 26.19 26.53 -39.58
C ALA J 175 27.54 25.88 -39.29
N HIS J 176 27.76 24.67 -39.79
CA HIS J 176 29.01 23.97 -39.56
C HIS J 176 30.11 24.37 -40.56
N GLY J 177 29.72 24.71 -41.78
CA GLY J 177 30.70 25.10 -42.78
C GLY J 177 31.00 23.99 -43.78
N GLY J 178 31.12 22.76 -43.29
CA GLY J 178 31.41 21.62 -44.14
C GLY J 178 30.15 20.99 -44.71
N PHE J 179 30.37 19.91 -45.45
CA PHE J 179 29.28 19.17 -46.08
C PHE J 179 28.72 18.12 -45.13
N SER J 180 27.45 17.79 -45.33
CA SER J 180 26.75 16.80 -44.52
C SER J 180 26.59 15.50 -45.30
N VAL J 181 26.21 14.45 -44.58
CA VAL J 181 26.00 13.13 -45.18
C VAL J 181 24.92 12.39 -44.42
N PHE J 182 23.66 12.55 -44.86
CA PHE J 182 22.52 11.91 -44.23
C PHE J 182 22.24 10.61 -44.98
N THR J 183 22.79 9.51 -44.48
CA THR J 183 22.61 8.19 -45.07
C THR J 183 21.69 7.38 -44.16
N GLY J 184 20.42 7.27 -44.57
CA GLY J 184 19.45 6.53 -43.80
C GLY J 184 19.35 5.07 -44.19
N VAL J 185 19.55 4.17 -43.22
CA VAL J 185 19.49 2.73 -43.44
C VAL J 185 18.42 2.16 -42.53
N GLY J 186 17.44 1.47 -43.12
CA GLY J 186 16.37 0.88 -42.35
C GLY J 186 15.35 1.88 -41.83
N GLU J 187 15.15 2.98 -42.52
CA GLU J 187 14.19 3.99 -42.09
C GLU J 187 12.82 3.67 -42.68
N ARG J 188 11.87 4.60 -42.53
CA ARG J 188 10.52 4.42 -43.03
C ARG J 188 10.37 5.06 -44.40
N THR J 189 9.23 4.79 -45.04
CA THR J 189 8.97 5.35 -46.36
C THR J 189 8.60 6.83 -46.27
N ARG J 190 7.86 7.21 -45.23
CA ARG J 190 7.45 8.60 -45.05
C ARG J 190 8.56 9.46 -44.48
N GLU J 191 9.57 8.86 -43.83
CA GLU J 191 10.65 9.64 -43.26
C GLU J 191 11.62 10.15 -44.31
N GLY J 192 11.75 9.43 -45.43
CA GLY J 192 12.66 9.86 -46.48
C GLY J 192 12.13 11.03 -47.29
N ASN J 193 10.81 11.08 -47.51
CA ASN J 193 10.23 12.18 -48.29
C ASN J 193 10.07 13.44 -47.45
N ASP J 194 9.86 13.30 -46.14
CA ASP J 194 9.71 14.47 -45.28
C ASP J 194 11.03 15.14 -44.95
N LEU J 195 12.14 14.39 -44.98
CA LEU J 195 13.45 14.98 -44.69
C LEU J 195 14.00 15.77 -45.87
N TYR J 196 13.63 15.39 -47.10
CA TYR J 196 14.13 16.09 -48.28
C TYR J 196 13.37 17.38 -48.54
N ARG J 197 12.08 17.44 -48.17
CA ARG J 197 11.29 18.64 -48.39
C ARG J 197 11.57 19.70 -47.34
N GLU J 198 11.96 19.30 -46.12
CA GLU J 198 12.24 20.27 -45.08
C GLU J 198 13.61 20.90 -45.24
N MET J 199 14.58 20.17 -45.79
CA MET J 199 15.93 20.71 -45.98
C MET J 199 16.00 21.66 -47.17
N LYS J 200 15.11 21.52 -48.16
CA LYS J 200 15.15 22.40 -49.32
C LYS J 200 14.56 23.77 -49.01
N GLU J 201 13.61 23.85 -48.07
CA GLU J 201 13.00 25.12 -47.72
C GLU J 201 13.81 25.91 -46.70
N THR J 202 14.84 25.31 -46.10
CA THR J 202 15.67 25.98 -45.11
C THR J 202 17.03 26.38 -45.64
N GLY J 203 17.43 25.90 -46.81
CA GLY J 203 18.71 26.25 -47.39
C GLY J 203 19.79 25.21 -47.22
N VAL J 204 19.44 23.93 -47.15
CA VAL J 204 20.41 22.86 -46.98
C VAL J 204 20.65 22.10 -48.28
N ILE J 205 19.59 21.82 -49.03
CA ILE J 205 19.68 21.10 -50.30
C ILE J 205 19.01 21.97 -51.35
N ASN J 206 19.82 22.69 -52.12
CA ASN J 206 19.33 23.57 -53.19
C ASN J 206 19.43 22.85 -54.51
N LEU J 207 18.29 22.65 -55.18
CA LEU J 207 18.29 21.98 -56.47
C LEU J 207 18.77 22.88 -57.60
N GLU J 208 18.58 24.20 -57.46
CA GLU J 208 19.00 25.16 -58.47
C GLU J 208 20.20 25.99 -58.03
N GLY J 209 20.85 25.62 -56.92
CA GLY J 209 22.00 26.35 -56.44
C GLY J 209 23.07 25.46 -55.85
N GLU J 210 23.67 25.90 -54.75
CA GLU J 210 24.72 25.14 -54.07
C GLU J 210 24.15 24.38 -52.89
N SER J 211 24.54 23.12 -52.76
CA SER J 211 24.09 22.26 -51.69
C SER J 211 25.27 21.82 -50.83
N LYS J 212 24.97 21.28 -49.65
CA LYS J 212 26.00 20.81 -48.74
C LYS J 212 25.53 19.64 -47.89
N VAL J 213 24.69 18.77 -48.44
CA VAL J 213 24.17 17.62 -47.71
C VAL J 213 23.91 16.48 -48.68
N ALA J 214 24.58 15.35 -48.48
CA ALA J 214 24.42 14.18 -49.34
C ALA J 214 23.34 13.27 -48.77
N LEU J 215 22.36 12.93 -49.60
CA LEU J 215 21.27 12.05 -49.20
C LEU J 215 21.46 10.68 -49.84
N VAL J 216 21.28 9.63 -49.04
CA VAL J 216 21.42 8.26 -49.49
C VAL J 216 20.15 7.50 -49.14
N PHE J 217 19.48 6.97 -50.15
CA PHE J 217 18.24 6.23 -49.94
C PHE J 217 18.54 4.83 -49.41
N GLY J 218 17.50 4.16 -48.92
CA GLY J 218 17.63 2.83 -48.38
C GLY J 218 16.77 2.58 -47.17
N GLN J 219 15.46 2.44 -47.38
CA GLN J 219 14.52 2.20 -46.29
C GLN J 219 14.41 0.70 -46.04
N MET J 220 13.40 0.30 -45.26
CA MET J 220 13.16 -1.10 -44.94
C MET J 220 12.29 -1.81 -45.96
N ASN J 221 11.89 -1.13 -47.04
CA ASN J 221 11.06 -1.74 -48.06
C ASN J 221 11.85 -2.51 -49.10
N GLU J 222 13.18 -2.46 -49.04
CA GLU J 222 14.02 -3.18 -49.99
C GLU J 222 14.35 -4.57 -49.46
N PRO J 223 15.30 -5.27 -50.07
CA PRO J 223 15.65 -6.61 -49.59
C PRO J 223 16.75 -6.53 -48.54
N PRO J 224 17.31 -7.69 -48.15
CA PRO J 224 18.38 -7.65 -47.13
C PRO J 224 19.73 -7.22 -47.67
N GLY J 225 19.97 -7.33 -48.97
CA GLY J 225 21.24 -6.92 -49.52
C GLY J 225 21.39 -5.43 -49.68
N ALA J 226 20.28 -4.71 -49.90
CA ALA J 226 20.34 -3.27 -50.05
C ALA J 226 20.41 -2.55 -48.70
N ARG J 227 19.88 -3.16 -47.65
CA ARG J 227 19.92 -2.53 -46.33
C ARG J 227 21.29 -2.67 -45.68
N ALA J 228 21.97 -3.79 -45.91
CA ALA J 228 23.30 -3.98 -45.33
C ALA J 228 24.36 -3.19 -46.07
N ARG J 229 24.16 -2.93 -47.36
CA ARG J 229 25.11 -2.18 -48.16
C ARG J 229 24.80 -0.68 -48.20
N VAL J 230 23.79 -0.23 -47.46
CA VAL J 230 23.46 1.19 -47.45
C VAL J 230 24.44 1.98 -46.60
N ALA J 231 25.05 1.36 -45.60
CA ALA J 231 26.00 2.06 -44.75
C ALA J 231 27.35 2.27 -45.44
N LEU J 232 27.73 1.35 -46.34
CA LEU J 232 28.99 1.49 -47.05
C LEU J 232 28.92 2.52 -48.17
N THR J 233 27.74 2.73 -48.74
CA THR J 233 27.60 3.71 -49.83
C THR J 233 27.61 5.12 -49.29
N GLY J 234 26.99 5.36 -48.13
CA GLY J 234 26.96 6.70 -47.57
C GLY J 234 28.27 7.12 -46.93
N LEU J 235 29.03 6.15 -46.42
CA LEU J 235 30.31 6.47 -45.79
C LEU J 235 31.42 6.73 -46.80
N THR J 236 31.25 6.28 -48.05
CA THR J 236 32.27 6.52 -49.07
C THR J 236 32.28 7.95 -49.56
N ILE J 237 31.11 8.61 -49.56
CA ILE J 237 31.05 9.99 -50.01
C ILE J 237 31.58 10.95 -48.96
N ALA J 238 31.40 10.61 -47.67
CA ALA J 238 31.88 11.48 -46.61
C ALA J 238 33.38 11.32 -46.37
N GLU J 239 33.95 10.16 -46.72
CA GLU J 239 35.38 9.95 -46.53
C GLU J 239 36.21 10.66 -47.58
N TYR J 240 35.64 10.91 -48.76
CA TYR J 240 36.39 11.59 -49.82
C TYR J 240 36.48 13.09 -49.58
N PHE J 241 35.51 13.67 -48.87
CA PHE J 241 35.52 15.09 -48.59
C PHE J 241 36.45 15.46 -47.45
N ARG J 242 36.87 14.49 -46.64
CA ARG J 242 37.77 14.76 -45.52
C ARG J 242 39.21 14.34 -45.80
N ASP J 243 39.45 13.48 -46.78
CA ASP J 243 40.79 13.03 -47.13
C ASP J 243 41.33 13.71 -48.38
N GLU J 244 40.55 13.73 -49.45
CA GLU J 244 41.00 14.36 -50.68
C GLU J 244 40.78 15.88 -50.67
N GLU J 245 39.82 16.35 -49.89
CA GLU J 245 39.52 17.78 -49.80
C GLU J 245 39.85 18.38 -48.44
N GLY J 246 39.74 17.62 -47.36
CA GLY J 246 40.03 18.12 -46.04
C GLY J 246 38.94 19.00 -45.47
N GLN J 247 37.76 18.43 -45.25
CA GLN J 247 36.62 19.15 -44.72
C GLN J 247 35.99 18.35 -43.59
N ASP J 248 35.42 19.07 -42.62
CA ASP J 248 34.78 18.44 -41.47
C ASP J 248 33.40 17.95 -41.90
N VAL J 249 33.33 16.67 -42.30
CA VAL J 249 32.08 16.09 -42.73
C VAL J 249 31.24 15.68 -41.51
N LEU J 250 29.94 15.54 -41.73
CA LEU J 250 28.99 15.16 -40.69
C LEU J 250 28.17 13.98 -41.19
N LEU J 251 28.45 12.79 -40.67
CA LEU J 251 27.75 11.58 -41.06
C LEU J 251 26.57 11.37 -40.12
N PHE J 252 25.36 11.30 -40.69
CA PHE J 252 24.13 11.09 -39.94
C PHE J 252 23.48 9.80 -40.41
N VAL J 253 23.53 8.77 -39.57
CA VAL J 253 22.96 7.46 -39.88
C VAL J 253 21.68 7.30 -39.06
N ASP J 254 20.62 6.84 -39.71
CA ASP J 254 19.33 6.63 -39.04
C ASP J 254 18.62 5.49 -39.74
N ASN J 255 18.69 4.29 -39.15
CA ASN J 255 19.42 4.08 -37.90
C ASN J 255 20.64 3.21 -38.10
N ILE J 256 21.54 3.20 -37.11
CA ILE J 256 22.75 2.40 -37.20
C ILE J 256 22.53 0.94 -36.84
N PHE J 257 21.40 0.62 -36.20
CA PHE J 257 21.12 -0.76 -35.82
C PHE J 257 20.60 -1.60 -36.99
N ARG J 258 20.22 -0.98 -38.10
CA ARG J 258 19.72 -1.72 -39.25
C ARG J 258 20.82 -2.41 -40.04
N PHE J 259 22.08 -2.00 -39.86
CA PHE J 259 23.18 -2.63 -40.58
C PHE J 259 23.48 -4.02 -40.05
N THR J 260 23.38 -4.21 -38.73
CA THR J 260 23.65 -5.51 -38.14
C THR J 260 22.45 -6.46 -38.25
N GLN J 261 21.24 -5.92 -38.26
CA GLN J 261 20.04 -6.75 -38.37
C GLN J 261 19.82 -7.26 -39.78
N ALA J 262 20.29 -6.54 -40.80
CA ALA J 262 20.10 -6.98 -42.18
C ALA J 262 21.02 -8.15 -42.53
N GLY J 263 22.23 -8.17 -41.97
CA GLY J 263 23.15 -9.26 -42.24
C GLY J 263 22.85 -10.54 -41.49
N SER J 264 22.07 -10.47 -40.42
CA SER J 264 21.74 -11.67 -39.66
C SER J 264 20.71 -12.53 -40.38
N GLU J 265 19.83 -11.91 -41.16
CA GLU J 265 18.81 -12.65 -41.90
C GLU J 265 19.39 -13.41 -43.09
N VAL J 266 20.52 -12.97 -43.64
CA VAL J 266 21.15 -13.63 -44.77
C VAL J 266 22.32 -14.51 -44.36
N SER J 267 22.70 -14.49 -43.07
CA SER J 267 23.81 -15.30 -42.61
C SER J 267 23.45 -16.78 -42.49
N ALA J 268 22.18 -17.10 -42.32
CA ALA J 268 21.76 -18.50 -42.20
C ALA J 268 21.78 -19.23 -43.54
N LEU J 269 21.66 -18.49 -44.65
CA LEU J 269 21.67 -19.10 -45.98
C LEU J 269 23.07 -19.17 -46.60
N LEU J 270 24.07 -18.58 -45.96
CA LEU J 270 25.44 -18.59 -46.46
C LEU J 270 26.28 -19.70 -45.87
N GLY J 271 25.75 -20.45 -44.90
CA GLY J 271 26.48 -21.53 -44.27
C GLY J 271 27.00 -21.23 -42.88
N ARG J 272 26.85 -20.00 -42.41
CA ARG J 272 27.32 -19.64 -41.09
C ARG J 272 26.34 -20.09 -40.02
N ILE J 273 26.87 -20.45 -38.85
CA ILE J 273 26.06 -20.92 -37.73
C ILE J 273 25.51 -19.71 -36.98
N PRO J 274 24.41 -19.84 -36.25
CA PRO J 274 23.86 -18.69 -35.53
C PRO J 274 24.61 -18.44 -34.23
N SER J 275 24.58 -17.18 -33.80
CA SER J 275 25.26 -16.77 -32.58
C SER J 275 24.25 -16.51 -31.47
N ALA J 276 24.46 -15.44 -30.70
CA ALA J 276 23.56 -15.11 -29.60
C ALA J 276 22.30 -14.43 -30.14
N VAL J 277 21.14 -14.87 -29.64
CA VAL J 277 19.85 -14.33 -30.02
C VAL J 277 19.65 -14.46 -31.53
N GLY J 278 20.16 -15.54 -32.10
CA GLY J 278 19.99 -15.78 -33.53
C GLY J 278 20.70 -14.79 -34.42
N TYR J 279 21.88 -14.31 -34.01
CA TYR J 279 22.65 -13.36 -34.79
C TYR J 279 23.77 -14.09 -35.53
N GLN J 280 24.53 -13.32 -36.33
CA GLN J 280 25.63 -13.87 -37.09
C GLN J 280 26.87 -14.02 -36.21
N PRO J 281 27.79 -14.92 -36.59
CA PRO J 281 29.00 -15.09 -35.77
C PRO J 281 29.99 -13.95 -35.92
N THR J 282 29.99 -13.27 -37.05
CA THR J 282 30.90 -12.15 -37.28
C THR J 282 30.22 -10.82 -36.97
N LEU J 283 29.77 -10.69 -35.72
CA LEU J 283 29.10 -9.47 -35.30
C LEU J 283 30.09 -8.36 -34.95
N ALA J 284 31.17 -8.70 -34.24
CA ALA J 284 32.17 -7.72 -33.87
C ALA J 284 33.14 -7.41 -35.00
N THR J 285 33.23 -8.27 -36.02
CA THR J 285 34.14 -8.02 -37.13
C THR J 285 33.49 -7.17 -38.21
N ASP J 286 32.18 -7.32 -38.41
CA ASP J 286 31.49 -6.53 -39.43
C ASP J 286 31.18 -5.13 -38.93
N MET J 287 30.91 -4.98 -37.63
CA MET J 287 30.61 -3.67 -37.08
C MET J 287 31.85 -2.83 -36.85
N GLY J 288 33.00 -3.49 -36.63
CA GLY J 288 34.23 -2.75 -36.40
C GLY J 288 34.91 -2.29 -37.67
N LEU J 289 34.60 -2.92 -38.80
CA LEU J 289 35.22 -2.52 -40.06
C LEU J 289 34.57 -1.26 -40.63
N LEU J 290 33.31 -1.01 -40.29
CA LEU J 290 32.61 0.16 -40.80
C LEU J 290 32.67 1.34 -39.83
N GLN J 291 32.77 1.08 -38.53
CA GLN J 291 32.83 2.15 -37.54
C GLN J 291 34.21 2.78 -37.44
N GLU J 292 35.28 2.04 -37.79
CA GLU J 292 36.62 2.58 -37.72
C GLU J 292 36.94 3.53 -38.85
N ARG J 293 36.26 3.41 -39.99
CA ARG J 293 36.50 4.28 -41.13
C ARG J 293 35.81 5.63 -41.00
N ILE J 294 34.85 5.76 -40.09
CA ILE J 294 34.13 7.02 -39.90
C ILE J 294 34.70 7.74 -38.68
N THR J 295 36.01 7.95 -38.67
CA THR J 295 36.69 8.63 -37.58
C THR J 295 37.45 9.84 -38.12
N THR J 296 38.09 10.57 -37.21
CA THR J 296 38.85 11.76 -37.57
C THR J 296 40.30 11.38 -37.85
N THR J 297 40.82 11.80 -38.99
CA THR J 297 42.18 11.53 -39.40
C THR J 297 43.00 12.82 -39.40
N ARG J 298 44.20 12.75 -39.96
CA ARG J 298 45.07 13.92 -40.01
C ARG J 298 44.69 14.89 -41.12
N LYS J 299 43.95 14.44 -42.13
CA LYS J 299 43.53 15.30 -43.22
C LYS J 299 42.20 15.99 -42.96
N GLY J 300 41.31 15.34 -42.20
CA GLY J 300 40.02 15.94 -41.90
C GLY J 300 39.30 15.16 -40.83
N SER J 301 38.29 15.79 -40.26
CA SER J 301 37.48 15.20 -39.21
C SER J 301 36.17 14.67 -39.79
N VAL J 302 35.48 13.87 -38.97
CA VAL J 302 34.19 13.29 -39.37
C VAL J 302 33.32 13.09 -38.14
N THR J 303 32.38 14.01 -37.91
CA THR J 303 31.49 13.94 -36.77
C THR J 303 30.35 12.98 -37.09
N SER J 304 30.42 11.77 -36.55
CA SER J 304 29.40 10.75 -36.79
C SER J 304 28.30 10.90 -35.75
N VAL J 305 27.06 11.08 -36.23
CA VAL J 305 25.91 11.24 -35.35
C VAL J 305 24.88 10.17 -35.69
N GLN J 306 25.21 8.91 -35.42
CA GLN J 306 24.32 7.80 -35.69
C GLN J 306 23.37 7.57 -34.52
N ALA J 307 22.37 6.72 -34.75
CA ALA J 307 21.38 6.38 -33.74
C ALA J 307 21.19 4.88 -33.70
N VAL J 308 21.22 4.31 -32.50
CA VAL J 308 21.05 2.87 -32.32
C VAL J 308 19.63 2.59 -31.85
N TYR J 309 19.13 1.39 -32.18
CA TYR J 309 17.80 0.97 -31.81
C TYR J 309 17.89 -0.20 -30.84
N VAL J 310 17.25 -0.05 -29.68
CA VAL J 310 17.27 -1.11 -28.66
C VAL J 310 16.29 -2.21 -29.08
N PRO J 311 16.69 -3.48 -29.02
CA PRO J 311 15.79 -4.57 -29.40
C PRO J 311 14.81 -4.90 -28.28
N ALA J 312 13.56 -4.49 -28.47
CA ALA J 312 12.49 -4.73 -27.49
C ALA J 312 12.86 -4.16 -26.12
N ASP J 313 13.45 -2.96 -26.13
CA ASP J 313 13.86 -2.26 -24.91
C ASP J 313 14.81 -3.12 -24.07
N ASP J 314 15.95 -3.43 -24.67
CA ASP J 314 16.97 -4.25 -24.01
C ASP J 314 18.34 -3.78 -24.46
N LEU J 315 19.14 -3.29 -23.52
CA LEU J 315 20.48 -2.81 -23.82
C LEU J 315 21.54 -3.89 -23.77
N THR J 316 21.18 -5.11 -23.36
CA THR J 316 22.11 -6.23 -23.28
C THR J 316 22.04 -7.14 -24.50
N ASP J 317 21.59 -6.62 -25.63
CA ASP J 317 21.49 -7.41 -26.85
C ASP J 317 22.82 -7.45 -27.57
N PRO J 318 22.93 -8.25 -28.63
CA PRO J 318 24.20 -8.33 -29.36
C PRO J 318 24.40 -7.22 -30.37
N ALA J 319 23.37 -6.41 -30.66
CA ALA J 319 23.49 -5.33 -31.61
C ALA J 319 23.54 -3.99 -30.88
N PRO J 320 23.28 -3.97 -29.57
CA PRO J 320 23.33 -2.70 -28.84
C PRO J 320 24.55 -2.57 -27.96
N ALA J 321 24.98 -3.69 -27.36
CA ALA J 321 26.15 -3.67 -26.50
C ALA J 321 27.47 -3.66 -27.28
N THR J 322 27.46 -4.15 -28.52
CA THR J 322 28.68 -4.16 -29.32
C THR J 322 28.98 -2.81 -29.96
N THR J 323 27.99 -1.93 -30.07
CA THR J 323 28.18 -0.61 -30.65
C THR J 323 28.52 0.46 -29.63
N PHE J 324 28.54 0.11 -28.34
CA PHE J 324 28.85 1.08 -27.30
C PHE J 324 30.35 1.27 -27.09
N ALA J 325 31.18 0.38 -27.64
CA ALA J 325 32.63 0.49 -27.51
C ALA J 325 33.28 1.21 -28.68
N HIS J 326 32.49 1.78 -29.59
CA HIS J 326 33.01 2.49 -30.75
C HIS J 326 32.40 3.89 -30.86
N LEU J 327 31.96 4.45 -29.74
CA LEU J 327 31.35 5.77 -29.70
C LEU J 327 31.93 6.57 -28.54
N ASP J 328 32.27 7.82 -28.80
CA ASP J 328 32.83 8.67 -27.75
C ASP J 328 31.75 9.18 -26.81
N ALA J 329 30.58 9.50 -27.34
CA ALA J 329 29.46 10.00 -26.53
C ALA J 329 28.22 9.18 -26.83
N THR J 330 27.51 8.76 -25.78
CA THR J 330 26.32 7.96 -25.90
C THR J 330 25.12 8.72 -25.34
N THR J 331 23.96 8.50 -25.95
CA THR J 331 22.71 9.14 -25.54
C THR J 331 21.62 8.07 -25.49
N VAL J 332 21.52 7.39 -24.35
CA VAL J 332 20.53 6.33 -24.17
C VAL J 332 19.19 6.97 -23.86
N LEU J 333 18.13 6.48 -24.51
CA LEU J 333 16.77 6.98 -24.32
C LEU J 333 15.94 5.86 -23.70
N SER J 334 15.62 6.01 -22.41
CA SER J 334 14.83 5.02 -21.72
C SER J 334 13.35 5.18 -22.03
N ARG J 335 12.63 4.07 -22.01
CA ARG J 335 11.20 4.08 -22.30
C ARG J 335 10.36 4.47 -21.08
N GLY J 336 10.93 4.39 -19.87
CA GLY J 336 10.18 4.76 -18.68
C GLY J 336 10.03 6.24 -18.47
N ILE J 337 11.05 7.02 -18.87
CA ILE J 337 10.99 8.47 -18.70
C ILE J 337 10.22 9.16 -19.82
N SER J 338 9.91 8.46 -20.91
CA SER J 338 9.18 9.06 -22.01
C SER J 338 7.69 9.14 -21.75
N GLU J 339 7.15 8.30 -20.86
CA GLU J 339 5.74 8.31 -20.55
C GLU J 339 5.38 9.28 -19.43
N LEU J 340 6.37 9.89 -18.77
CA LEU J 340 6.10 10.82 -17.69
C LEU J 340 5.89 12.24 -18.19
N GLY J 341 6.58 12.65 -19.26
CA GLY J 341 6.44 13.99 -19.80
C GLY J 341 7.76 14.63 -20.14
N ILE J 342 8.84 13.85 -20.07
CA ILE J 342 10.17 14.37 -20.38
C ILE J 342 10.35 14.43 -21.88
N TYR J 343 10.74 15.59 -22.39
CA TYR J 343 10.95 15.81 -23.82
C TYR J 343 12.37 16.32 -24.05
N PRO J 344 13.32 15.45 -24.42
CA PRO J 344 13.09 14.03 -24.62
C PRO J 344 13.37 13.21 -23.36
N ALA J 345 13.46 11.88 -23.51
CA ALA J 345 13.72 10.99 -22.39
C ALA J 345 15.22 10.73 -22.27
N VAL J 346 15.94 11.79 -21.92
CA VAL J 346 17.39 11.73 -21.75
C VAL J 346 17.70 11.20 -20.37
N ASP J 347 18.12 9.95 -20.29
CA ASP J 347 18.44 9.33 -19.01
C ASP J 347 19.80 9.81 -18.53
N PRO J 348 19.90 10.48 -17.37
CA PRO J 348 21.21 10.95 -16.91
C PRO J 348 22.05 9.88 -16.25
N LEU J 349 21.45 8.78 -15.79
CA LEU J 349 22.20 7.70 -15.15
C LEU J 349 22.80 6.72 -16.15
N ASP J 350 22.42 6.80 -17.42
CA ASP J 350 22.95 5.90 -18.44
C ASP J 350 23.77 6.59 -19.51
N SER J 351 23.57 7.89 -19.72
CA SER J 351 24.33 8.63 -20.72
C SER J 351 25.71 8.99 -20.19
N LYS J 352 26.74 8.68 -20.98
CA LYS J 352 28.12 8.96 -20.59
C LYS J 352 28.91 9.38 -21.82
N SER J 353 29.99 10.12 -21.59
CA SER J 353 30.84 10.59 -22.66
C SER J 353 32.27 10.72 -22.13
N ARG J 354 33.22 10.85 -23.06
CA ARG J 354 34.62 10.98 -22.73
C ARG J 354 35.06 12.43 -22.50
N LEU J 355 34.22 13.40 -22.87
CA LEU J 355 34.54 14.81 -22.70
C LEU J 355 34.04 15.38 -21.38
N LEU J 356 33.47 14.54 -20.50
CA LEU J 356 32.97 15.00 -19.20
C LEU J 356 34.11 14.96 -18.20
N ASP J 357 34.93 16.02 -18.22
CA ASP J 357 36.06 16.13 -17.31
C ASP J 357 36.28 17.60 -16.99
N VAL J 358 37.19 17.85 -16.05
CA VAL J 358 37.50 19.21 -15.63
C VAL J 358 38.58 19.86 -16.49
N SER J 359 39.24 19.11 -17.35
CA SER J 359 40.29 19.64 -18.21
C SER J 359 39.78 20.09 -19.57
N VAL J 360 38.51 19.78 -19.90
CA VAL J 360 37.93 20.16 -21.17
C VAL J 360 36.74 21.11 -21.00
N VAL J 361 35.94 20.90 -19.96
CA VAL J 361 34.78 21.76 -19.71
C VAL J 361 35.03 22.77 -18.60
N GLY J 362 36.12 22.65 -17.86
CA GLY J 362 36.43 23.57 -16.79
C GLY J 362 36.03 23.03 -15.43
N GLN J 363 36.50 23.74 -14.39
CA GLN J 363 36.19 23.33 -13.02
C GLN J 363 34.76 23.67 -12.63
N GLU J 364 34.17 24.70 -13.25
CA GLU J 364 32.81 25.08 -12.91
C GLU J 364 31.80 24.11 -13.51
N HIS J 365 32.03 23.66 -14.75
CA HIS J 365 31.11 22.74 -15.39
C HIS J 365 31.26 21.33 -14.84
N TYR J 366 32.44 20.97 -14.31
CA TYR J 366 32.63 19.64 -13.76
C TYR J 366 31.93 19.47 -12.42
N ASP J 367 31.88 20.54 -11.61
CA ASP J 367 31.22 20.45 -10.32
C ASP J 367 29.70 20.44 -10.46
N VAL J 368 29.16 21.08 -11.50
CA VAL J 368 27.72 21.09 -11.68
C VAL J 368 27.22 19.76 -12.22
N ALA J 369 28.04 19.05 -13.00
CA ALA J 369 27.63 17.76 -13.53
C ALA J 369 27.65 16.67 -12.46
N THR J 370 28.61 16.72 -11.54
CA THR J 370 28.69 15.73 -10.48
C THR J 370 27.61 15.93 -9.42
N GLY J 371 27.24 17.19 -9.15
CA GLY J 371 26.22 17.45 -8.15
C GLY J 371 24.82 17.13 -8.62
N VAL J 372 24.55 17.30 -9.91
CA VAL J 372 23.21 16.99 -10.44
C VAL J 372 23.02 15.49 -10.58
N GLN J 373 24.08 14.75 -10.90
CA GLN J 373 23.97 13.30 -11.04
C GLN J 373 23.88 12.60 -9.68
N GLN J 374 24.45 13.21 -8.63
CA GLN J 374 24.40 12.60 -7.31
C GLN J 374 23.03 12.72 -6.68
N THR J 375 22.29 13.80 -6.99
CA THR J 375 20.95 13.96 -6.43
C THR J 375 19.93 13.05 -7.10
N LEU J 376 20.10 12.76 -8.39
CA LEU J 376 19.17 11.88 -9.08
C LEU J 376 19.40 10.42 -8.72
N GLN J 377 20.63 10.06 -8.35
CA GLN J 377 20.93 8.68 -7.98
C GLN J 377 20.39 8.34 -6.59
N ALA J 378 20.32 9.33 -5.70
CA ALA J 378 19.80 9.08 -4.36
C ALA J 378 18.28 8.92 -4.37
N TYR J 379 17.59 9.65 -5.25
CA TYR J 379 16.14 9.54 -5.33
C TYR J 379 15.69 8.27 -6.05
N LYS J 380 16.51 7.78 -6.99
CA LYS J 380 16.14 6.57 -7.72
C LYS J 380 16.37 5.32 -6.88
N SER J 381 17.37 5.31 -6.01
CA SER J 381 17.63 4.14 -5.17
C SER J 381 16.60 4.03 -4.06
N LEU J 382 16.00 5.14 -3.63
CA LEU J 382 14.99 5.14 -2.57
C LEU J 382 13.58 5.11 -3.13
N GLN J 383 13.41 4.67 -4.39
CA GLN J 383 12.08 4.62 -4.99
C GLN J 383 11.23 3.48 -4.44
N ASP J 384 11.85 2.47 -3.82
CA ASP J 384 11.08 1.36 -3.27
C ASP J 384 10.33 1.77 -2.00
N ILE J 385 10.85 2.75 -1.27
CA ILE J 385 10.19 3.21 -0.05
C ILE J 385 9.19 4.34 -0.31
N ILE J 386 9.37 5.11 -1.37
CA ILE J 386 8.45 6.19 -1.66
C ILE J 386 7.20 5.68 -2.37
N ALA J 387 7.32 4.58 -3.12
CA ALA J 387 6.19 4.00 -3.83
C ALA J 387 5.38 3.03 -2.99
N ILE J 388 5.93 2.55 -1.87
CA ILE J 388 5.25 1.61 -0.98
C ILE J 388 4.80 2.31 0.31
N LEU J 389 5.75 2.83 1.09
CA LEU J 389 5.41 3.50 2.33
C LEU J 389 4.92 4.92 2.09
N GLY J 390 5.57 5.65 1.19
CA GLY J 390 5.20 7.01 0.87
C GLY J 390 6.35 7.96 1.08
N MET J 391 6.10 9.23 0.76
CA MET J 391 7.10 10.27 0.91
C MET J 391 7.25 10.77 2.34
N ASP J 392 6.32 10.41 3.23
CA ASP J 392 6.39 10.84 4.62
C ASP J 392 7.30 9.98 5.47
N GLU J 393 7.79 8.86 4.95
CA GLU J 393 8.68 7.98 5.70
C GLU J 393 10.12 8.45 5.69
N LEU J 394 10.45 9.48 4.92
CA LEU J 394 11.82 9.97 4.85
C LEU J 394 12.12 10.88 6.05
N SER J 395 13.38 11.25 6.18
CA SER J 395 13.84 12.11 7.26
C SER J 395 13.88 13.56 6.77
N GLU J 396 14.64 14.41 7.47
CA GLU J 396 14.74 15.81 7.08
C GLU J 396 15.69 16.02 5.90
N GLN J 397 16.78 15.25 5.84
CA GLN J 397 17.72 15.40 4.74
C GLN J 397 17.22 14.75 3.46
N ASP J 398 16.50 13.63 3.57
CA ASP J 398 15.98 12.95 2.38
C ASP J 398 14.78 13.66 1.77
N LYS J 399 14.06 14.47 2.56
CA LYS J 399 12.91 15.18 2.03
C LYS J 399 13.31 16.33 1.11
N LEU J 400 14.41 17.01 1.42
CA LEU J 400 14.85 18.11 0.58
C LEU J 400 15.51 17.63 -0.71
N THR J 401 16.13 16.45 -0.68
CA THR J 401 16.78 15.92 -1.87
C THR J 401 15.77 15.36 -2.86
N VAL J 402 14.61 14.91 -2.38
CA VAL J 402 13.60 14.36 -3.28
C VAL J 402 12.90 15.47 -4.05
N GLU J 403 12.72 16.64 -3.43
CA GLU J 403 12.07 17.75 -4.11
C GLU J 403 12.97 18.42 -5.13
N ARG J 404 14.29 18.46 -4.88
CA ARG J 404 15.21 19.07 -5.82
C ARG J 404 15.51 18.16 -7.00
N ALA J 405 15.37 16.84 -6.82
CA ALA J 405 15.63 15.91 -7.92
C ALA J 405 14.50 15.93 -8.95
N ARG J 406 13.27 16.19 -8.53
CA ARG J 406 12.15 16.23 -9.47
C ARG J 406 12.17 17.49 -10.32
N LYS J 407 12.61 18.62 -9.76
CA LYS J 407 12.66 19.86 -10.54
C LYS J 407 13.87 19.89 -11.46
N ILE J 408 14.95 19.20 -11.10
CA ILE J 408 16.13 19.19 -11.96
C ILE J 408 15.93 18.27 -13.16
N GLN J 409 15.10 17.23 -13.02
CA GLN J 409 14.86 16.33 -14.14
C GLN J 409 13.96 16.95 -15.19
N ARG J 410 13.02 17.79 -14.78
CA ARG J 410 12.12 18.44 -15.72
C ARG J 410 12.73 19.70 -16.35
N PHE J 411 13.76 20.27 -15.72
CA PHE J 411 14.38 21.46 -16.27
C PHE J 411 15.32 21.14 -17.43
N LEU J 412 15.87 19.93 -17.46
CA LEU J 412 16.77 19.53 -18.53
C LEU J 412 16.04 19.13 -19.81
N SER J 413 14.72 18.94 -19.75
CA SER J 413 13.93 18.56 -20.91
C SER J 413 13.43 19.84 -21.59
N GLN J 414 14.13 20.26 -22.66
CA GLN J 414 13.74 21.47 -23.37
C GLN J 414 12.97 21.11 -24.64
N PRO J 415 12.04 21.97 -25.05
CA PRO J 415 11.26 21.69 -26.27
C PRO J 415 12.08 22.00 -27.52
N PHE J 416 12.20 21.02 -28.40
CA PHE J 416 12.96 21.18 -29.63
C PHE J 416 12.14 21.97 -30.65
N ALA J 417 12.85 22.46 -31.68
CA ALA J 417 12.18 23.23 -32.73
C ALA J 417 11.43 22.34 -33.70
N VAL J 418 11.86 21.09 -33.87
CA VAL J 418 11.19 20.18 -34.80
C VAL J 418 9.95 19.55 -34.18
N ALA J 419 9.82 19.57 -32.85
CA ALA J 419 8.68 18.99 -32.16
C ALA J 419 7.66 20.05 -31.72
N GLU J 420 7.51 21.12 -32.51
CA GLU J 420 6.57 22.18 -32.15
C GLU J 420 5.13 21.81 -32.45
N VAL J 421 4.90 20.87 -33.37
CA VAL J 421 3.53 20.48 -33.70
C VAL J 421 2.98 19.43 -32.73
N PHE J 422 3.85 18.73 -32.01
CA PHE J 422 3.42 17.71 -31.06
C PHE J 422 3.34 18.21 -29.62
N THR J 423 4.07 19.28 -29.29
CA THR J 423 4.07 19.84 -27.95
C THR J 423 3.27 21.14 -27.83
N GLY J 424 3.30 21.99 -28.87
CA GLY J 424 2.58 23.23 -28.86
C GLY J 424 3.38 24.44 -28.39
N ILE J 425 4.54 24.22 -27.78
CA ILE J 425 5.37 25.32 -27.30
C ILE J 425 6.44 25.61 -28.35
N GLU J 426 7.14 26.73 -28.16
CA GLU J 426 8.19 27.13 -29.08
C GLU J 426 9.48 26.37 -28.79
N GLY J 427 10.43 26.49 -29.71
CA GLY J 427 11.72 25.83 -29.57
C GLY J 427 12.68 26.66 -28.75
N LYS J 428 13.30 26.02 -27.75
CA LYS J 428 14.25 26.66 -26.86
C LYS J 428 15.63 26.08 -27.10
N LEU J 429 16.62 26.94 -27.34
CA LEU J 429 18.00 26.55 -27.58
C LEU J 429 18.87 27.24 -26.54
N VAL J 430 19.16 26.56 -25.44
CA VAL J 430 19.97 27.11 -24.37
C VAL J 430 21.44 26.92 -24.73
N ARG J 431 22.26 27.89 -24.35
CA ARG J 431 23.69 27.85 -24.63
C ARG J 431 24.41 27.02 -23.56
N LEU J 432 25.72 26.87 -23.72
CA LEU J 432 26.51 26.11 -22.76
C LEU J 432 26.76 26.89 -21.48
N LYS J 433 26.90 28.21 -21.56
CA LYS J 433 27.14 29.01 -20.37
C LYS J 433 25.86 29.26 -19.57
N ASP J 434 24.72 29.32 -20.26
CA ASP J 434 23.46 29.55 -19.56
C ASP J 434 22.93 28.30 -18.87
N THR J 435 23.28 27.12 -19.39
CA THR J 435 22.81 25.88 -18.78
C THR J 435 23.60 25.54 -17.52
N ILE J 436 24.86 25.96 -17.43
CA ILE J 436 25.66 25.66 -16.25
C ILE J 436 25.32 26.60 -15.11
N ALA J 437 24.90 27.83 -15.41
CA ALA J 437 24.56 28.78 -14.36
C ALA J 437 23.17 28.53 -13.79
N SER J 438 22.26 27.96 -14.58
CA SER J 438 20.92 27.68 -14.10
C SER J 438 20.86 26.44 -13.22
N PHE J 439 21.71 25.45 -13.48
CA PHE J 439 21.72 24.24 -12.67
C PHE J 439 22.41 24.44 -11.34
N LYS J 440 23.38 25.35 -11.27
CA LYS J 440 24.09 25.59 -10.02
C LYS J 440 23.28 26.44 -9.05
N ALA J 441 22.40 27.30 -9.57
CA ALA J 441 21.59 28.15 -8.70
C ALA J 441 20.40 27.39 -8.11
N VAL J 442 19.89 26.38 -8.83
CA VAL J 442 18.76 25.62 -8.31
C VAL J 442 19.21 24.61 -7.26
N LEU J 443 20.46 24.16 -7.32
CA LEU J 443 20.98 23.19 -6.37
C LEU J 443 21.50 23.83 -5.09
N GLU J 444 21.64 25.15 -5.06
CA GLU J 444 22.15 25.85 -3.89
C GLU J 444 21.04 26.36 -2.97
N GLY J 445 19.79 26.37 -3.44
CA GLY J 445 18.68 26.82 -2.64
C GLY J 445 18.08 28.16 -3.05
N LYS J 446 18.32 28.62 -4.26
CA LYS J 446 17.78 29.89 -4.73
C LYS J 446 16.45 29.75 -5.46
N TYR J 447 16.07 28.53 -5.86
CA TYR J 447 14.82 28.29 -6.57
C TYR J 447 14.00 27.21 -5.86
N ASP J 448 14.12 27.10 -4.54
CA ASP J 448 13.38 26.09 -3.80
C ASP J 448 11.94 26.50 -3.54
N HIS J 449 11.63 27.79 -3.61
CA HIS J 449 10.27 28.27 -3.38
C HIS J 449 9.39 28.18 -4.62
N LEU J 450 9.96 27.92 -5.78
CA LEU J 450 9.19 27.82 -7.01
C LEU J 450 8.54 26.45 -7.12
N PRO J 451 7.59 26.29 -8.04
CA PRO J 451 6.91 25.00 -8.20
C PRO J 451 7.67 24.09 -9.16
N GLU J 452 7.23 22.83 -9.19
CA GLU J 452 7.86 21.84 -10.06
C GLU J 452 7.41 21.96 -11.51
N ASN J 453 6.25 22.58 -11.77
CA ASN J 453 5.75 22.75 -13.12
C ASN J 453 6.31 23.98 -13.82
N ALA J 454 7.00 24.85 -13.10
CA ALA J 454 7.56 26.06 -13.70
C ALA J 454 8.84 25.79 -14.48
N PHE J 455 9.50 24.66 -14.23
CA PHE J 455 10.73 24.30 -14.92
C PHE J 455 10.53 23.26 -16.01
N TYR J 456 9.35 22.63 -16.08
CA TYR J 456 9.10 21.62 -17.08
C TYR J 456 8.87 22.28 -18.44
N MET J 457 9.61 21.82 -19.45
CA MET J 457 9.53 22.33 -20.82
C MET J 457 9.79 23.84 -20.85
N VAL J 458 11.03 24.18 -20.52
CA VAL J 458 11.47 25.57 -20.49
C VAL J 458 12.89 25.66 -21.00
N GLY J 459 13.55 26.80 -20.75
CA GLY J 459 14.92 26.99 -21.19
C GLY J 459 15.92 26.97 -20.05
N GLY J 460 16.50 28.13 -19.74
CA GLY J 460 17.48 28.27 -18.68
C GLY J 460 16.87 28.87 -17.43
N ILE J 461 17.63 29.77 -16.80
CA ILE J 461 17.15 30.42 -15.59
C ILE J 461 16.19 31.56 -15.87
N GLU J 462 16.20 32.11 -17.10
CA GLU J 462 15.30 33.20 -17.43
C GLU J 462 13.88 32.71 -17.72
N ASP J 463 13.75 31.52 -18.32
CA ASP J 463 12.43 30.99 -18.62
C ASP J 463 11.76 30.35 -17.40
N VAL J 464 12.53 29.99 -16.38
CA VAL J 464 11.93 29.38 -15.19
C VAL J 464 11.31 30.44 -14.29
N VAL J 465 11.84 31.66 -14.30
CA VAL J 465 11.29 32.71 -13.44
C VAL J 465 10.06 33.34 -14.09
N ALA J 466 9.97 33.34 -15.42
CA ALA J 466 8.81 33.92 -16.09
C ALA J 466 7.62 32.98 -16.09
N LYS J 467 7.84 31.67 -16.02
CA LYS J 467 6.74 30.72 -16.01
C LYS J 467 6.08 30.62 -14.62
N ALA J 468 6.84 30.90 -13.56
CA ALA J 468 6.28 30.82 -12.21
C ALA J 468 5.44 32.05 -11.87
N GLU J 469 5.74 33.20 -12.48
CA GLU J 469 4.96 34.41 -12.20
C GLU J 469 3.64 34.42 -12.95
N LYS J 470 3.58 33.79 -14.12
CA LYS J 470 2.34 33.77 -14.90
C LYS J 470 1.35 32.75 -14.36
N ILE J 471 1.84 31.67 -13.75
CA ILE J 471 0.95 30.65 -13.21
C ILE J 471 0.36 31.05 -11.88
N ALA J 472 0.97 31.97 -11.15
CA ALA J 472 0.49 32.43 -9.86
C ALA J 472 -0.41 33.65 -9.96
N ALA J 473 -0.67 34.15 -11.16
CA ALA J 473 -1.51 35.32 -11.34
C ALA J 473 -2.93 34.92 -11.74
N ALA K 1 17.67 -8.41 -13.88
CA ALA K 1 16.41 -8.76 -14.53
C ALA K 1 16.43 -10.20 -15.02
N THR K 2 17.12 -11.07 -14.27
CA THR K 2 17.23 -12.47 -14.60
C THR K 2 16.22 -13.28 -13.80
N LEU K 3 16.39 -14.60 -13.78
CA LEU K 3 15.47 -15.47 -13.04
C LEU K 3 15.71 -15.38 -11.53
N ARG K 4 16.96 -15.21 -11.10
CA ARG K 4 17.26 -15.13 -9.68
C ARG K 4 16.90 -13.77 -9.10
N GLU K 5 17.04 -12.70 -9.89
CA GLU K 5 16.72 -11.36 -9.40
C GLU K 5 15.21 -11.13 -9.34
N ILE K 6 14.45 -11.75 -10.24
CA ILE K 6 13.00 -11.56 -10.22
C ILE K 6 12.36 -12.36 -9.09
N GLU K 7 12.96 -13.48 -8.70
CA GLU K 7 12.41 -14.29 -7.62
C GLU K 7 12.66 -13.66 -6.25
N THR K 8 13.79 -12.97 -6.08
CA THR K 8 14.08 -12.33 -4.80
C THR K 8 13.23 -11.07 -4.60
N ARG K 9 12.95 -10.34 -5.68
CA ARG K 9 12.13 -9.15 -5.56
C ARG K 9 10.65 -9.48 -5.35
N LEU K 10 10.18 -10.57 -5.96
CA LEU K 10 8.79 -10.95 -5.79
C LEU K 10 8.53 -11.56 -4.41
N LYS K 11 9.51 -12.28 -3.86
CA LYS K 11 9.34 -12.86 -2.53
C LYS K 11 9.43 -11.80 -1.44
N SER K 12 10.26 -10.78 -1.63
CA SER K 12 10.37 -9.72 -0.62
C SER K 12 9.16 -8.80 -0.66
N ILE K 13 8.54 -8.60 -1.82
CA ILE K 13 7.35 -7.75 -1.91
C ILE K 13 6.14 -8.47 -1.34
N LYS K 14 6.11 -9.80 -1.38
CA LYS K 14 4.98 -10.54 -0.82
C LYS K 14 4.99 -10.51 0.71
N ASN K 15 6.18 -10.49 1.32
CA ASN K 15 6.26 -10.43 2.77
C ASN K 15 5.89 -9.06 3.30
N ILE K 16 6.13 -8.00 2.52
CA ILE K 16 5.77 -6.65 2.95
C ILE K 16 4.27 -6.44 2.86
N GLU K 17 3.60 -7.13 1.93
CA GLU K 17 2.16 -7.00 1.80
C GLU K 17 1.43 -7.71 2.93
N LYS K 18 1.98 -8.82 3.43
CA LYS K 18 1.36 -9.53 4.54
C LYS K 18 1.54 -8.78 5.85
N ILE K 19 2.67 -8.09 6.02
CA ILE K 19 2.89 -7.32 7.24
C ILE K 19 2.05 -6.04 7.23
N THR K 20 1.82 -5.47 6.05
CA THR K 20 0.99 -4.27 5.97
C THR K 20 -0.48 -4.60 6.15
N ASN K 21 -0.93 -5.76 5.68
CA ASN K 21 -2.32 -6.14 5.87
C ASN K 21 -2.60 -6.54 7.32
N THR K 22 -1.63 -7.16 7.99
CA THR K 22 -1.82 -7.52 9.39
C THR K 22 -1.77 -6.29 10.29
N MET K 23 -0.99 -5.28 9.93
CA MET K 23 -0.93 -4.06 10.73
C MET K 23 -2.21 -3.24 10.60
N LYS K 24 -2.86 -3.29 9.43
CA LYS K 24 -4.10 -2.56 9.26
C LYS K 24 -5.25 -3.20 10.02
N VAL K 25 -5.25 -4.54 10.14
CA VAL K 25 -6.29 -5.21 10.90
C VAL K 25 -6.09 -5.00 12.39
N VAL K 26 -4.83 -4.92 12.84
CA VAL K 26 -4.56 -4.68 14.25
C VAL K 26 -4.86 -3.23 14.62
N ALA K 27 -4.75 -2.30 13.66
CA ALA K 27 -5.05 -0.91 13.95
C ALA K 27 -6.56 -0.68 14.09
N SER K 28 -7.37 -1.50 13.43
CA SER K 28 -8.82 -1.36 13.56
C SER K 28 -9.30 -1.81 14.93
N THR K 29 -8.68 -2.84 15.51
CA THR K 29 -9.07 -3.27 16.84
C THR K 29 -8.62 -2.30 17.92
N ARG K 30 -7.46 -1.66 17.72
CA ARG K 30 -6.99 -0.67 18.68
C ARG K 30 -7.76 0.64 18.59
N MET K 31 -8.37 0.93 17.44
CA MET K 31 -9.14 2.16 17.32
C MET K 31 -10.46 2.07 18.07
N GLY K 32 -11.00 0.86 18.23
CA GLY K 32 -12.24 0.71 18.98
C GLY K 32 -12.05 0.93 20.47
N ARG K 33 -10.92 0.47 21.02
CA ARG K 33 -10.65 0.68 22.43
C ARG K 33 -10.24 2.12 22.71
N ALA K 34 -9.57 2.77 21.76
CA ALA K 34 -9.18 4.15 21.92
C ALA K 34 -10.34 5.13 21.75
N GLN K 35 -11.42 4.70 21.08
CA GLN K 35 -12.57 5.57 20.91
C GLN K 35 -13.33 5.77 22.22
N ARG K 36 -13.30 4.77 23.11
CA ARG K 36 -13.97 4.91 24.39
C ARG K 36 -13.23 5.89 25.31
N ALA K 37 -11.90 5.93 25.22
CA ALA K 37 -11.14 6.86 26.05
C ALA K 37 -11.24 8.28 25.51
N MET K 38 -11.40 8.45 24.20
CA MET K 38 -11.54 9.79 23.63
C MET K 38 -12.92 10.38 23.93
N ALA K 39 -13.95 9.54 24.01
CA ALA K 39 -15.28 10.04 24.32
C ALA K 39 -15.40 10.43 25.79
N SER K 40 -14.70 9.74 26.69
CA SER K 40 -14.74 10.10 28.09
C SER K 40 -13.95 11.36 28.38
N SER K 41 -12.87 11.59 27.64
CA SER K 41 -12.06 12.79 27.83
C SER K 41 -12.74 14.03 27.28
N ARG K 42 -13.54 13.88 26.23
CA ARG K 42 -14.25 15.03 25.67
C ARG K 42 -15.41 15.46 26.56
N ALA K 43 -16.09 14.51 27.20
CA ALA K 43 -17.20 14.85 28.09
C ALA K 43 -16.71 15.44 29.40
N PHE K 44 -15.55 14.99 29.90
CA PHE K 44 -15.02 15.52 31.14
C PHE K 44 -14.41 16.90 30.96
N ARG K 45 -13.95 17.22 29.75
CA ARG K 45 -13.36 18.53 29.51
C ARG K 45 -14.42 19.62 29.42
N GLU K 46 -15.64 19.26 29.02
CA GLU K 46 -16.72 20.23 28.92
C GLU K 46 -17.36 20.52 30.28
N GLY K 47 -17.12 19.68 31.28
CA GLY K 47 -17.68 19.90 32.60
C GLY K 47 -16.68 20.48 33.58
N ASP K 48 -15.42 20.09 33.45
CA ASP K 48 -14.40 20.61 34.36
C ASP K 48 -14.01 22.04 33.98
N SER K 49 -13.97 22.34 32.69
CA SER K 49 -13.62 23.67 32.20
C SER K 49 -14.85 24.51 31.89
N ASP K 50 -16.01 24.15 32.44
CA ASP K 50 -17.23 24.91 32.20
C ASP K 50 -17.26 26.22 32.97
N PHE K 51 -16.45 26.34 34.04
CA PHE K 51 -16.44 27.58 34.80
C PHE K 51 -15.69 28.69 34.07
N PHE K 52 -14.76 28.33 33.18
CA PHE K 52 -14.01 29.34 32.43
C PHE K 52 -14.84 29.95 31.31
N ALA K 53 -15.83 29.23 30.80
CA ALA K 53 -16.67 29.76 29.73
C ALA K 53 -17.69 30.75 30.27
N THR K 54 -18.22 30.50 31.46
CA THR K 54 -19.21 31.39 32.06
C THR K 54 -18.57 32.63 32.70
N ALA K 55 -17.27 32.60 32.96
CA ALA K 55 -16.57 33.72 33.57
C ALA K 55 -15.76 34.54 32.57
N GLU K 56 -15.70 34.12 31.31
CA GLU K 56 -14.96 34.82 30.26
C GLU K 56 -13.50 35.00 30.65
N THR K 57 -12.73 33.92 30.61
CA THR K 57 -11.31 33.95 30.96
C THR K 57 -10.49 34.08 29.66
N SER K 58 -9.73 35.16 29.55
CA SER K 58 -8.91 35.42 28.39
C SER K 58 -7.60 36.06 28.82
N THR K 59 -6.61 36.01 27.94
CA THR K 59 -5.31 36.59 28.21
C THR K 59 -5.25 38.01 27.68
N PRO K 60 -4.11 38.71 27.86
CA PRO K 60 -4.03 40.09 27.36
C PRO K 60 -2.68 40.40 26.75
N GLU K 61 -1.77 40.96 27.55
CA GLU K 61 -0.43 41.31 27.10
C GLU K 61 0.54 40.17 27.38
N THR K 62 1.66 40.17 26.66
CA THR K 62 2.67 39.15 26.81
C THR K 62 3.57 39.47 28.00
N ALA K 63 3.88 38.44 28.79
CA ALA K 63 4.72 38.56 29.97
C ALA K 63 5.87 37.56 29.85
N GLU K 64 7.06 38.06 29.53
CA GLU K 64 8.26 37.23 29.37
C GLU K 64 8.04 36.14 28.32
N LYS K 65 7.76 36.58 27.10
CA LYS K 65 7.52 35.69 25.95
C LYS K 65 6.31 34.81 26.29
N THR K 66 6.33 33.54 25.91
CA THR K 66 5.21 32.65 26.21
C THR K 66 5.71 31.22 26.43
N LEU K 67 4.84 30.24 26.20
CA LEU K 67 5.20 28.84 26.39
C LEU K 67 4.35 27.98 25.46
N ILE K 68 5.01 27.14 24.67
CA ILE K 68 4.33 26.26 23.72
C ILE K 68 4.62 24.82 24.11
N ILE K 69 3.63 23.95 23.87
CA ILE K 69 3.74 22.53 24.17
C ILE K 69 3.21 21.76 22.97
N ALA K 70 4.08 21.03 22.29
CA ALA K 70 3.73 20.25 21.11
C ALA K 70 3.57 18.79 21.53
N VAL K 71 2.33 18.32 21.62
CA VAL K 71 2.04 16.95 22.01
C VAL K 71 2.00 16.09 20.75
N SER K 72 2.80 15.03 20.73
CA SER K 72 2.86 14.13 19.58
C SER K 72 3.20 12.72 20.02
N SER K 73 3.91 11.98 19.17
CA SER K 73 4.32 10.61 19.44
C SER K 73 5.82 10.48 19.19
N ASP K 74 6.34 9.27 19.43
CA ASP K 74 7.75 8.99 19.24
C ASP K 74 8.02 8.03 18.09
N LYS K 75 7.00 7.37 17.57
CA LYS K 75 7.15 6.43 16.47
C LYS K 75 6.61 7.03 15.17
N GLY K 76 6.98 6.41 14.06
CA GLY K 76 6.55 6.88 12.76
C GLY K 76 5.54 5.97 12.10
N LEU K 77 5.58 5.88 10.76
CA LEU K 77 4.68 5.04 9.99
C LEU K 77 3.21 5.39 10.27
N CYS K 78 2.93 6.70 10.27
CA CYS K 78 1.58 7.20 10.52
C CYS K 78 1.16 8.24 9.50
N GLY K 79 1.83 8.29 8.34
CA GLY K 79 1.49 9.26 7.32
C GLY K 79 1.97 10.66 7.64
N SER K 80 1.10 11.65 7.49
CA SER K 80 1.45 13.04 7.75
C SER K 80 1.10 13.44 9.19
N ILE K 81 1.54 12.64 10.15
CA ILE K 81 1.27 12.92 11.55
C ILE K 81 2.29 13.92 12.10
N HIS K 82 3.58 13.66 11.88
CA HIS K 82 4.62 14.55 12.37
C HIS K 82 4.75 15.80 11.50
N SER K 83 4.36 15.71 10.23
CA SER K 83 4.46 16.86 9.34
C SER K 83 3.38 17.90 9.62
N GLN K 84 2.17 17.45 9.99
CA GLN K 84 1.09 18.38 10.27
C GLN K 84 1.26 19.08 11.61
N ILE K 85 1.88 18.41 12.59
CA ILE K 85 2.09 19.02 13.89
C ILE K 85 3.23 20.03 13.84
N ALA K 86 4.24 19.78 13.01
CA ALA K 86 5.37 20.70 12.91
C ALA K 86 5.02 21.93 12.07
N LYS K 87 4.11 21.79 11.11
CA LYS K 87 3.74 22.92 10.26
C LYS K 87 2.81 23.89 10.99
N ALA K 88 2.01 23.39 11.92
CA ALA K 88 1.10 24.26 12.66
C ALA K 88 1.83 25.09 13.72
N THR K 89 2.85 24.52 14.36
CA THR K 89 3.59 25.25 15.38
C THR K 89 4.57 26.25 14.78
N ARG K 90 5.03 26.01 13.55
CA ARG K 90 5.96 26.93 12.90
C ARG K 90 5.26 28.18 12.38
N ALA K 91 3.96 28.08 12.05
CA ALA K 91 3.24 29.23 11.54
C ALA K 91 2.89 30.21 12.66
N LYS K 92 2.58 29.70 13.85
CA LYS K 92 2.24 30.56 14.98
C LYS K 92 3.46 31.13 15.67
N LEU K 93 4.66 30.61 15.40
CA LEU K 93 5.88 31.10 16.01
C LEU K 93 6.54 32.22 15.22
N GLN K 94 5.91 32.68 14.14
CA GLN K 94 6.50 33.76 13.34
C GLN K 94 6.36 35.11 14.03
N GLU K 95 5.24 35.35 14.70
CA GLU K 95 5.02 36.60 15.41
C GLU K 95 5.66 36.63 16.80
N THR K 96 6.10 35.49 17.31
CA THR K 96 6.72 35.42 18.62
C THR K 96 7.74 34.29 18.63
N PRO K 97 8.93 34.53 18.05
CA PRO K 97 9.95 33.48 18.02
C PRO K 97 10.75 33.35 19.30
N ASN K 98 10.53 34.23 20.28
CA ASN K 98 11.26 34.19 21.55
C ASN K 98 10.59 33.27 22.57
N ALA K 99 9.50 32.60 22.21
CA ALA K 99 8.82 31.72 23.14
C ALA K 99 9.50 30.35 23.18
N ASP K 100 9.31 29.65 24.29
CA ASP K 100 9.90 28.33 24.48
C ASP K 100 8.97 27.26 23.91
N VAL K 101 9.58 26.13 23.55
CA VAL K 101 8.87 24.99 22.98
C VAL K 101 9.14 23.77 23.85
N VAL K 102 8.09 23.02 24.16
CA VAL K 102 8.19 21.81 24.98
C VAL K 102 7.65 20.66 24.14
N THR K 103 8.56 19.91 23.52
CA THR K 103 8.15 18.78 22.68
C THR K 103 7.88 17.55 23.54
N ILE K 104 6.77 16.87 23.24
CA ILE K 104 6.38 15.67 23.98
C ILE K 104 6.41 14.47 23.04
N GLY K 105 7.54 14.28 22.37
CA GLY K 105 7.69 13.16 21.44
C GLY K 105 8.96 13.25 20.62
N ASP K 106 9.44 12.10 20.13
CA ASP K 106 10.64 12.08 19.33
C ASP K 106 10.38 12.55 17.90
N LYS K 107 9.14 12.42 17.41
CA LYS K 107 8.83 12.85 16.05
C LYS K 107 8.68 14.36 15.95
N ILE K 108 8.17 15.00 17.00
CA ILE K 108 7.99 16.46 16.96
C ILE K 108 9.29 17.17 17.29
N LYS K 109 10.18 16.54 18.06
CA LYS K 109 11.45 17.16 18.42
C LYS K 109 12.47 17.10 17.29
N ALA K 110 12.33 16.14 16.37
CA ALA K 110 13.27 16.05 15.26
C ALA K 110 13.00 17.09 14.18
N GLN K 111 11.71 17.39 13.94
CA GLN K 111 11.37 18.37 12.92
C GLN K 111 11.53 19.81 13.42
N MET K 112 11.34 20.03 14.73
CA MET K 112 11.48 21.37 15.28
C MET K 112 12.94 21.77 15.47
N LEU K 113 13.86 20.82 15.55
CA LEU K 113 15.27 21.13 15.73
C LEU K 113 15.94 21.63 14.46
N ARG K 114 15.37 21.32 13.29
CA ARG K 114 15.94 21.76 12.02
C ARG K 114 15.57 23.18 11.65
N THR K 115 14.57 23.76 12.33
CA THR K 115 14.13 25.13 12.06
C THR K 115 14.35 26.07 13.23
N HIS K 116 14.05 25.63 14.47
CA HIS K 116 14.22 26.45 15.67
C HIS K 116 14.77 25.55 16.78
N SER K 117 16.09 25.36 16.76
CA SER K 117 16.73 24.51 17.77
C SER K 117 16.90 25.24 19.10
N SER K 118 17.02 26.56 19.07
CA SER K 118 17.19 27.33 20.30
C SER K 118 15.87 27.54 21.04
N ASN K 119 14.73 27.38 20.37
CA ASN K 119 13.45 27.56 21.01
C ASN K 119 12.98 26.34 21.80
N VAL K 120 13.64 25.19 21.63
CA VAL K 120 13.26 23.98 22.36
C VAL K 120 13.86 24.05 23.76
N VAL K 121 12.98 24.08 24.76
CA VAL K 121 13.41 24.14 26.15
C VAL K 121 13.15 22.86 26.92
N LEU K 122 12.22 22.02 26.46
CA LEU K 122 11.89 20.77 27.13
C LEU K 122 11.67 19.69 26.08
N SER K 123 12.07 18.46 26.41
CA SER K 123 11.91 17.33 25.51
C SER K 123 11.49 16.11 26.33
N PHE K 124 10.38 15.49 25.92
CA PHE K 124 9.83 14.32 26.58
C PHE K 124 9.74 13.18 25.59
N ASN K 125 10.31 12.03 25.96
CA ASN K 125 10.30 10.84 25.12
C ASN K 125 9.61 9.69 25.85
N GLY K 126 8.97 8.82 25.06
CA GLY K 126 8.27 7.68 25.63
C GLY K 126 6.88 8.01 26.10
N VAL K 127 5.98 8.32 25.16
CA VAL K 127 4.60 8.66 25.49
C VAL K 127 3.69 8.20 24.36
N GLY K 128 4.28 7.84 23.23
CA GLY K 128 3.54 7.39 22.07
C GLY K 128 3.40 5.89 21.93
N LYS K 129 3.83 5.12 22.93
CA LYS K 129 3.73 3.65 22.87
C LYS K 129 2.36 3.20 23.36
N GLU K 130 2.13 3.30 24.68
CA GLU K 130 0.87 2.90 25.26
C GLU K 130 -0.14 4.05 25.21
N ALA K 131 -1.31 3.83 25.80
CA ALA K 131 -2.34 4.84 25.81
C ALA K 131 -2.11 5.84 26.93
N PRO K 132 -2.60 7.07 26.78
CA PRO K 132 -2.40 8.08 27.82
C PRO K 132 -3.37 7.90 28.97
N THR K 133 -2.92 8.33 30.14
CA THR K 133 -3.72 8.24 31.36
C THR K 133 -3.53 9.54 32.16
N PHE K 134 -4.05 9.55 33.38
CA PHE K 134 -3.94 10.73 34.23
C PHE K 134 -2.58 10.85 34.90
N TRP K 135 -1.82 9.76 34.98
CA TRP K 135 -0.50 9.81 35.60
C TRP K 135 0.54 10.45 34.70
N GLU K 136 0.39 10.30 33.37
CA GLU K 136 1.35 10.89 32.45
C GLU K 136 1.12 12.39 32.26
N ALA K 137 -0.13 12.83 32.35
CA ALA K 137 -0.43 14.25 32.18
C ALA K 137 -0.12 15.05 33.44
N SER K 138 -0.28 14.45 34.62
CA SER K 138 0.00 15.15 35.88
C SER K 138 1.48 15.24 36.18
N LEU K 139 2.30 14.34 35.65
CA LEU K 139 3.73 14.37 35.91
C LEU K 139 4.45 15.37 35.01
N ILE K 140 3.95 15.59 33.79
CA ILE K 140 4.59 16.53 32.88
C ILE K 140 4.22 17.97 33.20
N ALA K 141 3.07 18.21 33.84
CA ALA K 141 2.67 19.57 34.16
C ALA K 141 3.40 20.12 35.38
N ASP K 142 3.71 19.26 36.35
CA ASP K 142 4.42 19.71 37.55
C ASP K 142 5.90 19.93 37.31
N GLU K 143 6.47 19.34 36.27
CA GLU K 143 7.89 19.50 35.97
C GLU K 143 8.08 20.14 34.60
N ILE K 144 7.36 21.23 34.33
CA ILE K 144 7.44 21.93 33.07
C ILE K 144 8.40 23.12 33.16
N ARG K 145 9.21 23.19 34.21
CA ARG K 145 10.19 24.27 34.42
C ARG K 145 9.48 25.63 34.45
N LYS K 146 8.80 25.86 35.57
CA LYS K 146 8.07 27.10 35.81
C LYS K 146 7.05 27.37 34.70
N LEU K 147 5.93 26.65 34.72
CA LEU K 147 4.89 26.82 33.71
C LEU K 147 3.88 27.91 34.07
N GLY K 148 3.90 28.40 35.31
CA GLY K 148 2.99 29.43 35.75
C GLY K 148 3.50 30.85 35.62
N ASP K 149 4.70 31.04 35.06
CA ASP K 149 5.28 32.36 34.88
C ASP K 149 5.16 32.86 33.45
N TYR K 150 4.17 32.38 32.71
CA TYR K 150 3.94 32.79 31.33
C TYR K 150 2.52 33.34 31.19
N ASP K 151 2.37 34.26 30.23
CA ASP K 151 1.07 34.88 29.98
C ASP K 151 0.18 33.96 29.17
N LYS K 152 0.71 33.38 28.09
CA LYS K 152 -0.04 32.48 27.23
C LYS K 152 0.62 31.11 27.23
N ILE K 153 -0.20 30.07 27.26
CA ILE K 153 0.25 28.68 27.26
C ILE K 153 -0.60 27.90 26.28
N GLU K 154 -0.04 27.58 25.12
CA GLU K 154 -0.74 26.85 24.08
C GLU K 154 -0.35 25.38 24.12
N VAL K 155 -1.26 24.53 23.65
CA VAL K 155 -1.05 23.08 23.61
C VAL K 155 -1.32 22.64 22.18
N MET K 156 -0.25 22.48 21.39
CA MET K 156 -0.38 22.06 20.00
C MET K 156 -0.54 20.55 19.94
N TYR K 157 -1.62 20.09 19.31
CA TYR K 157 -1.89 18.66 19.18
C TYR K 157 -2.66 18.44 17.89
N ASN K 158 -3.13 17.21 17.68
CA ASN K 158 -3.90 16.83 16.50
C ASN K 158 -5.29 16.41 16.93
N LYS K 159 -6.30 17.09 16.43
CA LYS K 159 -7.69 16.80 16.74
C LYS K 159 -8.30 15.97 15.63
N PHE K 160 -8.89 14.84 15.99
CA PHE K 160 -9.53 13.94 15.02
C PHE K 160 -10.95 14.43 14.79
N VAL K 161 -11.16 15.13 13.68
CA VAL K 161 -12.49 15.64 13.36
C VAL K 161 -13.40 14.57 12.77
N SER K 162 -12.82 13.51 12.19
CA SER K 162 -13.60 12.43 11.60
C SER K 162 -12.92 11.12 11.93
N GLY K 163 -13.38 10.04 11.30
CA GLY K 163 -12.81 8.72 11.53
C GLY K 163 -11.91 8.27 10.42
N VAL K 164 -11.31 9.22 9.69
CA VAL K 164 -10.40 8.90 8.60
C VAL K 164 -9.31 9.96 8.52
N ALA K 165 -9.71 11.23 8.61
CA ALA K 165 -8.79 12.35 8.56
C ALA K 165 -8.75 13.07 9.90
N PHE K 166 -7.83 14.02 10.00
CA PHE K 166 -7.66 14.81 11.21
C PHE K 166 -7.15 16.19 10.84
N GLU K 167 -6.99 17.04 11.85
CA GLU K 167 -6.51 18.40 11.65
C GLU K 167 -5.76 18.84 12.89
N PRO K 168 -4.77 19.72 12.76
CA PRO K 168 -4.02 20.17 13.93
C PRO K 168 -4.67 21.36 14.62
N SER K 169 -5.26 21.14 15.79
CA SER K 169 -5.92 22.19 16.55
C SER K 169 -4.99 22.69 17.66
N VAL K 170 -5.49 23.64 18.44
CA VAL K 170 -4.73 24.22 19.53
C VAL K 170 -5.71 24.64 20.63
N PHE K 171 -5.26 24.55 21.87
CA PHE K 171 -6.06 24.90 23.03
C PHE K 171 -5.23 25.76 23.98
N PRO K 172 -5.71 26.93 24.38
CA PRO K 172 -4.94 27.78 25.29
C PRO K 172 -5.18 27.43 26.75
N SER K 173 -4.18 27.75 27.57
CA SER K 173 -4.22 27.50 29.00
C SER K 173 -3.90 28.79 29.74
N PHE K 174 -4.79 29.19 30.64
CA PHE K 174 -4.60 30.40 31.41
C PHE K 174 -3.68 30.15 32.59
N SER K 175 -3.03 31.21 33.06
CA SER K 175 -2.11 31.13 34.19
C SER K 175 -2.83 31.50 35.48
N PRO K 176 -2.11 31.67 36.58
CA PRO K 176 -2.77 32.03 37.84
C PRO K 176 -3.18 33.49 37.89
N ILE K 177 -2.47 34.34 37.13
CA ILE K 177 -2.79 35.76 37.10
C ILE K 177 -3.96 36.06 36.18
N SER K 178 -4.30 35.16 35.26
CA SER K 178 -5.41 35.37 34.34
C SER K 178 -6.70 34.68 34.77
N ILE K 179 -6.63 33.75 35.72
CA ILE K 179 -7.83 33.06 36.16
C ILE K 179 -8.63 33.93 37.14
N GLU K 180 -7.92 34.70 37.97
CA GLU K 180 -8.58 35.57 38.94
C GLU K 180 -8.95 36.93 38.36
N GLU K 181 -8.48 37.27 37.16
CA GLU K 181 -8.79 38.54 36.52
C GLU K 181 -9.82 38.39 35.41
N SER K 182 -10.79 37.49 35.59
CA SER K 182 -11.83 37.27 34.59
C SER K 182 -12.96 38.26 34.82
N PRO K 183 -14.00 38.23 33.98
CA PRO K 183 -15.12 39.16 34.15
C PRO K 183 -16.09 38.70 35.21
N LYS K 184 -16.58 37.47 35.09
CA LYS K 184 -17.53 36.91 36.04
C LYS K 184 -16.87 35.86 36.92
N LEU K 185 -15.67 36.16 37.42
CA LEU K 185 -14.96 35.21 38.28
C LEU K 185 -15.46 35.22 39.71
N SER K 186 -16.14 36.28 40.13
CA SER K 186 -16.65 36.39 41.49
C SER K 186 -18.11 35.93 41.61
N GLU K 187 -18.65 35.29 40.57
CA GLU K 187 -20.03 34.83 40.61
C GLU K 187 -20.20 33.56 41.44
N PHE K 188 -19.15 32.78 41.61
CA PHE K 188 -19.20 31.54 42.39
C PHE K 188 -18.66 31.78 43.79
N GLU K 189 -19.12 30.95 44.73
CA GLU K 189 -18.69 31.04 46.13
C GLU K 189 -17.31 30.40 46.25
N LEU K 190 -16.28 31.22 46.07
CA LEU K 190 -14.89 30.77 46.15
C LEU K 190 -14.25 31.31 47.42
N GLU K 191 -13.51 30.45 48.10
CA GLU K 191 -12.84 30.84 49.34
C GLU K 191 -11.57 31.63 49.02
N GLU K 192 -11.46 32.83 49.61
CA GLU K 192 -10.30 33.68 49.37
C GLU K 192 -9.13 33.35 50.28
N ASP K 193 -9.34 32.54 51.33
CA ASP K 193 -8.25 32.18 52.22
C ASP K 193 -7.36 31.11 51.62
N GLN K 194 -7.96 30.02 51.15
CA GLN K 194 -7.20 28.93 50.55
C GLN K 194 -6.86 29.25 49.10
N ALA K 195 -6.06 28.38 48.49
CA ALA K 195 -5.64 28.54 47.10
C ALA K 195 -6.80 28.18 46.19
N ILE K 196 -7.39 29.19 45.54
CA ILE K 196 -8.52 28.97 44.63
C ILE K 196 -8.12 29.43 43.24
N PRO K 197 -7.36 30.54 43.11
CA PRO K 197 -6.96 31.00 41.78
C PRO K 197 -5.77 30.23 41.22
N THR K 198 -4.80 29.93 42.10
CA THR K 198 -3.63 29.19 41.65
C THR K 198 -3.92 27.70 41.50
N SER K 199 -4.91 27.19 42.25
CA SER K 199 -5.25 25.77 42.16
C SER K 199 -6.07 25.47 40.91
N LEU K 200 -7.02 26.35 40.59
CA LEU K 200 -7.85 26.13 39.40
C LEU K 200 -7.07 26.36 38.11
N SER K 201 -6.03 27.20 38.15
CA SER K 201 -5.23 27.45 36.96
C SER K 201 -4.27 26.30 36.68
N GLN K 202 -3.68 25.72 37.72
CA GLN K 202 -2.76 24.61 37.51
C GLN K 202 -3.50 23.32 37.17
N ILE K 203 -4.75 23.18 37.62
CA ILE K 203 -5.53 21.99 37.31
C ILE K 203 -5.98 21.96 35.85
N SER K 204 -6.10 23.11 35.21
CA SER K 204 -6.51 23.15 33.81
C SER K 204 -5.41 22.71 32.87
N LEU K 205 -4.15 22.81 33.29
CA LEU K 205 -3.05 22.38 32.44
C LEU K 205 -2.97 20.86 32.35
N THR K 206 -3.21 20.18 33.47
CA THR K 206 -3.18 18.72 33.46
C THR K 206 -4.41 18.14 32.80
N ASN K 207 -5.55 18.83 32.89
CA ASN K 207 -6.77 18.34 32.26
C ASN K 207 -6.71 18.51 30.75
N ALA K 208 -6.13 19.60 30.27
CA ALA K 208 -6.00 19.81 28.83
C ALA K 208 -4.91 18.94 28.22
N ILE K 209 -3.92 18.53 29.01
CA ILE K 209 -2.87 17.66 28.48
C ILE K 209 -3.39 16.25 28.29
N LEU K 210 -4.31 15.81 29.14
CA LEU K 210 -4.89 14.49 29.00
C LEU K 210 -5.87 14.42 27.83
N ASN K 211 -6.60 15.51 27.58
CA ASN K 211 -7.52 15.53 26.45
C ASN K 211 -6.78 15.64 25.12
N ALA K 212 -5.66 16.37 25.09
CA ALA K 212 -4.89 16.48 23.86
C ALA K 212 -4.13 15.20 23.56
N MET K 213 -3.67 14.48 24.58
CA MET K 213 -2.97 13.22 24.35
C MET K 213 -3.93 12.13 23.93
N ALA K 214 -5.17 12.14 24.44
CA ALA K 214 -6.15 11.14 24.04
C ALA K 214 -6.65 11.40 22.62
N GLU K 215 -6.85 12.66 22.26
CA GLU K 215 -7.27 13.00 20.91
C GLU K 215 -6.13 12.83 19.91
N GLY K 216 -4.89 13.09 20.33
CA GLY K 216 -3.76 12.91 19.44
C GLY K 216 -3.44 11.45 19.17
N TYR K 217 -3.65 10.59 20.16
CA TYR K 217 -3.40 9.17 19.96
C TYR K 217 -4.47 8.54 19.07
N ALA K 218 -5.70 9.01 19.16
CA ALA K 218 -6.76 8.49 18.30
C ALA K 218 -6.59 8.96 16.86
N SER K 219 -6.10 10.20 16.68
CA SER K 219 -5.85 10.70 15.33
C SER K 219 -4.64 10.04 14.70
N GLU K 220 -3.62 9.72 15.49
CA GLU K 220 -2.45 9.03 14.96
C GLU K 220 -2.75 7.58 14.63
N ILE K 221 -3.62 6.94 15.40
CA ILE K 221 -3.99 5.56 15.11
C ILE K 221 -4.89 5.49 13.89
N SER K 222 -5.74 6.50 13.69
CA SER K 222 -6.60 6.52 12.51
C SER K 222 -5.79 6.84 11.26
N ALA K 223 -4.77 7.70 11.38
CA ALA K 223 -3.93 8.00 10.23
C ALA K 223 -3.00 6.83 9.90
N ARG K 224 -2.63 6.04 10.90
CA ARG K 224 -1.77 4.87 10.64
C ARG K 224 -2.54 3.78 9.92
N ARG K 225 -3.85 3.68 10.14
CA ARG K 225 -4.65 2.67 9.44
C ARG K 225 -4.80 3.02 7.96
N ASN K 226 -4.92 4.31 7.63
CA ASN K 226 -5.02 4.72 6.24
C ASN K 226 -3.68 4.55 5.51
N ALA K 227 -2.56 4.78 6.22
CA ALA K 227 -1.26 4.60 5.61
C ALA K 227 -0.93 3.12 5.41
N MET K 228 -1.39 2.25 6.33
CA MET K 228 -1.17 0.82 6.18
C MET K 228 -2.03 0.25 5.06
N ASP K 229 -3.24 0.77 4.87
CA ASP K 229 -4.08 0.30 3.78
C ASP K 229 -3.55 0.76 2.43
N ASN K 230 -2.96 1.96 2.38
CA ASN K 230 -2.37 2.45 1.14
C ASN K 230 -1.09 1.70 0.80
N ALA K 231 -0.32 1.31 1.81
CA ALA K 231 0.91 0.55 1.56
C ALA K 231 0.59 -0.88 1.12
N SER K 232 -0.47 -1.47 1.66
CA SER K 232 -0.85 -2.82 1.24
C SER K 232 -1.45 -2.81 -0.15
N LYS K 233 -2.18 -1.74 -0.51
CA LYS K 233 -2.74 -1.64 -1.85
C LYS K 233 -1.66 -1.35 -2.89
N ASN K 234 -0.64 -0.58 -2.52
CA ASN K 234 0.45 -0.30 -3.45
C ASN K 234 1.35 -1.52 -3.63
N ALA K 235 1.44 -2.38 -2.61
CA ALA K 235 2.24 -3.59 -2.73
C ALA K 235 1.57 -4.61 -3.65
N GLY K 236 0.23 -4.62 -3.69
CA GLY K 236 -0.47 -5.54 -4.58
C GLY K 236 -0.32 -5.17 -6.04
N GLU K 237 -0.26 -3.87 -6.34
CA GLU K 237 -0.07 -3.44 -7.73
C GLU K 237 1.35 -3.73 -8.20
N MET K 238 2.33 -3.60 -7.30
CA MET K 238 3.71 -3.90 -7.67
C MET K 238 3.94 -5.40 -7.80
N ILE K 239 3.22 -6.21 -7.03
CA ILE K 239 3.35 -7.66 -7.14
C ILE K 239 2.70 -8.16 -8.42
N ASN K 240 1.64 -7.49 -8.88
CA ASN K 240 1.00 -7.90 -10.13
C ASN K 240 1.87 -7.54 -11.33
N LYS K 241 2.55 -6.40 -11.28
CA LYS K 241 3.44 -6.02 -12.36
C LYS K 241 4.70 -6.87 -12.37
N TYR K 242 5.18 -7.28 -11.21
CA TYR K 242 6.36 -8.15 -11.16
C TYR K 242 6.04 -9.57 -11.58
N SER K 243 4.79 -10.01 -11.40
CA SER K 243 4.40 -11.35 -11.83
C SER K 243 4.31 -11.44 -13.34
N ILE K 244 3.94 -10.35 -14.01
CA ILE K 244 3.89 -10.37 -15.47
C ILE K 244 5.29 -10.37 -16.05
N LEU K 245 6.23 -9.68 -15.40
CA LEU K 245 7.61 -9.69 -15.88
C LEU K 245 8.31 -11.01 -15.58
N TYR K 246 7.96 -11.65 -14.46
CA TYR K 246 8.55 -12.94 -14.14
C TYR K 246 8.01 -14.05 -15.04
N ASN K 247 6.76 -13.93 -15.48
CA ASN K 247 6.19 -14.94 -16.37
C ASN K 247 6.80 -14.85 -17.77
N ARG K 248 7.08 -13.63 -18.23
CA ARG K 248 7.70 -13.47 -19.54
C ARG K 248 9.19 -13.85 -19.51
N THR K 249 9.85 -13.64 -18.38
CA THR K 249 11.26 -14.02 -18.26
C THR K 249 11.42 -15.53 -18.13
N ARG K 250 10.42 -16.21 -17.54
CA ARG K 250 10.51 -17.67 -17.41
C ARG K 250 10.31 -18.35 -18.76
N GLN K 251 9.43 -17.81 -19.60
CA GLN K 251 9.23 -18.39 -20.92
C GLN K 251 10.40 -18.09 -21.86
N ALA K 252 11.04 -16.93 -21.69
CA ALA K 252 12.19 -16.60 -22.52
C ALA K 252 13.43 -17.38 -22.12
N VAL K 253 13.53 -17.77 -20.85
CA VAL K 253 14.67 -18.55 -20.40
C VAL K 253 14.58 -19.99 -20.91
N ILE K 254 13.37 -20.52 -21.05
CA ILE K 254 13.21 -21.87 -21.55
C ILE K 254 13.47 -21.92 -23.06
N THR K 255 13.11 -20.84 -23.78
CA THR K 255 13.34 -20.80 -25.21
C THR K 255 14.81 -20.55 -25.54
N ASN K 256 15.51 -19.76 -24.72
CA ASN K 256 16.92 -19.50 -24.97
C ASN K 256 17.79 -20.70 -24.63
N GLU K 257 17.43 -21.47 -23.59
CA GLU K 257 18.20 -22.64 -23.23
C GLU K 257 17.99 -23.79 -24.21
N LEU K 258 16.78 -23.89 -24.77
CA LEU K 258 16.51 -24.96 -25.74
C LEU K 258 17.12 -24.64 -27.10
N VAL K 259 17.30 -23.35 -27.41
CA VAL K 259 17.89 -22.99 -28.69
C VAL K 259 19.40 -23.23 -28.68
N ASP K 260 20.03 -23.17 -27.51
CA ASP K 260 21.47 -23.42 -27.43
C ASP K 260 21.79 -24.90 -27.57
N ILE K 261 20.92 -25.78 -27.07
CA ILE K 261 21.17 -27.21 -27.20
C ILE K 261 20.81 -27.71 -28.60
N ILE K 262 19.86 -27.04 -29.28
CA ILE K 262 19.48 -27.46 -30.61
C ILE K 262 20.50 -26.99 -31.65
N THR K 263 21.19 -25.88 -31.37
CA THR K 263 22.19 -25.38 -32.31
C THR K 263 23.48 -26.19 -32.25
N GLY K 264 23.84 -26.67 -31.06
CA GLY K 264 25.06 -27.46 -30.91
C GLY K 264 24.89 -28.89 -31.38
N ALA K 265 23.68 -29.43 -31.35
CA ALA K 265 23.44 -30.80 -31.78
C ALA K 265 23.25 -30.91 -33.29
N SER K 266 22.94 -29.81 -33.97
CA SER K 266 22.75 -29.80 -35.41
C SER K 266 24.01 -29.42 -36.18
N SER K 267 25.11 -29.14 -35.49
CA SER K 267 26.36 -28.75 -36.14
C SER K 267 27.43 -29.81 -35.93
N LYS L 10 -31.65 16.48 38.00
CA LYS L 10 -30.74 16.95 36.96
C LYS L 10 -29.31 17.05 37.50
N VAL L 11 -28.54 15.99 37.29
CA VAL L 11 -27.15 15.92 37.74
C VAL L 11 -26.27 15.54 36.55
N SER L 12 -25.02 15.97 36.62
CA SER L 12 -24.04 15.68 35.57
C SER L 12 -22.72 15.24 36.20
N LEU L 13 -22.79 14.22 37.05
CA LEU L 13 -21.62 13.68 37.73
C LEU L 13 -20.84 12.82 36.74
N VAL L 14 -19.89 13.45 36.05
CA VAL L 14 -19.05 12.78 35.05
C VAL L 14 -17.62 12.78 35.56
N ALA L 15 -16.99 11.61 35.57
CA ALA L 15 -15.61 11.49 36.02
C ALA L 15 -14.64 11.63 34.85
N PRO L 16 -13.36 11.29 35.03
CA PRO L 16 -12.41 11.42 33.92
C PRO L 16 -12.14 10.09 33.24
N HIS L 17 -13.08 9.16 33.35
CA HIS L 17 -12.93 7.84 32.74
C HIS L 17 -14.29 7.28 32.31
N GLN L 18 -15.34 7.64 33.05
CA GLN L 18 -16.69 7.17 32.74
C GLN L 18 -17.69 8.20 33.24
N ALA L 19 -18.93 8.05 32.77
CA ALA L 19 -20.02 8.94 33.14
C ALA L 19 -21.01 8.19 34.02
N ILE L 20 -21.40 8.79 35.13
CA ILE L 20 -22.34 8.19 36.07
C ILE L 20 -23.73 8.73 35.80
N PHE L 21 -23.93 10.02 36.07
CA PHE L 21 -25.24 10.64 35.85
C PHE L 21 -25.49 10.91 34.38
N THR L 22 -24.51 11.53 33.70
CA THR L 22 -24.60 11.85 32.28
C THR L 22 -25.85 12.68 31.97
N ASN L 23 -26.96 12.00 31.70
CA ASN L 23 -28.20 12.69 31.40
C ASN L 23 -28.82 13.25 32.67
N LYS L 24 -29.73 14.22 32.48
CA LYS L 24 -30.42 14.86 33.59
C LYS L 24 -31.61 14.00 33.99
N GLU L 25 -31.39 13.13 34.97
CA GLU L 25 -32.43 12.24 35.47
C GLU L 25 -32.16 11.93 36.95
N VAL L 26 -32.11 12.98 37.76
CA VAL L 26 -31.86 12.86 39.20
C VAL L 26 -32.62 13.98 39.91
N SER L 27 -32.60 13.94 41.24
CA SER L 27 -33.28 14.94 42.04
C SER L 27 -32.36 15.47 43.15
N GLN L 28 -32.02 14.62 44.10
CA GLN L 28 -31.16 14.99 45.21
C GLN L 28 -29.76 14.39 45.02
N VAL L 29 -28.77 15.09 45.55
CA VAL L 29 -27.38 14.63 45.45
C VAL L 29 -26.61 15.10 46.68
N ASN L 30 -26.47 14.23 47.67
CA ASN L 30 -25.76 14.56 48.91
C ASN L 30 -24.29 14.19 48.73
N LEU L 31 -23.57 15.08 48.01
CA LEU L 31 -22.16 14.86 47.76
C LEU L 31 -21.31 15.69 48.71
N PRO L 32 -20.20 15.14 49.20
CA PRO L 32 -19.33 15.89 50.14
C PRO L 32 -18.48 16.90 49.37
N ALA L 33 -18.66 18.17 49.70
CA ALA L 33 -17.92 19.25 49.06
C ALA L 33 -16.68 19.57 49.89
N SER L 34 -16.13 20.77 49.74
CA SER L 34 -14.94 21.16 50.49
C SER L 34 -15.29 21.56 51.92
N SER L 35 -16.45 22.20 52.10
CA SER L 35 -16.86 22.63 53.44
C SER L 35 -17.41 21.46 54.24
N GLY L 36 -18.72 21.26 54.20
CA GLY L 36 -19.35 20.17 54.92
C GLY L 36 -20.12 19.22 54.03
N GLU L 37 -20.87 18.30 54.63
CA GLU L 37 -21.67 17.33 53.89
C GLU L 37 -22.95 18.01 53.40
N MET L 38 -22.81 18.71 52.27
CA MET L 38 -23.92 19.42 51.67
C MET L 38 -24.71 18.50 50.73
N GLY L 39 -25.86 19.00 50.30
CA GLY L 39 -26.71 18.23 49.41
C GLY L 39 -27.49 19.10 48.44
N VAL L 40 -27.36 18.84 47.14
CA VAL L 40 -28.06 19.61 46.13
C VAL L 40 -29.51 19.16 46.06
N LEU L 41 -30.42 20.12 46.01
CA LEU L 41 -31.85 19.85 45.96
C LEU L 41 -32.33 20.09 44.52
N ALA L 42 -33.39 20.86 44.27
CA ALA L 42 -33.87 21.10 42.92
C ALA L 42 -33.02 22.16 42.23
N ASN L 43 -33.47 23.41 42.27
CA ASN L 43 -32.75 24.53 41.65
C ASN L 43 -31.96 25.24 42.73
N HIS L 44 -30.77 24.72 43.01
CA HIS L 44 -29.90 25.29 44.02
C HIS L 44 -29.17 26.52 43.48
N VAL L 45 -28.46 27.20 44.36
CA VAL L 45 -27.71 28.39 44.00
C VAL L 45 -26.44 27.98 43.26
N PRO L 46 -25.83 28.86 42.47
CA PRO L 46 -24.61 28.48 41.75
C PRO L 46 -23.38 28.49 42.64
N THR L 47 -23.07 27.35 43.25
CA THR L 47 -21.92 27.20 44.13
C THR L 47 -20.94 26.24 43.48
N VAL L 48 -19.91 26.78 42.84
CA VAL L 48 -18.90 25.98 42.17
C VAL L 48 -17.73 25.74 43.13
N GLU L 49 -17.97 24.99 44.19
CA GLU L 49 -16.96 24.68 45.19
C GLU L 49 -16.32 23.32 44.88
N GLU L 50 -15.14 23.12 45.48
CA GLU L 50 -14.41 21.87 45.28
C GLU L 50 -15.01 20.77 46.14
N LEU L 51 -14.66 19.53 45.80
CA LEU L 51 -15.14 18.35 46.50
C LEU L 51 -13.99 17.67 47.23
N ALA L 52 -14.30 17.08 48.38
CA ALA L 52 -13.30 16.39 49.19
C ALA L 52 -13.51 14.89 49.11
N PRO L 53 -12.65 14.09 49.72
CA PRO L 53 -12.82 12.63 49.67
C PRO L 53 -13.86 12.14 50.67
N GLY L 54 -15.11 12.01 50.22
CA GLY L 54 -16.18 11.56 51.08
C GLY L 54 -17.12 10.58 50.40
N VAL L 55 -18.40 10.64 50.74
CA VAL L 55 -19.41 9.76 50.17
C VAL L 55 -20.38 10.62 49.37
N VAL L 56 -20.47 10.36 48.07
CA VAL L 56 -21.36 11.11 47.19
C VAL L 56 -22.60 10.28 46.91
N GLU L 57 -23.55 10.30 47.83
CA GLU L 57 -24.80 9.55 47.69
C GLU L 57 -25.84 10.45 47.02
N VAL L 58 -26.23 10.10 45.80
CA VAL L 58 -27.22 10.86 45.04
C VAL L 58 -28.56 10.15 45.21
N ILE L 59 -29.47 10.77 45.96
CA ILE L 59 -30.79 10.19 46.19
C ILE L 59 -31.61 10.39 44.92
N GLU L 60 -31.94 9.29 44.24
CA GLU L 60 -32.73 9.33 43.01
C GLU L 60 -34.19 9.17 43.37
N SER L 61 -34.93 10.28 43.33
CA SER L 61 -36.36 10.29 43.64
C SER L 61 -36.64 9.72 45.03
N SER L 62 -36.81 8.40 45.12
CA SER L 62 -37.09 7.75 46.39
C SER L 62 -35.80 7.43 47.14
N GLY L 63 -35.71 6.25 47.73
CA GLY L 63 -34.55 5.86 48.48
C GLY L 63 -33.56 5.04 47.66
N THR L 64 -33.42 5.37 46.38
CA THR L 64 -32.50 4.67 45.49
C THR L 64 -31.15 5.38 45.41
N ALA L 65 -30.59 5.72 46.55
CA ALA L 65 -29.31 6.40 46.60
C ALA L 65 -28.16 5.41 46.44
N SER L 66 -27.16 5.81 45.66
CA SER L 66 -25.97 4.99 45.40
C SER L 66 -24.80 5.60 46.15
N LYS L 67 -24.28 4.86 47.13
CA LYS L 67 -23.14 5.33 47.92
C LYS L 67 -21.86 5.29 47.10
N TYR L 68 -21.59 6.36 46.35
CA TYR L 68 -20.40 6.46 45.52
C TYR L 68 -19.29 7.11 46.34
N PHE L 69 -18.25 6.35 46.65
CA PHE L 69 -17.12 6.85 47.44
C PHE L 69 -16.21 7.64 46.52
N VAL L 70 -16.43 8.95 46.45
CA VAL L 70 -15.63 9.84 45.62
C VAL L 70 -14.35 10.18 46.35
N SER L 71 -13.27 10.33 45.60
CA SER L 71 -11.96 10.67 46.16
C SER L 71 -11.66 12.16 46.11
N GLY L 72 -12.62 12.99 45.72
CA GLY L 72 -12.42 14.42 45.64
C GLY L 72 -12.51 14.92 44.21
N GLY L 73 -12.81 16.22 44.09
CA GLY L 73 -12.92 16.85 42.79
C GLY L 73 -13.45 18.26 42.86
N PHE L 74 -14.47 18.55 42.07
CA PHE L 74 -15.07 19.90 42.04
C PHE L 74 -16.55 19.75 41.70
N ALA L 75 -17.41 20.14 42.63
CA ALA L 75 -18.87 20.07 42.43
C ALA L 75 -19.33 21.40 41.87
N SER L 76 -19.41 21.49 40.55
CA SER L 76 -19.84 22.70 39.87
C SER L 76 -21.36 22.71 39.75
N ILE L 77 -21.96 23.83 40.14
CA ILE L 77 -23.41 24.00 40.09
C ILE L 77 -23.70 25.15 39.13
N LEU L 78 -24.37 24.84 38.02
CA LEU L 78 -24.70 25.85 37.03
C LEU L 78 -25.94 26.61 37.46
N PRO L 79 -26.25 27.72 36.77
CA PRO L 79 -27.45 28.51 37.13
C PRO L 79 -28.74 27.94 36.60
N GLY L 80 -28.69 26.98 35.69
CA GLY L 80 -29.90 26.39 35.13
C GLY L 80 -30.27 25.06 35.76
N SER L 81 -30.08 24.95 37.07
CA SER L 81 -30.37 23.73 37.83
C SER L 81 -29.61 22.53 37.25
N LYS L 82 -28.29 22.68 37.19
CA LYS L 82 -27.40 21.65 36.68
C LYS L 82 -26.24 21.48 37.64
N LEU L 83 -26.12 20.27 38.20
CA LEU L 83 -25.06 19.95 39.16
C LEU L 83 -24.05 19.03 38.47
N SER L 84 -22.88 19.58 38.17
CA SER L 84 -21.81 18.83 37.51
C SER L 84 -20.76 18.48 38.56
N ILE L 85 -20.93 17.34 39.20
CA ILE L 85 -19.99 16.88 40.25
C ILE L 85 -18.87 16.15 39.52
N SER L 86 -17.84 16.91 39.17
CA SER L 86 -16.68 16.36 38.47
C SER L 86 -15.63 15.91 39.48
N THR L 87 -15.47 14.61 39.62
CA THR L 87 -14.50 14.03 40.55
C THR L 87 -13.49 13.20 39.76
N VAL L 88 -12.51 12.66 40.50
CA VAL L 88 -11.47 11.85 39.87
C VAL L 88 -11.88 10.38 39.82
N GLU L 89 -12.33 9.85 40.95
CA GLU L 89 -12.77 8.46 41.04
C GLU L 89 -14.16 8.39 41.65
N ALA L 90 -14.90 7.35 41.29
CA ALA L 90 -16.27 7.15 41.79
C ALA L 90 -16.52 5.64 41.86
N HIS L 91 -16.29 5.07 43.04
CA HIS L 91 -16.48 3.65 43.29
C HIS L 91 -17.56 3.43 44.33
N PRO L 92 -18.25 2.30 44.29
CA PRO L 92 -19.31 2.03 45.26
C PRO L 92 -18.74 1.60 46.61
N LEU L 93 -19.65 1.45 47.57
CA LEU L 93 -19.24 1.03 48.91
C LEU L 93 -18.93 -0.45 48.98
N ASP L 94 -19.52 -1.25 48.10
CA ASP L 94 -19.27 -2.69 48.08
C ASP L 94 -18.01 -3.07 47.33
N ALA L 95 -17.36 -2.12 46.66
CA ALA L 95 -16.14 -2.38 45.90
C ALA L 95 -14.88 -2.20 46.73
N PHE L 96 -15.01 -2.08 48.05
CA PHE L 96 -13.86 -1.90 48.94
C PHE L 96 -13.92 -2.97 50.02
N SER L 97 -12.95 -3.88 50.02
CA SER L 97 -12.92 -4.95 51.00
C SER L 97 -12.46 -4.41 52.36
N SER L 98 -13.04 -4.96 53.43
CA SER L 98 -12.69 -4.54 54.78
C SER L 98 -11.32 -5.04 55.22
N GLU L 99 -10.85 -6.14 54.64
CA GLU L 99 -9.54 -6.67 55.02
C GLU L 99 -8.40 -5.83 54.44
N ASN L 100 -8.52 -5.44 53.17
CA ASN L 100 -7.48 -4.63 52.54
C ASN L 100 -7.53 -3.17 52.97
N ILE L 101 -8.66 -2.71 53.51
CA ILE L 101 -8.76 -1.32 53.94
C ILE L 101 -7.98 -1.09 55.23
N LYS L 102 -7.90 -2.11 56.09
CA LYS L 102 -7.15 -1.97 57.35
C LYS L 102 -5.64 -2.00 57.15
N SER L 103 -5.16 -2.63 56.07
CA SER L 103 -3.73 -2.67 55.82
C SER L 103 -3.20 -1.34 55.31
N LEU L 104 -4.00 -0.60 54.54
CA LEU L 104 -3.55 0.69 54.03
C LEU L 104 -3.52 1.75 55.12
N LEU L 105 -4.42 1.68 56.10
CA LEU L 105 -4.43 2.66 57.17
C LEU L 105 -3.29 2.44 58.17
N ALA L 106 -2.87 1.19 58.35
CA ALA L 106 -1.77 0.90 59.27
C ALA L 106 -0.42 1.29 58.69
N GLU L 107 -0.24 1.15 57.38
CA GLU L 107 1.03 1.51 56.76
C GLU L 107 1.18 3.03 56.64
N ALA L 108 0.08 3.76 56.48
CA ALA L 108 0.17 5.22 56.38
C ALA L 108 0.43 5.87 57.72
N GLN L 109 -0.01 5.26 58.81
CA GLN L 109 0.22 5.83 60.14
C GLN L 109 1.66 5.65 60.60
N LYS L 110 2.29 4.52 60.25
CA LYS L 110 3.67 4.28 60.63
C LYS L 110 4.65 5.11 59.81
N ASN L 111 4.32 5.39 58.55
CA ASN L 111 5.20 6.18 57.71
C ASN L 111 5.09 7.67 57.96
N ALA L 112 4.03 8.12 58.63
CA ALA L 112 3.86 9.54 58.93
C ALA L 112 4.76 9.95 60.08
N SER L 113 5.31 11.16 59.97
CA SER L 113 6.21 11.73 60.99
C SER L 113 7.41 10.80 61.24
N SER L 114 7.97 10.27 60.15
CA SER L 114 9.13 9.38 60.24
C SER L 114 10.22 9.70 59.24
N ALA L 115 9.98 10.56 58.25
CA ALA L 115 10.99 10.89 57.26
C ALA L 115 11.04 12.40 57.03
N ASP L 116 11.19 12.81 55.78
CA ASP L 116 11.24 14.23 55.43
C ASP L 116 10.70 14.40 54.02
N GLU L 117 10.94 15.57 53.44
CA GLU L 117 10.50 15.93 52.08
C GLU L 117 8.97 15.82 52.06
N THR L 118 8.38 15.17 51.05
CA THR L 118 6.93 15.03 50.95
C THR L 118 6.44 13.67 51.44
N VAL L 119 7.27 12.94 52.19
CA VAL L 119 6.86 11.64 52.69
C VAL L 119 5.93 11.79 53.88
N ALA L 120 6.20 12.75 54.77
CA ALA L 120 5.34 12.95 55.92
C ALA L 120 4.07 13.73 55.56
N ALA L 121 4.12 14.55 54.52
CA ALA L 121 2.94 15.32 54.12
C ALA L 121 1.93 14.45 53.38
N GLU L 122 2.40 13.51 52.56
CA GLU L 122 1.51 12.63 51.82
C GLU L 122 0.87 11.58 52.72
N ALA L 123 1.57 11.14 53.75
CA ALA L 123 1.03 10.14 54.67
C ALA L 123 -0.02 10.71 55.60
N ALA L 124 0.02 12.01 55.89
CA ALA L 124 -0.97 12.61 56.78
C ALA L 124 -2.31 12.81 56.08
N ILE L 125 -2.28 13.11 54.78
CA ILE L 125 -3.53 13.31 54.05
C ILE L 125 -4.18 11.97 53.73
N GLU L 126 -3.39 10.91 53.56
CA GLU L 126 -3.94 9.59 53.27
C GLU L 126 -4.57 8.93 54.49
N ILE L 127 -4.13 9.30 55.69
CA ILE L 127 -4.70 8.70 56.90
C ILE L 127 -6.07 9.28 57.20
N GLU L 128 -6.32 10.53 56.81
CA GLU L 128 -7.62 11.14 57.07
C GLU L 128 -8.70 10.63 56.12
N VAL L 129 -8.32 10.31 54.88
CA VAL L 129 -9.31 9.81 53.92
C VAL L 129 -9.62 8.34 54.19
N LEU L 130 -8.68 7.58 54.74
CA LEU L 130 -8.93 6.18 55.02
C LEU L 130 -9.77 5.98 56.27
N GLU L 131 -9.73 6.93 57.21
CA GLU L 131 -10.53 6.80 58.43
C GLU L 131 -11.99 7.15 58.20
N ALA L 132 -12.28 8.06 57.25
CA ALA L 132 -13.65 8.44 56.98
C ALA L 132 -14.38 7.38 56.15
N LEU L 133 -13.65 6.67 55.28
CA LEU L 133 -14.29 5.65 54.46
C LEU L 133 -14.53 4.36 55.23
N GLN L 134 -13.73 4.08 56.26
CA GLN L 134 -13.92 2.87 57.06
C GLN L 134 -15.08 3.00 58.03
N ALA L 135 -15.39 4.21 58.47
CA ALA L 135 -16.49 4.43 59.40
C ALA L 135 -17.85 4.49 58.71
N ALA L 136 -17.88 4.61 57.39
CA ALA L 136 -19.12 4.67 56.63
C ALA L 136 -19.37 3.38 55.86
N VAL L 137 -18.98 2.25 56.44
CA VAL L 137 -19.16 0.95 55.81
C VAL L 137 -20.36 0.22 56.42
N SER M 1 -7.11 21.21 53.33
CA SER M 1 -5.82 20.76 53.85
C SER M 1 -4.76 21.85 53.72
N SER M 2 -3.50 21.46 53.86
CA SER M 2 -2.39 22.41 53.76
C SER M 2 -1.45 22.02 52.62
N TRP M 3 -2.01 21.69 51.46
CA TRP M 3 -1.21 21.30 50.30
C TRP M 3 -0.73 22.50 49.49
N GLN M 4 -1.25 23.70 49.74
CA GLN M 4 -0.82 24.87 48.99
C GLN M 4 0.57 25.35 49.40
N LYS M 5 1.05 24.95 50.58
CA LYS M 5 2.37 25.36 51.03
C LYS M 5 3.49 24.65 50.30
N ALA M 6 3.23 23.47 49.75
CA ALA M 6 4.23 22.69 49.03
C ALA M 6 4.11 22.97 47.53
N GLY M 7 4.67 22.09 46.71
CA GLY M 7 4.62 22.25 45.28
C GLY M 7 3.54 21.42 44.62
N ILE M 8 2.41 21.26 45.31
CA ILE M 8 1.28 20.49 44.81
C ILE M 8 0.06 21.40 44.78
N SER M 9 -0.67 21.37 43.66
CA SER M 9 -1.86 22.16 43.46
C SER M 9 -3.07 21.24 43.38
N PHE M 10 -4.13 21.67 42.67
CA PHE M 10 -5.32 20.85 42.54
C PHE M 10 -5.10 19.65 41.62
N ASN M 11 -4.18 19.76 40.66
CA ASN M 11 -3.91 18.66 39.75
C ASN M 11 -3.11 17.54 40.44
N LYS M 12 -2.16 17.91 41.28
CA LYS M 12 -1.36 16.91 41.99
C LYS M 12 -2.11 16.30 43.15
N TYR M 13 -3.01 17.05 43.78
CA TYR M 13 -3.78 16.51 44.90
C TYR M 13 -4.86 15.53 44.44
N LEU M 14 -5.43 15.75 43.25
CA LEU M 14 -6.45 14.85 42.74
C LEU M 14 -5.86 13.52 42.27
N ALA M 15 -4.65 13.54 41.72
CA ALA M 15 -4.02 12.31 41.27
C ALA M 15 -3.52 11.45 42.42
N ILE M 16 -3.07 12.08 43.51
CA ILE M 16 -2.59 11.32 44.65
C ILE M 16 -3.76 10.73 45.45
N ALA M 17 -4.90 11.42 45.48
CA ALA M 17 -6.06 10.91 46.21
C ALA M 17 -6.76 9.79 45.45
N ALA M 18 -6.75 9.84 44.12
CA ALA M 18 -7.40 8.80 43.32
C ALA M 18 -6.59 7.51 43.31
N ARG M 19 -5.26 7.61 43.32
CA ARG M 19 -4.43 6.42 43.31
C ARG M 19 -4.41 5.74 44.67
N THR M 20 -4.48 6.50 45.76
CA THR M 20 -4.49 5.92 47.09
C THR M 20 -5.82 5.27 47.43
N VAL M 21 -6.92 5.76 46.85
CA VAL M 21 -8.23 5.18 47.13
C VAL M 21 -8.40 3.85 46.40
N GLN M 22 -7.74 3.68 45.26
CA GLN M 22 -7.86 2.44 44.51
C GLN M 22 -7.08 1.29 45.16
N ARG M 23 -5.92 1.60 45.75
CA ARG M 23 -5.13 0.57 46.40
C ARG M 23 -5.69 0.17 47.77
N SER M 24 -6.47 1.04 48.40
CA SER M 24 -7.06 0.75 49.71
C SER M 24 -8.39 0.01 49.61
N LEU M 25 -8.94 -0.15 48.40
CA LEU M 25 -10.21 -0.85 48.24
C LEU M 25 -9.99 -2.35 48.06
N LYS M 26 -10.82 -2.98 47.23
CA LYS M 26 -10.68 -4.42 46.99
C LYS M 26 -9.51 -4.68 46.06
N ASN M 27 -8.74 -5.72 46.39
CA ASN M 27 -7.58 -6.08 45.56
C ASN M 27 -8.00 -6.78 44.27
N ASP M 28 -9.15 -7.44 44.26
CA ASP M 28 -9.63 -8.13 43.07
C ASP M 28 -10.28 -7.20 42.06
N LEU M 29 -10.61 -5.96 42.46
CA LEU M 29 -11.24 -4.99 41.58
C LEU M 29 -10.24 -4.05 40.94
N LYS M 30 -8.98 -4.46 40.81
CA LYS M 30 -7.93 -3.65 40.22
C LYS M 30 -7.73 -3.93 38.74
N VAL M 31 -8.78 -4.36 38.05
CA VAL M 31 -8.69 -4.67 36.62
C VAL M 31 -8.71 -3.37 35.84
N ALA M 32 -7.73 -3.21 34.93
CA ALA M 32 -7.61 -2.02 34.09
C ALA M 32 -7.53 -0.75 34.94
N ALA M 33 -6.75 -0.81 36.02
CA ALA M 33 -6.59 0.34 36.90
C ALA M 33 -5.16 0.60 37.34
N GLU M 34 -4.24 -0.38 37.26
CA GLU M 34 -2.87 -0.15 37.67
C GLU M 34 -2.06 0.61 36.62
N LYS M 35 -2.53 0.67 35.37
CA LYS M 35 -1.82 1.38 34.32
C LYS M 35 -2.04 2.88 34.37
N ARG M 36 -2.98 3.36 35.18
CA ARG M 36 -3.27 4.79 35.30
C ARG M 36 -2.49 5.44 36.44
N TYR M 37 -1.49 4.76 37.00
CA TYR M 37 -0.70 5.30 38.09
C TYR M 37 0.80 5.18 37.85
N ILE M 38 1.21 4.78 36.64
CA ILE M 38 2.62 4.62 36.31
C ILE M 38 2.84 5.13 34.89
N SER M 39 4.04 5.67 34.64
CA SER M 39 4.40 6.18 33.34
C SER M 39 5.89 5.93 33.10
N ASP M 40 6.39 6.46 31.98
CA ASP M 40 7.80 6.29 31.64
C ASP M 40 8.34 7.48 30.85
N ALA M 41 7.72 8.65 30.98
CA ALA M 41 8.15 9.83 30.27
C ALA M 41 9.29 10.50 31.02
N LYS M 42 10.37 10.82 30.30
CA LYS M 42 11.54 11.47 30.88
C LYS M 42 11.56 12.92 30.42
N VAL M 43 11.39 13.84 31.37
CA VAL M 43 11.38 15.27 31.08
C VAL M 43 12.82 15.78 31.10
N GLN M 44 13.35 16.11 29.93
CA GLN M 44 14.71 16.60 29.78
C GLN M 44 14.65 18.08 29.44
N LYS M 45 15.20 18.92 30.33
CA LYS M 45 15.19 20.37 30.14
C LYS M 45 16.32 20.73 29.18
N LEU M 46 15.97 21.12 27.96
CA LEU M 46 16.94 21.50 26.95
C LEU M 46 17.34 22.96 27.11
N GLU M 47 18.55 23.28 26.65
CA GLU M 47 19.07 24.64 26.74
C GLU M 47 20.02 24.88 25.57
N LYS M 48 19.86 26.04 24.93
CA LYS M 48 20.69 26.43 23.78
C LYS M 48 20.64 25.39 22.66
N VAL M 52 21.93 22.02 20.65
CA VAL M 52 20.68 21.58 21.25
C VAL M 52 20.95 20.60 22.39
N SER M 53 21.76 21.04 23.35
CA SER M 53 22.10 20.21 24.49
C SER M 53 20.97 20.22 25.52
N THR M 54 21.07 19.29 26.48
CA THR M 54 20.06 19.17 27.53
C THR M 54 20.77 18.91 28.86
N THR M 55 20.00 18.93 29.94
CA THR M 55 20.53 18.70 31.27
C THR M 55 20.23 17.28 31.73
N ASP M 56 19.92 17.13 33.02
CA ASP M 56 19.62 15.81 33.57
C ASP M 56 18.21 15.39 33.17
N LEU M 57 18.10 14.19 32.58
CA LEU M 57 16.81 13.66 32.15
C LEU M 57 16.05 13.14 33.37
N ALA M 58 15.23 14.01 33.96
CA ALA M 58 14.46 13.64 35.14
C ALA M 58 13.20 12.89 34.74
N SER M 59 12.93 11.79 35.45
CA SER M 59 11.74 10.99 35.16
C SER M 59 11.00 10.64 36.45
N ASN M 60 10.34 9.50 36.47
CA ASN M 60 9.57 9.03 37.63
C ASN M 60 8.54 10.07 38.08
N VAL N 8 1.76 -19.80 1.57
CA VAL N 8 1.87 -20.56 0.33
C VAL N 8 3.30 -20.54 -0.18
N ARG N 9 3.74 -19.37 -0.63
CA ARG N 9 5.10 -19.22 -1.15
C ARG N 9 6.10 -19.06 0.00
N SER N 10 7.34 -19.46 -0.27
CA SER N 10 8.39 -19.35 0.73
C SER N 10 8.89 -17.91 0.82
N SER N 11 8.96 -17.39 2.04
CA SER N 11 9.42 -16.02 2.26
C SER N 11 10.18 -15.93 3.58
N ALA N 12 10.92 -16.97 3.93
CA ALA N 12 11.69 -17.01 5.17
C ALA N 12 12.96 -16.19 4.98
N GLY N 13 12.90 -14.93 5.36
CA GLY N 13 14.04 -14.05 5.23
C GLY N 13 14.29 -13.56 3.82
N ALA N 14 13.23 -13.23 3.08
CA ALA N 14 13.37 -12.74 1.72
C ALA N 14 13.72 -11.27 1.64
N VAL N 15 13.62 -10.53 2.75
CA VAL N 15 13.94 -9.11 2.74
C VAL N 15 15.45 -8.91 2.75
N ARG N 16 16.15 -9.62 3.63
CA ARG N 16 17.60 -9.51 3.72
C ARG N 16 18.33 -10.24 2.61
N ASP N 17 17.65 -11.19 1.94
CA ASP N 17 18.29 -11.93 0.87
C ASP N 17 18.22 -11.21 -0.47
N ALA N 18 17.40 -10.17 -0.59
CA ALA N 18 17.30 -9.44 -1.85
C ALA N 18 18.49 -8.51 -2.04
N GLY N 19 18.77 -7.65 -1.07
CA GLY N 19 19.88 -6.72 -1.16
C GLY N 19 19.55 -5.40 -1.79
N GLY N 20 18.27 -5.00 -1.80
CA GLY N 20 17.89 -3.73 -2.38
C GLY N 20 17.69 -2.64 -1.35
N ALA N 21 16.58 -1.90 -1.46
CA ALA N 21 16.30 -0.82 -0.52
C ALA N 21 15.84 -1.37 0.82
N PHE N 22 15.01 -2.41 0.82
CA PHE N 22 14.52 -2.99 2.06
C PHE N 22 15.59 -3.82 2.75
N GLY N 23 16.51 -4.41 2.00
CA GLY N 23 17.58 -5.21 2.58
C GLY N 23 18.63 -4.38 3.27
N LYS N 24 18.97 -3.23 2.69
CA LYS N 24 19.97 -2.36 3.30
C LYS N 24 19.43 -1.63 4.52
N ARG N 25 18.14 -1.33 4.54
CA ARG N 25 17.54 -0.64 5.68
C ARG N 25 17.37 -1.57 6.88
N GLU N 26 17.21 -2.88 6.63
CA GLU N 26 17.05 -3.82 7.73
C GLU N 26 18.37 -4.06 8.46
N GLN N 27 19.48 -4.08 7.71
CA GLN N 27 20.79 -4.28 8.33
C GLN N 27 21.26 -3.05 9.08
N ALA N 28 20.92 -1.85 8.60
CA ALA N 28 21.33 -0.63 9.27
C ALA N 28 20.51 -0.38 10.53
N GLU N 29 19.26 -0.83 10.57
CA GLU N 29 18.43 -0.63 11.76
C GLU N 29 18.85 -1.57 12.87
N GLU N 30 19.27 -2.79 12.53
CA GLU N 30 19.71 -3.73 13.55
C GLU N 30 21.09 -3.37 14.10
N GLU N 31 21.96 -2.80 13.25
CA GLU N 31 23.28 -2.41 13.71
C GLU N 31 23.24 -1.14 14.57
N ARG N 32 22.28 -0.25 14.31
CA ARG N 32 22.17 0.96 15.11
C ARG N 32 21.60 0.66 16.50
N TYR N 33 20.68 -0.30 16.59
CA TYR N 33 20.11 -0.66 17.89
C TYR N 33 21.10 -1.46 18.72
N PHE N 34 21.93 -2.28 18.08
CA PHE N 34 22.92 -3.05 18.82
C PHE N 34 24.09 -2.20 19.30
N ARG N 35 24.40 -1.13 18.57
CA ARG N 35 25.49 -0.25 18.99
C ARG N 35 25.10 0.61 20.19
N ALA N 36 23.82 1.00 20.28
CA ALA N 36 23.38 1.79 21.42
C ALA N 36 23.27 0.95 22.69
N ARG N 37 22.87 -0.31 22.56
CA ARG N 37 22.77 -1.19 23.71
C ARG N 37 24.12 -1.66 24.22
N ALA N 38 25.15 -1.67 23.35
CA ALA N 38 26.47 -2.10 23.78
C ALA N 38 27.15 -1.05 24.64
N LYS N 39 26.79 0.22 24.46
CA LYS N 39 27.38 1.29 25.28
C LYS N 39 26.84 1.26 26.71
N GLU N 40 25.57 0.92 26.89
CA GLU N 40 25.00 0.85 28.22
C GLU N 40 25.45 -0.39 28.97
N GLN N 41 25.67 -1.50 28.28
CA GLN N 41 26.13 -2.71 28.93
C GLN N 41 27.60 -2.64 29.32
N LEU N 42 28.42 -1.94 28.53
CA LEU N 42 29.83 -1.82 28.86
C LEU N 42 30.07 -0.85 30.01
N ALA N 43 29.25 0.19 30.14
CA ALA N 43 29.41 1.13 31.23
C ALA N 43 28.91 0.58 32.56
N ALA N 44 27.90 -0.29 32.52
CA ALA N 44 27.38 -0.87 33.76
C ALA N 44 28.27 -2.00 34.28
N LEU N 45 29.00 -2.68 33.38
CA LEU N 45 29.88 -3.76 33.80
C LEU N 45 31.16 -3.23 34.43
N LYS N 46 31.62 -2.06 34.01
CA LYS N 46 32.84 -1.48 34.57
C LYS N 46 32.61 -0.90 35.96
N LYS N 47 31.41 -0.39 36.23
CA LYS N 47 31.11 0.17 37.55
C LYS N 47 30.81 -0.89 38.59
N HIS N 48 30.40 -2.09 38.18
CA HIS N 48 30.09 -3.15 39.13
C HIS N 48 31.34 -3.91 39.57
N HIS N 49 32.45 -3.78 38.84
CA HIS N 49 33.69 -4.46 39.19
C HIS N 49 34.57 -3.64 40.13
N GLU N 50 34.14 -2.45 40.53
CA GLU N 50 34.92 -1.62 41.43
C GLU N 50 34.02 -0.81 42.35
N LEU O 3 -36.97 74.65 88.86
CA LEU O 3 -37.22 73.35 88.23
C LEU O 3 -37.18 73.47 86.71
N VAL O 4 -37.52 74.66 86.20
CA VAL O 4 -37.51 74.88 84.76
C VAL O 4 -36.09 75.02 84.24
N LEU O 5 -35.22 75.71 84.99
CA LEU O 5 -33.85 75.89 84.56
C LEU O 5 -33.02 74.63 84.74
N ALA O 6 -33.34 73.81 85.75
CA ALA O 6 -32.60 72.58 85.98
C ALA O 6 -32.93 71.50 84.95
N ALA O 7 -34.16 71.50 84.43
CA ALA O 7 -34.55 70.51 83.44
C ALA O 7 -34.03 70.84 82.05
N LYS O 8 -33.65 72.09 81.80
CA LYS O 8 -33.13 72.46 80.48
C LYS O 8 -31.72 71.91 80.24
N TYR O 9 -30.91 71.82 81.29
CA TYR O 9 -29.56 71.29 81.14
C TYR O 9 -29.57 69.78 80.93
N ILE O 10 -30.51 69.07 81.53
CA ILE O 10 -30.59 67.62 81.36
C ILE O 10 -31.20 67.23 80.02
N GLY O 11 -31.91 68.15 79.36
CA GLY O 11 -32.50 67.83 78.08
C GLY O 11 -31.49 67.72 76.95
N ALA O 12 -30.37 68.44 77.06
CA ALA O 12 -29.32 68.41 76.05
C ALA O 12 -28.33 67.27 76.26
N ALA O 13 -28.40 66.58 77.41
CA ALA O 13 -27.51 65.47 77.71
C ALA O 13 -28.12 64.11 77.45
N ILE O 14 -29.39 63.92 77.83
CA ILE O 14 -30.05 62.64 77.62
C ILE O 14 -30.42 62.44 76.16
N ALA O 15 -30.59 63.53 75.40
CA ALA O 15 -30.93 63.43 73.99
C ALA O 15 -29.73 63.08 73.11
N THR O 16 -28.51 63.11 73.66
CA THR O 16 -27.31 62.77 72.91
C THR O 16 -27.03 61.28 72.88
N ILE O 17 -27.95 60.45 73.40
CA ILE O 17 -27.73 59.00 73.39
C ILE O 17 -27.92 58.43 71.99
N GLY O 18 -28.57 59.15 71.10
CA GLY O 18 -28.78 58.68 69.74
C GLY O 18 -27.60 58.81 68.81
N LEU O 19 -26.46 59.30 69.32
CA LEU O 19 -25.26 59.43 68.49
C LEU O 19 -24.59 58.10 68.19
N THR O 20 -24.96 57.03 68.91
CA THR O 20 -24.36 55.73 68.64
C THR O 20 -24.83 55.17 67.30
N GLY O 21 -26.06 55.45 66.90
CA GLY O 21 -26.58 54.97 65.63
C GLY O 21 -26.02 55.74 64.45
N ALA O 22 -25.83 57.05 64.62
CA ALA O 22 -25.27 57.86 63.55
C ALA O 22 -23.77 57.64 63.38
N GLY O 23 -23.06 57.39 64.48
CA GLY O 23 -21.63 57.15 64.38
C GLY O 23 -21.31 55.79 63.80
N ILE O 24 -22.05 54.75 64.20
CA ILE O 24 -21.83 53.42 63.66
C ILE O 24 -22.40 53.26 62.27
N GLY O 25 -23.35 54.11 61.87
CA GLY O 25 -23.91 54.01 60.53
C GLY O 25 -22.96 54.46 59.45
N ILE O 26 -22.08 55.42 59.75
CA ILE O 26 -21.12 55.87 58.76
C ILE O 26 -20.03 54.83 58.55
N ALA O 27 -19.74 54.01 59.57
CA ALA O 27 -18.74 52.98 59.43
C ALA O 27 -19.30 51.71 58.82
N ILE O 28 -20.61 51.47 58.96
CA ILE O 28 -21.22 50.28 58.37
C ILE O 28 -21.31 50.42 56.86
N VAL O 29 -21.62 51.62 56.38
CA VAL O 29 -21.71 51.83 54.94
C VAL O 29 -20.32 51.90 54.31
N PHE O 30 -19.32 52.36 55.06
CA PHE O 30 -17.96 52.43 54.54
C PHE O 30 -17.26 51.08 54.54
N ALA O 31 -17.67 50.16 55.41
CA ALA O 31 -17.04 48.84 55.44
C ALA O 31 -17.45 48.00 54.24
N ALA O 32 -18.73 48.11 53.82
CA ALA O 32 -19.19 47.36 52.67
C ALA O 32 -18.68 47.94 51.36
N LEU O 33 -18.45 49.26 51.31
CA LEU O 33 -17.94 49.88 50.10
C LEU O 33 -16.45 49.63 49.91
N ILE O 34 -15.69 49.55 51.01
CA ILE O 34 -14.26 49.31 50.90
C ILE O 34 -13.98 47.85 50.56
N ASN O 35 -14.78 46.93 51.13
CA ASN O 35 -14.59 45.51 50.84
C ASN O 35 -15.11 45.13 49.47
N GLY O 36 -16.13 45.84 48.97
CA GLY O 36 -16.67 45.53 47.66
C GLY O 36 -15.87 46.11 46.52
N THR O 37 -15.13 47.19 46.77
CA THR O 37 -14.33 47.82 45.73
C THR O 37 -13.08 47.02 45.40
N SER O 38 -12.60 46.17 46.31
CA SER O 38 -11.42 45.36 46.07
C SER O 38 -11.72 44.08 45.31
N ARG O 39 -12.97 43.86 44.91
CA ARG O 39 -13.36 42.66 44.17
C ARG O 39 -13.31 42.86 42.66
N ASN O 40 -12.86 44.03 42.19
CA ASN O 40 -12.72 44.38 40.78
C ASN O 40 -14.08 44.45 40.09
N PRO O 41 -14.52 45.64 39.64
CA PRO O 41 -13.76 46.90 39.73
C PRO O 41 -14.67 48.10 40.01
N SER O 42 -15.36 48.07 41.15
CA SER O 42 -16.26 49.16 41.54
C SER O 42 -15.42 50.30 42.09
N LEU O 43 -14.93 51.14 41.18
CA LEU O 43 -14.10 52.28 41.55
C LEU O 43 -14.76 53.59 41.14
N ARG O 44 -14.75 53.88 39.83
CA ARG O 44 -15.35 55.10 39.33
C ARG O 44 -16.87 55.00 39.36
N ASN O 45 -17.51 55.89 40.12
CA ASN O 45 -18.97 55.93 40.26
C ASN O 45 -19.43 54.58 40.83
N THR O 46 -20.64 54.15 40.45
CA THR O 46 -21.22 52.89 40.91
C THR O 46 -21.24 52.80 42.42
N LEU O 47 -20.18 52.25 43.01
CA LEU O 47 -20.10 52.14 44.47
C LEU O 47 -19.66 53.44 45.12
N PHE O 48 -18.88 54.27 44.41
CA PHE O 48 -18.42 55.54 44.94
C PHE O 48 -19.56 56.55 44.95
N PRO O 49 -20.46 56.51 43.96
CA PRO O 49 -21.57 57.46 43.97
C PRO O 49 -22.65 57.11 44.97
N PHE O 50 -22.86 55.82 45.25
CA PHE O 50 -23.87 55.42 46.22
C PHE O 50 -23.42 55.63 47.66
N ALA O 51 -22.12 55.76 47.90
CA ALA O 51 -21.64 55.97 49.26
C ALA O 51 -21.92 57.40 49.74
N ILE O 52 -21.90 58.37 48.82
CA ILE O 52 -22.19 59.75 49.20
C ILE O 52 -23.68 59.95 49.45
N LEU O 53 -24.53 59.35 48.61
CA LEU O 53 -25.97 59.47 48.79
C LEU O 53 -26.48 58.57 49.91
N GLY O 54 -25.83 57.43 50.14
CA GLY O 54 -26.26 56.54 51.20
C GLY O 54 -25.92 57.05 52.58
N PHE O 55 -24.84 57.83 52.69
CA PHE O 55 -24.43 58.37 53.98
C PHE O 55 -25.33 59.50 54.45
N ALA O 56 -26.05 60.16 53.54
CA ALA O 56 -26.94 61.23 53.94
C ALA O 56 -28.19 60.71 54.65
N LEU O 57 -28.61 59.48 54.31
CA LEU O 57 -29.79 58.91 54.96
C LEU O 57 -29.48 58.47 56.40
N SER O 58 -28.28 57.91 56.62
CA SER O 58 -27.90 57.49 57.96
C SER O 58 -27.55 58.67 58.85
N GLU O 59 -27.06 59.76 58.28
CA GLU O 59 -26.71 60.95 59.05
C GLU O 59 -27.91 61.85 59.33
N ALA O 60 -29.08 61.54 58.75
CA ALA O 60 -30.25 62.36 59.00
C ALA O 60 -30.80 62.16 60.41
N THR O 61 -30.54 61.00 61.02
CA THR O 61 -31.03 60.75 62.37
C THR O 61 -30.22 61.54 63.40
N GLY O 62 -28.93 61.75 63.14
CA GLY O 62 -28.11 62.51 64.07
C GLY O 62 -28.37 64.00 64.03
N LEU O 63 -28.69 64.54 62.85
CA LEU O 63 -28.97 65.97 62.74
C LEU O 63 -30.34 66.33 63.30
N PHE O 64 -31.33 65.43 63.16
CA PHE O 64 -32.65 65.71 63.69
C PHE O 64 -32.69 65.56 65.20
N CYS O 65 -31.91 64.63 65.75
CA CYS O 65 -31.90 64.45 67.20
C CYS O 65 -31.11 65.56 67.90
N LEU O 66 -30.12 66.14 67.21
CA LEU O 66 -29.34 67.22 67.80
C LEU O 66 -30.09 68.54 67.84
N MET O 67 -31.12 68.71 67.00
CA MET O 67 -31.89 69.95 67.02
C MET O 67 -32.81 70.03 68.23
N ILE O 68 -33.28 68.89 68.73
CA ILE O 68 -34.14 68.90 69.90
C ILE O 68 -33.33 69.15 71.18
N SER O 69 -32.06 68.75 71.19
CA SER O 69 -31.23 68.98 72.36
C SER O 69 -30.73 70.42 72.45
N PHE O 70 -30.43 71.03 71.29
CA PHE O 70 -29.95 72.41 71.29
C PHE O 70 -31.07 73.42 71.48
N LEU O 71 -32.32 73.05 71.17
CA LEU O 71 -33.43 73.98 71.33
C LEU O 71 -33.83 74.14 72.80
N LEU O 72 -33.56 73.13 73.63
CA LEU O 72 -33.91 73.21 75.04
C LEU O 72 -32.95 74.09 75.83
N LEU O 73 -31.73 74.31 75.33
CA LEU O 73 -30.75 75.14 76.01
C LEU O 73 -30.72 76.58 75.51
N TYR O 74 -31.44 76.88 74.43
CA TYR O 74 -31.47 78.23 73.87
C TYR O 74 -32.88 78.79 73.74
N GLY O 75 -33.89 77.96 73.59
CA GLY O 75 -35.26 78.42 73.46
C GLY O 75 -36.25 77.60 74.27
N GLN P 2 -44.33 74.12 88.73
CA GLN P 2 -43.07 73.97 88.03
C GLN P 2 -42.79 72.50 87.71
N LEU P 3 -43.61 71.62 88.27
CA LEU P 3 -43.44 70.18 88.04
C LEU P 3 -43.88 69.78 86.64
N VAL P 4 -44.90 70.46 86.09
CA VAL P 4 -45.37 70.11 84.75
C VAL P 4 -44.42 70.65 83.68
N LEU P 5 -43.79 71.80 83.93
CA LEU P 5 -42.87 72.37 82.95
C LEU P 5 -41.52 71.64 82.95
N ALA P 6 -41.12 71.08 84.08
CA ALA P 6 -39.85 70.37 84.14
C ALA P 6 -39.92 69.03 83.44
N ALA P 7 -41.09 68.38 83.45
CA ALA P 7 -41.24 67.09 82.80
C ALA P 7 -41.38 67.21 81.28
N LYS P 8 -41.74 68.40 80.79
CA LYS P 8 -41.88 68.58 79.34
C LYS P 8 -40.53 68.65 78.65
N TYR P 9 -39.51 69.21 79.30
CA TYR P 9 -38.18 69.28 78.69
C TYR P 9 -37.50 67.92 78.65
N ILE P 10 -37.73 67.09 79.67
CA ILE P 10 -37.13 65.75 79.70
C ILE P 10 -37.88 64.75 78.83
N GLY P 11 -39.10 65.09 78.38
CA GLY P 11 -39.84 64.19 77.53
C GLY P 11 -39.29 64.09 76.13
N ALA P 12 -38.62 65.14 75.65
CA ALA P 12 -38.03 65.15 74.32
C ALA P 12 -36.58 64.66 74.32
N ALA P 13 -35.99 64.43 75.49
CA ALA P 13 -34.62 63.95 75.56
C ALA P 13 -34.53 62.43 75.65
N ILE P 14 -35.33 61.82 76.52
CA ILE P 14 -35.32 60.37 76.65
C ILE P 14 -35.98 59.69 75.46
N ALA P 15 -36.90 60.38 74.78
CA ALA P 15 -37.55 59.81 73.61
C ALA P 15 -36.66 59.78 72.37
N THR P 16 -35.56 60.51 72.38
CA THR P 16 -34.64 60.53 71.25
C THR P 16 -33.65 59.37 71.27
N ILE P 17 -33.78 58.44 72.22
CA ILE P 17 -32.87 57.30 72.28
C ILE P 17 -33.18 56.29 71.18
N GLY P 18 -34.36 56.35 70.58
CA GLY P 18 -34.74 55.45 69.51
C GLY P 18 -34.10 55.73 68.17
N LEU P 19 -33.28 56.77 68.07
CA LEU P 19 -32.62 57.09 66.80
C LEU P 19 -31.49 56.12 66.47
N THR P 20 -31.06 55.29 67.42
CA THR P 20 -30.00 54.33 67.13
C THR P 20 -30.48 53.23 66.19
N GLY P 21 -31.75 52.83 66.32
CA GLY P 21 -32.28 51.82 65.43
C GLY P 21 -32.59 52.37 64.05
N ALA P 22 -33.09 53.61 63.98
CA ALA P 22 -33.39 54.22 62.68
C ALA P 22 -32.12 54.68 61.97
N GLY P 23 -31.11 55.11 62.72
CA GLY P 23 -29.87 55.54 62.09
C GLY P 23 -29.06 54.37 61.55
N ILE P 24 -28.96 53.29 62.32
CA ILE P 24 -28.24 52.11 61.86
C ILE P 24 -29.04 51.29 60.87
N GLY P 25 -30.37 51.43 60.88
CA GLY P 25 -31.19 50.69 59.92
C GLY P 25 -31.07 51.21 58.51
N ILE P 26 -30.85 52.52 58.35
CA ILE P 26 -30.68 53.08 57.01
C ILE P 26 -29.35 52.67 56.41
N ALA P 27 -28.33 52.43 57.24
CA ALA P 27 -27.04 52.00 56.77
C ALA P 27 -26.93 50.49 56.59
N ILE P 28 -27.76 49.72 57.31
CA ILE P 28 -27.72 48.26 57.15
C ILE P 28 -28.34 47.85 55.83
N VAL P 29 -29.38 48.54 55.38
CA VAL P 29 -30.00 48.21 54.10
C VAL P 29 -29.12 48.67 52.94
N PHE P 30 -28.34 49.74 53.13
CA PHE P 30 -27.45 50.23 52.08
C PHE P 30 -26.16 49.43 51.99
N ALA P 31 -25.75 48.78 53.08
CA ALA P 31 -24.53 47.99 53.05
C ALA P 31 -24.72 46.70 52.26
N ALA P 32 -25.91 46.07 52.38
CA ALA P 32 -26.18 44.85 51.64
C ALA P 32 -26.44 45.13 50.17
N LEU P 33 -26.97 46.30 49.83
CA LEU P 33 -27.22 46.64 48.43
C LEU P 33 -25.95 47.05 47.71
N ILE P 34 -24.98 47.62 48.43
CA ILE P 34 -23.73 48.02 47.80
C ILE P 34 -22.83 46.82 47.55
N ASN P 35 -22.85 45.84 48.47
CA ASN P 35 -22.03 44.66 48.31
C ASN P 35 -22.62 43.68 47.30
N GLY P 36 -23.95 43.70 47.12
CA GLY P 36 -24.59 42.81 46.18
C GLY P 36 -24.64 43.33 44.75
N THR P 37 -24.50 44.65 44.57
CA THR P 37 -24.52 45.23 43.24
C THR P 37 -23.23 44.97 42.46
N SER P 38 -22.13 44.66 43.15
CA SER P 38 -20.87 44.39 42.49
C SER P 38 -20.75 42.95 42.00
N ARG P 39 -21.77 42.13 42.17
CA ARG P 39 -21.75 40.74 41.74
C ARG P 39 -22.30 40.54 40.33
N ASN P 40 -22.66 41.63 39.64
CA ASN P 40 -23.21 41.64 38.29
C ASN P 40 -24.57 40.97 38.22
N PRO P 41 -25.63 41.69 37.82
CA PRO P 41 -25.58 43.10 37.41
C PRO P 41 -26.80 43.89 37.91
N SER P 42 -27.07 43.81 39.21
CA SER P 42 -28.20 44.53 39.78
C SER P 42 -27.90 46.02 39.90
N LEU P 43 -28.27 46.78 38.87
CA LEU P 43 -28.02 48.22 38.88
C LEU P 43 -29.30 48.99 38.62
N ARG P 44 -29.74 49.04 37.36
CA ARG P 44 -30.96 49.74 37.00
C ARG P 44 -32.17 48.95 37.45
N ASN P 45 -33.00 49.55 38.30
CA ASN P 45 -34.22 48.93 38.83
C ASN P 45 -33.81 47.67 39.59
N THR P 46 -34.62 46.61 39.57
CA THR P 46 -34.34 45.35 40.24
C THR P 46 -34.03 45.57 41.72
N LEU P 47 -32.76 45.80 42.05
CA LEU P 47 -32.36 46.04 43.43
C LEU P 47 -32.58 47.48 43.88
N PHE P 48 -32.78 48.41 42.94
CA PHE P 48 -33.00 49.80 43.28
C PHE P 48 -34.40 49.98 43.85
N PRO P 49 -35.38 49.18 43.42
CA PRO P 49 -36.73 49.33 43.97
C PRO P 49 -36.87 48.76 45.37
N PHE P 50 -36.16 47.69 45.70
CA PHE P 50 -36.23 47.13 47.04
C PHE P 50 -35.46 47.97 48.05
N ALA P 51 -34.41 48.67 47.61
CA ALA P 51 -33.64 49.51 48.52
C ALA P 51 -34.39 50.79 48.86
N ILE P 52 -35.12 51.35 47.89
CA ILE P 52 -35.87 52.57 48.15
C ILE P 52 -37.11 52.27 48.99
N LEU P 53 -37.79 51.15 48.72
CA LEU P 53 -38.96 50.79 49.50
C LEU P 53 -38.60 50.24 50.87
N GLY P 54 -37.45 49.56 50.99
CA GLY P 54 -37.04 49.04 52.28
C GLY P 54 -36.53 50.11 53.23
N PHE P 55 -36.01 51.20 52.68
CA PHE P 55 -35.52 52.29 53.54
C PHE P 55 -36.67 53.08 54.14
N ALA P 56 -37.83 53.10 53.47
CA ALA P 56 -38.97 53.84 54.00
C ALA P 56 -39.60 53.11 55.19
N LEU P 57 -39.50 51.78 55.23
CA LEU P 57 -40.07 51.02 56.34
C LEU P 57 -39.22 51.18 57.59
N SER P 58 -37.89 51.24 57.44
CA SER P 58 -37.02 51.41 58.60
C SER P 58 -37.06 52.84 59.12
N GLU P 59 -37.33 53.81 58.24
CA GLU P 59 -37.41 55.21 58.66
C GLU P 59 -38.73 55.57 59.29
N ALA P 60 -39.73 54.68 59.24
CA ALA P 60 -41.03 54.98 59.84
C ALA P 60 -40.98 54.93 61.36
N THR P 61 -40.04 54.18 61.94
CA THR P 61 -39.94 54.13 63.40
C THR P 61 -39.37 55.42 63.96
N GLY P 62 -38.40 56.03 63.27
CA GLY P 62 -37.83 57.27 63.74
C GLY P 62 -38.73 58.47 63.51
N LEU P 63 -39.57 58.42 62.48
CA LEU P 63 -40.48 59.53 62.20
C LEU P 63 -41.65 59.55 63.18
N PHE P 64 -42.15 58.37 63.57
CA PHE P 64 -43.26 58.31 64.51
C PHE P 64 -42.81 58.62 65.93
N CYS P 65 -41.58 58.25 66.28
CA CYS P 65 -41.08 58.51 67.62
C CYS P 65 -40.72 59.99 67.81
N LEU P 66 -40.35 60.67 66.73
CA LEU P 66 -40.01 62.09 66.81
C LEU P 66 -41.24 62.98 66.95
N MET P 67 -42.41 62.50 66.56
CA MET P 67 -43.62 63.32 66.69
C MET P 67 -44.08 63.42 68.13
N ILE P 68 -43.88 62.36 68.93
CA ILE P 68 -44.29 62.40 70.33
C ILE P 68 -43.36 63.25 71.17
N SER P 69 -42.11 63.43 70.76
CA SER P 69 -41.18 64.24 71.52
C SER P 69 -41.33 65.73 71.22
N PHE P 70 -41.72 66.07 70.01
CA PHE P 70 -41.89 67.46 69.60
C PHE P 70 -43.29 68.00 69.92
N LEU P 71 -44.18 67.16 70.43
CA LEU P 71 -45.54 67.57 70.75
C LEU P 71 -45.67 68.12 72.17
N LEU P 72 -44.58 68.16 72.93
CA LEU P 72 -44.61 68.67 74.29
C LEU P 72 -44.53 70.19 74.32
N MET Q 1 -52.76 68.42 90.75
CA MET Q 1 -51.91 67.25 90.92
C MET Q 1 -50.61 67.40 90.16
N GLN Q 2 -49.57 67.88 90.85
CA GLN Q 2 -48.26 68.06 90.22
C GLN Q 2 -47.55 66.75 89.99
N LEU Q 3 -47.78 65.75 90.85
CA LEU Q 3 -47.12 64.46 90.68
C LEU Q 3 -47.74 63.63 89.56
N VAL Q 4 -49.03 63.83 89.29
CA VAL Q 4 -49.68 63.08 88.21
C VAL Q 4 -49.31 63.65 86.86
N LEU Q 5 -49.15 64.97 86.77
CA LEU Q 5 -48.79 65.59 85.49
C LEU Q 5 -47.32 65.37 85.14
N ALA Q 6 -46.45 65.22 86.14
CA ALA Q 6 -45.05 65.00 85.87
C ALA Q 6 -44.79 63.59 85.37
N ALA Q 7 -45.57 62.61 85.84
CA ALA Q 7 -45.40 61.23 85.40
C ALA Q 7 -46.01 60.97 84.04
N LYS Q 8 -46.92 61.82 83.58
CA LYS Q 8 -47.54 61.63 82.27
C LYS Q 8 -46.57 61.96 81.14
N TYR Q 9 -45.77 63.02 81.30
CA TYR Q 9 -44.81 63.38 80.27
C TYR Q 9 -43.63 62.41 80.24
N ILE Q 10 -43.25 61.87 81.39
CA ILE Q 10 -42.15 60.90 81.44
C ILE Q 10 -42.56 59.54 80.91
N GLY Q 11 -43.85 59.22 80.91
CA GLY Q 11 -44.30 57.94 80.41
C GLY Q 11 -44.21 57.80 78.90
N ALA Q 12 -44.27 58.91 78.17
CA ALA Q 12 -44.17 58.88 76.72
C ALA Q 12 -42.73 58.97 76.23
N ALA Q 13 -41.77 59.22 77.12
CA ALA Q 13 -40.37 59.32 76.75
C ALA Q 13 -39.60 58.03 76.96
N ILE Q 14 -39.80 57.36 78.09
CA ILE Q 14 -39.09 56.10 78.34
C ILE Q 14 -39.68 54.98 77.51
N ALA Q 15 -40.97 55.07 77.15
CA ALA Q 15 -41.60 54.05 76.34
C ALA Q 15 -41.18 54.13 74.87
N THR Q 16 -40.62 55.25 74.43
CA THR Q 16 -40.17 55.40 73.06
C THR Q 16 -38.80 54.78 72.80
N ILE Q 17 -38.17 54.21 73.82
CA ILE Q 17 -36.86 53.58 73.64
C ILE Q 17 -36.94 52.25 72.89
N GLY Q 18 -38.14 51.68 72.75
CA GLY Q 18 -38.31 50.43 72.04
C GLY Q 18 -38.29 50.53 70.53
N LEU Q 19 -38.06 51.72 69.98
CA LEU Q 19 -38.02 51.90 68.54
C LEU Q 19 -36.74 51.36 67.91
N THR Q 20 -35.73 51.02 68.73
CA THR Q 20 -34.50 50.48 68.18
C THR Q 20 -34.69 49.07 67.65
N GLY Q 21 -35.56 48.29 68.28
CA GLY Q 21 -35.83 46.94 67.82
C GLY Q 21 -36.74 46.90 66.61
N ALA Q 22 -37.70 47.82 66.55
CA ALA Q 22 -38.62 47.87 65.42
C ALA Q 22 -37.98 48.52 64.20
N GLY Q 23 -37.10 49.50 64.41
CA GLY Q 23 -36.44 50.13 63.28
C GLY Q 23 -35.39 49.25 62.64
N ILE Q 24 -34.60 48.56 63.46
CA ILE Q 24 -33.59 47.65 62.93
C ILE Q 24 -34.17 46.33 62.47
N GLY Q 25 -35.39 46.00 62.90
CA GLY Q 25 -35.99 44.75 62.46
C GLY Q 25 -36.48 44.79 61.03
N ILE Q 26 -36.95 45.96 60.58
CA ILE Q 26 -37.39 46.09 59.20
C ILE Q 26 -36.21 46.12 58.23
N ALA Q 27 -35.05 46.56 58.71
CA ALA Q 27 -33.86 46.60 57.86
C ALA Q 27 -33.11 45.27 57.83
N ILE Q 28 -33.30 44.43 58.85
CA ILE Q 28 -32.62 43.13 58.87
C ILE Q 28 -33.26 42.18 57.86
N VAL Q 29 -34.57 42.26 57.70
CA VAL Q 29 -35.25 41.40 56.73
C VAL Q 29 -35.03 41.90 55.31
N PHE Q 30 -34.81 43.21 55.14
CA PHE Q 30 -34.58 43.77 53.81
C PHE Q 30 -33.14 43.57 53.36
N ALA Q 31 -32.20 43.47 54.30
CA ALA Q 31 -30.80 43.26 53.93
C ALA Q 31 -30.56 41.83 53.45
N ALA Q 32 -31.19 40.86 54.10
CA ALA Q 32 -31.02 39.46 53.71
C ALA Q 32 -31.79 39.14 52.44
N LEU Q 33 -32.85 39.88 52.15
CA LEU Q 33 -33.64 39.63 50.94
C LEU Q 33 -33.03 40.29 49.71
N ILE Q 34 -32.33 41.41 49.90
CA ILE Q 34 -31.71 42.09 48.77
C ILE Q 34 -30.45 41.36 48.32
N ASN Q 35 -29.73 40.74 49.27
CA ASN Q 35 -28.53 40.01 48.94
C ASN Q 35 -28.82 38.61 48.41
N GLY Q 36 -30.05 38.12 48.57
CA GLY Q 36 -30.40 36.80 48.08
C GLY Q 36 -31.16 36.85 46.77
N THR Q 37 -31.70 38.01 46.43
CA THR Q 37 -32.45 38.15 45.18
C THR Q 37 -31.54 38.37 43.98
N SER Q 38 -30.26 38.65 44.21
CA SER Q 38 -29.33 38.89 43.11
C SER Q 38 -28.83 37.59 42.50
N ARG Q 39 -29.03 36.45 43.15
CA ARG Q 39 -28.58 35.17 42.63
C ARG Q 39 -29.48 34.07 43.20
N ASN Q 40 -30.18 33.36 42.31
CA ASN Q 40 -31.08 32.26 42.66
C ASN Q 40 -32.16 32.74 43.63
N PRO Q 41 -33.26 33.32 43.12
CA PRO Q 41 -33.52 33.53 41.69
C PRO Q 41 -34.07 34.91 41.38
N SER Q 42 -35.39 35.04 41.36
CA SER Q 42 -36.05 36.30 41.07
C SER Q 42 -36.45 36.98 42.39
N LEU Q 43 -37.31 38.00 42.30
CA LEU Q 43 -37.76 38.71 43.48
C LEU Q 43 -39.25 38.97 43.50
N ARG Q 44 -40.01 38.52 42.50
CA ARG Q 44 -41.45 38.73 42.45
C ARG Q 44 -42.24 37.66 43.18
N ASN Q 45 -41.59 36.55 43.56
CA ASN Q 45 -42.27 35.47 44.27
C ASN Q 45 -41.29 34.88 45.28
N THR Q 46 -41.69 33.76 45.89
CA THR Q 46 -40.88 33.06 46.88
C THR Q 46 -40.47 33.98 48.02
N LEU Q 47 -39.39 34.73 47.83
CA LEU Q 47 -38.92 35.66 48.85
C LEU Q 47 -39.78 36.90 48.98
N PHE Q 48 -40.65 37.17 48.01
CA PHE Q 48 -41.52 38.33 48.04
C PHE Q 48 -42.61 38.13 49.09
N PRO Q 49 -43.11 36.90 49.26
CA PRO Q 49 -44.15 36.67 50.27
C PRO Q 49 -43.59 36.67 51.67
N PHE Q 50 -42.32 36.26 51.83
CA PHE Q 50 -41.70 36.24 53.14
C PHE Q 50 -41.29 37.63 53.60
N ALA Q 51 -40.91 38.52 52.66
CA ALA Q 51 -40.51 39.87 53.01
C ALA Q 51 -41.72 40.73 53.40
N ILE Q 52 -42.87 40.51 52.75
CA ILE Q 52 -44.06 41.28 53.09
C ILE Q 52 -44.66 40.80 54.42
N LEU Q 53 -44.70 39.50 54.63
CA LEU Q 53 -45.24 38.96 55.88
C LEU Q 53 -44.27 39.12 57.04
N GLY Q 54 -42.97 39.07 56.77
CA GLY Q 54 -41.98 39.23 57.83
C GLY Q 54 -41.87 40.64 58.34
N PHE Q 55 -42.10 41.63 57.48
CA PHE Q 55 -42.02 43.03 57.90
C PHE Q 55 -43.20 43.43 58.77
N ALA Q 56 -44.37 42.83 58.56
CA ALA Q 56 -45.54 43.16 59.37
C ALA Q 56 -45.44 42.57 60.78
N LEU Q 57 -44.79 41.41 60.93
CA LEU Q 57 -44.66 40.81 62.24
C LEU Q 57 -43.64 41.55 63.11
N SER Q 58 -42.55 42.02 62.51
CA SER Q 58 -41.53 42.76 63.27
C SER Q 58 -41.98 44.17 63.63
N GLU Q 59 -42.93 44.74 62.87
CA GLU Q 59 -43.43 46.09 63.15
C GLU Q 59 -44.53 46.10 64.20
N ALA Q 60 -44.95 44.93 64.69
CA ALA Q 60 -46.00 44.89 65.72
C ALA Q 60 -45.51 45.38 67.07
N THR Q 61 -44.20 45.32 67.33
CA THR Q 61 -43.68 45.79 68.60
C THR Q 61 -43.71 47.31 68.70
N GLY Q 62 -43.57 48.00 67.56
CA GLY Q 62 -43.61 49.45 67.57
C GLY Q 62 -45.00 50.02 67.78
N LEU Q 63 -46.03 49.31 67.31
CA LEU Q 63 -47.39 49.76 67.48
C LEU Q 63 -47.88 49.60 68.91
N PHE Q 64 -47.43 48.55 69.60
CA PHE Q 64 -47.85 48.33 70.98
C PHE Q 64 -47.17 49.30 71.94
N CYS Q 65 -45.92 49.67 71.68
CA CYS Q 65 -45.21 50.61 72.55
C CYS Q 65 -45.69 52.04 72.33
N LEU Q 66 -46.09 52.40 71.12
CA LEU Q 66 -46.58 53.74 70.84
C LEU Q 66 -47.99 53.98 71.37
N MET Q 67 -48.79 52.92 71.55
CA MET Q 67 -50.13 53.09 72.07
C MET Q 67 -50.14 53.41 73.56
N ILE Q 68 -49.24 52.80 74.33
CA ILE Q 68 -49.17 53.07 75.77
C ILE Q 68 -48.51 54.42 76.06
N SER Q 69 -47.71 54.95 75.13
CA SER Q 69 -47.07 56.24 75.36
C SER Q 69 -48.02 57.40 75.10
N PHE Q 70 -48.88 57.29 74.08
CA PHE Q 70 -49.83 58.34 73.78
C PHE Q 70 -51.02 58.37 74.72
N LEU Q 71 -51.28 57.26 75.41
CA LEU Q 71 -52.40 57.17 76.34
C LEU Q 71 -52.03 57.58 77.76
N LEU Q 72 -50.78 57.94 78.01
CA LEU Q 72 -50.34 58.35 79.35
C LEU Q 72 -50.02 59.84 79.39
N MET R 1 -54.15 58.56 95.32
CA MET R 1 -52.87 58.91 95.93
C MET R 1 -51.91 59.49 94.89
N GLN R 2 -51.06 60.41 95.32
CA GLN R 2 -50.09 61.02 94.42
C GLN R 2 -48.91 60.09 94.15
N LEU R 3 -48.44 59.38 95.18
CA LEU R 3 -47.31 58.48 95.00
C LEU R 3 -47.71 57.20 94.27
N VAL R 4 -48.96 56.76 94.41
CA VAL R 4 -49.40 55.55 93.73
C VAL R 4 -49.66 55.82 92.25
N LEU R 5 -50.16 57.01 91.93
CA LEU R 5 -50.43 57.35 90.53
C LEU R 5 -49.15 57.66 89.76
N ALA R 6 -48.11 58.15 90.45
CA ALA R 6 -46.87 58.46 89.77
C ALA R 6 -46.09 57.20 89.43
N ALA R 7 -46.18 56.16 90.25
CA ALA R 7 -45.48 54.91 90.00
C ALA R 7 -46.17 54.07 88.92
N LYS R 8 -47.45 54.30 88.66
CA LYS R 8 -48.15 53.54 87.65
C LYS R 8 -47.75 53.95 86.24
N TYR R 9 -47.51 55.25 86.04
CA TYR R 9 -47.11 55.73 84.72
C TYR R 9 -45.66 55.36 84.41
N ILE R 10 -44.80 55.33 85.43
CA ILE R 10 -43.40 54.97 85.20
C ILE R 10 -43.24 53.47 85.01
N GLY R 11 -44.18 52.66 85.51
CA GLY R 11 -44.08 51.23 85.33
C GLY R 11 -44.41 50.78 83.92
N ALA R 12 -45.35 51.47 83.27
CA ALA R 12 -45.72 51.12 81.90
C ALA R 12 -44.67 51.60 80.90
N ALA R 13 -43.91 52.63 81.25
CA ALA R 13 -42.89 53.14 80.34
C ALA R 13 -41.60 52.34 80.46
N ILE R 14 -41.25 51.89 81.66
CA ILE R 14 -40.03 51.11 81.84
C ILE R 14 -40.21 49.69 81.31
N ALA R 15 -41.43 49.16 81.37
CA ALA R 15 -41.69 47.82 80.84
C ALA R 15 -41.72 47.76 79.32
N THR R 16 -41.87 48.91 78.66
CA THR R 16 -41.89 48.96 77.20
C THR R 16 -40.51 48.90 76.58
N ILE R 17 -39.45 48.90 77.41
CA ILE R 17 -38.10 48.83 76.87
C ILE R 17 -37.76 47.43 76.36
N GLY R 18 -38.53 46.43 76.77
CA GLY R 18 -38.31 45.06 76.33
C GLY R 18 -38.77 44.74 74.93
N LEU R 19 -39.31 45.72 74.21
CA LEU R 19 -39.77 45.49 72.84
C LEU R 19 -38.62 45.34 71.85
N THR R 20 -37.39 45.69 72.24
CA THR R 20 -36.27 45.54 71.34
C THR R 20 -35.91 44.07 71.13
N GLY R 21 -36.06 43.24 72.16
CA GLY R 21 -35.78 41.82 72.00
C GLY R 21 -36.85 41.07 71.25
N ALA R 22 -38.12 41.44 71.44
CA ALA R 22 -39.21 40.79 70.73
C ALA R 22 -39.31 41.25 69.28
N GLY R 23 -38.99 42.52 69.01
CA GLY R 23 -39.05 43.00 67.64
C GLY R 23 -37.91 42.46 66.78
N ILE R 24 -36.70 42.39 67.35
CA ILE R 24 -35.58 41.84 66.61
C ILE R 24 -35.62 40.33 66.51
N GLY R 25 -36.37 39.66 67.40
CA GLY R 25 -36.46 38.21 67.33
C GLY R 25 -37.28 37.72 66.15
N ILE R 26 -38.31 38.47 65.76
CA ILE R 26 -39.12 38.08 64.62
C ILE R 26 -38.37 38.32 63.33
N ALA R 27 -37.44 39.26 63.31
CA ALA R 27 -36.65 39.55 62.12
C ALA R 27 -35.45 38.63 61.97
N ILE R 28 -34.94 38.05 63.07
CA ILE R 28 -33.81 37.15 62.98
C ILE R 28 -34.24 35.82 62.36
N VAL R 29 -35.44 35.36 62.68
CA VAL R 29 -35.93 34.11 62.11
C VAL R 29 -36.39 34.32 60.66
N PHE R 30 -36.84 35.53 60.33
CA PHE R 30 -37.27 35.81 58.96
C PHE R 30 -36.10 36.02 58.03
N ALA R 31 -34.96 36.50 58.55
CA ALA R 31 -33.79 36.70 57.71
C ALA R 31 -33.14 35.38 57.33
N ALA R 32 -33.11 34.42 58.26
CA ALA R 32 -32.54 33.12 57.96
C ALA R 32 -33.45 32.27 57.08
N LEU R 33 -34.76 32.47 57.18
CA LEU R 33 -35.71 31.72 56.35
C LEU R 33 -35.74 32.24 54.93
N ILE R 34 -35.53 33.54 54.72
CA ILE R 34 -35.53 34.10 53.38
C ILE R 34 -34.26 33.72 52.62
N ASN R 35 -33.11 33.74 53.32
CA ASN R 35 -31.85 33.38 52.67
C ASN R 35 -31.67 31.87 52.60
N GLY R 36 -32.29 31.11 53.52
CA GLY R 36 -32.16 29.67 53.49
C GLY R 36 -33.03 29.00 52.45
N THR R 37 -34.15 29.61 52.10
CA THR R 37 -35.04 29.05 51.09
C THR R 37 -34.51 29.22 49.67
N SER R 38 -33.55 30.14 49.46
CA SER R 38 -32.99 30.36 48.14
C SER R 38 -32.00 29.28 47.73
N ARG R 39 -31.56 28.44 48.66
CA ARG R 39 -30.61 27.37 48.36
C ARG R 39 -31.28 26.07 47.93
N ASN R 40 -32.62 26.08 47.80
CA ASN R 40 -33.43 24.93 47.39
C ASN R 40 -33.42 23.83 48.45
N PRO R 41 -34.60 23.28 48.81
CA PRO R 41 -35.91 23.67 48.27
C PRO R 41 -36.97 23.78 49.35
N SER R 42 -36.55 23.99 50.60
CA SER R 42 -37.47 24.10 51.71
C SER R 42 -38.21 25.43 51.68
N LEU R 43 -39.38 25.45 51.03
CA LEU R 43 -40.19 26.67 50.93
C LEU R 43 -41.57 26.48 51.55
N ARG R 44 -42.34 25.50 51.10
CA ARG R 44 -43.67 25.25 51.64
C ARG R 44 -43.67 24.24 52.78
N ASN R 45 -42.53 23.59 53.04
CA ASN R 45 -42.43 22.59 54.11
C ASN R 45 -41.04 22.69 54.72
N THR R 46 -40.73 21.74 55.60
CA THR R 46 -39.43 21.68 56.28
C THR R 46 -39.14 22.98 57.03
N LEU R 47 -38.58 23.96 56.30
CA LEU R 47 -38.27 25.25 56.93
C LEU R 47 -39.52 26.07 57.20
N PHE R 48 -40.63 25.79 56.52
CA PHE R 48 -41.87 26.52 56.73
C PHE R 48 -42.47 26.15 58.07
N PRO R 49 -42.31 24.90 58.52
CA PRO R 49 -42.86 24.52 59.82
C PRO R 49 -42.07 25.07 61.00
N PHE R 50 -40.74 25.18 60.86
CA PHE R 50 -39.92 25.73 61.93
C PHE R 50 -40.02 27.24 62.04
N ALA R 51 -40.37 27.92 60.95
CA ALA R 51 -40.50 29.38 61.01
C ALA R 51 -41.78 29.79 61.74
N ILE R 52 -42.85 29.00 61.59
CA ILE R 52 -44.10 29.31 62.28
C ILE R 52 -44.00 28.98 63.76
N LEU R 53 -43.34 27.86 64.09
CA LEU R 53 -43.17 27.48 65.49
C LEU R 53 -42.11 28.32 66.19
N GLY R 54 -41.07 28.75 65.45
CA GLY R 54 -40.04 29.56 66.05
C GLY R 54 -40.46 30.99 66.32
N PHE R 55 -41.38 31.52 65.51
CA PHE R 55 -41.85 32.88 65.71
C PHE R 55 -42.78 32.99 66.91
N ALA R 56 -43.48 31.90 67.26
CA ALA R 56 -44.37 31.93 68.41
C ALA R 56 -43.60 31.93 69.73
N LEU R 57 -42.42 31.31 69.74
CA LEU R 57 -41.61 31.28 70.97
C LEU R 57 -40.97 32.64 71.24
N SER R 58 -40.54 33.33 70.19
CA SER R 58 -39.93 34.64 70.36
C SER R 58 -40.96 35.72 70.68
N GLU R 59 -42.21 35.52 70.26
CA GLU R 59 -43.27 36.48 70.53
C GLU R 59 -43.87 36.34 71.92
N ALA R 60 -43.50 35.30 72.66
CA ALA R 60 -44.02 35.13 74.01
C ALA R 60 -43.41 36.13 74.99
N THR R 61 -42.21 36.63 74.69
CA THR R 61 -41.58 37.60 75.58
C THR R 61 -42.24 38.96 75.47
N GLY R 62 -42.74 39.32 74.28
CA GLY R 62 -43.40 40.61 74.12
C GLY R 62 -44.80 40.65 74.71
N LEU R 63 -45.51 39.52 74.68
CA LEU R 63 -46.86 39.49 75.25
C LEU R 63 -46.84 39.42 76.77
N PHE R 64 -45.83 38.76 77.35
CA PHE R 64 -45.76 38.69 78.81
C PHE R 64 -45.29 40.00 79.41
N CYS R 65 -44.40 40.72 78.72
CA CYS R 65 -43.93 42.00 79.23
C CYS R 65 -44.96 43.10 79.08
N LEU R 66 -45.83 43.01 78.07
CA LEU R 66 -46.87 44.02 77.87
C LEU R 66 -48.04 43.86 78.83
N MET R 67 -48.19 42.68 79.45
CA MET R 67 -49.29 42.48 80.38
C MET R 67 -49.06 43.20 81.70
N ILE R 68 -47.80 43.28 82.14
CA ILE R 68 -47.49 43.97 83.39
C ILE R 68 -47.51 45.48 83.23
N SER R 69 -47.38 45.99 81.99
CA SER R 69 -47.40 47.43 81.78
C SER R 69 -48.82 47.98 81.77
N PHE R 70 -49.75 47.25 81.16
CA PHE R 70 -51.14 47.69 81.11
C PHE R 70 -51.87 47.49 82.43
N LEU R 71 -51.37 46.62 83.30
CA LEU R 71 -51.99 46.37 84.59
C LEU R 71 -51.43 47.24 85.71
N LEU R 72 -50.48 48.11 85.41
CA LEU R 72 -49.89 48.98 86.43
C LEU R 72 -50.33 50.43 86.21
N MET S 1 -47.60 53.75 104.19
CA MET S 1 -47.12 52.69 103.30
C MET S 1 -46.96 53.21 101.87
N GLN S 2 -46.69 54.51 101.75
CA GLN S 2 -46.51 55.11 100.43
C GLN S 2 -45.17 54.75 99.81
N LEU S 3 -44.14 54.55 100.63
CA LEU S 3 -42.82 54.20 100.11
C LEU S 3 -42.76 52.75 99.65
N VAL S 4 -43.52 51.85 100.30
CA VAL S 4 -43.50 50.45 99.90
C VAL S 4 -44.34 50.23 98.65
N LEU S 5 -45.41 50.99 98.47
CA LEU S 5 -46.25 50.83 97.29
C LEU S 5 -45.60 51.42 96.04
N ALA S 6 -44.82 52.49 96.18
CA ALA S 6 -44.16 53.08 95.02
C ALA S 6 -42.99 52.23 94.55
N ALA S 7 -42.24 51.64 95.48
CA ALA S 7 -41.11 50.79 95.11
C ALA S 7 -41.55 49.43 94.57
N LYS S 8 -42.75 48.97 94.93
CA LYS S 8 -43.21 47.68 94.44
C LYS S 8 -43.64 47.76 92.97
N TYR S 9 -44.15 48.92 92.54
CA TYR S 9 -44.56 49.07 91.15
C TYR S 9 -43.35 49.18 90.23
N ILE S 10 -42.28 49.82 90.71
CA ILE S 10 -41.07 49.96 89.91
C ILE S 10 -40.27 48.68 89.83
N GLY S 11 -40.48 47.75 90.76
CA GLY S 11 -39.75 46.49 90.73
C GLY S 11 -40.21 45.56 89.64
N ALA S 12 -41.51 45.56 89.33
CA ALA S 12 -42.03 44.71 88.27
C ALA S 12 -41.64 45.22 86.88
N ALA S 13 -41.36 46.51 86.74
CA ALA S 13 -40.97 47.08 85.46
C ALA S 13 -39.46 47.01 85.23
N ILE S 14 -38.67 47.15 86.29
CA ILE S 14 -37.22 47.08 86.14
C ILE S 14 -36.77 45.65 85.91
N ALA S 15 -37.51 44.67 86.45
CA ALA S 15 -37.16 43.27 86.25
C ALA S 15 -37.53 42.76 84.87
N THR S 16 -38.36 43.49 84.13
CA THR S 16 -38.75 43.10 82.78
C THR S 16 -37.73 43.46 81.73
N ILE S 17 -36.60 44.08 82.11
CA ILE S 17 -35.57 44.44 81.15
C ILE S 17 -34.81 43.22 80.66
N GLY S 18 -34.86 42.11 81.41
CA GLY S 18 -34.18 40.89 81.02
C GLY S 18 -34.87 40.08 79.95
N LEU S 19 -36.01 40.54 79.43
CA LEU S 19 -36.71 39.81 78.39
C LEU S 19 -36.02 39.91 77.04
N THR S 20 -35.09 40.86 76.88
CA THR S 20 -34.38 40.99 75.61
C THR S 20 -33.42 39.83 75.38
N GLY S 21 -32.85 39.28 76.46
CA GLY S 21 -31.94 38.15 76.34
C GLY S 21 -32.67 36.84 76.11
N ALA S 22 -33.83 36.69 76.75
CA ALA S 22 -34.62 35.47 76.57
C ALA S 22 -35.38 35.47 75.25
N GLY S 23 -35.82 36.64 74.78
CA GLY S 23 -36.54 36.69 73.52
C GLY S 23 -35.61 36.49 72.33
N ILE S 24 -34.42 37.07 72.37
CA ILE S 24 -33.47 36.90 71.28
C ILE S 24 -32.78 35.54 71.33
N GLY S 25 -32.81 34.86 72.46
CA GLY S 25 -32.18 33.55 72.55
C GLY S 25 -32.95 32.47 71.81
N ILE S 26 -34.28 32.57 71.81
CA ILE S 26 -35.08 31.59 71.09
C ILE S 26 -34.98 31.81 69.59
N ALA S 27 -34.73 33.04 69.16
CA ALA S 27 -34.58 33.31 67.73
C ALA S 27 -33.18 33.02 67.22
N ILE S 28 -32.18 33.05 68.11
CA ILE S 28 -30.81 32.76 67.69
C ILE S 28 -30.65 31.27 67.42
N VAL S 29 -31.27 30.43 68.24
CA VAL S 29 -31.18 28.99 68.03
C VAL S 29 -32.06 28.55 66.85
N PHE S 30 -33.14 29.27 66.58
CA PHE S 30 -34.01 28.93 65.46
C PHE S 30 -33.43 29.38 64.13
N ALA S 31 -32.61 30.43 64.14
CA ALA S 31 -32.01 30.89 62.89
C ALA S 31 -30.92 29.95 62.41
N ALA S 32 -30.13 29.39 63.34
CA ALA S 32 -29.09 28.45 62.96
C ALA S 32 -29.65 27.09 62.59
N LEU S 33 -30.80 26.71 63.18
CA LEU S 33 -31.41 25.43 62.86
C LEU S 33 -32.14 25.47 61.52
N ILE S 34 -32.65 26.63 61.12
CA ILE S 34 -33.34 26.74 59.85
C ILE S 34 -32.34 26.75 58.69
N ASN S 35 -31.19 27.40 58.88
CA ASN S 35 -30.18 27.44 57.84
C ASN S 35 -29.41 26.13 57.74
N GLY S 36 -29.30 25.38 58.84
CA GLY S 36 -28.59 24.12 58.80
C GLY S 36 -29.42 22.97 58.27
N THR S 37 -30.74 23.05 58.41
CA THR S 37 -31.61 21.99 57.92
C THR S 37 -31.73 22.00 56.40
N SER S 38 -31.58 23.17 55.78
CA SER S 38 -31.66 23.28 54.32
C SER S 38 -30.38 22.86 53.62
N ARG S 39 -29.31 22.61 54.36
CA ARG S 39 -28.03 22.20 53.77
C ARG S 39 -27.90 20.69 53.64
N ASN S 40 -28.93 19.93 54.03
CA ASN S 40 -28.99 18.47 53.97
C ASN S 40 -28.02 17.83 54.95
N PRO S 41 -28.46 16.83 55.74
CA PRO S 41 -29.83 16.29 55.72
C PRO S 41 -30.38 16.04 57.12
N SER S 42 -29.78 16.68 58.12
CA SER S 42 -30.22 16.51 59.50
C SER S 42 -31.57 17.20 59.73
N LEU S 43 -32.66 16.44 59.60
CA LEU S 43 -34.00 16.98 59.81
C LEU S 43 -34.70 16.26 60.96
N ARG S 44 -35.10 15.01 60.78
CA ARG S 44 -35.76 14.26 61.82
C ARG S 44 -34.74 13.74 62.83
N ASN S 45 -34.95 14.08 64.10
CA ASN S 45 -34.07 13.67 65.20
C ASN S 45 -32.66 14.20 64.92
N THR S 46 -31.64 13.48 65.38
CA THR S 46 -30.24 13.85 65.21
C THR S 46 -29.98 15.27 65.71
N LEU S 47 -30.08 16.26 64.82
CA LEU S 47 -29.87 17.65 65.20
C LEU S 47 -31.11 18.30 65.80
N PHE S 48 -32.26 17.62 65.78
CA PHE S 48 -33.48 18.17 66.35
C PHE S 48 -33.43 18.10 67.87
N PRO S 49 -32.62 17.21 68.45
CA PRO S 49 -32.54 17.15 69.91
C PRO S 49 -31.79 18.31 70.51
N PHE S 50 -30.79 18.84 69.82
CA PHE S 50 -30.03 19.98 70.34
C PHE S 50 -30.83 21.27 70.26
N ALA S 51 -31.69 21.42 69.25
CA ALA S 51 -32.49 22.63 69.11
C ALA S 51 -33.62 22.68 70.14
N ILE S 52 -34.21 21.52 70.47
CA ILE S 52 -35.28 21.50 71.46
C ILE S 52 -34.71 21.70 72.87
N LEU S 53 -33.57 21.07 73.16
CA LEU S 53 -32.95 21.24 74.47
C LEU S 53 -32.28 22.58 74.62
N GLY S 54 -31.80 23.18 73.52
CA GLY S 54 -31.17 24.48 73.59
C GLY S 54 -32.15 25.61 73.84
N PHE S 55 -33.39 25.45 73.38
CA PHE S 55 -34.40 26.49 73.60
C PHE S 55 -34.87 26.51 75.04
N ALA S 56 -34.88 25.36 75.71
CA ALA S 56 -35.29 25.31 77.11
C ALA S 56 -34.24 25.90 78.04
N LEU S 57 -32.96 25.81 77.67
CA LEU S 57 -31.92 26.38 78.51
C LEU S 57 -31.90 27.89 78.43
N SER S 58 -32.14 28.45 77.24
CA SER S 58 -32.17 29.90 77.07
C SER S 58 -33.44 30.52 77.66
N GLU S 59 -34.53 29.75 77.77
CA GLU S 59 -35.77 30.26 78.33
C GLU S 59 -35.77 30.26 79.86
N ALA S 60 -34.75 29.69 80.50
CA ALA S 60 -34.70 29.67 81.95
C ALA S 60 -34.40 31.07 82.52
N THR S 61 -33.74 31.92 81.75
CA THR S 61 -33.44 33.27 82.22
C THR S 61 -34.69 34.14 82.25
N GLY S 62 -35.62 33.93 81.31
CA GLY S 62 -36.84 34.71 81.30
C GLY S 62 -37.83 34.29 82.37
N LEU S 63 -37.89 33.00 82.68
CA LEU S 63 -38.81 32.52 83.70
C LEU S 63 -38.32 32.84 85.10
N PHE S 64 -37.00 32.82 85.33
CA PHE S 64 -36.47 33.14 86.64
C PHE S 64 -36.55 34.63 86.93
N CYS S 65 -36.37 35.47 85.91
CA CYS S 65 -36.45 36.91 86.12
C CYS S 65 -37.89 37.38 86.31
N LEU S 66 -38.85 36.67 85.71
CA LEU S 66 -40.26 37.03 85.85
C LEU S 66 -40.83 36.64 87.22
N MET S 67 -40.18 35.71 87.93
CA MET S 67 -40.69 35.31 89.23
C MET S 67 -40.43 36.38 90.28
N ILE S 68 -39.34 37.14 90.14
CA ILE S 68 -39.06 38.20 91.10
C ILE S 68 -39.97 39.40 90.89
N SER S 69 -40.47 39.58 89.67
CA SER S 69 -41.37 40.71 89.39
C SER S 69 -42.79 40.43 89.88
N PHE S 70 -43.24 39.18 89.74
CA PHE S 70 -44.58 38.82 90.19
C PHE S 70 -44.68 38.66 91.70
N LEU S 71 -43.59 38.33 92.37
CA LEU S 71 -43.61 38.18 93.82
C LEU S 71 -43.67 39.52 94.56
N LEU S 72 -43.23 40.60 93.92
CA LEU S 72 -43.23 41.92 94.52
C LEU S 72 -44.42 42.76 94.07
N LEU S 73 -45.47 42.13 93.55
CA LEU S 73 -46.65 42.84 93.09
C LEU S 73 -47.92 42.24 93.68
N MET T 1 -37.84 52.41 109.35
CA MET T 1 -36.87 52.03 108.33
C MET T 1 -37.49 52.03 106.95
N GLN T 2 -38.05 53.17 106.54
CA GLN T 2 -38.68 53.26 105.24
C GLN T 2 -37.65 53.35 104.11
N LEU T 3 -36.46 53.87 104.40
CA LEU T 3 -35.43 53.98 103.37
C LEU T 3 -34.78 52.63 103.07
N VAL T 4 -34.64 51.77 104.08
CA VAL T 4 -34.03 50.47 103.85
C VAL T 4 -35.01 49.52 103.15
N LEU T 5 -36.31 49.67 103.40
CA LEU T 5 -37.29 48.80 102.76
C LEU T 5 -37.52 49.17 101.31
N ALA T 6 -37.40 50.45 100.96
CA ALA T 6 -37.59 50.87 99.58
C ALA T 6 -36.39 50.53 98.71
N ALA T 7 -35.18 50.62 99.28
CA ALA T 7 -33.98 50.30 98.53
C ALA T 7 -33.78 48.80 98.34
N LYS T 8 -34.36 47.98 99.23
CA LYS T 8 -34.22 46.54 99.09
C LYS T 8 -35.08 45.99 97.96
N TYR T 9 -36.24 46.60 97.72
CA TYR T 9 -37.11 46.14 96.64
C TYR T 9 -36.55 46.52 95.27
N ILE T 10 -35.94 47.71 95.17
CA ILE T 10 -35.36 48.14 93.91
C ILE T 10 -34.03 47.45 93.61
N GLY T 11 -33.36 46.92 94.65
CA GLY T 11 -32.10 46.24 94.42
C GLY T 11 -32.26 44.87 93.79
N ALA T 12 -33.38 44.18 94.08
CA ALA T 12 -33.61 42.88 93.50
C ALA T 12 -34.01 42.98 92.03
N ALA T 13 -34.60 44.09 91.63
CA ALA T 13 -35.02 44.29 90.25
C ALA T 13 -33.92 44.88 89.38
N ILE T 14 -33.07 45.74 89.95
CA ILE T 14 -31.99 46.33 89.16
C ILE T 14 -30.88 45.31 88.92
N ALA T 15 -30.73 44.35 89.82
CA ALA T 15 -29.71 43.32 89.67
C ALA T 15 -30.07 42.27 88.63
N THR T 16 -31.32 42.24 88.16
CA THR T 16 -31.76 41.30 87.16
C THR T 16 -31.42 41.74 85.73
N ILE T 17 -30.69 42.85 85.57
CA ILE T 17 -30.34 43.30 84.24
C ILE T 17 -29.27 42.43 83.60
N GLY T 18 -28.54 41.65 84.40
CA GLY T 18 -27.51 40.76 83.90
C GLY T 18 -28.01 39.48 83.27
N LEU T 19 -29.34 39.29 83.21
CA LEU T 19 -29.89 38.08 82.60
C LEU T 19 -29.78 38.10 81.08
N THR T 20 -29.52 39.27 80.49
CA THR T 20 -29.38 39.34 79.03
C THR T 20 -28.11 38.65 78.55
N GLY T 21 -27.03 38.74 79.34
CA GLY T 21 -25.79 38.06 78.96
C GLY T 21 -25.81 36.57 79.21
N ALA T 22 -26.49 36.13 80.26
CA ALA T 22 -26.57 34.71 80.55
C ALA T 22 -27.62 34.01 79.70
N GLY T 23 -28.70 34.70 79.36
CA GLY T 23 -29.73 34.10 78.51
C GLY T 23 -29.29 33.96 77.08
N ILE T 24 -28.61 34.98 76.55
CA ILE T 24 -28.12 34.91 75.17
C ILE T 24 -26.86 34.07 75.05
N GLY T 25 -26.16 33.81 76.16
CA GLY T 25 -24.96 33.00 76.10
C GLY T 25 -25.25 31.52 75.87
N ILE T 26 -26.40 31.04 76.36
CA ILE T 26 -26.75 29.64 76.16
C ILE T 26 -27.17 29.39 74.71
N ALA T 27 -27.69 30.42 74.03
CA ALA T 27 -28.08 30.27 72.64
C ALA T 27 -26.92 30.45 71.67
N ILE T 28 -25.86 31.15 72.08
CA ILE T 28 -24.71 31.33 71.21
C ILE T 28 -23.91 30.04 71.10
N VAL T 29 -23.81 29.29 72.20
CA VAL T 29 -23.09 28.03 72.16
C VAL T 29 -23.91 26.95 71.47
N PHE T 30 -25.24 27.04 71.54
CA PHE T 30 -26.09 26.06 70.88
C PHE T 30 -26.20 26.32 69.38
N ALA T 31 -26.03 27.56 68.95
CA ALA T 31 -26.11 27.87 67.53
C ALA T 31 -24.86 27.37 66.78
N ALA T 32 -23.70 27.47 67.42
CA ALA T 32 -22.47 27.00 66.78
C ALA T 32 -22.38 25.48 66.80
N LEU T 33 -22.98 24.83 67.79
CA LEU T 33 -22.96 23.37 67.84
C LEU T 33 -23.95 22.75 66.88
N ILE T 34 -25.10 23.39 66.65
CA ILE T 34 -26.09 22.86 65.72
C ILE T 34 -25.63 23.05 64.27
N ASN T 35 -24.99 24.19 63.98
CA ASN T 35 -24.51 24.44 62.62
C ASN T 35 -23.23 23.67 62.32
N GLY T 36 -22.44 23.36 63.35
CA GLY T 36 -21.20 22.62 63.13
C GLY T 36 -21.37 21.12 63.07
N THR T 37 -22.46 20.60 63.63
CA THR T 37 -22.68 19.16 63.60
C THR T 37 -23.12 18.68 62.22
N SER T 38 -23.72 19.55 61.42
CA SER T 38 -24.16 19.20 60.08
C SER T 38 -23.04 19.26 59.05
N ARG T 39 -21.84 19.68 59.44
CA ARG T 39 -20.70 19.76 58.54
C ARG T 39 -19.90 18.47 58.47
N ASN T 40 -20.32 17.42 59.19
CA ASN T 40 -19.70 16.10 59.25
C ASN T 40 -18.33 16.17 59.92
N PRO T 41 -18.05 15.30 60.91
CA PRO T 41 -18.99 14.27 61.40
C PRO T 41 -18.97 14.14 62.92
N SER T 42 -18.62 15.23 63.60
CA SER T 42 -18.56 15.24 65.06
C SER T 42 -19.98 15.21 65.62
N LEU T 43 -20.42 14.05 66.09
CA LEU T 43 -21.75 13.87 66.65
C LEU T 43 -21.66 13.44 68.11
N ARG T 44 -21.25 12.19 68.37
CA ARG T 44 -21.14 11.71 69.74
C ARG T 44 -19.84 12.20 70.36
N ASN T 45 -19.94 12.81 71.53
CA ASN T 45 -18.80 13.35 72.27
C ASN T 45 -18.09 14.39 71.39
N THR T 46 -16.77 14.52 71.55
CA THR T 46 -15.96 15.47 70.78
C THR T 46 -16.51 16.88 70.89
N LEU T 47 -17.37 17.26 69.94
CA LEU T 47 -17.98 18.59 69.96
C LEU T 47 -19.14 18.69 70.93
N PHE T 48 -19.76 17.56 71.29
CA PHE T 48 -20.87 17.56 72.23
C PHE T 48 -20.37 17.75 73.64
N PRO T 49 -19.12 17.39 73.93
CA PRO T 49 -18.59 17.57 75.29
C PRO T 49 -18.29 19.02 75.60
N PHE T 50 -17.92 19.79 74.58
CA PHE T 50 -17.63 21.20 74.78
C PHE T 50 -18.89 22.03 74.98
N ALA T 51 -20.03 21.58 74.45
CA ALA T 51 -21.27 22.32 74.62
C ALA T 51 -21.83 22.18 76.03
N ILE T 52 -21.63 21.02 76.66
CA ILE T 52 -22.11 20.82 78.02
C ILE T 52 -21.23 21.56 79.02
N LEU T 53 -19.91 21.52 78.82
CA LEU T 53 -19.00 22.22 79.71
C LEU T 53 -19.00 23.73 79.47
N GLY T 54 -19.22 24.15 78.22
CA GLY T 54 -19.26 25.58 77.92
C GLY T 54 -20.53 26.25 78.42
N PHE T 55 -21.62 25.50 78.54
CA PHE T 55 -22.87 26.08 79.03
C PHE T 55 -22.81 26.33 80.54
N ALA T 56 -22.00 25.56 81.27
CA ALA T 56 -21.88 25.77 82.71
C ALA T 56 -21.09 27.03 83.03
N LEU T 57 -20.12 27.39 82.18
CA LEU T 57 -19.34 28.60 82.42
C LEU T 57 -20.15 29.85 82.12
N SER T 58 -21.00 29.81 81.08
CA SER T 58 -21.82 30.97 80.75
C SER T 58 -22.97 31.15 81.73
N GLU T 59 -23.43 30.06 82.35
CA GLU T 59 -24.51 30.14 83.32
C GLU T 59 -24.04 30.58 84.70
N ALA T 60 -22.73 30.69 84.93
CA ALA T 60 -22.23 31.13 86.22
C ALA T 60 -22.48 32.61 86.44
N THR T 61 -22.58 33.40 85.37
CA THR T 61 -22.84 34.82 85.52
C THR T 61 -24.28 35.09 85.96
N GLY T 62 -25.24 34.28 85.49
CA GLY T 62 -26.62 34.46 85.90
C GLY T 62 -26.91 33.97 87.31
N LEU T 63 -26.22 32.90 87.74
CA LEU T 63 -26.43 32.40 89.09
C LEU T 63 -25.76 33.27 90.14
N PHE T 64 -24.60 33.85 89.82
CA PHE T 64 -23.93 34.72 90.79
C PHE T 64 -24.63 36.06 90.92
N CYS T 65 -25.21 36.57 89.82
CA CYS T 65 -25.92 37.85 89.89
C CYS T 65 -27.26 37.70 90.60
N LEU T 66 -27.88 36.52 90.52
CA LEU T 66 -29.16 36.30 91.18
C LEU T 66 -29.01 36.10 92.68
N MET T 67 -27.82 35.74 93.16
CA MET T 67 -27.63 35.55 94.59
C MET T 67 -27.60 36.88 95.34
N ILE T 68 -27.11 37.94 94.69
CA ILE T 68 -27.07 39.25 95.35
C ILE T 68 -28.45 39.89 95.36
N SER T 69 -29.31 39.53 94.42
CA SER T 69 -30.65 40.10 94.38
C SER T 69 -31.57 39.44 95.41
N PHE T 70 -31.42 38.13 95.62
CA PHE T 70 -32.24 37.43 96.59
C PHE T 70 -31.78 37.66 98.03
N LEU T 71 -30.51 38.03 98.23
CA LEU T 71 -30.02 38.29 99.57
C LEU T 71 -30.49 39.63 100.13
N LEU T 72 -30.77 40.59 99.25
CA LEU T 72 -31.23 41.90 99.69
C LEU T 72 -32.71 41.89 100.04
N LEU T 73 -33.49 40.96 99.49
CA LEU T 73 -34.90 40.86 99.75
C LEU T 73 -35.24 39.77 100.76
N TYR T 74 -34.24 39.20 101.41
CA TYR T 74 -34.46 38.14 102.40
C TYR T 74 -33.48 38.25 103.55
N MET U 1 -25.85 56.36 108.13
CA MET U 1 -27.21 55.84 108.18
C MET U 1 -28.12 56.62 107.24
N GLN U 2 -29.39 56.20 107.17
CA GLN U 2 -30.40 56.82 106.32
C GLN U 2 -29.95 56.88 104.87
N LEU U 3 -29.25 57.95 104.49
CA LEU U 3 -28.76 58.08 103.11
C LEU U 3 -27.58 57.16 102.84
N VAL U 4 -26.80 56.82 103.86
CA VAL U 4 -25.66 55.93 103.65
C VAL U 4 -26.11 54.49 103.50
N LEU U 5 -27.16 54.08 104.21
CA LEU U 5 -27.65 52.72 104.10
C LEU U 5 -28.39 52.46 102.79
N ALA U 6 -29.11 53.47 102.28
CA ALA U 6 -29.84 53.31 101.03
C ALA U 6 -28.90 53.30 99.83
N ALA U 7 -27.80 54.04 99.90
CA ALA U 7 -26.86 54.07 98.77
C ALA U 7 -26.03 52.80 98.69
N LYS U 8 -25.83 52.10 99.82
CA LYS U 8 -25.06 50.87 99.81
C LYS U 8 -25.84 49.72 99.18
N TYR U 9 -27.15 49.66 99.39
CA TYR U 9 -27.96 48.59 98.80
C TYR U 9 -28.14 48.80 97.31
N ILE U 10 -28.29 50.05 96.87
CA ILE U 10 -28.46 50.33 95.45
C ILE U 10 -27.14 50.21 94.68
N GLY U 11 -26.00 50.29 95.38
CA GLY U 11 -24.73 50.17 94.68
C GLY U 11 -24.41 48.76 94.25
N ALA U 12 -24.86 47.76 95.02
CA ALA U 12 -24.61 46.37 94.66
C ALA U 12 -25.48 45.91 93.50
N ALA U 13 -26.60 46.58 93.24
CA ALA U 13 -27.46 46.20 92.13
C ALA U 13 -27.02 46.83 90.82
N ILE U 14 -26.58 48.10 90.87
CA ILE U 14 -26.13 48.79 89.67
C ILE U 14 -24.78 48.27 89.20
N ALA U 15 -23.95 47.75 90.11
CA ALA U 15 -22.65 47.21 89.75
C ALA U 15 -22.73 45.87 89.05
N THR U 16 -23.89 45.20 89.10
CA THR U 16 -24.07 43.91 88.44
C THR U 16 -24.39 44.04 86.96
N ILE U 17 -24.39 45.26 86.41
CA ILE U 17 -24.68 45.43 84.99
C ILE U 17 -23.53 44.96 84.13
N GLY U 18 -22.33 44.85 84.69
CA GLY U 18 -21.17 44.38 83.94
C GLY U 18 -21.13 42.89 83.68
N LEU U 19 -22.11 42.13 84.16
CA LEU U 19 -22.16 40.70 83.93
C LEU U 19 -22.54 40.34 82.50
N THR U 20 -23.05 41.29 81.73
CA THR U 20 -23.41 41.01 80.34
C THR U 20 -22.17 40.79 79.48
N GLY U 21 -21.09 41.53 79.74
CA GLY U 21 -19.87 41.33 78.98
C GLY U 21 -19.10 40.10 79.39
N ALA U 22 -19.13 39.75 80.68
CA ALA U 22 -18.43 38.55 81.14
C ALA U 22 -19.22 37.29 80.85
N GLY U 23 -20.56 37.36 80.90
CA GLY U 23 -21.36 36.18 80.60
C GLY U 23 -21.36 35.83 79.13
N ILE U 24 -21.41 36.84 78.26
CA ILE U 24 -21.38 36.58 76.83
C ILE U 24 -19.97 36.27 76.33
N GLY U 25 -18.93 36.60 77.11
CA GLY U 25 -17.58 36.30 76.69
C GLY U 25 -17.24 34.82 76.73
N ILE U 26 -17.88 34.07 77.64
CA ILE U 26 -17.64 32.63 77.70
C ILE U 26 -18.30 31.92 76.53
N ALA U 27 -19.36 32.51 75.97
CA ALA U 27 -20.03 31.90 74.81
C ALA U 27 -19.36 32.27 73.50
N ILE U 28 -18.69 33.44 73.45
CA ILE U 28 -18.02 33.84 72.21
C ILE U 28 -16.76 33.01 71.99
N VAL U 29 -16.05 32.68 73.07
CA VAL U 29 -14.85 31.85 72.94
C VAL U 29 -15.22 30.39 72.72
N PHE U 30 -16.37 29.95 73.21
CA PHE U 30 -16.79 28.57 73.03
C PHE U 30 -17.39 28.34 71.65
N ALA U 31 -17.94 29.38 71.02
CA ALA U 31 -18.51 29.22 69.69
C ALA U 31 -17.43 29.08 68.63
N ALA U 32 -16.33 29.83 68.78
CA ALA U 32 -15.23 29.72 67.83
C ALA U 32 -14.42 28.45 68.02
N LEU U 33 -14.35 27.94 69.24
CA LEU U 33 -13.61 26.72 69.50
C LEU U 33 -14.36 25.48 69.05
N ILE U 34 -15.69 25.48 69.16
CA ILE U 34 -16.49 24.34 68.73
C ILE U 34 -16.58 24.28 67.21
N ASN U 35 -16.73 25.44 66.56
CA ASN U 35 -16.82 25.48 65.11
C ASN U 35 -15.46 25.26 64.45
N GLY U 36 -14.38 25.66 65.12
CA GLY U 36 -13.04 25.47 64.55
C GLY U 36 -12.47 24.09 64.73
N THR U 37 -12.98 23.33 65.71
CA THR U 37 -12.49 21.98 65.94
C THR U 37 -13.00 20.96 64.92
N SER U 38 -14.03 21.32 64.14
CA SER U 38 -14.56 20.41 63.13
C SER U 38 -13.74 20.40 61.85
N ARG U 39 -12.70 21.23 61.76
CA ARG U 39 -11.87 21.28 60.56
C ARG U 39 -10.77 20.23 60.55
N ASN U 40 -10.63 19.46 61.64
CA ASN U 40 -9.64 18.39 61.81
C ASN U 40 -8.22 18.94 61.82
N PRO U 41 -7.48 18.77 62.93
CA PRO U 41 -7.92 18.09 64.15
C PRO U 41 -7.44 18.77 65.43
N SER U 42 -7.92 19.99 65.67
CA SER U 42 -7.54 20.75 66.86
C SER U 42 -8.31 20.20 68.05
N LEU U 43 -7.73 19.18 68.68
CA LEU U 43 -8.36 18.56 69.84
C LEU U 43 -7.46 18.68 71.08
N ARG U 44 -6.43 17.85 71.16
CA ARG U 44 -5.52 17.88 72.29
C ARG U 44 -4.61 19.10 72.18
N ASN U 45 -4.62 19.95 73.22
CA ASN U 45 -3.82 21.17 73.28
C ASN U 45 -4.20 22.05 72.09
N THR U 46 -3.24 22.84 71.59
CA THR U 46 -3.45 23.74 70.47
C THR U 46 -4.63 24.68 70.71
N LEU U 47 -5.82 24.25 70.30
CA LEU U 47 -7.02 25.06 70.51
C LEU U 47 -7.57 24.94 71.93
N PHE U 48 -7.27 23.85 72.63
CA PHE U 48 -7.74 23.66 73.99
C PHE U 48 -6.96 24.57 74.94
N PRO U 49 -5.69 24.87 74.63
CA PRO U 49 -4.91 25.74 75.51
C PRO U 49 -5.33 27.20 75.38
N PHE U 50 -5.69 27.61 74.17
CA PHE U 50 -6.13 28.98 73.94
C PHE U 50 -7.53 29.22 74.48
N ALA U 51 -8.39 28.20 74.48
CA ALA U 51 -9.74 28.37 74.99
C ALA U 51 -9.75 28.41 76.51
N ILE U 52 -8.86 27.67 77.17
CA ILE U 52 -8.81 27.68 78.63
C ILE U 52 -8.17 28.97 79.13
N LEU U 53 -7.12 29.44 78.44
CA LEU U 53 -6.48 30.68 78.84
C LEU U 53 -7.30 31.91 78.46
N GLY U 54 -8.05 31.84 77.35
CA GLY U 54 -8.87 32.97 76.96
C GLY U 54 -10.10 33.13 77.82
N PHE U 55 -10.61 32.03 78.39
CA PHE U 55 -11.78 32.12 79.25
C PHE U 55 -11.44 32.72 80.61
N ALA U 56 -10.19 32.55 81.06
CA ALA U 56 -9.80 33.13 82.34
C ALA U 56 -9.63 34.64 82.25
N LEU U 57 -9.23 35.16 81.08
CA LEU U 57 -9.08 36.60 80.92
C LEU U 57 -10.44 37.29 80.83
N SER U 58 -11.41 36.65 80.18
CA SER U 58 -12.74 37.23 80.07
C SER U 58 -13.51 37.15 81.39
N GLU U 59 -13.21 36.15 82.22
CA GLU U 59 -13.87 36.00 83.51
C GLU U 59 -13.30 36.92 84.58
N ALA U 60 -12.17 37.58 84.30
CA ALA U 60 -11.60 38.51 85.28
C ALA U 60 -12.42 39.78 85.41
N THR U 61 -13.15 40.15 84.36
CA THR U 61 -13.98 41.35 84.44
C THR U 61 -15.20 41.15 85.33
N GLY U 62 -15.76 39.94 85.32
CA GLY U 62 -16.90 39.66 86.18
C GLY U 62 -16.55 39.48 87.64
N LEU U 63 -15.37 38.91 87.92
CA LEU U 63 -14.94 38.72 89.30
C LEU U 63 -14.49 40.02 89.94
N PHE U 64 -13.85 40.90 89.18
CA PHE U 64 -13.41 42.17 89.73
C PHE U 64 -14.57 43.12 89.95
N CYS U 65 -15.59 43.08 89.10
CA CYS U 65 -16.75 43.95 89.27
C CYS U 65 -17.63 43.47 90.41
N LEU U 66 -17.64 42.17 90.69
CA LEU U 66 -18.44 41.64 91.79
C LEU U 66 -17.84 41.91 93.16
N MET U 67 -16.54 42.19 93.22
CA MET U 67 -15.91 42.47 94.50
C MET U 67 -16.29 43.85 95.02
N ILE U 68 -16.53 44.81 94.13
CA ILE U 68 -16.92 46.14 94.56
C ILE U 68 -18.37 46.16 95.02
N SER U 69 -19.22 45.28 94.46
CA SER U 69 -20.61 45.23 94.87
C SER U 69 -20.80 44.52 96.20
N PHE U 70 -20.01 43.49 96.48
CA PHE U 70 -20.12 42.78 97.74
C PHE U 70 -19.47 43.52 98.89
N LEU U 71 -18.50 44.41 98.61
CA LEU U 71 -17.85 45.16 99.68
C LEU U 71 -18.74 46.27 100.22
N LEU U 72 -19.65 46.80 99.41
CA LEU U 72 -20.54 47.86 99.85
C LEU U 72 -21.71 47.33 100.68
N LEU U 73 -22.06 46.06 100.54
CA LEU U 73 -23.16 45.47 101.28
C LEU U 73 -22.69 44.64 102.47
N TYR U 74 -21.39 44.66 102.76
CA TYR U 74 -20.84 43.91 103.88
C TYR U 74 -19.67 44.65 104.53
N MET V 1 -22.65 67.08 104.84
CA MET V 1 -21.99 66.14 103.94
C MET V 1 -22.85 64.90 103.72
N GLN V 2 -24.16 65.04 103.91
CA GLN V 2 -25.06 63.91 103.73
C GLN V 2 -25.29 63.61 102.25
N LEU V 3 -25.36 64.65 101.41
CA LEU V 3 -25.58 64.43 99.99
C LEU V 3 -24.32 63.96 99.29
N VAL V 4 -23.15 64.37 99.79
CA VAL V 4 -21.89 63.94 99.17
C VAL V 4 -21.55 62.50 99.57
N LEU V 5 -22.02 62.04 100.73
CA LEU V 5 -21.73 60.68 101.15
C LEU V 5 -22.57 59.66 100.39
N ALA V 6 -23.82 60.01 100.09
CA ALA V 6 -24.68 59.09 99.34
C ALA V 6 -24.30 59.02 97.86
N ALA V 7 -23.75 60.10 97.31
CA ALA V 7 -23.35 60.11 95.91
C ALA V 7 -22.03 59.39 95.68
N LYS V 8 -21.24 59.16 96.73
CA LYS V 8 -19.96 58.47 96.56
C LYS V 8 -20.18 56.98 96.32
N TYR V 9 -21.17 56.39 96.98
CA TYR V 9 -21.45 54.97 96.80
C TYR V 9 -22.11 54.69 95.45
N ILE V 10 -22.96 55.59 94.97
CA ILE V 10 -23.61 55.40 93.68
C ILE V 10 -22.68 55.72 92.52
N GLY V 11 -21.62 56.48 92.76
CA GLY V 11 -20.70 56.80 91.67
C GLY V 11 -19.83 55.63 91.28
N ALA V 12 -19.46 54.78 92.25
CA ALA V 12 -18.64 53.62 91.96
C ALA V 12 -19.44 52.49 91.31
N ALA V 13 -20.77 52.53 91.40
CA ALA V 13 -21.60 51.48 90.80
C ALA V 13 -21.90 51.79 89.33
N ILE V 14 -22.21 53.05 89.02
CA ILE V 14 -22.52 53.42 87.64
C ILE V 14 -21.27 53.47 86.78
N ALA V 15 -20.10 53.67 87.39
CA ALA V 15 -18.84 53.71 86.64
C ALA V 15 -18.37 52.33 86.20
N THR V 16 -18.96 51.26 86.74
CA THR V 16 -18.59 49.90 86.37
C THR V 16 -19.32 49.40 85.14
N ILE V 17 -20.03 50.28 84.43
CA ILE V 17 -20.74 49.86 83.23
C ILE V 17 -19.80 49.60 82.07
N GLY V 18 -18.57 50.09 82.14
CA GLY V 18 -17.59 49.87 81.09
C GLY V 18 -16.96 48.49 81.06
N LEU V 19 -17.33 47.62 81.99
CA LEU V 19 -16.78 46.27 82.00
C LEU V 19 -17.33 45.41 80.88
N THR V 20 -18.46 45.80 80.28
CA THR V 20 -19.02 45.02 79.18
C THR V 20 -18.17 45.13 77.93
N GLY V 21 -17.55 46.28 77.70
CA GLY V 21 -16.69 46.46 76.54
C GLY V 21 -15.32 45.83 76.73
N ALA V 22 -14.80 45.89 77.96
CA ALA V 22 -13.50 45.28 78.24
C ALA V 22 -13.60 43.77 78.43
N GLY V 23 -14.72 43.28 78.95
CA GLY V 23 -14.88 41.84 79.11
C GLY V 23 -15.11 41.12 77.80
N ILE V 24 -15.89 41.74 76.90
CA ILE V 24 -16.13 41.14 75.60
C ILE V 24 -14.95 41.30 74.65
N GLY V 25 -14.04 42.23 74.94
CA GLY V 25 -12.88 42.42 74.08
C GLY V 25 -11.87 41.29 74.19
N ILE V 26 -11.79 40.66 75.36
CA ILE V 26 -10.86 39.55 75.53
C ILE V 26 -11.34 38.31 74.79
N ALA V 27 -12.67 38.17 74.63
CA ALA V 27 -13.21 37.03 73.91
C ALA V 27 -13.24 37.27 72.41
N ILE V 28 -13.33 38.53 71.98
CA ILE V 28 -13.34 38.82 70.54
C ILE V 28 -11.95 38.63 69.95
N VAL V 29 -10.90 38.98 70.69
CA VAL V 29 -9.54 38.80 70.19
C VAL V 29 -9.14 37.33 70.23
N PHE V 30 -9.69 36.56 71.17
CA PHE V 30 -9.37 35.14 71.27
C PHE V 30 -10.17 34.30 70.29
N ALA V 31 -11.31 34.79 69.80
CA ALA V 31 -12.10 34.03 68.85
C ALA V 31 -11.44 34.03 67.47
N ALA V 32 -10.86 35.16 67.06
CA ALA V 32 -10.18 35.21 65.78
C ALA V 32 -8.85 34.48 65.80
N LEU V 33 -8.19 34.43 66.96
CA LEU V 33 -6.92 33.72 67.07
C LEU V 33 -7.11 32.21 67.10
N ILE V 34 -8.20 31.73 67.72
CA ILE V 34 -8.44 30.30 67.77
C ILE V 34 -8.93 29.78 66.43
N ASN V 35 -9.82 30.53 65.76
CA ASN V 35 -10.32 30.13 64.46
C ASN V 35 -9.30 30.31 63.35
N GLY V 36 -8.37 31.26 63.49
CA GLY V 36 -7.37 31.48 62.47
C GLY V 36 -6.16 30.57 62.59
N THR V 37 -5.92 30.00 63.75
CA THR V 37 -4.78 29.09 63.93
C THR V 37 -5.00 27.74 63.27
N SER V 38 -6.26 27.36 63.03
CA SER V 38 -6.56 26.08 62.39
C SER V 38 -6.50 26.15 60.87
N ARG V 39 -6.09 27.27 60.30
CA ARG V 39 -5.99 27.43 58.86
C ARG V 39 -4.61 27.07 58.31
N ASN V 40 -3.69 26.62 59.17
CA ASN V 40 -2.33 26.21 58.83
C ASN V 40 -1.53 27.39 58.28
N PRO V 41 -0.54 27.90 59.04
CA PRO V 41 -0.14 27.41 60.36
C PRO V 41 0.27 28.53 61.30
N SER V 42 -0.68 29.39 61.66
CA SER V 42 -0.42 30.52 62.56
C SER V 42 -0.35 29.98 63.99
N LEU V 43 0.84 29.57 64.40
CA LEU V 43 1.03 29.03 65.74
C LEU V 43 2.21 29.71 66.43
N ARG V 44 3.44 29.31 66.07
CA ARG V 44 4.62 29.89 66.67
C ARG V 44 4.85 31.31 66.14
N ASN V 45 4.84 32.29 67.04
CA ASN V 45 5.03 33.70 66.70
C ASN V 45 3.94 34.11 65.71
N THR V 46 4.27 35.03 64.80
CA THR V 46 3.34 35.53 63.79
C THR V 46 2.06 36.06 64.43
N LEU V 47 1.08 35.18 64.64
CA LEU V 47 -0.18 35.55 65.24
C LEU V 47 -0.16 35.48 66.76
N PHE V 48 0.85 34.85 67.35
CA PHE V 48 0.95 34.73 68.80
C PHE V 48 1.39 36.06 69.40
N PRO V 49 2.14 36.87 68.65
CA PRO V 49 2.58 38.17 69.19
C PRO V 49 1.47 39.21 69.16
N PHE V 50 0.59 39.11 68.16
CA PHE V 50 -0.52 40.06 68.05
C PHE V 50 -1.62 39.74 69.06
N ALA V 51 -1.74 38.49 69.48
CA ALA V 51 -2.76 38.13 70.45
C ALA V 51 -2.40 38.60 71.85
N ILE V 52 -1.11 38.56 72.19
CA ILE V 52 -0.67 39.01 73.51
C ILE V 52 -0.67 40.53 73.59
N LEU V 53 -0.27 41.20 72.51
CA LEU V 53 -0.26 42.66 72.50
C LEU V 53 -1.66 43.23 72.32
N GLY V 54 -2.53 42.55 71.58
CA GLY V 54 -3.88 43.04 71.39
C GLY V 54 -4.76 42.89 72.61
N PHE V 55 -4.49 41.89 73.45
CA PHE V 55 -5.28 41.70 74.65
C PHE V 55 -4.96 42.74 75.72
N ALA V 56 -3.73 43.25 75.72
CA ALA V 56 -3.35 44.26 76.69
C ALA V 56 -3.97 45.62 76.37
N LEU V 57 -4.18 45.91 75.09
CA LEU V 57 -4.78 47.18 74.71
C LEU V 57 -6.28 47.20 75.01
N SER V 58 -6.96 46.07 74.83
CA SER V 58 -8.39 46.01 75.12
C SER V 58 -8.67 45.96 76.61
N GLU V 59 -7.73 45.44 77.41
CA GLU V 59 -7.91 45.37 78.85
C GLU V 59 -7.57 46.67 79.55
N ALA V 60 -7.04 47.67 78.82
CA ALA V 60 -6.71 48.95 79.45
C ALA V 60 -7.94 49.76 79.80
N THR V 61 -9.06 49.54 79.10
CA THR V 61 -10.27 50.28 79.42
C THR V 61 -10.91 49.79 80.71
N GLY V 62 -10.74 48.51 81.05
CA GLY V 62 -11.31 48.00 82.28
C GLY V 62 -10.54 48.43 83.51
N LEU V 63 -9.21 48.54 83.39
CA LEU V 63 -8.39 48.98 84.51
C LEU V 63 -8.48 50.47 84.73
N PHE V 64 -8.67 51.25 83.67
CA PHE V 64 -8.79 52.70 83.81
C PHE V 64 -10.14 53.10 84.37
N CYS V 65 -11.19 52.39 84.00
CA CYS V 65 -12.52 52.71 84.51
C CYS V 65 -12.69 52.27 85.96
N LEU V 66 -11.98 51.22 86.38
CA LEU V 66 -12.06 50.75 87.75
C LEU V 66 -11.30 51.64 88.73
N MET V 67 -10.37 52.46 88.24
CA MET V 67 -9.63 53.35 89.13
C MET V 67 -10.49 54.51 89.61
N ILE V 68 -11.45 54.95 88.80
CA ILE V 68 -12.33 56.04 89.21
C ILE V 68 -13.36 55.57 90.22
N SER V 69 -13.70 54.29 90.21
CA SER V 69 -14.67 53.77 91.17
C SER V 69 -14.05 53.54 92.54
N PHE V 70 -12.80 53.08 92.57
CA PHE V 70 -12.13 52.85 93.85
C PHE V 70 -11.69 54.15 94.51
N LEU V 71 -11.47 55.21 93.72
CA LEU V 71 -11.05 56.49 94.28
C LEU V 71 -12.20 57.24 94.95
N LEU V 72 -13.44 56.93 94.59
CA LEU V 72 -14.61 57.58 95.17
C LEU V 72 -15.25 56.76 96.29
N LEU V 73 -14.50 55.84 96.87
CA LEU V 73 -15.02 55.00 97.95
C LEU V 73 -14.21 55.19 99.22
N MET W 1 -23.70 74.73 96.50
CA MET W 1 -23.21 74.30 97.80
C MET W 1 -23.37 72.79 97.97
N GLN W 2 -24.46 72.37 98.62
CA GLN W 2 -24.70 70.95 98.83
C GLN W 2 -25.14 70.24 97.57
N LEU W 3 -25.89 70.93 96.70
CA LEU W 3 -26.34 70.30 95.46
C LEU W 3 -25.21 70.20 94.44
N VAL W 4 -24.27 71.14 94.46
CA VAL W 4 -23.16 71.09 93.51
C VAL W 4 -22.15 70.04 93.91
N LEU W 5 -22.02 69.75 95.21
CA LEU W 5 -21.07 68.75 95.67
C LEU W 5 -21.54 67.33 95.37
N ALA W 6 -22.84 67.08 95.47
CA ALA W 6 -23.37 65.75 95.19
C ALA W 6 -23.39 65.44 93.70
N ALA W 7 -23.54 66.47 92.86
CA ALA W 7 -23.55 66.25 91.42
C ALA W 7 -22.16 66.03 90.84
N LYS W 8 -21.11 66.35 91.58
CA LYS W 8 -19.76 66.13 91.09
C LYS W 8 -19.38 64.66 91.09
N TYR W 9 -19.89 63.89 92.04
CA TYR W 9 -19.60 62.46 92.09
C TYR W 9 -20.36 61.70 91.01
N ILE W 10 -21.59 62.14 90.72
CA ILE W 10 -22.38 61.47 89.68
C ILE W 10 -21.96 61.88 88.28
N GLY W 11 -21.22 62.98 88.13
CA GLY W 11 -20.77 63.40 86.82
C GLY W 11 -19.69 62.52 86.26
N ALA W 12 -18.82 61.96 87.11
CA ALA W 12 -17.76 61.09 86.67
C ALA W 12 -18.18 59.64 86.52
N ALA W 13 -19.42 59.31 86.91
CA ALA W 13 -19.92 57.94 86.81
C ALA W 13 -20.64 57.70 85.48
N ILE W 14 -21.54 58.61 85.10
CA ILE W 14 -22.27 58.44 83.84
C ILE W 14 -21.39 58.77 82.65
N ALA W 15 -20.33 59.54 82.84
CA ALA W 15 -19.44 59.88 81.73
C ALA W 15 -18.53 58.73 81.33
N THR W 16 -18.43 57.69 82.17
CA THR W 16 -17.60 56.53 81.88
C THR W 16 -18.34 55.48 81.07
N ILE W 17 -19.51 55.81 80.52
CA ILE W 17 -20.26 54.84 79.72
C ILE W 17 -19.62 54.65 78.34
N GLY W 18 -18.77 55.56 77.92
CA GLY W 18 -18.10 55.46 76.63
C GLY W 18 -16.95 54.49 76.57
N LEU W 19 -16.65 53.79 77.67
CA LEU W 19 -15.55 52.84 77.68
C LEU W 19 -15.90 51.55 76.92
N THR W 20 -17.19 51.31 76.66
CA THR W 20 -17.56 50.11 75.91
C THR W 20 -17.16 50.22 74.45
N GLY W 21 -17.27 51.42 73.87
CA GLY W 21 -16.87 51.60 72.49
C GLY W 21 -15.36 51.65 72.31
N ALA W 22 -14.65 52.24 73.27
CA ALA W 22 -13.21 52.31 73.20
C ALA W 22 -12.55 50.99 73.60
N GLY W 23 -13.16 50.26 74.54
CA GLY W 23 -12.59 48.98 74.93
C GLY W 23 -12.76 47.91 73.88
N ILE W 24 -13.95 47.83 73.27
CA ILE W 24 -14.19 46.85 72.22
C ILE W 24 -13.57 47.27 70.90
N GLY W 25 -13.25 48.56 70.72
CA GLY W 25 -12.64 49.01 69.50
C GLY W 25 -11.19 48.58 69.35
N ILE W 26 -10.49 48.41 70.48
CA ILE W 26 -9.10 47.96 70.41
C ILE W 26 -9.02 46.49 70.04
N ALA W 27 -10.06 45.71 70.35
CA ALA W 27 -10.08 44.30 70.01
C ALA W 27 -10.67 44.03 68.63
N ILE W 28 -11.46 44.95 68.09
CA ILE W 28 -12.04 44.76 66.77
C ILE W 28 -10.96 44.92 65.69
N VAL W 29 -10.04 45.86 65.88
CA VAL W 29 -8.97 46.05 64.91
C VAL W 29 -7.93 44.95 65.02
N PHE W 30 -7.73 44.39 66.22
CA PHE W 30 -6.76 43.32 66.40
C PHE W 30 -7.29 41.96 65.93
N ALA W 31 -8.61 41.78 65.90
CA ALA W 31 -9.16 40.51 65.44
C ALA W 31 -9.06 40.37 63.93
N ALA W 32 -9.26 41.47 63.20
CA ALA W 32 -9.16 41.42 61.75
C ALA W 32 -7.70 41.36 61.29
N LEU W 33 -6.79 41.93 62.08
CA LEU W 33 -5.37 41.90 61.71
C LEU W 33 -4.73 40.55 61.99
N ILE W 34 -5.21 39.84 63.02
CA ILE W 34 -4.67 38.52 63.33
C ILE W 34 -5.18 37.47 62.35
N ASN W 35 -6.45 37.57 61.97
CA ASN W 35 -7.02 36.61 61.02
C ASN W 35 -6.60 36.90 59.58
N GLY W 36 -6.24 38.15 59.29
CA GLY W 36 -5.82 38.49 57.94
C GLY W 36 -4.34 38.32 57.67
N THR W 37 -3.52 38.22 58.73
CA THR W 37 -2.09 38.04 58.54
C THR W 37 -1.75 36.63 58.10
N SER W 38 -2.60 35.66 58.43
CA SER W 38 -2.38 34.26 58.05
C SER W 38 -2.97 33.94 56.68
N ARG W 39 -3.39 34.93 55.92
CA ARG W 39 -3.97 34.73 54.60
C ARG W 39 -2.98 34.98 53.47
N ASN W 40 -1.72 35.28 53.79
CA ASN W 40 -0.64 35.53 52.83
C ASN W 40 -0.92 36.79 52.02
N PRO W 41 -0.13 37.86 52.21
CA PRO W 41 1.00 37.92 53.14
C PRO W 41 1.12 39.28 53.84
N SER W 42 0.03 39.74 54.44
CA SER W 42 0.00 41.02 55.14
C SER W 42 0.68 40.85 56.49
N LEU W 43 2.01 40.98 56.48
CA LEU W 43 2.81 40.83 57.69
C LEU W 43 3.69 42.05 57.92
N ARG W 44 4.84 42.08 57.25
CA ARG W 44 5.77 43.20 57.39
C ARG W 44 5.22 44.42 56.65
N ASN W 45 5.06 45.52 57.37
CA ASN W 45 4.53 46.78 56.83
C ASN W 45 3.14 46.52 56.24
N THR W 46 2.79 47.25 55.18
CA THR W 46 1.51 47.11 54.51
C THR W 46 0.35 47.27 55.48
N LEU W 47 -0.06 46.17 56.11
CA LEU W 47 -1.15 46.20 57.08
C LEU W 47 -0.68 46.51 58.49
N PHE W 48 0.63 46.51 58.74
CA PHE W 48 1.16 46.80 60.07
C PHE W 48 1.05 48.29 60.36
N PRO W 49 1.13 49.14 59.34
CA PRO W 49 1.02 50.59 59.57
C PRO W 49 -0.42 51.01 59.85
N PHE W 50 -1.37 50.35 59.20
CA PHE W 50 -2.78 50.67 59.41
C PHE W 50 -3.30 50.15 60.74
N ALA W 51 -2.71 49.07 61.26
CA ALA W 51 -3.15 48.53 62.54
C ALA W 51 -2.65 49.38 63.71
N ILE W 52 -1.45 49.94 63.59
CA ILE W 52 -0.93 50.79 64.65
C ILE W 52 -1.60 52.15 64.64
N LEU W 53 -1.84 52.69 63.44
CA LEU W 53 -2.50 54.00 63.34
C LEU W 53 -4.01 53.89 63.61
N GLY W 54 -4.62 52.77 63.26
CA GLY W 54 -6.04 52.59 63.51
C GLY W 54 -6.37 52.37 64.97
N PHE W 55 -5.44 51.79 65.73
CA PHE W 55 -5.68 51.56 67.14
C PHE W 55 -5.61 52.85 67.95
N ALA W 56 -4.78 53.80 67.52
CA ALA W 56 -4.68 55.07 68.23
C ALA W 56 -5.90 55.96 67.97
N LEU W 57 -6.51 55.83 66.79
CA LEU W 57 -7.68 56.64 66.48
C LEU W 57 -8.91 56.14 67.22
N SER W 58 -9.03 54.81 67.38
CA SER W 58 -10.16 54.25 68.10
C SER W 58 -10.04 54.47 69.60
N GLU W 59 -8.82 54.57 70.11
CA GLU W 59 -8.58 54.79 71.53
C GLU W 59 -8.71 56.25 71.93
N ALA W 60 -8.89 57.17 70.98
CA ALA W 60 -9.03 58.58 71.30
C ALA W 60 -10.38 58.88 71.95
N THR W 61 -11.40 58.05 71.73
CA THR W 61 -12.70 58.29 72.34
C THR W 61 -12.67 58.00 73.84
N GLY W 62 -11.86 57.03 74.27
CA GLY W 62 -11.77 56.73 75.69
C GLY W 62 -10.99 57.77 76.49
N LEU W 63 -9.93 58.32 75.90
CA LEU W 63 -9.15 59.34 76.60
C LEU W 63 -9.86 60.68 76.63
N PHE W 64 -10.66 61.00 75.60
CA PHE W 64 -11.38 62.27 75.59
C PHE W 64 -12.57 62.23 76.54
N CYS W 65 -13.22 61.07 76.67
CA CYS W 65 -14.35 60.96 77.57
C CYS W 65 -13.91 60.90 79.03
N LEU W 66 -12.71 60.39 79.29
CA LEU W 66 -12.20 60.32 80.65
C LEU W 66 -11.71 61.67 81.16
N MET W 67 -11.45 62.63 80.28
CA MET W 67 -11.00 63.94 80.72
C MET W 67 -12.13 64.73 81.38
N ILE W 68 -13.37 64.53 80.93
CA ILE W 68 -14.49 65.25 81.53
C ILE W 68 -14.86 64.65 82.88
N SER W 69 -14.55 63.38 83.10
CA SER W 69 -14.85 62.74 84.39
C SER W 69 -13.84 63.14 85.45
N PHE W 70 -12.56 63.26 85.07
CA PHE W 70 -11.53 63.66 86.03
C PHE W 70 -11.59 65.14 86.38
N LEU W 71 -12.09 65.97 85.47
CA LEU W 71 -12.20 67.39 85.72
C LEU W 71 -13.32 67.75 86.67
N LEU W 72 -14.33 66.89 86.79
CA LEU W 72 -15.47 67.12 87.68
C LEU W 72 -15.38 66.31 88.96
N LEU W 73 -14.22 65.76 89.28
CA LEU W 73 -14.05 64.97 90.50
C LEU W 73 -12.73 65.31 91.20
N GLN X 2 -27.90 76.65 93.01
CA GLN X 2 -28.60 75.53 93.60
C GLN X 2 -29.06 74.54 92.54
N LEU X 3 -30.22 74.82 91.96
CA LEU X 3 -30.76 73.93 90.92
C LEU X 3 -30.04 74.11 89.59
N VAL X 4 -29.60 75.33 89.28
CA VAL X 4 -28.89 75.55 88.01
C VAL X 4 -27.45 75.09 88.11
N LEU X 5 -26.84 75.15 89.30
CA LEU X 5 -25.47 74.72 89.46
C LEU X 5 -25.33 73.20 89.47
N ALA X 6 -26.30 72.49 90.07
CA ALA X 6 -26.24 71.04 90.11
C ALA X 6 -26.56 70.42 88.75
N ALA X 7 -27.37 71.09 87.93
CA ALA X 7 -27.72 70.57 86.62
C ALA X 7 -26.60 70.74 85.61
N LYS X 8 -25.60 71.57 85.90
CA LYS X 8 -24.50 71.76 84.96
C LYS X 8 -23.58 70.55 84.93
N TYR X 9 -23.42 69.85 86.06
CA TYR X 9 -22.57 68.67 86.08
C TYR X 9 -23.22 67.49 85.39
N ILE X 10 -24.55 67.39 85.44
CA ILE X 10 -25.24 66.29 84.78
C ILE X 10 -25.35 66.51 83.28
N GLY X 11 -25.17 67.73 82.80
CA GLY X 11 -25.24 68.00 81.38
C GLY X 11 -24.06 67.48 80.58
N ALA X 12 -22.94 67.21 81.24
CA ALA X 12 -21.75 66.68 80.59
C ALA X 12 -21.53 65.21 80.86
N ALA X 13 -22.30 64.60 81.76
CA ALA X 13 -22.16 63.18 82.08
C ALA X 13 -22.98 62.30 81.15
N ILE X 14 -24.27 62.60 81.01
CA ILE X 14 -25.13 61.81 80.14
C ILE X 14 -24.87 62.10 78.67
N ALA X 15 -24.32 63.28 78.36
CA ALA X 15 -24.01 63.62 76.97
C ALA X 15 -22.78 62.90 76.44
N THR X 16 -21.96 62.35 77.33
CA THR X 16 -20.76 61.61 76.92
C THR X 16 -21.04 60.17 76.55
N ILE X 17 -22.31 59.75 76.53
CA ILE X 17 -22.65 58.37 76.18
C ILE X 17 -22.50 58.09 74.69
N GLY X 18 -22.38 59.13 73.87
CA GLY X 18 -22.21 58.97 72.44
C GLY X 18 -20.83 58.56 71.99
N LEU X 19 -19.89 58.36 72.93
CA LEU X 19 -18.54 57.96 72.56
C LEU X 19 -18.47 56.51 72.10
N THR X 20 -19.50 55.70 72.39
CA THR X 20 -19.48 54.31 71.95
C THR X 20 -19.64 54.20 70.44
N GLY X 21 -20.42 55.09 69.84
CA GLY X 21 -20.61 55.09 68.41
C GLY X 21 -19.41 55.62 67.66
N ALA X 22 -18.78 56.67 68.20
CA ALA X 22 -17.60 57.24 67.56
C ALA X 22 -16.36 56.40 67.80
N GLY X 23 -16.27 55.71 68.94
CA GLY X 23 -15.11 54.88 69.20
C GLY X 23 -15.13 53.59 68.40
N ILE X 24 -16.30 52.96 68.28
CA ILE X 24 -16.41 51.73 67.50
C ILE X 24 -16.45 52.01 66.00
N GLY X 25 -16.72 53.26 65.60
CA GLY X 25 -16.74 53.58 64.18
C GLY X 25 -15.36 53.59 63.56
N ILE X 26 -14.34 53.99 64.31
CA ILE X 26 -12.99 53.99 63.79
C ILE X 26 -12.43 52.58 63.68
N ALA X 27 -12.92 51.65 64.48
CA ALA X 27 -12.46 50.26 64.42
C ALA X 27 -13.19 49.46 63.36
N ILE X 28 -14.43 49.80 63.04
CA ILE X 28 -15.18 49.08 62.02
C ILE X 28 -14.63 49.40 60.63
N VAL X 29 -14.23 50.65 60.41
CA VAL X 29 -13.66 51.03 59.12
C VAL X 29 -12.23 50.52 58.98
N PHE X 30 -11.51 50.37 60.10
CA PHE X 30 -10.14 49.88 60.03
C PHE X 30 -10.10 48.36 59.89
N ALA X 31 -11.14 47.66 60.34
CA ALA X 31 -11.17 46.21 60.21
C ALA X 31 -11.40 45.78 58.77
N ALA X 32 -12.26 46.51 58.04
CA ALA X 32 -12.52 46.19 56.65
C ALA X 32 -11.36 46.60 55.74
N LEU X 33 -10.62 47.64 56.11
CA LEU X 33 -9.49 48.08 55.31
C LEU X 33 -8.27 47.19 55.50
N ILE X 34 -8.07 46.65 56.70
CA ILE X 34 -6.94 45.77 56.95
C ILE X 34 -7.17 44.40 56.33
N ASN X 35 -8.40 43.89 56.39
CA ASN X 35 -8.71 42.60 55.81
C ASN X 35 -8.82 42.66 54.30
N GLY X 36 -9.17 43.82 53.74
CA GLY X 36 -9.29 43.96 52.30
C GLY X 36 -7.98 44.27 51.59
N THR X 37 -7.00 44.80 52.31
CA THR X 37 -5.71 45.12 51.70
C THR X 37 -4.87 43.88 51.43
N SER X 38 -5.14 42.77 52.12
CA SER X 38 -4.39 41.54 51.91
C SER X 38 -4.89 40.74 50.72
N ARG X 39 -5.91 41.20 50.03
CA ARG X 39 -6.46 40.50 48.87
C ARG X 39 -5.75 40.87 47.57
N ASN X 40 -4.79 41.79 47.61
CA ASN X 40 -3.99 42.26 46.48
C ASN X 40 -4.86 43.01 45.47
N PRO X 41 -4.55 44.29 45.19
CA PRO X 41 -3.43 45.03 45.78
C PRO X 41 -3.79 46.48 46.09
N SER X 42 -4.88 46.68 46.83
CA SER X 42 -5.33 48.01 47.20
C SER X 42 -4.43 48.54 48.31
N LEU X 43 -3.41 49.31 47.93
CA LEU X 43 -2.48 49.89 48.91
C LEU X 43 -2.43 51.40 48.79
N ARG X 44 -1.69 51.91 47.82
CA ARG X 44 -1.59 53.35 47.62
C ARG X 44 -2.87 53.89 47.00
N ASN X 45 -3.49 54.85 47.67
CA ASN X 45 -4.74 55.48 47.22
C ASN X 45 -5.80 54.38 47.11
N THR X 46 -6.73 54.48 46.15
CA THR X 46 -7.79 53.50 45.94
C THR X 46 -8.58 53.28 47.22
N LEU X 47 -8.18 52.29 48.02
CA LEU X 47 -8.84 51.99 49.27
C LEU X 47 -8.38 52.88 50.42
N PHE X 48 -7.21 53.50 50.30
CA PHE X 48 -6.69 54.36 51.35
C PHE X 48 -7.46 55.68 51.36
N PRO X 49 -7.98 56.11 50.21
CA PRO X 49 -8.75 57.38 50.20
C PRO X 49 -10.11 57.24 50.84
N PHE X 50 -10.78 56.09 50.66
CA PHE X 50 -12.09 55.89 51.28
C PHE X 50 -11.99 55.65 52.78
N ALA X 51 -10.89 55.03 53.24
CA ALA X 51 -10.74 54.79 54.67
C ALA X 51 -10.37 56.07 55.41
N ILE X 52 -9.61 56.96 54.78
CA ILE X 52 -9.25 58.21 55.43
C ILE X 52 -10.43 59.17 55.46
N LEU X 53 -11.20 59.22 54.37
CA LEU X 53 -12.38 60.09 54.33
C LEU X 53 -13.53 59.52 55.15
N GLY X 54 -13.64 58.19 55.23
CA GLY X 54 -14.71 57.60 56.01
C GLY X 54 -14.49 57.70 57.50
N PHE X 55 -13.22 57.75 57.92
CA PHE X 55 -12.93 57.87 59.35
C PHE X 55 -13.22 59.27 59.87
N ALA X 56 -13.07 60.29 59.02
CA ALA X 56 -13.36 61.66 59.45
C ALA X 56 -14.86 61.90 59.56
N LEU X 57 -15.67 61.24 58.73
CA LEU X 57 -17.12 61.42 58.82
C LEU X 57 -17.70 60.70 60.03
N SER X 58 -17.14 59.54 60.38
CA SER X 58 -17.62 58.82 61.56
C SER X 58 -17.17 59.48 62.85
N GLU X 59 -16.04 60.20 62.82
CA GLU X 59 -15.55 60.89 64.01
C GLU X 59 -16.25 62.21 64.26
N ALA X 60 -17.11 62.66 63.35
CA ALA X 60 -17.83 63.91 63.55
C ALA X 60 -18.90 63.81 64.63
N THR X 61 -19.39 62.60 64.90
CA THR X 61 -20.41 62.44 65.94
C THR X 61 -19.82 62.62 67.33
N GLY X 62 -18.55 62.22 67.53
CA GLY X 62 -17.92 62.39 68.83
C GLY X 62 -17.53 63.84 69.12
N LEU X 63 -17.12 64.58 68.09
CA LEU X 63 -16.75 65.97 68.27
C LEU X 63 -17.97 66.87 68.45
N PHE X 64 -19.08 66.54 67.79
CA PHE X 64 -20.29 67.35 67.92
C PHE X 64 -20.97 67.11 69.26
N CYS X 65 -20.94 65.87 69.77
CA CYS X 65 -21.54 65.58 71.06
C CYS X 65 -20.72 66.13 72.21
N LEU X 66 -19.40 66.26 72.03
CA LEU X 66 -18.55 66.80 73.08
C LEU X 66 -18.65 68.32 73.21
N MET X 67 -19.17 69.00 72.19
CA MET X 67 -19.32 70.46 72.27
C MET X 67 -20.44 70.86 73.22
N ILE X 68 -21.50 70.06 73.30
CA ILE X 68 -22.60 70.38 74.22
C ILE X 68 -22.23 70.06 75.66
N SER X 69 -21.28 69.14 75.87
CA SER X 69 -20.86 68.80 77.22
C SER X 69 -19.90 69.84 77.78
N PHE X 70 -19.03 70.40 76.94
CA PHE X 70 -18.09 71.41 77.40
C PHE X 70 -18.72 72.78 77.55
N LEU X 71 -19.82 73.05 76.84
CA LEU X 71 -20.48 74.34 76.94
C LEU X 71 -21.28 74.50 78.24
N LEU X 72 -21.65 73.39 78.88
CA LEU X 72 -22.41 73.41 80.12
C LEU X 72 -21.58 72.98 81.32
N LEU X 73 -20.25 72.93 81.17
CA LEU X 73 -19.37 72.53 82.25
C LEU X 73 -18.02 73.24 82.17
N ILE Y 6 35.35 -31.40 -69.28
CA ILE Y 6 34.14 -31.28 -70.06
C ILE Y 6 32.92 -31.68 -69.23
N LYS Y 7 31.97 -30.77 -69.10
CA LYS Y 7 30.75 -31.00 -68.33
C LYS Y 7 29.55 -30.93 -69.26
N PRO Y 8 28.76 -31.99 -69.40
CA PRO Y 8 27.59 -31.94 -70.29
C PRO Y 8 26.38 -31.38 -69.57
N PRO Y 9 25.49 -30.71 -70.28
CA PRO Y 9 24.29 -30.16 -69.62
C PRO Y 9 23.24 -31.21 -69.36
N VAL Y 10 23.36 -31.92 -68.24
CA VAL Y 10 22.41 -32.96 -67.88
C VAL Y 10 22.11 -32.87 -66.38
N GLN Y 11 22.82 -31.97 -65.69
CA GLN Y 11 22.64 -31.75 -64.26
C GLN Y 11 22.85 -33.04 -63.47
N LEU Y 12 21.78 -33.83 -63.33
CA LEU Y 12 21.78 -35.10 -62.62
C LEU Y 12 22.27 -34.91 -61.17
N PHE Y 13 21.40 -34.26 -60.40
CA PHE Y 13 21.64 -33.96 -58.98
C PHE Y 13 22.92 -33.13 -58.88
N GLY Y 14 23.79 -33.39 -57.90
CA GLY Y 14 25.01 -32.63 -57.76
C GLY Y 14 26.00 -33.29 -56.82
N LEU Y 15 25.50 -34.03 -55.84
CA LEU Y 15 26.34 -34.72 -54.87
C LEU Y 15 26.38 -36.23 -55.11
N ASP Y 16 25.23 -36.89 -55.13
CA ASP Y 16 25.20 -38.33 -55.37
C ASP Y 16 25.42 -38.67 -56.84
N GLY Y 17 24.97 -37.81 -57.75
CA GLY Y 17 25.13 -38.04 -59.17
C GLY Y 17 26.45 -37.58 -59.76
N THR Y 18 27.35 -37.06 -58.94
CA THR Y 18 28.65 -36.60 -59.41
C THR Y 18 29.69 -37.71 -59.47
N TYR Y 19 29.32 -38.94 -59.09
CA TYR Y 19 30.28 -40.05 -59.14
C TYR Y 19 30.53 -40.50 -60.57
N ALA Y 20 29.46 -40.71 -61.34
CA ALA Y 20 29.60 -41.14 -62.72
C ALA Y 20 29.95 -39.99 -63.66
N THR Y 21 29.60 -38.75 -63.30
CA THR Y 21 29.92 -37.61 -64.15
C THR Y 21 31.39 -37.24 -64.10
N ALA Y 22 32.06 -37.54 -62.98
CA ALA Y 22 33.48 -37.21 -62.86
C ALA Y 22 34.34 -38.17 -63.68
N LEU Y 23 33.97 -39.45 -63.72
CA LEU Y 23 34.73 -40.45 -64.47
C LEU Y 23 34.39 -40.44 -65.96
N PHE Y 24 33.31 -39.77 -66.36
CA PHE Y 24 32.94 -39.73 -67.77
C PHE Y 24 33.79 -38.76 -68.57
N SER Y 25 34.47 -37.81 -67.91
CA SER Y 25 35.32 -36.87 -68.62
C SER Y 25 36.61 -37.51 -69.11
N ALA Y 26 37.23 -38.33 -68.26
CA ALA Y 26 38.47 -39.01 -68.64
C ALA Y 26 38.24 -40.24 -69.50
N SER Y 27 37.02 -40.78 -69.49
CA SER Y 27 36.69 -41.95 -70.29
C SER Y 27 36.16 -41.61 -71.67
N ALA Y 28 35.99 -40.33 -71.98
CA ALA Y 28 35.50 -39.89 -73.28
C ALA Y 28 36.62 -39.50 -74.24
N LYS Y 29 37.79 -40.10 -74.10
CA LYS Y 29 38.94 -39.82 -74.95
C LYS Y 29 39.38 -41.09 -75.66
N ASP Y 30 39.81 -40.93 -76.92
CA ASP Y 30 40.27 -42.03 -77.75
C ASP Y 30 39.21 -43.12 -77.91
N SER Y 31 37.94 -42.71 -77.94
CA SER Y 31 36.82 -43.63 -78.09
C SER Y 31 36.83 -44.72 -77.03
N SER Y 32 36.45 -44.38 -75.80
CA SER Y 32 36.42 -45.32 -74.69
C SER Y 32 35.09 -45.21 -73.95
N ILE Y 33 34.01 -44.96 -74.68
CA ILE Y 33 32.69 -44.83 -74.08
C ILE Y 33 31.78 -46.02 -74.39
N GLU Y 34 32.02 -46.74 -75.49
CA GLU Y 34 31.19 -47.88 -75.83
C GLU Y 34 31.52 -49.11 -74.99
N LYS Y 35 32.79 -49.27 -74.60
CA LYS Y 35 33.19 -50.42 -73.79
C LYS Y 35 32.82 -50.26 -72.33
N THR Y 36 32.54 -49.03 -71.87
CA THR Y 36 32.18 -48.81 -70.47
C THR Y 36 30.74 -49.17 -70.17
N PHE Y 37 29.89 -49.29 -71.20
CA PHE Y 37 28.49 -49.64 -70.97
C PHE Y 37 28.32 -51.12 -70.66
N GLN Y 38 29.04 -52.00 -71.37
CA GLN Y 38 28.94 -53.42 -71.13
C GLN Y 38 29.73 -53.87 -69.90
N SER Y 39 30.75 -53.11 -69.50
CA SER Y 39 31.54 -53.49 -68.33
C SER Y 39 30.86 -53.09 -67.03
N VAL Y 40 30.02 -52.06 -67.05
CA VAL Y 40 29.32 -51.64 -65.84
C VAL Y 40 28.15 -52.53 -65.50
N GLN Y 41 27.59 -53.24 -66.49
CA GLN Y 41 26.45 -54.12 -66.22
C GLN Y 41 26.88 -55.44 -65.61
N LYS Y 42 28.13 -55.86 -65.83
CA LYS Y 42 28.62 -57.12 -65.27
C LYS Y 42 28.96 -57.00 -63.80
N LEU Y 43 29.28 -55.81 -63.31
CA LEU Y 43 29.63 -55.63 -61.90
C LEU Y 43 28.39 -55.65 -61.01
N SER Y 44 27.24 -55.23 -61.53
CA SER Y 44 26.00 -55.20 -60.75
C SER Y 44 25.22 -56.49 -60.84
N SER Y 45 25.44 -57.30 -61.89
CA SER Y 45 24.73 -58.56 -62.04
C SER Y 45 25.37 -59.71 -61.27
N THR Y 46 26.57 -59.52 -60.74
CA THR Y 46 27.27 -60.54 -59.98
C THR Y 46 27.44 -60.15 -58.51
N ILE Y 47 26.55 -59.31 -58.00
CA ILE Y 47 26.60 -58.87 -56.61
C ILE Y 47 25.19 -58.62 -56.10
N SER Y 48 24.19 -58.88 -56.95
CA SER Y 48 22.79 -58.69 -56.58
C SER Y 48 22.02 -60.01 -56.63
N LYS Y 49 21.79 -60.57 -57.82
CA LYS Y 49 21.06 -61.83 -57.94
C LYS Y 49 22.06 -62.99 -57.96
N ASP Y 50 22.70 -63.20 -56.82
CA ASP Y 50 23.68 -64.27 -56.68
C ASP Y 50 23.75 -64.75 -55.24
N ALA Y 51 23.69 -63.83 -54.29
CA ALA Y 51 23.73 -64.14 -52.86
C ALA Y 51 24.99 -64.93 -52.51
N LYS Y 52 26.14 -64.39 -52.90
CA LYS Y 52 27.42 -65.04 -52.63
C LYS Y 52 28.52 -64.01 -52.39
N VAL Y 53 28.64 -63.03 -53.30
CA VAL Y 53 29.65 -61.99 -53.19
C VAL Y 53 29.09 -60.72 -52.56
N ALA Y 54 27.85 -60.78 -52.05
CA ALA Y 54 27.21 -59.62 -51.42
C ALA Y 54 27.28 -59.69 -49.90
N GLN Y 55 28.28 -60.37 -49.35
CA GLN Y 55 28.42 -60.48 -47.90
C GLN Y 55 29.00 -59.22 -47.27
N VAL Y 56 29.73 -58.41 -48.03
CA VAL Y 56 30.33 -57.19 -47.53
C VAL Y 56 29.66 -55.96 -48.12
N LEU Y 57 28.43 -56.10 -48.62
CA LEU Y 57 27.72 -54.97 -49.21
C LEU Y 57 27.10 -54.06 -48.14
N SER Y 58 26.69 -54.63 -47.01
CA SER Y 58 26.09 -53.85 -45.94
C SER Y 58 26.94 -53.81 -44.67
N ASN Y 59 27.93 -54.68 -44.53
CA ASN Y 59 28.77 -54.68 -43.34
C ASN Y 59 29.81 -53.57 -43.42
N PRO Y 60 30.22 -53.02 -42.27
CA PRO Y 60 31.23 -51.95 -42.30
C PRO Y 60 32.62 -52.45 -41.95
N ALA Y 61 32.83 -53.76 -42.06
CA ALA Y 61 34.12 -54.35 -41.76
C ALA Y 61 35.05 -54.25 -42.97
N LEU Y 62 35.45 -55.41 -43.50
CA LEU Y 62 36.34 -55.48 -44.67
C LEU Y 62 37.63 -54.72 -44.44
N SER Y 63 37.63 -53.42 -44.78
CA SER Y 63 38.79 -52.55 -44.63
C SER Y 63 40.01 -53.11 -45.37
N LEU Y 64 39.89 -53.10 -46.71
CA LEU Y 64 40.92 -53.58 -47.61
C LEU Y 64 41.25 -55.05 -47.32
N ASN Y 65 40.33 -55.93 -47.71
CA ASN Y 65 40.49 -57.36 -47.51
C ASN Y 65 40.02 -58.14 -48.72
N SER Y 66 38.95 -57.65 -49.37
CA SER Y 66 38.40 -58.30 -50.55
C SER Y 66 37.84 -57.27 -51.52
N ARG Y 67 37.70 -56.02 -51.05
CA ARG Y 67 37.19 -54.97 -51.91
C ARG Y 67 38.25 -54.51 -52.92
N LYS Y 68 39.37 -53.99 -52.42
CA LYS Y 68 40.47 -53.53 -53.26
C LYS Y 68 41.65 -54.49 -53.13
N GLU Y 69 42.76 -54.12 -53.76
CA GLU Y 69 43.99 -54.90 -53.75
C GLU Y 69 43.76 -56.32 -54.24
N VAL Y 70 43.32 -57.20 -53.35
CA VAL Y 70 43.07 -58.60 -53.68
C VAL Y 70 41.77 -58.66 -54.49
N VAL Y 71 41.88 -59.04 -55.76
CA VAL Y 71 40.72 -59.15 -56.64
C VAL Y 71 40.90 -60.35 -57.56
N SER Y 72 41.81 -60.22 -58.52
CA SER Y 72 42.12 -61.29 -59.48
C SER Y 72 40.87 -61.74 -60.23
N VAL Y 73 40.09 -62.64 -59.63
CA VAL Y 73 38.90 -63.14 -60.29
C VAL Y 73 37.77 -62.12 -60.27
N LEU Y 74 37.86 -61.10 -59.43
CA LEU Y 74 36.84 -60.06 -59.33
C LEU Y 74 37.15 -58.85 -60.22
N SER Y 75 38.07 -58.99 -61.16
CA SER Y 75 38.42 -57.89 -62.04
C SER Y 75 38.96 -58.40 -63.37
N LYS Y 76 39.98 -59.26 -63.32
CA LYS Y 76 40.57 -59.78 -64.54
C LYS Y 76 39.69 -60.85 -65.18
N GLU Y 77 39.14 -61.77 -64.37
CA GLU Y 77 38.29 -62.82 -64.89
C GLU Y 77 36.90 -62.32 -65.28
N LEU Y 78 36.48 -61.17 -64.76
CA LEU Y 78 35.17 -60.63 -65.08
C LEU Y 78 35.19 -59.91 -66.43
N LYS Y 79 35.09 -58.58 -66.40
CA LYS Y 79 35.09 -57.77 -67.62
C LYS Y 79 35.68 -56.39 -67.28
N LEU Y 80 36.92 -56.38 -66.83
CA LEU Y 80 37.60 -55.13 -66.48
C LEU Y 80 39.07 -55.25 -66.84
N GLU Y 81 39.56 -54.30 -67.63
CA GLU Y 81 40.96 -54.29 -68.04
C GLU Y 81 41.41 -52.87 -68.33
N PRO Y 82 40.52 -52.01 -68.81
CA PRO Y 82 40.92 -50.62 -69.10
C PRO Y 82 40.75 -49.71 -67.90
N VAL Y 83 39.80 -48.78 -67.98
CA VAL Y 83 39.54 -47.84 -66.91
C VAL Y 83 38.38 -48.31 -66.02
N VAL Y 84 38.00 -49.58 -66.13
CA VAL Y 84 36.91 -50.11 -65.31
C VAL Y 84 37.37 -50.48 -63.91
N SER Y 85 38.67 -50.71 -63.70
CA SER Y 85 39.16 -51.07 -62.38
C SER Y 85 39.32 -49.86 -61.47
N ASN Y 86 39.41 -48.65 -62.02
CA ASN Y 86 39.55 -47.46 -61.21
C ASN Y 86 38.23 -46.97 -60.62
N LEU Y 87 37.10 -47.44 -61.16
CA LEU Y 87 35.81 -47.02 -60.64
C LEU Y 87 35.44 -47.74 -59.35
N LEU Y 88 35.89 -48.98 -59.19
CA LEU Y 88 35.58 -49.74 -57.98
C LEU Y 88 36.56 -49.45 -56.84
N THR Y 89 37.75 -48.93 -57.15
CA THR Y 89 38.72 -48.63 -56.10
C THR Y 89 38.38 -47.33 -55.36
N VAL Y 90 37.69 -46.40 -56.02
CA VAL Y 90 37.34 -45.15 -55.37
C VAL Y 90 36.15 -45.33 -54.43
N LEU Y 91 35.29 -46.31 -54.70
CA LEU Y 91 34.13 -46.55 -53.84
C LEU Y 91 34.45 -47.39 -52.63
N ALA Y 92 35.59 -48.10 -52.63
CA ALA Y 92 35.95 -48.92 -51.47
C ALA Y 92 36.66 -48.11 -50.39
N GLU Y 93 37.44 -47.11 -50.77
CA GLU Y 93 38.14 -46.29 -49.78
C GLU Y 93 37.24 -45.22 -49.18
N ASN Y 94 36.28 -44.72 -49.95
CA ASN Y 94 35.35 -43.69 -49.48
C ASN Y 94 34.05 -44.28 -48.94
N ASN Y 95 33.96 -45.60 -48.81
CA ASN Y 95 32.78 -46.29 -48.31
C ASN Y 95 31.54 -45.94 -49.17
N ARG Y 96 31.61 -46.36 -50.42
CA ARG Y 96 30.53 -46.13 -51.38
C ARG Y 96 30.16 -47.39 -52.15
N LEU Y 97 30.47 -48.57 -51.61
CA LEU Y 97 30.16 -49.83 -52.27
C LEU Y 97 28.72 -50.27 -52.05
N SER Y 98 27.99 -49.63 -51.14
CA SER Y 98 26.60 -50.01 -50.88
C SER Y 98 25.64 -49.51 -51.96
N LEU Y 99 25.99 -48.43 -52.65
CA LEU Y 99 25.13 -47.87 -53.69
C LEU Y 99 25.73 -48.11 -55.07
N PHE Y 100 25.93 -49.38 -55.43
CA PHE Y 100 26.50 -49.70 -56.74
C PHE Y 100 25.48 -49.53 -57.86
N ASP Y 101 24.19 -49.61 -57.56
CA ASP Y 101 23.16 -49.44 -58.59
C ASP Y 101 22.99 -47.99 -59.03
N SER Y 102 23.34 -47.03 -58.17
CA SER Y 102 23.20 -45.63 -58.54
C SER Y 102 24.33 -45.16 -59.45
N ILE Y 103 25.51 -45.76 -59.34
CA ILE Y 103 26.62 -45.34 -60.20
C ILE Y 103 26.48 -45.94 -61.59
N ALA Y 104 25.92 -47.15 -61.70
CA ALA Y 104 25.76 -47.77 -63.02
C ALA Y 104 24.57 -47.20 -63.77
N LYS Y 105 23.54 -46.72 -63.06
CA LYS Y 105 22.37 -46.16 -63.73
C LYS Y 105 22.64 -44.77 -64.29
N GLN Y 106 23.56 -44.02 -63.67
CA GLN Y 106 23.88 -42.68 -64.16
C GLN Y 106 24.77 -42.69 -65.39
N PHE Y 107 25.47 -43.79 -65.65
CA PHE Y 107 26.33 -43.86 -66.82
C PHE Y 107 25.54 -44.08 -68.10
N SER Y 108 24.42 -44.78 -68.02
CA SER Y 108 23.60 -45.03 -69.21
C SER Y 108 22.74 -43.83 -69.59
N VAL Y 109 22.50 -42.91 -68.65
CA VAL Y 109 21.69 -41.73 -68.97
C VAL Y 109 22.46 -40.70 -69.78
N LEU Y 110 23.79 -40.72 -69.73
CA LEU Y 110 24.57 -39.75 -70.49
C LEU Y 110 24.60 -40.10 -71.97
N ASN Y 111 24.62 -41.39 -72.30
CA ASN Y 111 24.65 -41.81 -73.70
C ASN Y 111 23.28 -41.69 -74.36
N ASP Y 112 22.21 -41.75 -73.58
CA ASP Y 112 20.86 -41.63 -74.10
C ASP Y 112 20.40 -40.20 -74.27
N ALA Y 113 21.14 -39.23 -73.75
CA ALA Y 113 20.80 -37.82 -73.86
C ALA Y 113 21.48 -37.12 -75.02
N TYR Y 114 22.78 -37.36 -75.23
CA TYR Y 114 23.52 -36.75 -76.32
C TYR Y 114 23.40 -37.51 -77.62
N ASN Y 115 23.02 -38.79 -77.57
CA ASN Y 115 22.89 -39.60 -78.77
C ASN Y 115 21.49 -40.21 -78.92
N GLY Y 116 20.53 -39.78 -78.11
CA GLY Y 116 19.18 -40.31 -78.19
C GLY Y 116 18.12 -39.32 -77.78
N VAL Y 117 16.95 -39.82 -77.40
CA VAL Y 117 15.84 -38.97 -76.97
C VAL Y 117 14.96 -39.72 -75.99
N VAL Y 118 13.95 -39.06 -75.45
CA VAL Y 118 13.04 -39.67 -74.48
C VAL Y 118 11.66 -39.03 -74.62
N GLU Y 119 11.22 -38.36 -73.56
CA GLU Y 119 9.92 -37.68 -73.53
C GLU Y 119 8.79 -38.64 -73.84
N ALA Y 120 8.42 -39.48 -72.88
CA ALA Y 120 7.34 -40.43 -73.08
C ALA Y 120 5.99 -39.73 -73.06
N THR Y 121 5.16 -40.00 -74.06
CA THR Y 121 3.84 -39.38 -74.14
C THR Y 121 2.88 -40.04 -73.16
N VAL Y 122 2.23 -41.11 -73.59
CA VAL Y 122 1.27 -41.83 -72.75
C VAL Y 122 1.40 -43.33 -73.00
N VAL Y 123 0.49 -44.10 -72.42
CA VAL Y 123 0.46 -45.56 -72.56
C VAL Y 123 1.79 -46.14 -72.10
N SER Y 124 2.62 -46.58 -73.04
CA SER Y 124 3.91 -47.16 -72.71
C SER Y 124 5.03 -46.16 -72.96
N ALA Y 125 6.16 -46.62 -73.48
CA ALA Y 125 7.29 -45.76 -73.77
C ALA Y 125 7.10 -45.05 -75.10
N LYS Y 126 8.02 -44.15 -75.43
CA LYS Y 126 7.96 -43.40 -76.67
C LYS Y 126 8.77 -44.12 -77.76
N PRO Y 127 9.43 -43.38 -78.65
CA PRO Y 127 10.20 -44.04 -79.71
C PRO Y 127 11.70 -43.92 -79.48
N LEU Y 128 12.13 -42.82 -78.85
CA LEU Y 128 13.53 -42.55 -78.55
C LEU Y 128 14.37 -42.55 -79.83
N ASP Y 129 14.16 -41.50 -80.62
CA ASP Y 129 14.87 -41.35 -81.88
C ASP Y 129 16.28 -40.82 -81.63
N SER Y 130 17.09 -40.83 -82.69
CA SER Y 130 18.47 -40.36 -82.64
C SER Y 130 18.78 -39.49 -83.84
N LYS Y 131 17.79 -38.72 -84.30
CA LYS Y 131 17.98 -37.85 -85.45
C LYS Y 131 18.67 -36.56 -85.05
N ILE Y 132 17.91 -35.48 -84.90
CA ILE Y 132 18.45 -34.19 -84.51
C ILE Y 132 17.54 -33.52 -83.49
N LEU Y 133 16.55 -32.78 -83.97
CA LEU Y 133 15.60 -32.10 -83.11
C LEU Y 133 14.41 -33.00 -82.81
N ASN Y 134 13.70 -32.67 -81.74
CA ASN Y 134 12.52 -33.42 -81.31
C ASN Y 134 11.24 -32.91 -81.94
N ARG Y 135 11.31 -31.96 -82.87
CA ARG Y 135 10.10 -31.43 -83.50
C ARG Y 135 9.64 -32.33 -84.63
N LEU Y 136 10.54 -32.64 -85.58
CA LEU Y 136 10.18 -33.50 -86.70
C LEU Y 136 10.26 -34.98 -86.35
N THR Y 137 10.88 -35.33 -85.23
CA THR Y 137 10.98 -36.74 -84.84
C THR Y 137 9.75 -37.22 -84.08
N LYS Y 138 9.07 -36.33 -83.37
CA LYS Y 138 7.88 -36.72 -82.63
C LYS Y 138 6.64 -36.80 -83.51
N SER Y 139 6.61 -36.03 -84.60
CA SER Y 139 5.46 -36.07 -85.50
C SER Y 139 5.50 -37.26 -86.44
N ILE Y 140 6.69 -37.73 -86.79
CA ILE Y 140 6.79 -38.88 -87.68
C ILE Y 140 6.71 -40.21 -86.95
N THR Y 141 6.85 -40.20 -85.62
CA THR Y 141 6.78 -41.42 -84.83
C THR Y 141 5.44 -41.62 -84.13
N ASN Y 142 4.64 -40.55 -84.00
CA ASN Y 142 3.34 -40.68 -83.35
C ASN Y 142 2.29 -41.30 -84.27
N SER Y 143 2.39 -41.06 -85.58
CA SER Y 143 1.43 -41.63 -86.51
C SER Y 143 1.70 -43.10 -86.80
N LYS Y 144 2.97 -43.51 -86.76
CA LYS Y 144 3.32 -44.89 -87.02
C LYS Y 144 3.12 -45.80 -85.81
N TYR Y 145 3.04 -45.24 -84.61
CA TYR Y 145 2.84 -46.02 -83.40
C TYR Y 145 1.39 -46.06 -82.93
N VAL Y 146 0.55 -45.17 -83.43
CA VAL Y 146 -0.86 -45.16 -83.02
C VAL Y 146 -1.63 -46.26 -83.75
N GLY Y 147 -1.29 -46.52 -85.01
CA GLY Y 147 -1.97 -47.52 -85.78
C GLY Y 147 -1.50 -48.93 -85.42
N PRO Y 148 -0.18 -49.10 -85.28
CA PRO Y 148 0.35 -50.42 -84.94
C PRO Y 148 0.35 -50.67 -83.43
N GLY Y 149 -0.49 -51.59 -82.98
CA GLY Y 149 -0.56 -51.91 -81.56
C GLY Y 149 -1.60 -51.06 -80.87
N LYS Y 150 -1.19 -50.38 -79.79
CA LYS Y 150 -2.06 -49.52 -79.01
C LYS Y 150 -3.30 -50.26 -78.51
N THR Y 151 -3.12 -51.09 -77.48
CA THR Y 151 -4.25 -51.84 -76.94
C THR Y 151 -5.18 -50.96 -76.13
N LEU Y 152 -4.66 -49.88 -75.56
CA LEU Y 152 -5.44 -48.94 -74.74
C LEU Y 152 -6.16 -49.65 -73.60
N LYS Y 153 -5.40 -50.06 -72.59
CA LYS Y 153 -5.97 -50.74 -71.43
C LYS Y 153 -5.81 -49.91 -70.17
N ALA Y 180 -7.17 -42.50 -71.15
CA ALA Y 180 -7.14 -42.91 -69.76
C ALA Y 180 -6.88 -41.72 -68.85
N SER Y 181 -5.80 -41.00 -69.11
CA SER Y 181 -5.45 -39.84 -68.30
C SER Y 181 -6.28 -38.62 -68.68
N LYS Y 182 -6.57 -38.45 -69.98
CA LYS Y 182 -7.36 -37.32 -70.42
C LYS Y 182 -8.85 -37.51 -70.16
N VAL Y 183 -9.31 -38.77 -70.10
CA VAL Y 183 -10.73 -39.01 -69.86
C VAL Y 183 -11.06 -38.89 -68.38
N ASN Y 184 -10.09 -39.13 -67.50
CA ASN Y 184 -10.33 -39.04 -66.07
C ASN Y 184 -10.34 -37.59 -65.58
N LYS Y 185 -9.59 -36.71 -66.25
CA LYS Y 185 -9.55 -35.31 -65.84
C LYS Y 185 -10.80 -34.55 -66.27
N LEU Y 186 -11.39 -34.92 -67.41
CA LEU Y 186 -12.59 -34.23 -67.88
C LEU Y 186 -13.83 -34.65 -67.12
N ASN Y 187 -13.86 -35.87 -66.59
CA ASN Y 187 -15.02 -36.35 -65.85
C ASN Y 187 -15.07 -35.77 -64.44
N LYS Y 188 -13.92 -35.46 -63.85
CA LYS Y 188 -13.89 -34.89 -62.51
C LYS Y 188 -14.22 -33.40 -62.50
N VAL Y 189 -14.03 -32.70 -63.61
CA VAL Y 189 -14.34 -31.27 -63.65
C VAL Y 189 -15.82 -31.04 -63.82
N LEU Y 190 -16.55 -31.99 -64.41
CA LEU Y 190 -17.99 -31.82 -64.60
C LEU Y 190 -18.77 -32.13 -63.34
N SER Y 191 -18.25 -33.02 -62.49
CA SER Y 191 -18.94 -33.37 -61.25
C SER Y 191 -18.71 -32.36 -60.14
N GLU Y 192 -17.61 -31.61 -60.18
CA GLU Y 192 -17.33 -30.61 -59.16
C GLU Y 192 -18.14 -29.34 -59.32
N THR Y 193 -18.63 -29.06 -60.54
CA THR Y 193 -19.41 -27.87 -60.81
C THR Y 193 -20.92 -28.12 -60.72
N ILE Y 194 -21.32 -29.28 -60.23
CA ILE Y 194 -22.74 -29.61 -60.10
C ILE Y 194 -23.34 -28.93 -58.88
N ASP Z 49 -41.70 82.69 54.41
CA ASP Z 49 -40.62 83.66 54.45
C ASP Z 49 -39.67 83.46 53.27
N GLU Z 50 -38.63 84.29 53.21
CA GLU Z 50 -37.65 84.20 52.13
C GLU Z 50 -36.56 83.19 52.46
N SER Z 51 -35.30 83.58 52.31
CA SER Z 51 -34.15 82.73 52.59
C SER Z 51 -34.22 81.43 51.81
N ILE Z 52 -34.98 80.45 52.33
CA ILE Z 52 -35.12 79.16 51.66
C ILE Z 52 -35.99 79.24 50.42
N LEU Z 53 -36.77 80.30 50.25
CA LEU Z 53 -37.62 80.43 49.08
C LEU Z 53 -36.80 80.71 47.82
N LEU Z 54 -35.73 81.50 47.95
CA LEU Z 54 -34.90 81.80 46.80
C LEU Z 54 -33.99 80.63 46.44
N VAL Z 55 -33.59 79.83 47.43
CA VAL Z 55 -32.74 78.68 47.15
C VAL Z 55 -33.55 77.53 46.55
N THR Z 56 -34.84 77.45 46.88
CA THR Z 56 -35.67 76.39 46.32
C THR Z 56 -36.01 76.65 44.86
N PHE Z 57 -36.16 77.92 44.48
CA PHE Z 57 -36.49 78.25 43.10
C PHE Z 57 -35.28 78.05 42.19
N LEU Z 58 -34.07 78.30 42.69
CA LEU Z 58 -32.87 78.11 41.88
C LEU Z 58 -32.53 76.63 41.72
N GLY Z 59 -32.78 75.82 42.74
CA GLY Z 59 -32.50 74.40 42.65
C GLY Z 59 -33.50 73.66 41.79
N PHE Z 60 -34.77 74.08 41.83
CA PHE Z 60 -35.79 73.45 41.01
C PHE Z 60 -35.67 73.83 39.54
N ILE Z 61 -35.06 74.97 39.23
CA ILE Z 61 -34.90 75.36 37.83
C ILE Z 61 -33.85 74.50 37.16
N ALA Z 62 -32.79 74.13 37.90
CA ALA Z 62 -31.76 73.27 37.33
C ALA Z 62 -32.24 71.83 37.18
N LEU Z 63 -33.10 71.37 38.10
CA LEU Z 63 -33.63 70.01 38.00
C LEU Z 63 -34.67 69.90 36.90
N ILE Z 64 -35.39 70.98 36.60
CA ILE Z 64 -36.39 70.94 35.54
C ILE Z 64 -35.71 70.95 34.18
N SER Z 65 -34.52 71.54 34.07
CA SER Z 65 -33.81 71.55 32.80
C SER Z 65 -33.26 70.18 32.47
N LYS Z 66 -32.76 69.46 33.49
CA LYS Z 66 -32.25 68.11 33.25
C LYS Z 66 -33.39 67.12 33.02
N THR Z 67 -34.54 67.34 33.65
CA THR Z 67 -35.69 66.46 33.45
C THR Z 67 -36.38 66.67 32.11
N VAL Z 68 -36.21 67.85 31.50
CA VAL Z 68 -36.82 68.11 30.20
C VAL Z 68 -36.12 67.29 29.12
N ALA Z 69 -34.80 67.17 29.21
CA ALA Z 69 -34.03 66.37 28.27
C ALA Z 69 -34.23 64.89 28.56
N PRO Z 70 -34.50 64.53 29.82
CA PRO Z 70 -34.75 63.11 30.14
C PRO Z 70 -36.13 62.66 29.72
N LEU Z 71 -37.12 63.55 29.81
CA LEU Z 71 -38.47 63.21 29.38
C LEU Z 71 -38.56 63.12 27.87
N TYR Z 72 -37.82 63.98 27.16
CA TYR Z 72 -37.83 63.92 25.70
C TYR Z 72 -37.04 62.71 25.19
N GLY Z 73 -36.02 62.29 25.92
CA GLY Z 73 -35.24 61.13 25.53
C GLY Z 73 -35.95 59.83 25.81
N GLU Z 74 -36.68 59.77 26.94
CA GLU Z 74 -37.43 58.58 27.29
C GLU Z 74 -38.65 58.40 26.40
N MET Z 75 -39.18 59.47 25.81
CA MET Z 75 -40.32 59.37 24.92
C MET Z 75 -39.96 58.80 23.56
N ALA Z 76 -38.67 58.68 23.24
CA ALA Z 76 -38.27 58.11 21.95
C ALA Z 76 -38.53 56.61 21.90
N LYS Z 77 -38.61 55.96 23.06
CA LYS Z 77 -38.89 54.53 23.14
C LYS Z 77 -40.37 54.23 23.34
N ASN Z 78 -41.24 55.23 23.18
CA ASN Z 78 -42.67 55.03 23.37
C ASN Z 78 -43.46 55.88 22.38
N ARG Z 79 -43.25 57.20 22.42
CA ARG Z 79 -43.96 58.10 21.51
C ARG Z 79 -43.35 58.06 20.11
N THR Z 80 -42.04 58.30 20.01
CA THR Z 80 -41.39 58.25 18.71
C THR Z 80 -41.21 56.83 18.21
N ASP Z 81 -41.19 55.85 19.12
CA ASP Z 81 -41.06 54.46 18.71
C ASP Z 81 -42.32 53.93 18.03
N HIS Z 82 -43.48 54.54 18.31
CA HIS Z 82 -44.71 54.11 17.65
C HIS Z 82 -44.71 54.46 16.18
N VAL Z 83 -44.06 55.56 15.80
CA VAL Z 83 -43.98 55.93 14.39
C VAL Z 83 -43.02 55.01 13.65
N VAL Z 84 -41.95 54.57 14.33
CA VAL Z 84 -41.01 53.65 13.70
C VAL Z 84 -41.62 52.25 13.61
N GLY Z 85 -42.43 51.88 14.60
CA GLY Z 85 -43.09 50.58 14.55
C GLY Z 85 -44.21 50.52 13.54
N LEU Z 86 -44.94 51.62 13.36
CA LEU Z 86 -46.00 51.66 12.36
C LEU Z 86 -45.43 51.71 10.95
N LEU Z 87 -44.27 52.36 10.77
CA LEU Z 87 -43.65 52.41 9.45
C LEU Z 87 -43.09 51.05 9.06
N ASN Z 88 -42.57 50.30 10.04
CA ASN Z 88 -42.06 48.95 9.75
C ASN Z 88 -43.20 47.99 9.48
N GLN Z 89 -44.34 48.15 10.15
CA GLN Z 89 -45.48 47.28 9.89
C GLN Z 89 -46.14 47.61 8.55
N ALA Z 90 -46.14 48.88 8.16
CA ALA Z 90 -46.71 49.25 6.87
C ALA Z 90 -45.81 48.81 5.72
N ARG Z 91 -44.49 48.79 5.92
CA ARG Z 91 -43.58 48.32 4.89
C ARG Z 91 -43.68 46.80 4.73
N ALA Z 92 -43.87 46.08 5.84
CA ALA Z 92 -44.04 44.64 5.75
C ALA Z 92 -45.39 44.26 5.16
N ASP Z 93 -46.43 45.06 5.43
CA ASP Z 93 -47.74 44.78 4.85
C ASP Z 93 -47.77 45.11 3.37
N HIS Z 94 -46.98 46.09 2.93
CA HIS Z 94 -46.92 46.43 1.51
C HIS Z 94 -46.21 45.35 0.71
N VAL Z 95 -45.18 44.71 1.30
CA VAL Z 95 -44.50 43.63 0.61
C VAL Z 95 -45.37 42.38 0.57
N ASN Z 96 -46.19 42.17 1.60
CA ASN Z 96 -47.09 41.01 1.60
C ASN Z 96 -48.25 41.23 0.63
N ALA Z 97 -48.72 42.47 0.50
CA ALA Z 97 -49.79 42.76 -0.45
C ALA Z 97 -49.30 42.70 -1.89
N VAL Z 98 -48.05 43.08 -2.13
CA VAL Z 98 -47.49 43.00 -3.47
C VAL Z 98 -47.21 41.55 -3.85
N LYS Z 99 -46.82 40.72 -2.87
CA LYS Z 99 -46.59 39.31 -3.15
C LYS Z 99 -47.88 38.56 -3.37
N THR Z 100 -48.95 38.93 -2.66
CA THR Z 100 -50.24 38.28 -2.87
C THR Z 100 -50.87 38.68 -4.19
N ARG Z 101 -50.67 39.94 -4.61
CA ARG Z 101 -51.21 40.36 -5.90
C ARG Z 101 -50.42 39.78 -7.06
N ILE Z 102 -49.12 39.56 -6.88
CA ILE Z 102 -48.32 38.96 -7.94
C ILE Z 102 -48.63 37.47 -8.08
N ASP Z 103 -49.03 36.81 -6.98
CA ASP Z 103 -49.38 35.41 -7.05
C ASP Z 103 -50.71 35.21 -7.77
N GLN Z 104 -51.65 36.14 -7.61
CA GLN Z 104 -52.92 36.05 -8.30
C GLN Z 104 -52.82 36.48 -9.75
N VAL Z 105 -51.91 37.40 -10.07
CA VAL Z 105 -51.73 37.83 -11.45
C VAL Z 105 -51.01 36.75 -12.25
N SER Z 106 -50.05 36.08 -11.64
CA SER Z 106 -49.33 35.00 -12.33
C SER Z 106 -50.20 33.76 -12.47
N ASN Z 107 -51.17 33.58 -11.58
CA ASN Z 107 -52.07 32.43 -11.67
C ASN Z 107 -53.12 32.60 -12.76
N LEU Z 108 -53.35 33.83 -13.22
CA LEU Z 108 -54.33 34.06 -14.28
C LEU Z 108 -53.82 33.52 -15.62
N LYS Z 109 -52.56 33.82 -15.95
CA LYS Z 109 -51.98 33.32 -17.19
C LYS Z 109 -51.62 31.84 -17.11
N ASP Z 110 -51.40 31.31 -15.90
CA ASP Z 110 -51.08 29.89 -15.76
C ASP Z 110 -52.32 29.03 -15.87
N VAL Z 111 -53.44 29.48 -15.29
CA VAL Z 111 -54.67 28.71 -15.38
C VAL Z 111 -55.28 28.79 -16.78
N VAL Z 112 -55.04 29.90 -17.49
CA VAL Z 112 -55.56 30.03 -18.84
C VAL Z 112 -54.78 29.15 -19.80
N SER Z 113 -53.47 29.00 -19.57
CA SER Z 113 -52.64 28.14 -20.42
C SER Z 113 -52.85 26.66 -20.09
N THR Z 114 -53.13 26.33 -18.83
CA THR Z 114 -53.36 24.94 -18.47
C THR Z 114 -54.72 24.45 -18.93
N THR Z 115 -55.70 25.35 -19.02
CA THR Z 115 -57.03 24.95 -19.49
C THR Z 115 -57.02 24.66 -20.98
N LYS Z 116 -56.30 25.47 -21.77
CA LYS Z 116 -56.21 25.25 -23.19
C LYS Z 116 -55.30 24.07 -23.54
N ALA Z 117 -54.37 23.71 -22.65
CA ALA Z 117 -53.48 22.59 -22.90
C ALA Z 117 -54.16 21.24 -22.76
N LEU Z 118 -55.31 21.19 -22.09
CA LEU Z 118 -56.02 19.93 -21.94
C LEU Z 118 -56.62 19.45 -23.26
N PHE Z 119 -57.08 20.38 -24.10
CA PHE Z 119 -57.62 20.01 -25.41
C PHE Z 119 -56.53 19.61 -26.39
N GLU Z 120 -55.35 20.22 -26.28
CA GLU Z 120 -54.24 19.87 -27.17
C GLU Z 120 -53.58 18.55 -26.77
N MET Z 121 -53.56 18.25 -25.47
CA MET Z 121 -52.97 16.99 -25.02
C MET Z 121 -53.85 15.81 -25.37
N SER Z 122 -55.18 15.98 -25.28
CA SER Z 122 -56.09 14.90 -25.63
C SER Z 122 -56.15 14.68 -27.13
N LYS Z 123 -56.01 15.75 -27.92
CA LYS Z 123 -56.04 15.61 -29.38
C LYS Z 123 -54.73 15.02 -29.90
N GLU Z 124 -53.62 15.26 -29.21
CA GLU Z 124 -52.34 14.70 -29.64
C GLU Z 124 -52.27 13.20 -29.37
N THR Z 125 -52.88 12.73 -28.28
CA THR Z 125 -52.87 11.30 -27.99
C THR Z 125 -53.80 10.54 -28.92
N ALA Z 126 -54.91 11.15 -29.34
CA ALA Z 126 -55.83 10.50 -30.26
C ALA Z 126 -55.28 10.47 -31.67
N ALA Z 127 -54.56 11.52 -32.07
CA ALA Z 127 -53.97 11.56 -33.41
C ALA Z 127 -52.78 10.62 -33.51
N LEU Z 128 -52.01 10.46 -32.43
CA LEU Z 128 -50.87 9.55 -32.47
C LEU Z 128 -51.31 8.09 -32.44
N GLU Z 129 -52.50 7.82 -31.88
CA GLU Z 129 -53.00 6.44 -31.87
C GLU Z 129 -53.43 5.98 -33.25
N ALA Z 130 -53.94 6.89 -34.08
CA ALA Z 130 -54.32 6.50 -35.44
C ALA Z 130 -53.09 6.29 -36.32
N GLU Z 131 -52.02 7.06 -36.11
CA GLU Z 131 -50.81 6.88 -36.89
C GLU Z 131 -50.06 5.62 -36.47
N ALA Z 132 -50.09 5.26 -35.18
CA ALA Z 132 -49.43 4.06 -34.72
C ALA Z 132 -50.17 2.81 -35.15
N PHE Z 133 -51.50 2.85 -35.20
CA PHE Z 133 -52.28 1.70 -35.63
C PHE Z 133 -52.17 1.48 -37.14
N GLU Z 134 -52.10 2.55 -37.92
CA GLU Z 134 -51.95 2.40 -39.36
C GLU Z 134 -50.54 1.94 -39.74
N LEU Z 135 -49.53 2.38 -39.01
CA LEU Z 135 -48.16 1.95 -39.30
C LEU Z 135 -47.93 0.50 -38.87
N LYS Z 136 -48.56 0.07 -37.77
CA LYS Z 136 -48.40 -1.31 -37.33
C LYS Z 136 -49.17 -2.28 -38.22
N GLN Z 137 -50.32 -1.85 -38.75
CA GLN Z 137 -51.09 -2.72 -39.64
C GLN Z 137 -50.42 -2.84 -41.01
N LYS Z 138 -49.79 -1.76 -41.48
CA LYS Z 138 -49.11 -1.82 -42.76
C LYS Z 138 -47.80 -2.61 -42.66
N VAL Z 139 -47.12 -2.56 -41.52
CA VAL Z 139 -45.89 -3.31 -41.35
C VAL Z 139 -46.19 -4.80 -41.14
N ALA Z 140 -47.37 -5.11 -40.59
CA ALA Z 140 -47.72 -6.51 -40.38
C ALA Z 140 -48.06 -7.19 -41.70
N VAL Z 141 -48.68 -6.47 -42.63
CA VAL Z 141 -49.00 -7.05 -43.93
C VAL Z 141 -47.74 -7.18 -44.77
N ALA Z 142 -46.78 -6.28 -44.59
CA ALA Z 142 -45.53 -6.35 -45.35
C ALA Z 142 -44.62 -7.45 -44.82
N SER Z 143 -44.62 -7.65 -43.50
CA SER Z 143 -43.79 -8.71 -42.92
C SER Z 143 -44.36 -10.09 -43.20
N GLU Z 144 -45.69 -10.21 -43.25
CA GLU Z 144 -46.30 -11.50 -43.54
C GLU Z 144 -46.11 -11.88 -45.00
N ALA Z 145 -46.13 -10.89 -45.90
CA ALA Z 145 -45.92 -11.16 -47.32
C ALA Z 145 -44.46 -11.45 -47.62
N LYS Z 146 -43.54 -10.80 -46.91
CA LYS Z 146 -42.12 -11.05 -47.12
C LYS Z 146 -41.69 -12.40 -46.55
N SER Z 147 -42.31 -12.82 -45.44
CA SER Z 147 -41.96 -14.11 -44.86
C SER Z 147 -42.50 -15.26 -45.71
N VAL Z 148 -43.67 -15.07 -46.32
CA VAL Z 148 -44.22 -16.12 -47.19
C VAL Z 148 -43.46 -16.17 -48.50
N LEU Z 149 -42.97 -15.03 -48.99
CA LEU Z 149 -42.21 -15.02 -50.23
C LEU Z 149 -40.80 -15.58 -50.03
N ASP Z 150 -40.22 -15.37 -48.85
CA ASP Z 150 -38.89 -15.90 -48.57
C ASP Z 150 -38.94 -17.42 -48.38
N SER Z 151 -40.01 -17.93 -47.77
CA SER Z 151 -40.15 -19.36 -47.59
C SER Z 151 -40.48 -20.06 -48.90
N TRP Z 152 -41.24 -19.41 -49.79
CA TRP Z 152 -41.55 -20.02 -51.07
C TRP Z 152 -40.35 -19.99 -52.01
N VAL Z 153 -39.51 -18.95 -51.93
CA VAL Z 153 -38.32 -18.89 -52.77
C VAL Z 153 -37.26 -19.87 -52.28
N ARG Z 154 -37.23 -20.14 -50.96
CA ARG Z 154 -36.27 -21.10 -50.43
C ARG Z 154 -36.65 -22.52 -50.80
N TYR Z 155 -37.96 -22.82 -50.84
CA TYR Z 155 -38.39 -24.15 -51.24
C TYR Z 155 -38.24 -24.37 -52.74
N GLU Z 156 -38.40 -23.32 -53.54
CA GLU Z 156 -38.21 -23.44 -54.98
C GLU Z 156 -36.73 -23.58 -55.34
N ALA Z 157 -35.86 -22.90 -54.60
CA ALA Z 157 -34.43 -23.02 -54.86
C ALA Z 157 -33.89 -24.36 -54.39
N GLN Z 158 -34.45 -24.91 -53.31
CA GLN Z 158 -34.00 -26.22 -52.83
C GLN Z 158 -34.48 -27.34 -53.74
N VAL Z 159 -35.66 -27.18 -54.34
CA VAL Z 159 -36.16 -28.20 -55.27
C VAL Z 159 -35.39 -28.16 -56.57
N ARG Z 160 -34.96 -26.97 -57.01
CA ARG Z 160 -34.17 -26.87 -58.24
C ARG Z 160 -32.76 -27.38 -58.03
N GLN Z 161 -32.19 -27.16 -56.84
CA GLN Z 161 -30.85 -27.66 -56.57
C GLN Z 161 -30.84 -29.17 -56.38
N HIS Z 162 -31.91 -29.74 -55.81
CA HIS Z 162 -31.99 -31.19 -55.66
C HIS Z 162 -32.22 -31.89 -56.99
N GLU Z 163 -32.96 -31.25 -57.89
CA GLU Z 163 -33.20 -31.86 -59.21
C GLU Z 163 -31.94 -31.80 -60.08
N GLN Z 164 -31.15 -30.73 -59.95
CA GLN Z 164 -29.92 -30.63 -60.73
C GLN Z 164 -28.85 -31.56 -60.18
N GLU Z 165 -28.82 -31.78 -58.87
CA GLU Z 165 -27.84 -32.69 -58.29
C GLU Z 165 -28.18 -34.14 -58.58
N GLN Z 166 -29.48 -34.47 -58.61
CA GLN Z 166 -29.88 -35.85 -58.92
C GLN Z 166 -29.70 -36.17 -60.40
N LEU Z 167 -29.88 -35.18 -61.28
CA LEU Z 167 -29.68 -35.40 -62.70
C LEU Z 167 -28.20 -35.51 -63.04
N ALA Z 168 -27.34 -34.80 -62.31
CA ALA Z 168 -25.90 -34.89 -62.56
C ALA Z 168 -25.32 -36.21 -62.06
N SER Z 169 -25.92 -36.80 -61.03
CA SER Z 169 -25.43 -38.09 -60.54
C SER Z 169 -25.79 -39.22 -61.47
N THR Z 170 -26.96 -39.15 -62.13
CA THR Z 170 -27.34 -40.18 -63.08
C THR Z 170 -26.55 -40.09 -64.37
N VAL Z 171 -26.15 -38.87 -64.78
CA VAL Z 171 -25.37 -38.72 -65.99
C VAL Z 171 -23.91 -39.14 -65.75
N ILE Z 172 -23.42 -38.99 -64.52
CA ILE Z 172 -22.05 -39.41 -64.22
C ILE Z 172 -21.95 -40.93 -64.15
N SER Z 173 -23.02 -41.61 -63.72
CA SER Z 173 -23.00 -43.06 -63.65
C SER Z 173 -23.12 -43.69 -65.04
N LYS Z 174 -23.83 -43.02 -65.95
CA LYS Z 174 -23.96 -43.55 -67.31
C LYS Z 174 -22.69 -43.36 -68.13
N VAL Z 175 -21.90 -42.31 -67.83
CA VAL Z 175 -20.66 -42.10 -68.55
C VAL Z 175 -19.60 -43.09 -68.12
N GLN Z 176 -19.61 -43.49 -66.85
CA GLN Z 176 -18.64 -44.45 -66.36
C GLN Z 176 -18.95 -45.88 -66.82
N SER Z 177 -20.24 -46.19 -66.99
CA SER Z 177 -20.62 -47.52 -67.45
C SER Z 177 -20.41 -47.70 -68.95
N GLU Z 178 -20.43 -46.60 -69.71
CA GLU Z 178 -20.21 -46.69 -71.15
C GLU Z 178 -18.75 -46.90 -71.49
N LEU Z 179 -17.84 -46.38 -70.66
CA LEU Z 179 -16.42 -46.55 -70.91
C LEU Z 179 -15.92 -47.95 -70.53
N GLN Z 180 -16.63 -48.66 -69.67
CA GLN Z 180 -16.25 -49.99 -69.26
C GLN Z 180 -16.79 -51.09 -70.18
N ASN Z 181 -17.57 -50.72 -71.20
CA ASN Z 181 -18.14 -51.67 -72.14
C ASN Z 181 -17.31 -51.80 -73.41
N ALA Z 182 -16.01 -51.52 -73.33
CA ALA Z 182 -15.10 -51.60 -74.48
C ALA Z 182 -15.59 -50.74 -75.64
N LYS Z 183 -15.50 -49.42 -75.48
CA LYS Z 183 -15.93 -48.51 -76.53
C LYS Z 183 -14.86 -48.42 -77.61
N PHE Z 184 -15.21 -48.85 -78.82
CA PHE Z 184 -14.26 -48.82 -79.93
C PHE Z 184 -14.01 -47.42 -80.45
N GLN Z 185 -14.97 -46.50 -80.31
CA GLN Z 185 -14.78 -45.14 -80.78
C GLN Z 185 -13.90 -44.32 -79.86
N ASP Z 186 -13.89 -44.64 -78.56
CA ASP Z 186 -13.06 -43.90 -77.61
C ASP Z 186 -11.58 -44.26 -77.74
N LYS Z 187 -11.28 -45.49 -78.14
CA LYS Z 187 -9.89 -45.89 -78.28
C LYS Z 187 -9.24 -45.30 -79.53
N VAL Z 188 -10.01 -45.16 -80.61
CA VAL Z 188 -9.44 -44.59 -81.83
C VAL Z 188 -9.31 -43.08 -81.72
N LEU Z 189 -10.21 -42.43 -80.98
CA LEU Z 189 -10.14 -40.97 -80.82
C LEU Z 189 -9.05 -40.54 -79.84
N ALA Z 190 -8.64 -41.41 -78.92
CA ALA Z 190 -7.61 -41.06 -77.96
C ALA Z 190 -6.22 -41.10 -78.58
N GLN Z 191 -6.01 -41.97 -79.57
CA GLN Z 191 -4.70 -42.08 -80.21
C GLN Z 191 -4.48 -40.98 -81.24
N ALA Z 192 -5.54 -40.55 -81.93
CA ALA Z 192 -5.42 -39.50 -82.93
C ALA Z 192 -5.28 -38.11 -82.31
N VAL Z 193 -5.71 -37.92 -81.07
CA VAL Z 193 -5.59 -36.62 -80.43
C VAL Z 193 -4.17 -36.36 -79.97
N GLU Z 194 -3.40 -37.41 -79.69
CA GLU Z 194 -2.02 -37.24 -79.25
C GLU Z 194 -1.09 -36.87 -80.39
N GLU Z 195 -1.37 -37.36 -81.61
CA GLU Z 195 -0.52 -37.04 -82.74
C GLU Z 195 -0.80 -35.65 -83.30
N VAL Z 196 -2.02 -35.16 -83.14
CA VAL Z 196 -2.34 -33.82 -83.65
C VAL Z 196 -1.87 -32.74 -82.68
N GLU Z 197 -1.75 -33.06 -81.39
CA GLU Z 197 -1.30 -32.07 -80.42
C GLU Z 197 0.22 -31.89 -80.47
N ARG Z 198 0.96 -32.94 -80.82
CA ARG Z 198 2.41 -32.84 -80.88
C ARG Z 198 2.88 -32.18 -82.18
N LEU Z 199 2.07 -32.24 -83.24
CA LEU Z 199 2.44 -31.64 -84.51
C LEU Z 199 2.19 -30.13 -84.52
N PHE Z 200 1.29 -29.65 -83.67
CA PHE Z 200 1.01 -28.21 -83.64
C PHE Z 200 2.10 -27.43 -82.92
N ALA Z 201 2.79 -28.07 -81.97
CA ALA Z 201 3.86 -27.43 -81.21
C ALA Z 201 5.24 -27.68 -81.82
N LYS Z 202 5.31 -28.30 -83.00
CA LYS Z 202 6.58 -28.58 -83.65
C LYS Z 202 6.88 -27.54 -84.73
N LEU AA 11 -43.20 27.36 -24.72
CA LEU AA 11 -43.44 25.93 -24.79
C LEU AA 11 -43.33 25.30 -23.41
N ASP AA 12 -43.55 26.10 -22.37
CA ASP AA 12 -43.47 25.62 -21.00
C ASP AA 12 -44.74 25.95 -20.23
N TRP AA 13 -41.54 22.81 -19.27
CA TRP AA 13 -41.16 22.15 -18.04
C TRP AA 13 -40.91 23.16 -16.92
N THR AA 14 -40.45 24.36 -17.30
CA THR AA 14 -40.19 25.40 -16.32
C THR AA 14 -41.47 26.08 -15.87
N LYS AA 15 -42.38 26.37 -16.80
CA LYS AA 15 -43.63 27.02 -16.49
C LYS AA 15 -44.82 26.07 -16.50
N ILE AA 16 -44.65 24.86 -17.03
CA ILE AA 16 -45.76 23.90 -17.05
C ILE AA 16 -45.93 23.21 -15.71
N VAL AA 17 -44.83 23.01 -14.97
CA VAL AA 17 -44.93 22.36 -13.67
C VAL AA 17 -45.40 23.33 -12.60
N SER AA 18 -45.13 24.62 -12.76
CA SER AA 18 -45.53 25.64 -11.81
C SER AA 18 -46.83 26.32 -12.20
N LYS AA 19 -47.62 25.71 -13.07
CA LYS AA 19 -48.89 26.30 -13.51
C LYS AA 19 -49.99 26.15 -12.46
N LEU AA 20 -49.83 25.23 -11.52
CA LEU AA 20 -50.84 25.04 -10.48
C LEU AA 20 -50.69 26.07 -9.37
N GLY AA 21 -51.67 26.11 -8.49
CA GLY AA 21 -51.67 27.04 -7.38
C GLY AA 21 -50.98 26.50 -6.15
N LEU AA 22 -51.52 26.82 -4.96
CA LEU AA 22 -50.94 26.35 -3.72
C LEU AA 22 -51.34 24.92 -3.38
N SER AA 23 -52.43 24.42 -3.96
CA SER AA 23 -52.88 23.06 -3.70
C SER AA 23 -52.07 22.06 -4.50
N GLY AA 24 -51.84 20.89 -3.91
CA GLY AA 24 -51.08 19.84 -4.56
C GLY AA 24 -51.96 18.81 -5.24
N GLN AA 25 -53.23 19.14 -5.43
CA GLN AA 25 -54.16 18.21 -6.07
C GLN AA 25 -53.96 18.14 -7.58
N THR AA 26 -53.30 19.13 -8.18
CA THR AA 26 -53.06 19.16 -9.62
C THR AA 26 -51.77 18.43 -10.00
N ALA AA 27 -51.09 17.79 -9.05
CA ALA AA 27 -49.86 17.08 -9.37
C ALA AA 27 -50.14 15.79 -10.12
N ALA AA 28 -51.27 15.13 -9.85
CA ALA AA 28 -51.60 13.90 -10.55
C ALA AA 28 -52.07 14.17 -11.97
N ALA AA 29 -52.78 15.28 -12.18
CA ALA AA 29 -53.26 15.61 -13.51
C ALA AA 29 -52.15 16.13 -14.41
N LEU AA 30 -51.18 16.85 -13.85
CA LEU AA 30 -50.07 17.36 -14.66
C LEU AA 30 -49.08 16.26 -15.05
N THR AA 31 -48.91 15.25 -14.19
CA THR AA 31 -47.99 14.16 -14.50
C THR AA 31 -48.57 13.22 -15.56
N SER AA 32 -49.89 13.06 -15.59
CA SER AA 32 -50.50 12.19 -16.59
C SER AA 32 -50.52 12.82 -17.98
N PHE AA 33 -50.66 14.15 -18.05
CA PHE AA 33 -50.66 14.82 -19.35
C PHE AA 33 -49.26 14.90 -19.94
N LYS AA 34 -48.22 15.04 -19.11
CA LYS AA 34 -46.86 15.10 -19.62
C LYS AA 34 -46.36 13.74 -20.07
N LYS AA 35 -46.82 12.66 -19.44
CA LYS AA 35 -46.39 11.32 -19.84
C LYS AA 35 -47.05 10.90 -21.14
N ARG AA 36 -48.30 11.31 -21.36
CA ARG AA 36 -48.99 10.97 -22.60
C ARG AA 36 -48.48 11.79 -23.78
N ASN AA 37 -48.04 13.02 -23.53
CA ASN AA 37 -47.53 13.85 -24.61
C ASN AA 37 -46.14 13.41 -25.05
N ASP AA 38 -45.32 12.90 -24.11
CA ASP AA 38 -43.99 12.44 -24.46
C ASP AA 38 -44.04 11.11 -25.21
N GLU AA 39 -44.98 10.25 -24.84
CA GLU AA 39 -45.12 8.95 -25.51
C GLU AA 39 -45.79 9.07 -26.87
N ALA AA 40 -46.52 10.16 -27.13
CA ALA AA 40 -47.15 10.33 -28.43
C ALA AA 40 -46.14 10.67 -29.51
N LYS AA 41 -45.17 11.53 -29.18
CA LYS AA 41 -44.14 11.91 -30.15
C LYS AA 41 -43.12 10.80 -30.39
N ARG AA 42 -42.90 9.94 -29.40
CA ARG AA 42 -41.94 8.84 -29.54
C ARG AA 42 -42.49 7.69 -30.37
N ILE AA 43 -43.82 7.56 -30.46
CA ILE AA 43 -44.40 6.47 -31.24
C ILE AA 43 -44.41 6.81 -32.73
N LEU AA 44 -44.57 8.09 -33.07
CA LEU AA 44 -44.59 8.48 -34.48
C LEU AA 44 -43.19 8.60 -35.06
N PHE AA 45 -42.18 8.88 -34.22
CA PHE AA 45 -40.81 8.99 -34.71
C PHE AA 45 -40.13 7.64 -34.84
N GLU AA 46 -40.48 6.68 -33.97
CA GLU AA 46 -39.87 5.36 -34.05
C GLU AA 46 -40.42 4.53 -35.20
N LEU AA 47 -41.67 4.77 -35.58
CA LEU AA 47 -42.30 4.04 -36.68
C LEU AA 47 -41.98 4.70 -38.01
N LYS AA 48 -42.14 3.92 -39.09
CA LYS AA 48 -41.87 4.41 -40.43
C LYS AA 48 -43.00 5.33 -40.89
N GLN AA 49 -42.64 6.37 -41.61
CA GLN AA 49 -43.59 7.35 -42.14
C GLN AA 49 -43.96 7.03 -43.57
N GLN AA 50 -44.28 5.77 -43.85
CA GLN AA 50 -44.64 5.34 -45.19
C GLN AA 50 -45.62 4.19 -45.07
N PRO AA 51 -46.15 3.69 -46.19
CA PRO AA 51 -47.09 2.57 -46.12
C PRO AA 51 -46.39 1.23 -45.96
N SER AA 52 -46.17 0.53 -47.06
CA SER AA 52 -45.52 -0.77 -47.03
C SER AA 52 -44.78 -1.00 -48.34
N ASN AA 53 -43.80 -1.89 -48.31
CA ASN AA 53 -43.02 -2.19 -49.50
C ASN AA 53 -43.82 -3.08 -50.46
N VAL AA 54 -44.23 -4.26 -49.99
CA VAL AA 54 -45.00 -5.22 -50.77
C VAL AA 54 -44.24 -5.58 -52.05
N ASP AA 55 -43.18 -6.36 -51.91
CA ASP AA 55 -42.36 -6.77 -53.04
C ASP AA 55 -43.11 -7.87 -53.80
N PHE AA 56 -43.93 -7.45 -54.76
CA PHE AA 56 -44.72 -8.36 -55.56
C PHE AA 56 -43.96 -8.93 -56.76
N ALA AA 57 -42.78 -8.39 -57.06
CA ALA AA 57 -42.00 -8.89 -58.19
C ALA AA 57 -41.31 -10.21 -57.87
N PHE AA 58 -40.98 -10.45 -56.61
CA PHE AA 58 -40.32 -11.68 -56.18
C PHE AA 58 -41.24 -12.62 -55.44
N TYR AA 59 -42.52 -12.27 -55.28
CA TYR AA 59 -43.47 -13.12 -54.56
C TYR AA 59 -44.40 -13.88 -55.50
N LYS AA 60 -44.75 -13.31 -56.65
CA LYS AA 60 -45.63 -14.00 -57.59
C LYS AA 60 -44.90 -15.08 -58.38
N SER AA 61 -43.60 -14.91 -58.60
CA SER AA 61 -42.82 -15.88 -59.34
C SER AA 61 -42.20 -16.97 -58.46
N THR AA 62 -42.29 -16.84 -57.14
CA THR AA 62 -41.74 -17.82 -56.22
C THR AA 62 -42.78 -18.69 -55.54
N LEU AA 63 -44.05 -18.27 -55.52
CA LEU AA 63 -45.09 -19.05 -54.89
C LEU AA 63 -45.50 -20.22 -55.78
N LYS AA 64 -45.91 -21.32 -55.13
CA LYS AA 64 -46.31 -22.50 -55.87
C LYS AA 64 -47.73 -22.35 -56.44
N ASN AA 65 -48.62 -21.69 -55.70
CA ASN AA 65 -49.99 -21.50 -56.16
C ASN AA 65 -50.04 -20.37 -57.18
N THR AA 66 -50.73 -20.61 -58.29
CA THR AA 66 -50.86 -19.61 -59.33
C THR AA 66 -51.87 -18.55 -58.93
N ALA AA 67 -51.56 -17.28 -59.25
CA ALA AA 67 -52.42 -16.14 -58.94
C ALA AA 67 -52.72 -16.07 -57.45
N ILE AA 68 -51.69 -16.23 -56.64
CA ILE AA 68 -51.80 -16.20 -55.18
C ILE AA 68 -51.25 -14.89 -54.62
N VAL AA 69 -50.01 -14.55 -54.96
CA VAL AA 69 -49.41 -13.31 -54.46
C VAL AA 69 -49.90 -12.09 -55.22
N ASP AA 70 -50.44 -12.26 -56.42
CA ASP AA 70 -50.93 -11.13 -57.20
C ASP AA 70 -52.26 -10.61 -56.67
N LYS AA 71 -53.12 -11.51 -56.18
CA LYS AA 71 -54.42 -11.09 -55.66
C LYS AA 71 -54.31 -10.47 -54.27
N ILE AA 72 -53.32 -10.90 -53.48
CA ILE AA 72 -53.16 -10.35 -52.14
C ILE AA 72 -52.46 -8.99 -52.16
N GLN AA 73 -51.70 -8.69 -53.20
CA GLN AA 73 -51.00 -7.41 -53.28
C GLN AA 73 -51.93 -6.28 -53.72
N SER AA 74 -52.97 -6.60 -54.50
CA SER AA 74 -53.89 -5.57 -54.96
C SER AA 74 -54.88 -5.16 -53.88
N ASP AA 75 -55.23 -6.08 -52.98
CA ASP AA 75 -56.17 -5.76 -51.91
C ASP AA 75 -55.50 -5.05 -50.74
N VAL AA 76 -54.21 -5.31 -50.51
CA VAL AA 76 -53.51 -4.66 -49.41
C VAL AA 76 -53.09 -3.23 -49.74
N SER AA 77 -52.97 -2.91 -51.03
CA SER AA 77 -52.58 -1.57 -51.45
C SER AA 77 -53.77 -0.65 -51.66
N LYS AA 78 -54.99 -1.13 -51.48
CA LYS AA 78 -56.17 -0.31 -51.65
C LYS AA 78 -56.51 0.45 -50.37
N PHE AA 79 -57.40 -0.11 -49.56
CA PHE AA 79 -57.80 0.52 -48.31
C PHE AA 79 -58.22 -0.56 -47.31
N THR AA 80 -58.05 -0.25 -46.03
CA THR AA 80 -58.40 -1.19 -44.97
C THR AA 80 -58.83 -0.43 -43.73
N PRO AA 81 -59.18 -1.12 -42.65
CA PRO AA 81 -59.61 -0.44 -41.42
C PRO AA 81 -58.45 -0.21 -40.45
N SER AA 82 -58.61 0.82 -39.64
CA SER AA 82 -57.60 1.18 -38.65
C SER AA 82 -58.28 1.75 -37.42
N LYS AA 83 -57.62 1.62 -36.27
CA LYS AA 83 -58.16 2.12 -35.01
C LYS AA 83 -58.03 3.63 -34.93
N ALA AA 84 -59.02 4.34 -35.48
CA ALA AA 84 -59.03 5.80 -35.47
C ALA AA 84 -60.36 6.29 -34.92
N ASN AA 85 -60.45 7.60 -34.73
CA ASN AA 85 -61.66 8.22 -34.20
C ASN AA 85 -61.82 9.60 -34.81
N LEU AA 86 -63.00 10.18 -34.62
CA LEU AA 86 -63.31 11.49 -35.14
C LEU AA 86 -63.27 12.53 -34.00
N SER AA 87 -63.56 13.78 -34.36
CA SER AA 87 -63.56 14.88 -33.41
C SER AA 87 -64.97 15.19 -32.88
N LYS AA 88 -65.86 14.20 -32.87
CA LYS AA 88 -67.22 14.42 -32.39
C LYS AA 88 -67.25 14.49 -30.87
N GLN AA 89 -66.50 13.63 -30.19
CA GLN AA 89 -66.46 13.61 -28.73
C GLN AA 89 -65.43 14.63 -28.23
N LEU AA 90 -65.82 15.90 -28.33
CA LEU AA 90 -64.95 17.01 -27.90
C LEU AA 90 -65.22 17.33 -26.43
N ASN AA 91 -64.80 16.39 -25.58
CA ASN AA 91 -64.97 16.58 -24.14
C ASN AA 91 -63.98 17.57 -23.57
N LEU AA 92 -62.74 17.56 -24.06
CA LEU AA 92 -61.72 18.49 -23.58
C LEU AA 92 -61.82 19.85 -24.24
N ILE AA 93 -62.45 19.95 -25.41
CA ILE AA 93 -62.59 21.24 -26.08
C ILE AA 93 -63.62 22.10 -25.38
N GLU AA 94 -64.72 21.50 -24.92
CA GLU AA 94 -65.75 22.27 -24.23
C GLU AA 94 -65.33 22.64 -22.81
N SER AA 95 -64.46 21.84 -22.19
CA SER AA 95 -64.01 22.14 -20.84
C SER AA 95 -62.98 23.26 -20.79
N PHE AA 96 -62.34 23.57 -21.92
CA PHE AA 96 -61.35 24.65 -21.93
C PHE AA 96 -62.03 26.02 -21.88
N GLU AA 97 -63.19 26.15 -22.52
CA GLU AA 97 -63.90 27.42 -22.51
C GLU AA 97 -64.59 27.66 -21.17
N ALA AA 98 -65.07 26.61 -20.50
CA ALA AA 98 -65.72 26.77 -19.21
C ALA AA 98 -64.72 27.05 -18.10
N LYS AA 99 -63.51 26.49 -18.19
CA LYS AA 99 -62.50 26.73 -17.16
C LYS AA 99 -61.91 28.13 -17.25
N ALA AA 100 -61.88 28.72 -18.46
CA ALA AA 100 -61.33 30.06 -18.60
C ALA AA 100 -62.31 31.12 -18.09
N LEU AA 101 -63.60 30.79 -18.02
CA LEU AA 101 -64.58 31.75 -17.53
C LEU AA 101 -64.53 31.90 -16.01
N GLU AA 102 -64.05 30.87 -15.32
CA GLU AA 102 -63.94 30.89 -13.87
C GLU AA 102 -62.53 31.14 -13.37
N ASN AA 103 -61.54 31.19 -14.26
CA ASN AA 103 -60.16 31.42 -13.87
C ASN AA 103 -59.56 32.61 -14.61
N ALA AA 104 -59.56 32.59 -15.95
CA ALA AA 104 -59.01 33.70 -16.71
C ALA AA 104 -59.93 34.91 -16.68
N LYS AA 105 -61.23 34.70 -16.90
CA LYS AA 105 -62.19 35.80 -16.87
C LYS AA 105 -62.48 36.30 -15.47
N GLU AA 106 -62.28 35.47 -14.45
CA GLU AA 106 -62.51 35.89 -13.08
C GLU AA 106 -61.44 36.82 -12.55
N THR AA 107 -60.28 36.87 -13.19
CA THR AA 107 -59.20 37.75 -12.76
C THR AA 107 -59.43 39.20 -13.12
N GLU AA 108 -60.39 39.49 -14.00
CA GLU AA 108 -60.66 40.88 -14.37
C GLU AA 108 -61.37 41.65 -13.27
N SER AA 109 -61.96 40.96 -12.30
CA SER AA 109 -62.65 41.61 -11.20
C SER AA 109 -62.03 41.32 -9.83
N VAL AA 110 -61.14 40.34 -9.74
CA VAL AA 110 -60.48 39.99 -8.49
C VAL AA 110 -59.01 40.39 -8.50
N VAL AA 111 -58.27 39.99 -9.53
CA VAL AA 111 -56.86 40.34 -9.61
C VAL AA 111 -56.68 41.79 -10.03
N LEU AA 112 -57.57 42.32 -10.87
CA LEU AA 112 -57.46 43.71 -11.30
C LEU AA 112 -57.91 44.67 -10.20
N ALA AA 113 -58.80 44.23 -9.31
CA ALA AA 113 -59.26 45.10 -8.23
C ALA AA 113 -58.19 45.26 -7.16
N GLU AA 114 -57.32 44.25 -7.00
CA GLU AA 114 -56.26 44.36 -6.00
C GLU AA 114 -55.16 45.31 -6.45
N LEU AA 115 -54.93 45.44 -7.76
CA LEU AA 115 -53.91 46.35 -8.25
C LEU AA 115 -54.36 47.80 -8.15
N THR AA 116 -55.65 48.07 -8.33
CA THR AA 116 -56.15 49.43 -8.22
C THR AA 116 -56.22 49.90 -6.78
N ASP AA 117 -56.51 48.98 -5.84
CA ASP AA 117 -56.57 49.35 -4.44
C ASP AA 117 -55.18 49.54 -3.84
N LEU AA 118 -54.18 48.82 -4.35
CA LEU AA 118 -52.82 48.97 -3.84
C LEU AA 118 -52.17 50.27 -4.30
N GLU AA 119 -52.52 50.75 -5.49
CA GLU AA 119 -51.97 52.01 -5.98
C GLU AA 119 -52.56 53.22 -5.27
N LYS AA 120 -53.84 53.16 -4.91
CA LYS AA 120 -54.47 54.27 -4.21
C LYS AA 120 -54.06 54.33 -2.74
N THR AA 121 -53.77 53.17 -2.14
CA THR AA 121 -53.36 53.15 -0.73
C THR AA 121 -51.92 53.62 -0.55
N LEU AA 122 -51.06 53.40 -1.55
CA LEU AA 122 -49.67 53.83 -1.44
C LEU AA 122 -49.53 55.34 -1.64
N GLU AA 123 -50.38 55.94 -2.48
CA GLU AA 123 -50.31 57.38 -2.70
C GLU AA 123 -50.97 58.17 -1.58
N ASN AA 124 -51.93 57.56 -0.87
CA ASN AA 124 -52.59 58.25 0.22
C ASN AA 124 -51.81 58.16 1.53
N ILE AA 125 -51.06 57.07 1.72
CA ILE AA 125 -50.27 56.92 2.95
C ILE AA 125 -48.96 57.70 2.89
N GLU AA 126 -48.49 58.04 1.69
CA GLU AA 126 -47.24 58.79 1.52
C GLU AA 126 -47.48 60.27 1.29
N SER AA 127 -48.72 60.74 1.40
CA SER AA 127 -49.03 62.14 1.19
C SER AA 127 -49.97 62.66 2.28
N UNK AA 128 -54.46 66.91 2.26
CA UNK AA 128 -53.01 67.12 2.23
C UNK AA 128 -52.37 66.61 3.51
N UNK AA 129 -52.77 67.18 4.64
CA UNK AA 129 -52.23 66.78 5.94
C UNK AA 129 -53.25 65.98 6.74
N UNK AA 130 -54.15 66.69 7.41
CA UNK AA 130 -55.19 66.05 8.22
C UNK AA 130 -56.31 65.51 7.33
N UNK AA 131 -56.49 66.15 6.18
CA UNK AA 131 -57.53 65.73 5.24
C UNK AA 131 -57.12 64.45 4.51
N UNK AA 132 -55.83 64.32 4.25
CA UNK AA 132 -55.31 63.13 3.57
C UNK AA 132 -55.12 61.98 4.55
N UNK AA 133 -55.07 62.30 5.84
CA UNK AA 133 -54.90 61.30 6.87
C UNK AA 133 -56.20 60.52 7.09
N UNK AA 134 -57.32 61.17 6.81
CA UNK AA 134 -58.63 60.53 6.96
C UNK AA 134 -58.86 59.51 5.86
N UNK AA 135 -58.38 59.82 4.66
CA UNK AA 135 -58.53 58.92 3.52
C UNK AA 135 -57.52 57.78 3.60
N UNK AA 136 -56.40 58.03 4.26
CA UNK AA 136 -55.36 57.01 4.43
C UNK AA 136 -55.72 56.05 5.56
N UNK AA 137 -56.62 56.49 6.44
CA UNK AA 137 -57.04 55.67 7.56
C UNK AA 137 -57.95 54.54 7.09
N UNK AA 138 -58.78 54.83 6.09
CA UNK AA 138 -59.68 53.83 5.52
C UNK AA 138 -58.91 52.87 4.62
N UNK AA 139 -57.84 53.35 4.02
CA UNK AA 139 -57.01 52.53 3.15
C UNK AA 139 -56.12 51.61 3.97
N UNK AA 140 -55.80 52.02 5.18
CA UNK AA 140 -54.98 51.22 6.08
C UNK AA 140 -55.75 50.03 6.62
N UNK AA 141 -57.06 50.20 6.79
CA UNK AA 141 -57.92 49.14 7.27
C UNK AA 141 -58.14 48.09 6.19
N UNK AA 142 -58.18 48.54 4.94
CA UNK AA 142 -58.38 47.65 3.80
C UNK AA 142 -57.09 46.87 3.50
N UNK AA 143 -55.95 47.51 3.76
CA UNK AA 143 -54.65 46.89 3.53
C UNK AA 143 -54.36 45.85 4.60
N UNK AA 144 -54.84 46.10 5.82
CA UNK AA 144 -54.65 45.18 6.93
C UNK AA 144 -55.55 43.95 6.77
N UNK AA 145 -56.71 44.16 6.18
CA UNK AA 145 -57.66 43.06 5.96
C UNK AA 145 -57.21 42.21 4.78
N UNK AA 146 -56.49 42.82 3.85
CA UNK AA 146 -56.00 42.10 2.68
C UNK AA 146 -54.81 41.22 3.05
N UNK AA 147 -54.06 41.63 4.07
CA UNK AA 147 -52.91 40.88 4.53
C UNK AA 147 -53.35 39.63 5.28
N UNK AA 148 -54.47 39.72 5.99
CA UNK AA 148 -55.01 38.60 6.74
C UNK AA 148 -55.73 37.63 5.82
N UNK AA 149 -56.24 38.16 4.70
CA UNK AA 149 -56.93 37.33 3.72
C UNK AA 149 -55.95 36.62 2.80
N UNK AA 150 -54.73 37.14 2.74
CA UNK AA 150 -53.69 36.55 1.90
C UNK AA 150 -53.16 35.27 2.52
N UNK AA 151 -53.17 35.21 3.85
CA UNK AA 151 -52.70 34.03 4.57
C UNK AA 151 -53.77 32.95 4.58
N UNK AA 152 -55.03 33.35 4.43
CA UNK AA 152 -56.14 32.42 4.42
C UNK AA 152 -56.35 31.85 3.02
N UNK AA 153 -55.91 32.59 2.01
CA UNK AA 153 -56.03 32.15 0.62
C UNK AA 153 -54.97 31.11 0.28
N UNK AA 154 -53.87 31.13 1.02
CA UNK AA 154 -52.78 30.18 0.78
C UNK AA 154 -52.92 28.97 1.71
N UNK AA 155 -53.91 29.02 2.59
CA UNK AA 155 -54.15 27.93 3.53
C UNK AA 155 -55.48 27.26 3.26
N UNK BA 1 -9.81 -35.74 -77.35
CA UNK BA 1 -10.99 -35.53 -78.18
C UNK BA 1 -12.04 -36.60 -77.91
N UNK BA 2 -11.67 -37.61 -77.12
CA UNK BA 2 -12.59 -38.70 -76.79
C UNK BA 2 -13.38 -38.37 -75.52
N UNK BA 3 -12.94 -37.32 -74.83
CA UNK BA 3 -13.61 -36.91 -73.59
C UNK BA 3 -14.53 -35.72 -73.85
N UNK BA 4 -14.74 -35.39 -75.12
CA UNK BA 4 -15.59 -34.28 -75.51
C UNK BA 4 -17.00 -34.75 -75.80
N UNK BA 5 -17.21 -36.07 -75.76
CA UNK BA 5 -18.51 -36.66 -76.03
C UNK BA 5 -19.25 -36.93 -74.72
N UNK BA 6 -18.65 -36.56 -73.61
CA UNK BA 6 -19.25 -36.77 -72.30
C UNK BA 6 -20.25 -35.66 -71.97
N UNK BA 7 -20.11 -34.53 -72.66
CA UNK BA 7 -20.99 -33.39 -72.45
C UNK BA 7 -22.32 -33.60 -73.17
N UNK BA 8 -22.30 -34.41 -74.22
CA UNK BA 8 -23.50 -34.70 -75.00
C UNK BA 8 -24.40 -35.68 -74.26
N UNK BA 9 -23.78 -36.55 -73.46
CA UNK BA 9 -24.53 -37.56 -72.71
C UNK BA 9 -24.94 -37.01 -71.34
N UNK BA 10 -24.34 -35.88 -70.96
CA UNK BA 10 -24.65 -35.25 -69.68
C UNK BA 10 -25.94 -34.45 -69.76
N UNK BA 11 -26.25 -33.97 -70.96
CA UNK BA 11 -27.46 -33.18 -71.18
C UNK BA 11 -28.63 -34.07 -71.58
N UNK BA 12 -28.32 -35.34 -71.86
CA UNK BA 12 -29.35 -36.30 -72.25
C UNK BA 12 -30.04 -36.89 -71.03
N UNK BA 13 -29.38 -36.79 -69.88
CA UNK BA 13 -29.94 -37.32 -68.63
C UNK BA 13 -30.36 -36.17 -67.70
N UNK BA 14 -30.06 -34.95 -68.11
CA UNK BA 14 -30.40 -33.77 -67.32
C UNK BA 14 -31.75 -33.21 -67.75
N UNK BA 15 -32.02 -33.26 -69.05
CA UNK BA 15 -33.28 -32.75 -69.59
C UNK BA 15 -34.40 -33.76 -69.41
N UNK BA 16 -34.03 -35.03 -69.27
CA UNK BA 16 -35.01 -36.09 -69.08
C UNK BA 16 -35.43 -36.19 -67.63
N UNK BA 17 -34.61 -35.67 -66.73
CA UNK BA 17 -34.90 -35.69 -65.30
C UNK BA 17 -35.62 -34.42 -64.88
N UNK BA 18 -35.37 -33.33 -65.60
CA UNK BA 18 -35.98 -32.04 -65.30
C UNK BA 18 -37.42 -32.00 -65.80
N UNK BA 19 -37.69 -32.73 -66.88
CA UNK BA 19 -39.03 -32.76 -67.46
C UNK BA 19 -39.94 -33.69 -66.66
N UNK BA 20 -39.35 -34.69 -66.02
CA UNK BA 20 -40.10 -35.64 -65.21
C UNK BA 20 -40.42 -35.05 -63.84
N UNK BA 21 -39.52 -34.21 -63.34
CA UNK BA 21 -39.68 -33.56 -62.04
C UNK BA 21 -39.87 -34.58 -60.93
N ILE CA 119 -53.75 71.04 58.19
CA ILE CA 119 -53.20 69.94 57.42
C ILE CA 119 -52.93 68.74 58.30
N TYR CA 120 -52.64 69.01 59.58
CA TYR CA 120 -52.38 67.93 60.53
C TYR CA 120 -53.66 67.23 60.95
N ILE CA 121 -54.73 67.99 61.18
CA ILE CA 121 -56.00 67.37 61.58
C ILE CA 121 -56.69 66.71 60.40
N ILE CA 122 -56.50 67.23 59.19
CA ILE CA 122 -57.12 66.64 58.01
C ILE CA 122 -56.42 65.36 57.57
N GLY CA 123 -55.13 65.21 57.87
CA GLY CA 123 -54.39 64.03 57.48
C GLY CA 123 -54.73 62.82 58.32
N ILE CA 124 -54.98 63.04 59.62
CA ILE CA 124 -55.32 61.93 60.49
C ILE CA 124 -56.76 61.47 60.27
N SER CA 125 -57.66 62.39 59.91
CA SER CA 125 -59.05 62.01 59.67
C SER CA 125 -59.21 61.28 58.34
N VAL CA 126 -58.44 61.66 57.33
CA VAL CA 126 -58.54 61.00 56.03
C VAL CA 126 -57.88 59.62 56.07
N SER CA 127 -56.85 59.45 56.89
CA SER CA 127 -56.18 58.15 56.99
C SER CA 127 -57.01 57.15 57.78
N LEU CA 128 -57.88 57.62 58.68
CA LEU CA 128 -58.70 56.71 59.47
C LEU CA 128 -59.82 56.10 58.61
N TRP CA 129 -60.29 56.82 57.60
CA TRP CA 129 -61.34 56.28 56.73
C TRP CA 129 -60.79 55.23 55.78
N ILE CA 130 -59.53 55.37 55.37
CA ILE CA 130 -58.93 54.38 54.48
C ILE CA 130 -58.60 53.10 55.23
N GLY CA 131 -58.30 53.19 56.53
CA GLY CA 131 -57.98 52.00 57.29
C GLY CA 131 -59.21 51.15 57.60
N LEU CA 132 -60.36 51.78 57.79
CA LEU CA 132 -61.59 51.05 58.07
C LEU CA 132 -62.14 50.34 56.83
N THR CA 133 -61.83 50.84 55.62
CA THR CA 133 -62.30 50.19 54.41
C THR CA 133 -61.54 48.91 54.12
N ILE CA 134 -60.29 48.82 54.58
CA ILE CA 134 -59.52 47.60 54.37
C ILE CA 134 -60.01 46.48 55.26
N LEU CA 135 -60.42 46.80 56.49
CA LEU CA 135 -60.93 45.77 57.40
C LEU CA 135 -62.34 45.32 57.01
N GLY CA 136 -63.16 46.23 56.49
CA GLY CA 136 -64.50 45.86 56.08
C GLY CA 136 -64.55 45.07 54.80
N LEU CA 137 -63.59 45.29 53.89
CA LEU CA 137 -63.56 44.54 52.65
C LEU CA 137 -63.10 43.11 52.86
N PHE CA 138 -62.20 42.88 53.83
CA PHE CA 138 -61.73 41.53 54.10
C PHE CA 138 -62.78 40.71 54.83
N LEU CA 139 -63.61 41.35 55.67
CA LEU CA 139 -64.65 40.64 56.39
C LEU CA 139 -65.81 40.27 55.48
N ASN CA 140 -66.11 41.09 54.47
CA ASN CA 140 -67.21 40.79 53.56
C ASN CA 140 -66.85 39.67 52.59
N LYS CA 141 -65.59 39.59 52.17
CA LYS CA 141 -65.16 38.54 51.25
C LYS CA 141 -64.98 37.20 51.95
N ALA CA 142 -64.84 37.19 53.28
CA ALA CA 142 -64.66 35.96 54.03
C ALA CA 142 -65.99 35.28 54.37
N VAL CA 143 -67.12 35.88 54.01
CA VAL CA 143 -68.42 35.29 54.30
C VAL CA 143 -68.76 34.13 53.38
N PHE CA 144 -68.04 33.98 52.27
CA PHE CA 144 -68.29 32.90 51.32
C PHE CA 144 -67.12 31.95 51.17
N PHE CA 145 -66.04 32.15 51.93
CA PHE CA 145 -64.88 31.27 51.85
C PHE CA 145 -64.29 31.01 53.24
N SER CA 146 -64.03 32.08 53.99
CA SER CA 146 -63.47 32.00 55.32
C SER CA 146 -62.17 31.20 55.35
N LEU CA 147 -62.25 29.94 55.76
CA LEU CA 147 -61.08 29.05 55.84
C LEU CA 147 -60.00 29.64 56.74
N PHE CA 148 -60.43 30.28 57.83
CA PHE CA 148 -59.53 30.91 58.80
C PHE CA 148 -58.69 31.97 58.08
N VAL CA 149 -57.46 32.20 58.54
CA VAL CA 149 -56.57 33.18 57.94
C VAL CA 149 -55.13 32.83 58.29
N PRO CA 150 -54.91 31.95 59.26
CA PRO CA 150 -53.53 31.59 59.63
C PRO CA 150 -53.10 30.26 59.07
N SER CA 151 -51.87 29.83 59.38
CA SER CA 151 -51.32 28.58 58.91
C SER CA 151 -51.21 27.58 60.06
N GLY CA 152 -51.27 26.29 59.72
CA GLY CA 152 -51.18 25.26 60.74
C GLY CA 152 -49.75 24.97 61.15
N THR CA 153 -49.62 24.47 62.37
CA THR CA 153 -48.31 24.12 62.92
C THR CA 153 -48.44 22.94 63.87
N PRO CA 154 -47.44 22.69 64.71
CA PRO CA 154 -47.49 21.56 65.65
C PRO CA 154 -48.12 21.89 67.00
N LEU CA 155 -48.50 23.14 67.24
CA LEU CA 155 -49.10 23.53 68.50
C LEU CA 155 -50.37 24.33 68.27
N PRO CA 156 -50.88 25.04 69.26
CA PRO CA 156 -52.11 25.82 69.06
C PRO CA 156 -52.07 27.16 69.78
N LEU CA 157 -51.20 28.06 69.32
CA LEU CA 157 -51.05 29.38 69.92
C LEU CA 157 -51.10 30.47 68.85
N VAL CA 158 -51.87 30.26 67.79
CA VAL CA 158 -52.00 31.23 66.70
C VAL CA 158 -53.23 32.10 66.97
N PRO CA 159 -54.08 31.73 67.92
CA PRO CA 159 -55.28 32.56 68.18
C PRO CA 159 -54.95 33.78 69.04
N VAL CA 160 -53.94 33.67 69.90
CA VAL CA 160 -53.56 34.77 70.75
C VAL CA 160 -52.80 35.86 70.00
N LEU CA 161 -52.18 35.52 68.87
CA LEU CA 161 -51.42 36.49 68.07
C LEU CA 161 -52.34 37.07 67.00
N VAL CA 162 -53.32 37.84 67.46
CA VAL CA 162 -54.28 38.48 66.56
C VAL CA 162 -53.90 39.94 66.37
N LEU CA 163 -52.61 40.20 66.18
CA LEU CA 163 -52.10 41.55 65.97
C LEU CA 163 -52.02 41.93 64.50
N ILE CA 164 -52.75 41.22 63.63
CA ILE CA 164 -52.72 41.52 62.20
C ILE CA 164 -54.14 41.67 61.66
N GLU CA 165 -54.27 41.78 60.34
CA GLU CA 165 -55.56 41.94 59.67
C GLU CA 165 -56.33 43.14 60.22
N LEU CA 166 -57.12 42.91 61.27
CA LEU CA 166 -57.89 43.99 61.87
C LEU CA 166 -56.99 44.95 62.66
N LEU CA 167 -56.05 44.40 63.44
CA LEU CA 167 -55.15 45.25 64.20
C LEU CA 167 -54.08 45.89 63.34
N SER CA 168 -53.75 45.27 62.20
CA SER CA 168 -52.75 45.84 61.30
C SER CA 168 -53.26 47.03 60.52
N TYR CA 169 -54.59 47.20 60.41
CA TYR CA 169 -55.13 48.34 59.67
C TYR CA 169 -54.93 49.64 60.44
N THR CA 170 -54.97 49.59 61.78
CA THR CA 170 -54.76 50.81 62.56
C THR CA 170 -53.30 51.21 62.58
N ALA CA 171 -52.37 50.25 62.54
CA ALA CA 171 -50.96 50.57 62.53
C ALA CA 171 -50.48 51.02 61.17
N ARG CA 172 -51.06 50.48 60.10
CA ARG CA 172 -50.66 50.89 58.75
C ARG CA 172 -51.19 52.28 58.41
N ALA CA 173 -52.41 52.60 58.86
CA ALA CA 173 -52.97 53.92 58.62
C ALA CA 173 -52.31 55.00 59.44
N ILE CA 174 -51.72 54.65 60.59
CA ILE CA 174 -51.04 55.63 61.43
C ILE CA 174 -49.70 56.08 60.86
N SER CA 175 -49.15 55.35 59.89
CA SER CA 175 -47.88 55.75 59.29
C SER CA 175 -48.03 56.99 58.42
N LEU CA 176 -49.22 57.21 57.84
CA LEU CA 176 -49.44 58.39 57.03
C LEU CA 176 -49.52 59.65 57.89
N GLY CA 177 -50.18 59.55 59.05
CA GLY CA 177 -50.28 60.69 59.93
C GLY CA 177 -48.99 61.00 60.67
N LEU CA 178 -48.20 59.97 60.99
CA LEU CA 178 -46.94 60.18 61.68
C LEU CA 178 -45.87 60.75 60.75
N ARG CA 179 -45.92 60.42 59.46
CA ARG CA 179 -44.95 60.96 58.52
C ARG CA 179 -45.21 62.43 58.23
N LEU CA 180 -46.47 62.85 58.28
CA LEU CA 180 -46.79 64.26 58.04
C LEU CA 180 -46.35 65.14 59.21
N ALA CA 181 -46.42 64.62 60.43
CA ALA CA 181 -45.99 65.39 61.60
C ALA CA 181 -44.47 65.51 61.68
N ALA CA 182 -43.74 64.46 61.29
CA ALA CA 182 -42.29 64.53 61.31
C ALA CA 182 -41.74 65.39 60.18
N ASN CA 183 -42.39 65.39 59.02
CA ASN CA 183 -41.92 66.23 57.91
C ASN CA 183 -42.22 67.70 58.16
N THR CA 184 -43.32 68.01 58.84
CA THR CA 184 -43.65 69.40 59.14
C THR CA 184 -42.77 69.96 60.25
N LEU CA 185 -42.29 69.11 61.16
CA LEU CA 185 -41.42 69.58 62.24
C LEU CA 185 -40.02 69.90 61.73
N SER CA 186 -39.56 69.20 60.69
CA SER CA 186 -38.24 69.50 60.13
C SER CA 186 -38.25 70.79 59.32
N GLY CA 187 -39.34 71.05 58.60
CA GLY CA 187 -39.43 72.28 57.83
C GLY CA 187 -39.69 73.51 58.68
N HIS CA 188 -40.33 73.34 59.84
CA HIS CA 188 -40.59 74.46 60.74
C HIS CA 188 -39.40 74.82 61.60
N LEU CA 189 -38.31 74.06 61.54
CA LEU CA 189 -37.12 74.34 62.33
C LEU CA 189 -36.25 75.42 61.72
N LEU CA 190 -36.63 75.98 60.57
CA LEU CA 190 -35.83 77.02 59.95
C LEU CA 190 -35.96 78.36 60.68
N MET CA 191 -36.99 78.53 61.51
CA MET CA 191 -37.14 79.77 62.26
C MET CA 191 -36.11 79.89 63.37
N SER CA 192 -35.74 78.78 64.00
CA SER CA 192 -34.73 78.81 65.06
C SER CA 192 -33.33 78.94 64.50
N ILE CA 193 -33.09 78.45 63.29
CA ILE CA 193 -31.77 78.56 62.67
C ILE CA 193 -31.55 79.88 61.94
N LEU CA 194 -32.62 80.60 61.62
CA LEU CA 194 -32.47 81.87 60.93
C LEU CA 194 -31.97 82.97 61.86
N GLY CA 195 -32.27 82.88 63.15
CA GLY CA 195 -31.81 83.88 64.09
C GLY CA 195 -30.33 83.78 64.39
N ASN CA 196 -29.77 82.57 64.31
CA ASN CA 196 -28.35 82.39 64.57
C ASN CA 196 -27.49 82.74 63.37
N LEU CA 197 -28.01 82.57 62.16
CA LEU CA 197 -27.25 82.89 60.96
C LEU CA 197 -27.23 84.38 60.65
N VAL CA 198 -28.18 85.15 61.20
CA VAL CA 198 -28.24 86.59 60.98
C VAL CA 198 -27.73 87.37 62.17
N LYS CA 199 -27.14 86.69 63.15
CA LYS CA 199 -26.62 87.36 64.34
C LYS CA 199 -25.13 87.70 64.17
N ILE CA 210 -18.62 81.25 62.21
CA ILE CA 210 -18.57 80.54 60.94
C ILE CA 210 -19.46 81.23 59.90
N PHE CA 211 -19.39 80.76 58.67
CA PHE CA 211 -20.19 81.33 57.60
C PHE CA 211 -21.60 80.76 57.61
N GLY CA 212 -22.55 81.58 57.18
CA GLY CA 212 -23.95 81.20 57.12
C GLY CA 212 -24.37 80.45 55.87
N LEU CA 213 -23.42 80.07 55.01
CA LEU CA 213 -23.76 79.34 53.79
C LEU CA 213 -24.02 77.87 54.02
N ILE CA 214 -23.75 77.36 55.23
CA ILE CA 214 -23.99 75.96 55.54
C ILE CA 214 -25.49 75.73 55.71
N PRO CA 215 -26.26 76.75 56.07
CA PRO CA 215 -27.71 76.55 56.22
C PRO CA 215 -28.44 76.42 54.90
N LEU CA 216 -27.90 76.97 53.81
CA LEU CA 216 -28.57 76.86 52.52
C LEU CA 216 -28.44 75.45 51.94
N ALA CA 217 -27.29 74.80 52.15
CA ALA CA 217 -27.10 73.44 51.65
C ALA CA 217 -27.90 72.41 52.45
N GLY CA 218 -28.04 72.64 53.76
CA GLY CA 218 -28.80 71.70 54.58
C GLY CA 218 -30.29 71.81 54.36
N ILE CA 219 -30.78 73.00 54.08
CA ILE CA 219 -32.21 73.18 53.84
C ILE CA 219 -32.61 72.64 52.47
N PHE CA 220 -31.69 72.66 51.50
CA PHE CA 220 -32.00 72.13 50.18
C PHE CA 220 -32.03 70.60 50.19
N ALA CA 221 -31.18 69.98 51.00
CA ALA CA 221 -31.18 68.52 51.09
C ALA CA 221 -32.38 68.00 51.87
N ILE CA 222 -32.86 68.76 52.86
CA ILE CA 222 -34.02 68.33 53.62
C ILE CA 222 -35.30 68.53 52.81
N VAL CA 223 -35.32 69.54 51.92
CA VAL CA 223 -36.51 69.76 51.10
C VAL CA 223 -36.59 68.73 49.99
N ILE CA 224 -35.44 68.26 49.49
CA ILE CA 224 -35.46 67.23 48.44
C ILE CA 224 -35.83 65.88 49.02
N LEU CA 225 -35.43 65.61 50.27
CA LEU CA 225 -35.78 64.34 50.90
C LEU CA 225 -37.24 64.30 51.34
N GLU CA 226 -37.81 65.46 51.69
CA GLU CA 226 -39.22 65.50 52.08
C GLU CA 226 -40.14 65.33 50.88
N PHE CA 227 -39.75 65.88 49.73
CA PHE CA 227 -40.56 65.74 48.53
C PHE CA 227 -40.48 64.33 47.97
N ALA CA 228 -39.32 63.69 48.09
CA ALA CA 228 -39.16 62.33 47.61
C ALA CA 228 -39.75 61.30 48.56
N ILE CA 229 -40.05 61.69 49.80
CA ILE CA 229 -40.64 60.76 50.75
C ILE CA 229 -42.11 60.50 50.45
N ALA CA 230 -42.76 61.37 49.67
CA ALA CA 230 -44.15 61.15 49.31
C ALA CA 230 -44.31 59.98 48.34
N CYS CA 231 -43.33 59.77 47.46
CA CYS CA 231 -43.41 58.65 46.54
C CYS CA 231 -43.12 57.33 47.24
N ILE CA 232 -42.25 57.33 48.25
CA ILE CA 232 -41.97 56.11 48.98
C ILE CA 232 -43.11 55.76 49.93
N GLN CA 233 -43.77 56.78 50.48
CA GLN CA 233 -44.90 56.52 51.37
C GLN CA 233 -46.12 56.05 50.60
N ALA CA 234 -46.32 56.54 49.37
CA ALA CA 234 -47.44 56.09 48.56
C ALA CA 234 -47.25 54.68 48.05
N TYR CA 235 -46.01 54.29 47.75
CA TYR CA 235 -45.74 52.93 47.29
C TYR CA 235 -45.83 51.94 48.43
N VAL CA 236 -45.51 52.35 49.66
CA VAL CA 236 -45.61 51.45 50.80
C VAL CA 236 -47.06 51.22 51.18
N PHE CA 237 -47.93 52.22 50.97
CA PHE CA 237 -49.34 52.04 51.28
C PHE CA 237 -50.02 51.15 50.25
N ALA CA 238 -49.60 51.22 48.99
CA ALA CA 238 -50.19 50.37 47.97
C ALA CA 238 -49.68 48.93 48.08
N ILE CA 239 -48.47 48.74 48.60
CA ILE CA 239 -47.94 47.39 48.77
C ILE CA 239 -48.60 46.68 49.93
N LEU CA 240 -49.04 47.43 50.95
CA LEU CA 240 -49.71 46.80 52.09
C LEU CA 240 -51.13 46.36 51.73
N THR CA 241 -51.82 47.13 50.88
CA THR CA 241 -53.16 46.76 50.45
C THR CA 241 -53.17 45.62 49.44
N SER CA 242 -52.06 45.40 48.73
CA SER CA 242 -52.01 44.30 47.78
C SER CA 242 -51.89 42.95 48.47
N SER CA 243 -51.27 42.91 49.65
CA SER CA 243 -51.15 41.65 50.38
C SER CA 243 -52.47 41.24 51.01
N TYR CA 244 -53.32 42.22 51.37
CA TYR CA 244 -54.60 41.90 51.96
C TYR CA 244 -55.60 41.39 50.92
N LEU CA 245 -55.49 41.87 49.68
CA LEU CA 245 -56.39 41.41 48.63
C LEU CA 245 -56.04 40.01 48.14
N LYS CA 246 -54.75 39.67 48.13
CA LYS CA 246 -54.34 38.35 47.68
C LYS CA 246 -54.57 37.28 48.74
N ASP CA 247 -54.47 37.66 50.03
CA ASP CA 247 -54.69 36.69 51.10
C ASP CA 247 -56.17 36.43 51.33
N SER CA 248 -57.04 37.40 50.99
CA SER CA 248 -58.47 37.21 51.19
C SER CA 248 -59.08 36.30 50.13
N ILE CA 249 -58.43 36.15 48.97
CA ILE CA 249 -58.93 35.30 47.90
C ILE CA 249 -58.25 33.94 47.87
N TYR CA 250 -57.34 33.67 48.80
CA TYR CA 250 -56.64 32.39 48.84
C TYR CA 250 -57.13 31.53 50.01
N UNK DA 1 -42.93 66.55 27.30
CA UNK DA 1 -42.47 66.54 28.69
C UNK DA 1 -43.57 66.07 29.63
N UNK DA 2 -44.74 66.71 29.53
CA UNK DA 2 -45.87 66.36 30.36
C UNK DA 2 -46.53 65.07 29.87
N UNK DA 3 -46.43 64.83 28.57
CA UNK DA 3 -47.02 63.63 27.97
C UNK DA 3 -46.20 62.39 28.33
N UNK DA 4 -44.89 62.58 28.46
CA UNK DA 4 -43.99 61.48 28.82
C UNK DA 4 -44.07 61.16 30.30
N UNK DA 5 -44.40 62.18 31.10
CA UNK DA 5 -44.51 62.02 32.54
C UNK DA 5 -45.80 61.28 32.90
N UNK DA 6 -46.85 61.52 32.12
CA UNK DA 6 -48.14 60.87 32.35
C UNK DA 6 -48.10 59.41 31.90
N UNK DA 7 -47.30 59.14 30.88
CA UNK DA 7 -47.17 57.77 30.36
C UNK DA 7 -46.29 56.93 31.28
N UNK DA 8 -45.33 57.58 31.93
CA UNK DA 8 -44.43 56.89 32.84
C UNK DA 8 -45.15 56.56 34.16
N UNK DA 9 -46.10 57.41 34.53
CA UNK DA 9 -46.86 57.21 35.77
C UNK DA 9 -47.87 56.09 35.59
N UNK DA 10 -48.40 55.96 34.37
CA UNK DA 10 -49.37 54.92 34.07
C UNK DA 10 -48.70 53.55 33.95
N UNK DA 11 -47.45 53.56 33.49
CA UNK DA 11 -46.69 52.33 33.34
C UNK DA 11 -46.19 51.82 34.69
N UNK DA 12 -45.94 52.75 35.60
CA UNK DA 12 -45.48 52.39 36.95
C UNK DA 12 -46.62 51.85 37.78
N UNK DA 13 -47.84 52.34 37.52
CA UNK DA 13 -49.02 51.89 38.25
C UNK DA 13 -49.46 50.52 37.77
N UNK DA 14 -49.21 50.23 36.49
CA UNK DA 14 -49.57 48.96 35.90
C UNK DA 14 -48.59 47.86 36.33
N UNK DA 15 -47.36 48.26 36.63
CA UNK DA 15 -46.33 47.33 37.06
C UNK DA 15 -46.57 46.88 38.51
N UNK DA 16 -47.15 47.79 39.30
CA UNK DA 16 -47.44 47.48 40.69
C UNK DA 16 -48.69 46.61 40.82
N UNK DA 17 -49.56 46.70 39.82
CA UNK DA 17 -50.79 45.91 39.81
C UNK DA 17 -50.50 44.47 39.39
N UNK DA 18 -49.42 44.28 38.63
CA UNK DA 18 -49.03 42.96 38.17
C UNK DA 18 -48.42 42.15 39.30
N UNK DA 19 -47.77 42.84 40.24
CA UNK DA 19 -47.15 42.19 41.38
C UNK DA 19 -48.13 42.08 42.55
N UNK DA 20 -49.29 42.70 42.39
CA UNK DA 20 -50.32 42.68 43.42
C UNK DA 20 -51.70 42.35 42.84
N UNK DA 21 -51.72 41.42 41.88
CA UNK DA 21 -52.97 41.03 41.24
C UNK DA 21 -52.83 39.66 40.59
N UNK DA 22 -53.95 38.93 40.50
CA UNK DA 22 -53.96 37.61 39.89
C UNK DA 22 -54.86 37.58 38.66
N UNK DA 23 -56.02 38.23 38.77
CA UNK DA 23 -56.98 38.28 37.68
C UNK DA 23 -57.94 39.45 37.84
N UNK DA 24 -58.29 39.75 39.08
CA UNK DA 24 -59.20 40.85 39.37
C UNK DA 24 -58.53 42.19 39.15
N UNK DA 25 -59.15 43.02 38.31
CA UNK DA 25 -58.60 44.34 38.01
C UNK DA 25 -59.15 45.39 38.97
N UNK DA 26 -59.34 46.61 38.47
CA UNK DA 26 -59.87 47.70 39.28
C UNK DA 26 -59.34 47.63 40.71
N UNK DA 27 -58.16 47.02 40.86
CA UNK DA 27 -57.54 46.89 42.17
C UNK DA 27 -56.37 47.85 42.33
N UNK DA 28 -55.77 48.25 41.21
CA UNK DA 28 -54.64 49.15 41.21
C UNK DA 28 -55.06 50.57 40.81
N UNK DA 29 -56.17 50.67 40.11
CA UNK DA 29 -56.69 51.97 39.67
C UNK DA 29 -56.97 52.88 40.86
N UNK DA 30 -57.97 52.52 41.65
CA UNK DA 30 -58.34 53.30 42.82
C UNK DA 30 -57.14 53.51 43.75
N UNK DA 31 -56.26 52.52 43.78
CA UNK DA 31 -55.07 52.59 44.63
C UNK DA 31 -54.01 53.50 44.00
N UNK DA 32 -54.00 53.56 42.67
CA UNK DA 32 -53.05 54.39 41.94
C UNK DA 32 -53.48 55.85 41.99
N UNK DA 33 -54.78 56.09 42.05
CA UNK DA 33 -55.32 57.44 42.10
C UNK DA 33 -55.14 58.04 43.47
N UNK DA 34 -55.20 57.21 44.50
CA UNK DA 34 -55.04 57.66 45.87
C UNK DA 34 -53.56 57.90 46.20
N UNK DA 35 -52.69 57.20 45.47
CA UNK DA 35 -51.25 57.34 45.68
C UNK DA 35 -50.73 58.63 45.06
N UNK DA 36 -51.34 59.03 43.95
CA UNK DA 36 -50.94 60.26 43.26
C UNK DA 36 -51.53 61.48 43.94
N UNK DA 37 -52.67 61.29 44.61
CA UNK DA 37 -53.33 62.37 45.32
C UNK DA 37 -52.63 62.68 46.63
N UNK DA 38 -52.00 61.67 47.21
CA UNK DA 38 -51.28 61.82 48.47
C UNK DA 38 -49.94 62.53 48.26
N UNK DA 39 -49.36 62.32 47.09
CA UNK DA 39 -48.08 62.94 46.75
C UNK DA 39 -48.28 64.40 46.31
N UNK DA 40 -49.46 64.69 45.79
CA UNK DA 40 -49.78 66.04 45.34
C UNK DA 40 -50.19 66.94 46.51
N UNK DA 41 -50.71 66.32 47.57
CA UNK DA 41 -51.14 67.06 48.76
C UNK DA 41 -49.95 67.36 49.66
N UNK DA 42 -48.91 66.54 49.58
CA UNK DA 42 -47.72 66.72 50.39
C UNK DA 42 -46.61 67.41 49.61
N UNK DA 43 -47.00 68.21 48.63
CA UNK DA 43 -46.04 68.93 47.80
C UNK DA 43 -45.75 70.32 48.36
N UNK DA 44 -46.69 70.85 49.13
CA UNK DA 44 -46.54 72.16 49.74
C UNK DA 44 -45.28 72.24 50.61
#